data_8BXL
#
_entry.id   8BXL
#
_cell.length_a   104.841
_cell.length_b   144.163
_cell.length_c   155.240
_cell.angle_alpha   90.00
_cell.angle_beta   91.53
_cell.angle_gamma   90.00
#
_symmetry.space_group_name_H-M   'P 1 21 1'
#
loop_
_entity.id
_entity.type
_entity.pdbx_description
1 polymer 'Patulin synthase'
2 branched alpha-D-mannopyranose-(1-4)-2-acetamido-2-deoxy-beta-D-glucopyranose-(1-4)-2-acetamido-2-deoxy-beta-D-glucopyranose
3 branched 2-acetamido-2-deoxy-beta-D-glucopyranose-(1-4)-2-acetamido-2-deoxy-beta-D-glucopyranose
4 non-polymer 'FLAVIN-ADENINE DINUCLEOTIDE'
5 non-polymer 2-acetamido-2-deoxy-beta-D-glucopyranose
6 non-polymer DI(HYDROXYETHYL)ETHER
7 non-polymer GLYCEROL
8 water water
#
_entity_poly.entity_id   1
_entity_poly.type   'polypeptide(L)'
_entity_poly.pdbx_seq_one_letter_code
;MRLTSGIFHAAIAVAAVGAVLPEGPSSSKTHRNEYARRMLGSSFGIPKNQTFDYLVIGGGTAGLTIATRLAEQGVGSVAV
IEAGGFYELNNGNLSQIPAQDAFYVGTDLDDWQPGIDWGFHTTPQAGAYDRVSHYARGKCLGGSSARNYMAYQRGTKAAH
QRWADTVGDSSYTWEQFLPFFEKSLHFTPANDALRGANASVVSDPSVLGNGDGPLSVTYPHYAQAFATWAKHAFIEIGLQ
IRSGFQSGALLGQSYGLYTINATTMHRESSETSFLRKGLADPNLTVFQSALAKRIRFQDKRAVGVDVETMGRAYTLSARK
EIVLSAGAFQSPQLLMVSGVGPAATLKAHNIPLVADRPGVGQNMQDHIIYAPSYRVNVITQSALLNEEFEAQANRDYNER
AAGIYANPTSDILAWEKIPEPKRSAWFSNHTRQVLAEYPDDWPEVEFLTMGGYFGYQRNYIRDNPSDGYNYASLAVSLCT
PRSRGNVTITSPDAGVPPVINPNWLTDPVDVELAVAAFKRTRDFFNTTAIKPILIGPEYFPGSQVATDAEILDHVRKSFD
TIFHASCTCAMGLANDTQAVVDSKARVIGVEALRVVDASALPFLPPGHPQSTLYALAEKIACEISGNC
;
_entity_poly.pdbx_strand_id   B,C,D,A,F,E
#
# COMPACT_ATOMS: atom_id res chain seq x y z
N MET A 39 -18.92 -16.84 17.79
CA MET A 39 -17.55 -16.68 18.45
C MET A 39 -17.66 -15.65 19.60
N LEU A 40 -17.45 -16.07 20.83
CA LEU A 40 -17.64 -15.23 22.04
C LEU A 40 -16.86 -13.93 21.90
N GLY A 41 -15.60 -14.02 21.48
CA GLY A 41 -14.66 -12.91 21.45
C GLY A 41 -15.11 -11.81 20.51
N SER A 42 -15.90 -12.15 19.48
CA SER A 42 -16.41 -11.19 18.49
C SER A 42 -17.25 -10.10 19.18
N SER A 43 -17.80 -10.38 20.37
CA SER A 43 -18.64 -9.44 21.14
C SER A 43 -17.81 -8.44 21.97
N PHE A 44 -16.51 -8.67 22.18
CA PHE A 44 -15.72 -7.93 23.19
C PHE A 44 -14.72 -7.02 22.50
N GLY A 45 -14.62 -5.79 22.97
CA GLY A 45 -13.90 -4.70 22.30
C GLY A 45 -12.42 -4.69 22.64
N ILE A 46 -11.62 -4.12 21.74
CA ILE A 46 -10.16 -3.89 21.90
C ILE A 46 -9.96 -2.47 22.40
N PRO A 47 -9.17 -2.26 23.48
CA PRO A 47 -8.99 -0.92 24.05
C PRO A 47 -8.11 0.01 23.20
N LYS A 48 -8.71 0.57 22.15
CA LYS A 48 -8.08 1.59 21.26
C LYS A 48 -9.16 2.56 20.75
N ASN A 49 -8.74 3.71 20.23
CA ASN A 49 -9.63 4.74 19.65
C ASN A 49 -10.49 4.10 18.56
N GLN A 50 -11.81 4.27 18.63
CA GLN A 50 -12.72 3.81 17.56
C GLN A 50 -14.09 4.48 17.76
N THR A 51 -14.97 4.32 16.77
CA THR A 51 -16.25 5.03 16.66
C THR A 51 -17.38 4.01 16.64
N PHE A 52 -18.44 4.30 17.41
CA PHE A 52 -19.72 3.57 17.37
C PHE A 52 -20.83 4.60 17.17
N ASP A 53 -22.01 4.14 16.81
CA ASP A 53 -23.21 5.01 16.71
C ASP A 53 -23.65 5.39 18.12
N TYR A 54 -23.70 4.45 19.06
CA TYR A 54 -24.14 4.68 20.46
C TYR A 54 -23.12 4.12 21.44
N LEU A 55 -22.89 4.87 22.53
CA LEU A 55 -22.13 4.40 23.71
C LEU A 55 -23.09 4.38 24.90
N VAL A 56 -23.09 3.28 25.65
CA VAL A 56 -23.73 3.19 26.97
C VAL A 56 -22.62 3.08 28.01
N ILE A 57 -22.58 4.01 28.95
CA ILE A 57 -21.61 4.02 30.08
C ILE A 57 -22.27 3.35 31.29
N GLY A 58 -21.77 2.19 31.67
CA GLY A 58 -22.28 1.40 32.80
C GLY A 58 -23.00 0.18 32.27
N GLY A 59 -22.40 -0.99 32.46
CA GLY A 59 -23.03 -2.28 32.11
C GLY A 59 -23.80 -2.85 33.26
N GLY A 60 -24.70 -2.04 33.83
CA GLY A 60 -25.51 -2.41 35.01
C GLY A 60 -26.93 -2.79 34.65
N THR A 61 -27.86 -2.57 35.57
CA THR A 61 -29.29 -3.00 35.41
C THR A 61 -29.87 -2.34 34.16
N ALA A 62 -29.88 -1.01 34.12
CA ALA A 62 -30.43 -0.22 33.01
C ALA A 62 -29.49 -0.33 31.82
N GLY A 63 -28.18 -0.23 32.08
CA GLY A 63 -27.14 -0.17 31.03
C GLY A 63 -27.24 -1.32 30.04
N LEU A 64 -27.19 -2.56 30.52
CA LEU A 64 -27.14 -3.75 29.63
C LEU A 64 -28.49 -3.91 28.93
N THR A 65 -29.57 -3.44 29.58
CA THR A 65 -30.94 -3.53 29.02
C THR A 65 -31.01 -2.60 27.80
N ILE A 66 -30.65 -1.33 27.96
CA ILE A 66 -30.81 -0.33 26.87
C ILE A 66 -29.79 -0.66 25.77
N ALA A 67 -28.58 -1.09 26.13
CA ALA A 67 -27.51 -1.44 25.15
C ALA A 67 -28.04 -2.57 24.27
N THR A 68 -28.58 -3.63 24.87
CA THR A 68 -29.06 -4.81 24.12
C THR A 68 -30.24 -4.42 23.22
N ARG A 69 -31.21 -3.67 23.75
CA ARG A 69 -32.43 -3.26 23.02
C ARG A 69 -32.05 -2.31 21.86
N LEU A 70 -31.17 -1.34 22.09
CA LEU A 70 -30.70 -0.46 20.99
C LEU A 70 -30.08 -1.31 19.89
N ALA A 71 -29.21 -2.26 20.23
CA ALA A 71 -28.52 -3.15 19.25
C ALA A 71 -29.55 -3.93 18.44
N GLU A 72 -30.69 -4.33 19.04
CA GLU A 72 -31.72 -5.16 18.37
C GLU A 72 -32.69 -4.32 17.53
N GLN A 73 -32.69 -2.99 17.69
CA GLN A 73 -33.76 -2.11 17.16
C GLN A 73 -33.25 -1.33 15.93
N GLY A 74 -32.12 -1.76 15.34
CA GLY A 74 -31.65 -1.32 14.01
C GLY A 74 -31.21 0.12 13.96
N VAL A 75 -30.54 0.63 15.00
CA VAL A 75 -30.06 2.04 15.06
C VAL A 75 -28.58 2.10 14.73
N GLY A 76 -27.94 0.96 14.44
CA GLY A 76 -26.50 0.86 14.14
C GLY A 76 -25.69 0.23 15.26
N SER A 77 -24.42 0.58 15.37
CA SER A 77 -23.45 -0.05 16.29
C SER A 77 -23.61 0.55 17.70
N VAL A 78 -23.59 -0.31 18.71
CA VAL A 78 -23.69 0.07 20.15
C VAL A 78 -22.50 -0.55 20.90
N ALA A 79 -21.83 0.22 21.72
CA ALA A 79 -20.79 -0.24 22.66
C ALA A 79 -21.28 0.07 24.07
N VAL A 80 -21.11 -0.88 24.98
CA VAL A 80 -21.35 -0.71 26.43
C VAL A 80 -20.00 -0.82 27.16
N ILE A 81 -19.78 0.10 28.10
CA ILE A 81 -18.51 0.27 28.85
C ILE A 81 -18.79 -0.08 30.31
N GLU A 82 -18.14 -1.09 30.86
CA GLU A 82 -18.35 -1.53 32.27
C GLU A 82 -16.99 -1.73 32.96
N ALA A 83 -16.84 -1.17 34.16
CA ALA A 83 -15.61 -1.16 34.96
C ALA A 83 -15.31 -2.57 35.49
N GLY A 84 -16.35 -3.36 35.76
CA GLY A 84 -16.19 -4.73 36.30
C GLY A 84 -16.14 -5.79 35.21
N GLY A 85 -16.09 -7.04 35.64
CA GLY A 85 -16.15 -8.23 34.77
C GLY A 85 -17.40 -9.03 35.08
N PHE A 86 -17.40 -10.30 34.69
CA PHE A 86 -18.48 -11.27 35.00
C PHE A 86 -18.39 -11.66 36.47
N TYR A 87 -19.53 -11.63 37.15
CA TYR A 87 -19.62 -11.96 38.59
C TYR A 87 -19.47 -13.47 38.76
N GLU A 88 -19.75 -14.23 37.71
CA GLU A 88 -19.56 -15.71 37.68
C GLU A 88 -18.07 -16.05 37.76
N LEU A 89 -17.18 -15.13 37.36
CA LEU A 89 -15.71 -15.35 37.43
C LEU A 89 -15.12 -14.66 38.65
N ASN A 90 -15.78 -13.64 39.22
CA ASN A 90 -15.11 -12.67 40.12
C ASN A 90 -15.68 -12.71 41.54
N ASN A 91 -16.71 -13.53 41.77
CA ASN A 91 -17.33 -13.65 43.10
C ASN A 91 -17.79 -15.09 43.32
N GLY A 92 -17.05 -16.07 42.80
CA GLY A 92 -17.41 -17.49 42.98
C GLY A 92 -18.83 -17.74 42.51
N ASN A 93 -19.58 -18.55 43.27
CA ASN A 93 -21.03 -18.81 43.03
C ASN A 93 -21.89 -17.95 43.97
N LEU A 94 -21.30 -16.99 44.67
CA LEU A 94 -22.02 -16.16 45.68
C LEU A 94 -23.11 -15.28 45.04
N SER A 95 -22.89 -14.76 43.83
CA SER A 95 -23.87 -13.92 43.10
C SER A 95 -24.85 -14.76 42.29
N GLN A 96 -24.56 -16.05 42.07
CA GLN A 96 -25.43 -16.95 41.27
C GLN A 96 -26.51 -17.59 42.17
N ILE A 97 -26.22 -17.80 43.45
CA ILE A 97 -27.13 -18.52 44.38
C ILE A 97 -27.98 -17.50 45.15
N PRO A 98 -29.31 -17.52 45.00
CA PRO A 98 -30.17 -16.54 45.65
C PRO A 98 -29.95 -16.40 47.16
N ALA A 99 -29.79 -17.53 47.87
CA ALA A 99 -29.64 -17.56 49.34
C ALA A 99 -28.32 -16.91 49.78
N GLN A 100 -27.38 -16.67 48.87
CA GLN A 100 -26.06 -16.09 49.20
C GLN A 100 -26.06 -14.57 49.00
N ASP A 101 -27.24 -13.94 48.90
CA ASP A 101 -27.36 -12.49 48.56
C ASP A 101 -26.89 -11.61 49.73
N ALA A 102 -26.73 -12.15 50.94
CA ALA A 102 -26.33 -11.37 52.13
C ALA A 102 -24.81 -11.20 52.20
N PHE A 103 -24.03 -11.85 51.34
CA PHE A 103 -22.57 -11.65 51.28
C PHE A 103 -22.27 -10.23 50.80
N TYR A 104 -21.47 -9.51 51.58
CA TYR A 104 -20.78 -8.26 51.16
C TYR A 104 -21.77 -7.09 51.03
N VAL A 105 -22.76 -7.03 51.93
CA VAL A 105 -23.77 -5.93 51.94
C VAL A 105 -23.83 -5.25 53.31
N GLY A 106 -23.04 -5.69 54.29
CA GLY A 106 -23.02 -5.10 55.65
C GLY A 106 -22.48 -3.69 55.67
N THR A 107 -22.73 -2.95 56.75
CA THR A 107 -22.22 -1.57 56.95
C THR A 107 -20.72 -1.56 57.25
N ASP A 108 -20.11 -2.67 57.68
CA ASP A 108 -18.65 -2.69 58.01
C ASP A 108 -17.85 -2.25 56.79
N LEU A 109 -16.86 -1.36 56.97
CA LEU A 109 -16.08 -0.75 55.87
C LEU A 109 -15.31 -1.82 55.08
N ASP A 110 -15.06 -2.98 55.67
CA ASP A 110 -14.27 -4.05 55.02
C ASP A 110 -15.18 -5.15 54.44
N ASP A 111 -16.52 -5.08 54.56
CA ASP A 111 -17.43 -6.17 54.10
C ASP A 111 -17.70 -6.02 52.59
N TRP A 112 -16.67 -6.18 51.78
CA TRP A 112 -16.73 -6.14 50.31
C TRP A 112 -15.43 -6.75 49.77
N GLN A 113 -15.43 -7.11 48.49
CA GLN A 113 -14.19 -7.49 47.76
C GLN A 113 -14.31 -6.94 46.35
N PRO A 114 -13.19 -6.53 45.74
CA PRO A 114 -13.22 -5.68 44.55
C PRO A 114 -13.73 -6.35 43.26
N GLY A 115 -13.97 -7.67 43.30
CA GLY A 115 -14.51 -8.43 42.16
C GLY A 115 -16.01 -8.19 41.94
N ILE A 116 -16.78 -7.77 42.96
CA ILE A 116 -18.26 -7.51 42.82
C ILE A 116 -18.68 -6.17 43.40
N ASP A 117 -17.82 -5.43 44.08
CA ASP A 117 -18.26 -4.24 44.86
C ASP A 117 -17.26 -3.10 44.68
N TRP A 118 -17.76 -1.87 44.70
CA TRP A 118 -16.96 -0.64 44.53
C TRP A 118 -16.25 -0.28 45.84
N GLY A 119 -16.68 -0.81 46.97
CA GLY A 119 -16.11 -0.50 48.30
C GLY A 119 -16.42 0.93 48.72
N PHE A 120 -17.53 1.50 48.25
CA PHE A 120 -17.97 2.88 48.61
C PHE A 120 -18.41 2.92 50.07
N HIS A 121 -18.04 3.99 50.78
CA HIS A 121 -18.54 4.29 52.14
C HIS A 121 -19.23 5.66 52.11
N THR A 122 -20.15 5.87 53.04
CA THR A 122 -20.86 7.16 53.22
C THR A 122 -19.93 8.15 53.94
N THR A 123 -20.28 9.44 53.86
CA THR A 123 -19.86 10.49 54.82
C THR A 123 -20.38 10.09 56.20
N PRO A 124 -19.87 10.68 57.29
CA PRO A 124 -20.47 10.46 58.61
C PRO A 124 -21.95 10.88 58.57
N GLN A 125 -22.85 10.01 59.03
CA GLN A 125 -24.31 10.11 58.76
C GLN A 125 -25.03 10.74 59.96
N ALA A 126 -25.57 11.95 59.75
CA ALA A 126 -26.26 12.75 60.78
C ALA A 126 -27.41 11.95 61.41
N GLY A 127 -28.05 11.06 60.64
CA GLY A 127 -29.21 10.30 61.13
C GLY A 127 -28.81 8.98 61.77
N ALA A 128 -27.53 8.62 61.74
CA ALA A 128 -27.02 7.32 62.21
C ALA A 128 -25.84 7.57 63.16
N TYR A 129 -25.92 8.59 64.01
CA TYR A 129 -24.92 8.88 65.07
C TYR A 129 -23.51 8.99 64.43
N ASP A 130 -23.44 9.60 63.24
CA ASP A 130 -22.19 9.87 62.49
C ASP A 130 -21.52 8.58 62.03
N ARG A 131 -22.23 7.45 62.00
CA ARG A 131 -21.71 6.17 61.46
C ARG A 131 -21.28 6.40 60.01
N VAL A 132 -20.06 5.96 59.68
CA VAL A 132 -19.52 5.80 58.32
C VAL A 132 -19.79 4.35 57.92
N SER A 133 -20.61 4.11 56.89
CA SER A 133 -21.08 2.74 56.52
C SER A 133 -20.70 2.42 55.08
N HIS A 134 -20.37 1.15 54.82
CA HIS A 134 -20.27 0.59 53.46
C HIS A 134 -21.65 0.68 52.78
N TYR A 135 -21.69 1.23 51.56
CA TYR A 135 -22.90 1.24 50.70
C TYR A 135 -22.63 0.33 49.50
N ALA A 136 -23.10 -0.92 49.57
CA ALA A 136 -22.91 -1.93 48.50
C ALA A 136 -23.41 -1.38 47.16
N ARG A 137 -22.56 -1.50 46.14
CA ARG A 137 -22.83 -1.24 44.71
C ARG A 137 -22.13 -2.32 43.89
N GLY A 138 -22.83 -2.91 42.92
CA GLY A 138 -22.25 -3.88 42.00
C GLY A 138 -21.19 -3.25 41.13
N LYS A 139 -20.01 -3.86 41.08
CA LYS A 139 -18.96 -3.56 40.09
C LYS A 139 -18.74 -4.85 39.30
N CYS A 140 -19.47 -4.98 38.19
CA CYS A 140 -19.60 -6.20 37.39
C CYS A 140 -20.62 -5.94 36.28
N LEU A 141 -20.57 -6.74 35.22
CA LEU A 141 -21.67 -6.82 34.23
C LEU A 141 -22.93 -7.24 34.99
N GLY A 142 -23.98 -6.41 34.93
CA GLY A 142 -25.23 -6.58 35.69
C GLY A 142 -25.34 -5.54 36.79
N GLY A 143 -24.22 -4.91 37.14
CA GLY A 143 -24.17 -3.90 38.21
C GLY A 143 -24.87 -4.41 39.45
N SER A 144 -25.81 -3.65 39.99
CA SER A 144 -26.46 -3.99 41.29
C SER A 144 -27.55 -5.05 41.08
N SER A 145 -27.90 -5.39 39.84
CA SER A 145 -28.77 -6.57 39.55
C SER A 145 -28.00 -7.87 39.82
N ALA A 146 -26.68 -7.82 39.95
CA ALA A 146 -25.83 -8.95 40.38
C ALA A 146 -25.88 -9.11 41.91
N ARG A 147 -26.31 -8.08 42.64
CA ARG A 147 -26.12 -7.91 44.11
C ARG A 147 -27.46 -7.85 44.86
N ASN A 148 -28.58 -7.61 44.17
CA ASN A 148 -29.86 -7.24 44.83
C ASN A 148 -30.52 -8.49 45.40
N TYR A 149 -31.64 -8.33 46.10
CA TYR A 149 -32.38 -9.44 46.74
C TYR A 149 -33.46 -9.96 45.78
N MET A 150 -33.40 -9.51 44.52
CA MET A 150 -34.10 -10.13 43.36
C MET A 150 -35.61 -9.83 43.37
N ALA A 151 -36.11 -9.00 44.29
CA ALA A 151 -37.55 -8.69 44.38
C ALA A 151 -37.99 -7.94 43.11
N TYR A 152 -39.03 -8.43 42.43
CA TYR A 152 -39.71 -7.78 41.29
C TYR A 152 -41.10 -7.33 41.76
N GLN A 153 -41.29 -6.02 41.91
CA GLN A 153 -42.55 -5.37 42.35
C GLN A 153 -42.61 -4.00 41.68
N ARG A 154 -43.80 -3.60 41.22
CA ARG A 154 -44.00 -2.31 40.50
C ARG A 154 -44.63 -1.32 41.47
N GLY A 155 -44.54 -0.03 41.16
CA GLY A 155 -45.22 1.03 41.91
C GLY A 155 -46.72 1.03 41.70
N THR A 156 -47.37 2.13 42.11
CA THR A 156 -48.84 2.28 42.13
C THR A 156 -49.28 3.16 40.96
N LYS A 157 -50.55 3.03 40.57
CA LYS A 157 -51.16 3.87 39.51
C LYS A 157 -50.95 5.35 39.86
N ALA A 158 -51.13 5.71 41.14
CA ALA A 158 -51.08 7.13 41.57
C ALA A 158 -49.64 7.62 41.54
N ALA A 159 -48.65 6.76 41.83
CA ALA A 159 -47.21 7.11 41.71
C ALA A 159 -46.90 7.44 40.25
N HIS A 160 -47.41 6.62 39.32
CA HIS A 160 -47.23 6.84 37.87
C HIS A 160 -47.96 8.12 37.45
N GLN A 161 -49.11 8.42 38.04
CA GLN A 161 -49.84 9.68 37.78
C GLN A 161 -48.96 10.85 38.22
N ARG A 162 -48.37 10.81 39.43
CA ARG A 162 -47.47 11.89 39.94
C ARG A 162 -46.25 11.99 39.01
N TRP A 163 -45.74 10.87 38.50
CA TRP A 163 -44.56 10.87 37.59
C TRP A 163 -44.93 11.69 36.33
N ALA A 164 -46.05 11.33 35.70
CA ALA A 164 -46.56 11.99 34.48
C ALA A 164 -46.66 13.51 34.72
N ASP A 165 -47.22 13.92 35.87
CA ASP A 165 -47.46 15.34 36.21
C ASP A 165 -46.11 16.06 36.36
N THR A 166 -45.17 15.48 37.10
CA THR A 166 -43.88 16.13 37.46
C THR A 166 -43.04 16.38 36.21
N VAL A 167 -43.09 15.46 35.24
CA VAL A 167 -42.18 15.49 34.05
C VAL A 167 -42.93 15.97 32.82
N GLY A 168 -44.25 16.18 32.92
CA GLY A 168 -45.09 16.78 31.86
C GLY A 168 -45.23 15.85 30.65
N ASP A 169 -45.50 14.55 30.89
CA ASP A 169 -45.51 13.51 29.83
C ASP A 169 -46.41 12.36 30.30
N SER A 170 -47.56 12.22 29.66
CA SER A 170 -48.62 11.26 30.07
C SER A 170 -48.23 9.83 29.68
N SER A 171 -47.15 9.64 28.91
CA SER A 171 -46.65 8.28 28.59
C SER A 171 -46.13 7.57 29.86
N TYR A 172 -45.98 8.28 30.98
CA TYR A 172 -45.55 7.67 32.28
C TYR A 172 -46.74 7.23 33.13
N THR A 173 -47.99 7.51 32.73
CA THR A 173 -49.20 7.01 33.44
C THR A 173 -49.25 5.48 33.31
N TRP A 174 -49.85 4.81 34.28
CA TRP A 174 -49.83 3.33 34.40
C TRP A 174 -50.12 2.68 33.04
N GLU A 175 -51.24 3.03 32.42
CA GLU A 175 -51.83 2.31 31.27
C GLU A 175 -50.88 2.46 30.07
N GLN A 176 -50.21 3.59 29.92
CA GLN A 176 -49.27 3.87 28.80
C GLN A 176 -47.90 3.22 29.06
N PHE A 177 -47.48 3.12 30.32
CA PHE A 177 -46.13 2.65 30.72
C PHE A 177 -46.13 1.11 30.81
N LEU A 178 -47.27 0.51 31.14
CA LEU A 178 -47.38 -0.96 31.46
C LEU A 178 -46.72 -1.84 30.38
N PRO A 179 -46.92 -1.61 29.07
CA PRO A 179 -46.31 -2.48 28.06
C PRO A 179 -44.78 -2.57 28.18
N PHE A 180 -44.13 -1.48 28.62
CA PHE A 180 -42.65 -1.44 28.83
C PHE A 180 -42.27 -2.32 30.03
N PHE A 181 -43.13 -2.44 31.05
CA PHE A 181 -42.95 -3.38 32.18
C PHE A 181 -43.07 -4.82 31.67
N GLU A 182 -43.98 -5.10 30.73
CA GLU A 182 -44.31 -6.49 30.31
C GLU A 182 -43.30 -7.01 29.29
N LYS A 183 -42.79 -6.12 28.44
CA LYS A 183 -41.89 -6.44 27.30
C LYS A 183 -40.70 -7.30 27.77
N SER A 184 -40.14 -7.04 28.96
CA SER A 184 -38.87 -7.66 29.43
C SER A 184 -39.05 -9.13 29.83
N LEU A 185 -40.27 -9.58 30.16
CA LEU A 185 -40.48 -10.71 31.11
C LEU A 185 -40.65 -12.06 30.42
N HIS A 186 -40.19 -13.10 31.11
CA HIS A 186 -40.57 -14.52 30.92
C HIS A 186 -41.01 -15.03 32.29
N PHE A 187 -42.33 -15.05 32.49
CA PHE A 187 -42.98 -15.50 33.75
C PHE A 187 -43.11 -17.02 33.73
N THR A 188 -42.77 -17.67 34.83
CA THR A 188 -43.10 -19.09 35.13
C THR A 188 -43.93 -19.14 36.41
N PRO A 189 -45.11 -19.80 36.40
CA PRO A 189 -45.93 -19.93 37.60
C PRO A 189 -45.22 -20.67 38.73
N ALA A 190 -45.70 -20.47 39.95
CA ALA A 190 -45.25 -21.18 41.18
C ALA A 190 -45.32 -22.69 40.93
N ASN A 191 -44.30 -23.40 41.36
CA ASN A 191 -44.23 -24.88 41.35
C ASN A 191 -44.70 -25.41 42.71
N ASP A 192 -45.96 -25.84 42.79
CA ASP A 192 -46.62 -26.23 44.06
C ASP A 192 -45.98 -27.50 44.61
N ALA A 193 -45.53 -28.42 43.74
CA ALA A 193 -44.93 -29.71 44.13
C ALA A 193 -43.64 -29.48 44.92
N LEU A 194 -42.76 -28.57 44.49
CA LEU A 194 -41.46 -28.29 45.19
C LEU A 194 -41.70 -27.34 46.38
N ARG A 195 -42.62 -26.39 46.27
CA ARG A 195 -42.85 -25.37 47.33
C ARG A 195 -43.60 -25.99 48.52
N GLY A 196 -44.48 -26.95 48.25
CA GLY A 196 -45.45 -27.51 49.23
C GLY A 196 -46.78 -26.76 49.16
N ALA A 197 -47.89 -27.44 49.50
CA ALA A 197 -49.27 -26.92 49.48
C ALA A 197 -49.43 -25.68 50.39
N ASN A 198 -48.81 -25.71 51.58
CA ASN A 198 -48.68 -24.59 52.55
C ASN A 198 -48.34 -23.26 51.89
N ALA A 199 -47.56 -23.30 50.79
CA ALA A 199 -46.89 -22.12 50.21
C ALA A 199 -47.53 -21.72 48.89
N SER A 200 -48.80 -22.10 48.66
CA SER A 200 -49.60 -21.67 47.48
C SER A 200 -49.58 -20.15 47.39
N VAL A 201 -49.59 -19.65 46.16
CA VAL A 201 -49.36 -18.23 45.82
C VAL A 201 -50.63 -17.69 45.18
N VAL A 202 -50.83 -16.37 45.28
CA VAL A 202 -51.93 -15.64 44.57
C VAL A 202 -51.27 -14.62 43.65
N SER A 203 -51.33 -14.84 42.34
CA SER A 203 -50.63 -14.07 41.28
C SER A 203 -51.61 -13.50 40.26
N ASP A 204 -51.15 -12.54 39.46
CA ASP A 204 -51.86 -11.95 38.30
C ASP A 204 -51.01 -12.15 37.04
N PRO A 205 -51.09 -13.32 36.37
CA PRO A 205 -50.27 -13.58 35.17
C PRO A 205 -50.51 -12.63 33.99
N SER A 206 -51.66 -11.96 33.95
CA SER A 206 -52.10 -11.13 32.79
C SER A 206 -51.20 -9.91 32.61
N VAL A 207 -50.40 -9.54 33.62
CA VAL A 207 -49.52 -8.33 33.56
C VAL A 207 -48.04 -8.72 33.55
N LEU A 208 -47.73 -10.00 33.32
CA LEU A 208 -46.35 -10.54 33.42
C LEU A 208 -45.85 -11.00 32.05
N GLY A 209 -46.37 -10.38 30.99
CA GLY A 209 -45.85 -10.47 29.61
C GLY A 209 -46.32 -11.70 28.87
N ASN A 210 -45.70 -11.96 27.72
CA ASN A 210 -46.10 -13.02 26.75
C ASN A 210 -45.07 -14.15 26.71
N GLY A 211 -44.04 -14.14 27.56
CA GLY A 211 -43.03 -15.22 27.61
C GLY A 211 -41.81 -14.97 26.73
N ASP A 212 -41.79 -13.92 25.92
CA ASP A 212 -40.80 -13.70 24.83
C ASP A 212 -39.58 -12.91 25.35
N GLY A 213 -39.72 -12.20 26.48
CA GLY A 213 -38.66 -11.38 27.06
C GLY A 213 -37.57 -12.23 27.72
N PRO A 214 -36.33 -11.73 27.84
CA PRO A 214 -35.23 -12.50 28.43
C PRO A 214 -35.17 -12.50 29.97
N LEU A 215 -35.94 -11.66 30.65
CA LEU A 215 -35.87 -11.50 32.12
C LEU A 215 -36.83 -12.48 32.81
N SER A 216 -36.28 -13.58 33.31
CA SER A 216 -36.97 -14.60 34.13
C SER A 216 -37.54 -13.91 35.36
N VAL A 217 -38.84 -14.06 35.58
CA VAL A 217 -39.50 -13.72 36.86
C VAL A 217 -40.33 -14.92 37.27
N THR A 218 -40.19 -15.35 38.51
CA THR A 218 -40.93 -16.50 39.03
C THR A 218 -40.96 -16.44 40.55
N TYR A 219 -41.58 -17.46 41.13
CA TYR A 219 -41.64 -17.72 42.58
C TYR A 219 -40.52 -18.68 42.87
N PRO A 220 -39.84 -18.54 44.02
CA PRO A 220 -38.83 -19.51 44.41
C PRO A 220 -39.39 -20.93 44.50
N HIS A 221 -38.57 -21.95 44.25
CA HIS A 221 -38.90 -23.40 44.37
C HIS A 221 -38.96 -23.79 45.86
N TYR A 222 -38.52 -22.91 46.76
CA TYR A 222 -38.51 -23.13 48.22
C TYR A 222 -39.09 -21.88 48.90
N ALA A 223 -40.11 -22.07 49.73
CA ALA A 223 -40.68 -21.01 50.58
C ALA A 223 -40.22 -21.21 52.02
N GLN A 224 -39.66 -20.18 52.65
CA GLN A 224 -39.32 -20.20 54.09
C GLN A 224 -40.56 -20.66 54.88
N ALA A 225 -40.40 -21.65 55.74
CA ALA A 225 -41.46 -22.10 56.69
C ALA A 225 -41.95 -20.88 57.48
N PHE A 226 -41.03 -20.00 57.89
CA PHE A 226 -41.40 -18.77 58.63
C PHE A 226 -42.44 -17.96 57.84
N ALA A 227 -42.23 -17.77 56.53
CA ALA A 227 -43.13 -16.96 55.68
C ALA A 227 -44.53 -17.58 55.68
N THR A 228 -44.61 -18.90 55.60
CA THR A 228 -45.88 -19.69 55.65
C THR A 228 -46.70 -19.32 56.88
N TRP A 229 -46.06 -19.15 58.05
CA TRP A 229 -46.71 -18.75 59.32
C TRP A 229 -47.04 -17.25 59.28
N ALA A 230 -46.13 -16.44 58.73
CA ALA A 230 -46.24 -14.96 58.65
C ALA A 230 -47.53 -14.55 57.93
N LYS A 231 -47.96 -15.31 56.93
CA LYS A 231 -49.21 -15.01 56.18
C LYS A 231 -50.39 -14.86 57.16
N HIS A 232 -50.53 -15.78 58.11
CA HIS A 232 -51.64 -15.78 59.09
C HIS A 232 -51.49 -14.58 60.04
N ALA A 233 -50.26 -14.29 60.47
CA ALA A 233 -49.95 -13.18 61.38
C ALA A 233 -50.27 -11.84 60.71
N PHE A 234 -49.92 -11.70 59.43
CA PHE A 234 -50.22 -10.47 58.65
C PHE A 234 -51.73 -10.23 58.61
N ILE A 235 -52.53 -11.27 58.43
CA ILE A 235 -54.02 -11.16 58.36
C ILE A 235 -54.52 -10.64 59.71
N GLU A 236 -54.02 -11.21 60.82
CA GLU A 236 -54.43 -10.86 62.21
C GLU A 236 -54.17 -9.36 62.49
N ILE A 237 -53.13 -8.75 61.92
CA ILE A 237 -52.89 -7.28 62.07
C ILE A 237 -53.45 -6.49 60.88
N GLY A 238 -54.36 -7.10 60.08
CA GLY A 238 -55.28 -6.37 59.18
C GLY A 238 -54.80 -6.23 57.74
N LEU A 239 -53.87 -7.08 57.30
CA LEU A 239 -53.27 -7.05 55.94
C LEU A 239 -53.86 -8.17 55.09
N GLN A 240 -54.83 -7.82 54.22
CA GLN A 240 -55.54 -8.75 53.31
C GLN A 240 -54.59 -9.23 52.23
N ILE A 241 -54.77 -10.49 51.81
CA ILE A 241 -54.05 -11.04 50.64
C ILE A 241 -54.53 -10.31 49.37
N ARG A 242 -53.60 -9.96 48.50
CA ARG A 242 -53.88 -9.47 47.13
C ARG A 242 -53.15 -10.37 46.13
N SER A 243 -53.50 -10.25 44.85
CA SER A 243 -52.95 -11.01 43.70
C SER A 243 -51.67 -10.32 43.20
N GLY A 244 -50.59 -10.40 43.98
CA GLY A 244 -49.27 -9.91 43.60
C GLY A 244 -49.16 -8.39 43.63
N PHE A 245 -48.00 -7.89 43.22
CA PHE A 245 -47.58 -6.48 43.39
C PHE A 245 -47.22 -5.88 42.03
N GLN A 246 -47.88 -6.34 40.96
CA GLN A 246 -47.48 -5.98 39.56
C GLN A 246 -48.60 -5.27 38.81
N SER A 247 -49.75 -5.04 39.46
CA SER A 247 -51.00 -4.59 38.80
C SER A 247 -51.36 -3.16 39.22
N GLY A 248 -50.43 -2.45 39.86
CA GLY A 248 -50.53 -1.00 40.14
C GLY A 248 -51.10 -0.71 41.53
N ALA A 249 -51.19 -1.71 42.39
CA ALA A 249 -51.64 -1.56 43.78
C ALA A 249 -50.77 -2.44 44.71
N LEU A 250 -50.59 -2.01 45.97
CA LEU A 250 -49.66 -2.68 46.94
C LEU A 250 -50.37 -3.02 48.26
N LEU A 251 -51.22 -2.13 48.78
CA LEU A 251 -51.81 -2.28 50.14
C LEU A 251 -52.31 -3.71 50.33
N GLY A 252 -51.82 -4.37 51.37
CA GLY A 252 -52.10 -5.79 51.69
C GLY A 252 -50.83 -6.61 51.61
N GLN A 253 -50.94 -7.94 51.51
CA GLN A 253 -49.77 -8.84 51.47
C GLN A 253 -49.89 -9.78 50.26
N SER A 254 -48.76 -10.34 49.84
CA SER A 254 -48.67 -11.35 48.79
C SER A 254 -47.27 -11.96 48.83
N TYR A 255 -47.12 -13.18 48.35
CA TYR A 255 -45.82 -13.75 47.96
C TYR A 255 -45.20 -12.89 46.87
N GLY A 256 -43.92 -12.56 47.07
CA GLY A 256 -43.12 -11.76 46.13
C GLY A 256 -42.76 -12.55 44.90
N LEU A 257 -42.58 -11.85 43.80
CA LEU A 257 -42.01 -12.35 42.53
C LEU A 257 -40.53 -11.98 42.50
N TYR A 258 -39.67 -12.79 41.90
CA TYR A 258 -38.19 -12.60 41.92
C TYR A 258 -37.57 -12.80 40.53
N THR A 259 -36.50 -12.06 40.27
CA THR A 259 -35.64 -12.20 39.07
C THR A 259 -34.75 -13.41 39.33
N ILE A 260 -35.33 -14.60 39.14
CA ILE A 260 -34.65 -15.91 39.29
C ILE A 260 -35.04 -16.80 38.12
N ASN A 261 -34.10 -17.52 37.53
CA ASN A 261 -34.37 -18.51 36.47
C ASN A 261 -35.18 -19.68 37.07
N ALA A 262 -36.33 -20.00 36.49
CA ALA A 262 -37.32 -20.98 36.98
C ALA A 262 -36.75 -22.41 36.89
N THR A 263 -35.83 -22.68 35.97
CA THR A 263 -35.24 -24.02 35.75
C THR A 263 -34.06 -24.26 36.71
N THR A 264 -33.12 -23.32 36.82
CA THR A 264 -31.85 -23.50 37.56
C THR A 264 -31.94 -22.95 38.99
N MET A 265 -32.90 -22.05 39.25
CA MET A 265 -32.98 -21.23 40.49
C MET A 265 -31.66 -20.45 40.69
N HIS A 266 -30.97 -20.08 39.59
CA HIS A 266 -29.90 -19.07 39.59
C HIS A 266 -30.51 -17.66 39.56
N ARG A 267 -29.80 -16.71 40.16
CA ARG A 267 -30.11 -15.26 40.02
C ARG A 267 -30.30 -14.94 38.54
N GLU A 268 -31.33 -14.17 38.21
CA GLU A 268 -31.45 -13.51 36.87
C GLU A 268 -31.05 -12.04 37.04
N SER A 269 -29.88 -11.67 36.55
CA SER A 269 -29.36 -10.29 36.46
C SER A 269 -29.63 -9.74 35.06
N SER A 270 -29.29 -8.48 34.80
CA SER A 270 -29.31 -7.89 33.46
C SER A 270 -28.25 -8.60 32.59
N GLU A 271 -27.26 -9.25 33.20
CA GLU A 271 -26.20 -9.94 32.44
C GLU A 271 -26.75 -11.28 31.94
N THR A 272 -27.35 -12.10 32.80
CA THR A 272 -27.85 -13.45 32.41
C THR A 272 -29.07 -13.35 31.51
N SER A 273 -29.72 -12.19 31.45
CA SER A 273 -30.93 -11.95 30.62
C SER A 273 -30.54 -11.17 29.36
N PHE A 274 -30.40 -9.86 29.48
CA PHE A 274 -30.20 -8.95 28.33
C PHE A 274 -28.83 -9.19 27.70
N LEU A 275 -27.73 -9.16 28.46
CA LEU A 275 -26.39 -9.29 27.84
C LEU A 275 -26.29 -10.63 27.12
N ARG A 276 -26.80 -11.74 27.68
CA ARG A 276 -26.70 -13.07 27.03
C ARG A 276 -27.43 -13.05 25.67
N LYS A 277 -28.61 -12.42 25.57
CA LYS A 277 -29.30 -12.26 24.28
C LYS A 277 -28.43 -11.40 23.34
N GLY A 278 -27.84 -10.32 23.84
CA GLY A 278 -27.08 -9.34 23.04
C GLY A 278 -25.76 -9.87 22.51
N LEU A 279 -25.14 -10.86 23.16
CA LEU A 279 -24.01 -11.61 22.56
C LEU A 279 -24.83 -12.32 21.50
N ALA A 280 -24.35 -12.50 20.30
CA ALA A 280 -25.24 -13.02 19.21
C ALA A 280 -25.78 -11.86 18.42
N ASP A 281 -25.89 -10.63 18.94
CA ASP A 281 -26.19 -9.44 18.10
C ASP A 281 -24.87 -8.80 17.68
N PRO A 282 -24.50 -8.85 16.38
CA PRO A 282 -23.25 -8.22 15.93
C PRO A 282 -23.21 -6.69 16.06
N ASN A 283 -24.33 -6.03 16.39
CA ASN A 283 -24.35 -4.56 16.59
C ASN A 283 -23.89 -4.21 18.01
N LEU A 284 -23.77 -5.18 18.94
CA LEU A 284 -23.34 -4.92 20.33
C LEU A 284 -21.87 -5.32 20.53
N THR A 285 -21.06 -4.38 21.03
CA THR A 285 -19.67 -4.61 21.52
C THR A 285 -19.61 -4.28 23.00
N VAL A 286 -19.02 -5.14 23.82
CA VAL A 286 -18.83 -4.96 25.28
C VAL A 286 -17.37 -4.61 25.57
N PHE A 287 -17.14 -3.54 26.31
CA PHE A 287 -15.85 -3.16 26.90
C PHE A 287 -15.94 -3.40 28.41
N GLN A 288 -15.41 -4.53 28.90
CA GLN A 288 -15.42 -4.85 30.35
C GLN A 288 -14.02 -4.56 30.92
N SER A 289 -13.91 -4.42 32.24
CA SER A 289 -12.70 -3.91 32.96
C SER A 289 -12.33 -2.53 32.40
N ALA A 290 -13.33 -1.71 32.08
CA ALA A 290 -13.17 -0.42 31.36
C ALA A 290 -13.79 0.69 32.18
N LEU A 291 -12.98 1.66 32.62
CA LEU A 291 -13.45 2.79 33.44
C LEU A 291 -13.63 4.00 32.53
N ALA A 292 -14.86 4.50 32.42
CA ALA A 292 -15.16 5.82 31.79
C ALA A 292 -14.66 6.92 32.74
N LYS A 293 -13.86 7.84 32.21
CA LYS A 293 -13.19 8.92 32.97
C LYS A 293 -13.89 10.27 32.72
N ARG A 294 -14.40 10.50 31.50
CA ARG A 294 -14.86 11.83 31.05
C ARG A 294 -15.74 11.66 29.81
N ILE A 295 -16.87 12.34 29.79
CA ILE A 295 -17.68 12.59 28.56
C ILE A 295 -17.10 13.82 27.85
N ARG A 296 -16.82 13.71 26.56
CA ARG A 296 -16.24 14.78 25.72
C ARG A 296 -17.39 15.51 25.01
N PHE A 297 -17.32 16.84 25.01
CA PHE A 297 -18.30 17.77 24.39
C PHE A 297 -17.60 18.62 23.32
N GLN A 298 -18.16 18.66 22.11
CA GLN A 298 -17.80 19.63 21.04
C GLN A 298 -18.96 20.62 20.96
N ASP A 299 -18.68 21.87 21.32
CA ASP A 299 -19.69 22.90 21.67
C ASP A 299 -20.42 22.38 22.91
N LYS A 300 -21.70 22.03 22.79
CA LYS A 300 -22.49 21.46 23.92
C LYS A 300 -22.97 20.05 23.56
N ARG A 301 -22.38 19.41 22.55
CA ARG A 301 -22.79 18.06 22.06
C ARG A 301 -21.81 17.00 22.58
N ALA A 302 -22.33 15.96 23.23
CA ALA A 302 -21.55 14.77 23.66
C ALA A 302 -21.10 13.99 22.42
N VAL A 303 -19.78 13.86 22.22
CA VAL A 303 -19.22 13.23 20.98
C VAL A 303 -18.39 12.00 21.32
N GLY A 304 -17.99 11.79 22.59
CA GLY A 304 -17.20 10.61 22.93
C GLY A 304 -16.98 10.46 24.42
N VAL A 305 -16.30 9.38 24.79
CA VAL A 305 -15.97 9.03 26.20
C VAL A 305 -14.47 8.69 26.28
N ASP A 306 -13.77 9.27 27.26
CA ASP A 306 -12.38 8.88 27.64
C ASP A 306 -12.48 7.65 28.54
N VAL A 307 -11.75 6.58 28.17
CA VAL A 307 -11.83 5.26 28.85
C VAL A 307 -10.42 4.83 29.24
N GLU A 308 -10.30 4.13 30.36
CA GLU A 308 -9.07 3.43 30.80
C GLU A 308 -9.43 1.95 31.02
N THR A 309 -8.77 1.05 30.29
CA THR A 309 -8.80 -0.43 30.48
C THR A 309 -7.42 -0.87 30.96
N MET A 310 -7.29 -1.23 32.25
CA MET A 310 -6.02 -1.71 32.87
C MET A 310 -4.85 -0.77 32.52
N GLY A 311 -5.05 0.55 32.66
CA GLY A 311 -3.99 1.56 32.51
C GLY A 311 -3.85 2.07 31.08
N ARG A 312 -4.54 1.47 30.11
CA ARG A 312 -4.49 1.90 28.70
C ARG A 312 -5.62 2.90 28.44
N ALA A 313 -5.28 4.16 28.19
CA ALA A 313 -6.21 5.27 27.86
C ALA A 313 -6.56 5.22 26.38
N TYR A 314 -7.84 5.39 26.06
CA TYR A 314 -8.37 5.48 24.69
C TYR A 314 -9.68 6.27 24.73
N THR A 315 -10.18 6.66 23.56
CA THR A 315 -11.40 7.47 23.41
C THR A 315 -12.33 6.70 22.49
N LEU A 316 -13.55 6.40 22.95
CA LEU A 316 -14.62 5.86 22.10
C LEU A 316 -15.46 7.05 21.63
N SER A 317 -15.71 7.15 20.33
CA SER A 317 -16.49 8.24 19.71
C SER A 317 -17.91 7.74 19.44
N ALA A 318 -18.89 8.62 19.59
CA ALA A 318 -20.32 8.37 19.32
C ALA A 318 -20.77 9.28 18.16
N ARG A 319 -21.27 8.69 17.08
CA ARG A 319 -21.84 9.44 15.91
C ARG A 319 -23.19 10.04 16.31
N LYS A 320 -23.98 9.31 17.12
CA LYS A 320 -25.41 9.66 17.38
C LYS A 320 -25.61 10.11 18.83
N GLU A 321 -25.60 9.20 19.81
CA GLU A 321 -26.00 9.51 21.20
C GLU A 321 -25.11 8.74 22.19
N ILE A 322 -24.90 9.32 23.37
CA ILE A 322 -24.27 8.65 24.55
C ILE A 322 -25.36 8.50 25.62
N VAL A 323 -25.49 7.29 26.15
CA VAL A 323 -26.39 7.00 27.29
C VAL A 323 -25.53 6.73 28.53
N LEU A 324 -25.73 7.50 29.58
CA LEU A 324 -25.05 7.35 30.88
C LEU A 324 -25.94 6.49 31.78
N SER A 325 -25.45 5.32 32.19
CA SER A 325 -26.16 4.33 33.01
C SER A 325 -25.28 3.87 34.17
N ALA A 326 -24.54 4.80 34.78
CA ALA A 326 -23.49 4.51 35.79
C ALA A 326 -24.08 4.46 37.19
N GLY A 327 -25.39 4.69 37.32
CA GLY A 327 -26.14 4.58 38.58
C GLY A 327 -26.13 5.87 39.40
N ALA A 328 -26.75 5.81 40.57
CA ALA A 328 -27.14 6.98 41.40
C ALA A 328 -25.91 7.72 41.94
N PHE A 329 -24.77 7.04 42.09
CA PHE A 329 -23.53 7.65 42.64
C PHE A 329 -22.62 8.11 41.51
N GLN A 330 -22.46 7.32 40.45
CA GLN A 330 -21.36 7.53 39.47
C GLN A 330 -21.88 8.24 38.21
N SER A 331 -23.18 8.20 37.92
CA SER A 331 -23.77 9.05 36.84
C SER A 331 -23.56 10.53 37.17
N PRO A 332 -23.99 11.03 38.36
CA PRO A 332 -23.74 12.43 38.71
C PRO A 332 -22.24 12.76 38.75
N GLN A 333 -21.41 11.83 39.20
CA GLN A 333 -19.95 12.07 39.27
C GLN A 333 -19.42 12.27 37.85
N LEU A 334 -19.81 11.41 36.91
CA LEU A 334 -19.28 11.51 35.52
C LEU A 334 -19.75 12.82 34.86
N LEU A 335 -20.99 13.25 35.12
CA LEU A 335 -21.51 14.55 34.62
C LEU A 335 -20.61 15.68 35.14
N MET A 336 -20.39 15.73 36.45
CA MET A 336 -19.60 16.81 37.11
C MET A 336 -18.18 16.85 36.57
N VAL A 337 -17.47 15.71 36.47
CA VAL A 337 -16.05 15.73 36.02
C VAL A 337 -15.98 16.04 34.52
N SER A 338 -17.11 15.97 33.81
CA SER A 338 -17.23 16.28 32.37
C SER A 338 -17.66 17.74 32.13
N GLY A 339 -18.04 18.47 33.18
CA GLY A 339 -18.37 19.91 33.10
C GLY A 339 -19.86 20.20 33.14
N VAL A 340 -20.69 19.23 33.55
CA VAL A 340 -22.15 19.38 33.72
C VAL A 340 -22.49 19.20 35.20
N GLY A 341 -22.84 20.27 35.89
CA GLY A 341 -23.16 20.21 37.33
C GLY A 341 -23.11 21.60 37.96
N PRO A 342 -23.16 21.68 39.31
CA PRO A 342 -23.12 22.97 40.01
C PRO A 342 -21.80 23.68 39.70
N ALA A 343 -21.88 24.91 39.17
CA ALA A 343 -20.74 25.78 38.77
C ALA A 343 -19.70 25.86 39.88
N ALA A 344 -20.10 26.08 41.14
CA ALA A 344 -19.15 26.32 42.25
C ALA A 344 -18.31 25.05 42.49
N THR A 345 -18.92 23.86 42.46
CA THR A 345 -18.20 22.56 42.63
C THR A 345 -17.16 22.38 41.51
N LEU A 346 -17.54 22.64 40.25
CA LEU A 346 -16.67 22.39 39.07
C LEU A 346 -15.48 23.37 39.08
N LYS A 347 -15.70 24.62 39.52
CA LYS A 347 -14.65 25.67 39.64
C LYS A 347 -13.64 25.23 40.72
N ALA A 348 -14.13 24.76 41.87
CA ALA A 348 -13.33 24.34 43.05
C ALA A 348 -12.39 23.16 42.70
N HIS A 349 -12.66 22.42 41.62
CA HIS A 349 -11.84 21.25 41.20
C HIS A 349 -11.27 21.46 39.78
N ASN A 350 -11.21 22.70 39.31
CA ASN A 350 -10.60 23.13 38.02
C ASN A 350 -11.20 22.31 36.86
N ILE A 351 -12.53 22.19 36.82
CA ILE A 351 -13.27 21.50 35.72
C ILE A 351 -13.93 22.57 34.85
N PRO A 352 -13.59 22.67 33.55
CA PRO A 352 -14.20 23.66 32.66
C PRO A 352 -15.73 23.46 32.57
N LEU A 353 -16.47 24.54 32.72
CA LEU A 353 -17.96 24.53 32.78
C LEU A 353 -18.50 24.32 31.36
N VAL A 354 -19.39 23.34 31.19
CA VAL A 354 -20.13 23.09 29.92
C VAL A 354 -21.59 23.52 30.12
N ALA A 355 -22.20 23.20 31.27
CA ALA A 355 -23.57 23.60 31.63
C ALA A 355 -23.72 23.66 33.15
N ASP A 356 -24.12 24.83 33.68
CA ASP A 356 -24.41 25.06 35.11
C ASP A 356 -25.76 24.39 35.41
N ARG A 357 -25.70 23.22 36.05
CA ARG A 357 -26.88 22.37 36.35
C ARG A 357 -26.85 22.01 37.83
N PRO A 358 -27.41 22.86 38.71
CA PRO A 358 -27.28 22.69 40.16
C PRO A 358 -27.96 21.44 40.73
N GLY A 359 -28.78 20.74 39.96
CA GLY A 359 -29.48 19.53 40.41
C GLY A 359 -28.61 18.28 40.38
N VAL A 360 -27.48 18.31 39.66
CA VAL A 360 -26.59 17.13 39.49
C VAL A 360 -26.03 16.76 40.85
N GLY A 361 -26.36 15.57 41.33
CA GLY A 361 -25.89 15.03 42.61
C GLY A 361 -26.77 15.44 43.77
N GLN A 362 -27.80 16.25 43.54
CA GLN A 362 -28.74 16.73 44.60
C GLN A 362 -29.98 15.82 44.63
N ASN A 363 -30.79 15.94 45.69
CA ASN A 363 -32.15 15.33 45.80
C ASN A 363 -31.99 13.81 45.83
N MET A 364 -30.90 13.28 46.40
CA MET A 364 -30.79 11.79 46.51
C MET A 364 -31.93 11.30 47.41
N GLN A 365 -32.64 10.27 46.96
CA GLN A 365 -33.69 9.57 47.75
C GLN A 365 -33.24 8.13 47.92
N ASP A 366 -33.64 7.52 49.03
CA ASP A 366 -33.26 6.15 49.40
C ASP A 366 -34.32 5.58 50.32
N HIS A 367 -34.34 4.26 50.47
CA HIS A 367 -35.13 3.55 51.48
C HIS A 367 -34.17 2.94 52.49
N ILE A 368 -34.65 2.73 53.71
CA ILE A 368 -33.89 2.05 54.80
C ILE A 368 -34.64 0.78 55.17
N ILE A 369 -33.96 -0.07 55.93
CA ILE A 369 -34.49 -1.37 56.42
C ILE A 369 -33.83 -1.64 57.77
N TYR A 370 -34.59 -2.24 58.67
CA TYR A 370 -34.17 -2.79 59.97
C TYR A 370 -35.19 -3.87 60.34
N ALA A 371 -34.86 -4.73 61.28
CA ALA A 371 -35.67 -5.90 61.64
C ALA A 371 -35.33 -6.39 63.04
N PRO A 372 -36.37 -6.63 63.88
CA PRO A 372 -36.19 -7.48 65.06
C PRO A 372 -36.10 -8.94 64.61
N SER A 373 -35.65 -9.82 65.50
CA SER A 373 -35.46 -11.25 65.22
C SER A 373 -35.95 -12.05 66.43
N TYR A 374 -36.45 -13.26 66.13
CA TYR A 374 -36.82 -14.28 67.13
C TYR A 374 -36.10 -15.56 66.75
N ARG A 375 -35.79 -16.38 67.75
CA ARG A 375 -35.53 -17.82 67.55
C ARG A 375 -36.87 -18.43 67.19
N VAL A 376 -36.88 -19.34 66.21
CA VAL A 376 -38.15 -19.99 65.78
C VAL A 376 -37.94 -21.50 65.72
N ASN A 377 -39.06 -22.21 65.83
CA ASN A 377 -39.15 -23.70 65.87
C ASN A 377 -39.20 -24.28 64.44
N VAL A 378 -38.87 -23.50 63.40
CA VAL A 378 -38.88 -23.96 61.98
C VAL A 378 -37.49 -23.76 61.36
N ILE A 379 -37.20 -24.48 60.27
CA ILE A 379 -35.97 -24.30 59.45
C ILE A 379 -35.94 -22.87 58.91
N THR A 380 -34.81 -22.18 59.10
CA THR A 380 -34.47 -20.92 58.39
C THR A 380 -33.05 -21.08 57.84
N GLN A 381 -32.48 -20.00 57.28
CA GLN A 381 -31.13 -20.01 56.68
C GLN A 381 -30.08 -20.40 57.71
N SER A 382 -30.36 -20.17 59.01
CA SER A 382 -29.49 -20.61 60.13
C SER A 382 -29.03 -22.07 59.93
N ALA A 383 -29.90 -22.95 59.46
CA ALA A 383 -29.64 -24.40 59.28
C ALA A 383 -28.47 -24.64 58.33
N LEU A 384 -28.12 -23.69 57.46
CA LEU A 384 -26.95 -23.81 56.54
C LEU A 384 -25.63 -23.79 57.32
N LEU A 385 -25.63 -23.36 58.59
CA LEU A 385 -24.42 -23.42 59.46
C LEU A 385 -24.15 -24.86 59.92
N ASN A 386 -25.16 -25.72 59.86
CA ASN A 386 -25.07 -27.18 60.16
C ASN A 386 -24.57 -27.93 58.92
N GLU A 387 -23.41 -28.59 59.02
CA GLU A 387 -22.68 -29.25 57.90
C GLU A 387 -23.57 -30.31 57.23
N GLU A 388 -24.23 -31.18 58.00
CA GLU A 388 -25.05 -32.29 57.44
C GLU A 388 -26.25 -31.68 56.67
N PHE A 389 -26.84 -30.61 57.18
CA PHE A 389 -27.98 -29.90 56.52
C PHE A 389 -27.49 -29.22 55.23
N GLU A 390 -26.37 -28.50 55.29
CA GLU A 390 -25.80 -27.74 54.13
C GLU A 390 -25.54 -28.73 52.99
N ALA A 391 -24.95 -29.89 53.29
CA ALA A 391 -24.56 -30.90 52.29
C ALA A 391 -25.81 -31.35 51.53
N GLN A 392 -26.91 -31.57 52.23
CA GLN A 392 -28.18 -32.01 51.60
C GLN A 392 -28.75 -30.86 50.75
N ALA A 393 -28.74 -29.63 51.28
CA ALA A 393 -29.28 -28.44 50.59
C ALA A 393 -28.48 -28.20 49.29
N ASN A 394 -27.16 -28.36 49.37
CA ASN A 394 -26.21 -28.25 48.24
C ASN A 394 -26.60 -29.24 47.13
N ARG A 395 -26.83 -30.49 47.47
CA ARG A 395 -27.26 -31.55 46.51
C ARG A 395 -28.65 -31.20 45.94
N ASP A 396 -29.58 -30.76 46.79
CA ASP A 396 -30.96 -30.42 46.37
C ASP A 396 -30.88 -29.28 45.33
N TYR A 397 -30.04 -28.27 45.57
CA TYR A 397 -29.92 -27.08 44.68
C TYR A 397 -29.39 -27.49 43.31
N ASN A 398 -28.26 -28.20 43.29
CA ASN A 398 -27.51 -28.51 42.04
C ASN A 398 -28.25 -29.59 41.25
N GLU A 399 -28.87 -30.58 41.90
CA GLU A 399 -29.54 -31.74 41.21
C GLU A 399 -30.99 -31.40 40.84
N ARG A 400 -31.73 -30.64 41.65
CA ARG A 400 -33.22 -30.52 41.50
C ARG A 400 -33.69 -29.06 41.55
N ALA A 401 -32.77 -28.08 41.67
CA ALA A 401 -33.10 -26.64 41.78
C ALA A 401 -34.10 -26.46 42.94
N ALA A 402 -33.85 -27.11 44.06
CA ALA A 402 -34.75 -27.20 45.23
C ALA A 402 -33.96 -26.93 46.52
N GLY A 403 -34.67 -26.80 47.64
CA GLY A 403 -34.08 -26.57 48.96
C GLY A 403 -33.80 -25.10 49.19
N ILE A 404 -33.27 -24.80 50.37
CA ILE A 404 -33.24 -23.43 50.96
C ILE A 404 -32.27 -22.54 50.16
N TYR A 405 -31.34 -23.09 49.39
CA TYR A 405 -30.43 -22.28 48.54
C TYR A 405 -31.23 -21.57 47.43
N ALA A 406 -32.38 -22.13 47.05
CA ALA A 406 -33.23 -21.62 45.94
C ALA A 406 -34.15 -20.50 46.45
N ASN A 407 -33.83 -19.86 47.58
CA ASN A 407 -34.73 -18.87 48.23
C ASN A 407 -33.93 -17.60 48.45
N PRO A 408 -34.45 -16.41 48.07
CA PRO A 408 -33.69 -15.17 48.20
C PRO A 408 -33.68 -14.57 49.62
N THR A 409 -34.18 -15.31 50.62
CA THR A 409 -34.26 -14.95 52.06
C THR A 409 -35.66 -14.42 52.40
N SER A 410 -36.20 -13.54 51.55
CA SER A 410 -37.56 -12.95 51.61
C SER A 410 -38.57 -13.93 50.98
N ASP A 411 -39.87 -13.71 51.19
CA ASP A 411 -40.94 -14.52 50.55
C ASP A 411 -42.23 -13.70 50.43
N ILE A 412 -42.70 -13.13 51.53
CA ILE A 412 -43.94 -12.32 51.59
C ILE A 412 -43.58 -10.87 51.88
N LEU A 413 -44.07 -9.96 51.04
CA LEU A 413 -44.10 -8.50 51.31
C LEU A 413 -45.51 -8.12 51.77
N ALA A 414 -45.61 -7.06 52.57
CA ALA A 414 -46.90 -6.50 53.03
C ALA A 414 -46.74 -4.98 53.12
N TRP A 415 -47.82 -4.25 52.88
CA TRP A 415 -47.83 -2.79 52.69
C TRP A 415 -49.01 -2.20 53.42
N GLU A 416 -48.84 -1.08 54.12
CA GLU A 416 -49.99 -0.37 54.78
C GLU A 416 -49.68 1.11 54.97
N LYS A 417 -50.75 1.88 55.17
CA LYS A 417 -50.77 3.12 55.99
C LYS A 417 -50.75 2.68 57.46
N ILE A 418 -50.04 3.39 58.33
CA ILE A 418 -50.19 3.18 59.80
C ILE A 418 -51.67 3.37 60.13
N PRO A 419 -52.33 2.38 60.75
CA PRO A 419 -53.78 2.45 60.99
C PRO A 419 -54.20 3.38 62.14
N GLU A 420 -55.47 3.82 62.16
CA GLU A 420 -56.12 4.44 63.35
C GLU A 420 -56.53 3.32 64.30
N PRO A 421 -56.52 3.50 65.65
CA PRO A 421 -56.19 4.78 66.29
C PRO A 421 -54.71 5.05 66.60
N LYS A 422 -53.79 4.15 66.19
CA LYS A 422 -52.33 4.27 66.48
C LYS A 422 -51.80 5.55 65.83
N ARG A 423 -52.42 5.98 64.75
CA ARG A 423 -52.03 7.14 63.92
C ARG A 423 -51.96 8.43 64.75
N SER A 424 -52.99 8.70 65.57
CA SER A 424 -53.14 9.96 66.35
C SER A 424 -52.18 9.98 67.53
N ALA A 425 -51.93 8.81 68.15
CA ALA A 425 -51.02 8.60 69.29
C ALA A 425 -49.55 8.76 68.86
N TRP A 426 -49.18 8.29 67.65
CA TRP A 426 -47.77 8.09 67.24
C TRP A 426 -47.24 9.26 66.40
N PHE A 427 -48.12 10.04 65.78
CA PHE A 427 -47.71 11.10 64.80
C PHE A 427 -48.14 12.48 65.31
N SER A 428 -47.23 13.44 65.20
CA SER A 428 -47.49 14.89 65.36
C SER A 428 -48.46 15.34 64.26
N ASN A 429 -49.03 16.53 64.42
CA ASN A 429 -49.94 17.18 63.44
C ASN A 429 -49.15 17.38 62.14
N HIS A 430 -47.92 17.90 62.23
CA HIS A 430 -47.05 18.19 61.06
C HIS A 430 -46.85 16.90 60.23
N THR A 431 -46.54 15.78 60.88
CA THR A 431 -46.31 14.47 60.24
C THR A 431 -47.60 14.02 59.52
N ARG A 432 -48.75 14.15 60.17
CA ARG A 432 -50.05 13.73 59.59
C ARG A 432 -50.38 14.62 58.38
N GLN A 433 -50.03 15.92 58.43
CA GLN A 433 -50.29 16.84 57.29
C GLN A 433 -49.43 16.40 56.10
N VAL A 434 -48.15 16.05 56.33
CA VAL A 434 -47.21 15.66 55.24
C VAL A 434 -47.68 14.33 54.64
N LEU A 435 -48.05 13.35 55.47
CA LEU A 435 -48.48 12.01 54.96
C LEU A 435 -49.79 12.11 54.18
N ALA A 436 -50.68 13.07 54.51
CA ALA A 436 -51.99 13.24 53.84
C ALA A 436 -51.79 13.77 52.41
N GLU A 437 -50.61 14.31 52.10
CA GLU A 437 -50.24 14.79 50.73
C GLU A 437 -49.86 13.61 49.81
N TYR A 438 -49.64 12.41 50.35
CA TYR A 438 -49.36 11.20 49.54
C TYR A 438 -50.68 10.62 49.08
N PRO A 439 -50.75 10.01 47.87
CA PRO A 439 -51.97 9.33 47.41
C PRO A 439 -52.40 8.20 48.35
N ASP A 440 -53.69 7.86 48.33
CA ASP A 440 -54.32 6.79 49.13
C ASP A 440 -53.62 5.44 48.87
N ASP A 441 -53.21 5.16 47.64
CA ASP A 441 -52.66 3.85 47.21
C ASP A 441 -51.18 3.71 47.61
N TRP A 442 -50.53 4.80 48.05
CA TRP A 442 -49.07 4.86 48.31
C TRP A 442 -48.81 4.47 49.76
N PRO A 443 -48.22 3.28 50.04
CA PRO A 443 -48.07 2.83 51.41
C PRO A 443 -47.02 3.64 52.17
N GLU A 444 -47.10 3.60 53.50
CA GLU A 444 -46.15 4.27 54.42
C GLU A 444 -45.08 3.27 54.85
N VAL A 445 -45.46 2.01 55.07
CA VAL A 445 -44.55 0.96 55.61
C VAL A 445 -44.67 -0.31 54.76
N GLU A 446 -43.51 -0.91 54.45
CA GLU A 446 -43.36 -2.24 53.84
C GLU A 446 -42.87 -3.20 54.92
N PHE A 447 -43.50 -4.38 55.07
CA PHE A 447 -42.97 -5.51 55.89
C PHE A 447 -42.41 -6.57 54.92
N LEU A 448 -41.29 -7.19 55.30
CA LEU A 448 -40.63 -8.28 54.51
C LEU A 448 -40.32 -9.45 55.45
N THR A 449 -40.81 -10.64 55.16
CA THR A 449 -40.39 -11.87 55.86
C THR A 449 -38.92 -12.13 55.53
N MET A 450 -38.11 -12.50 56.50
CA MET A 450 -36.67 -12.81 56.30
C MET A 450 -36.32 -14.06 57.11
N GLY A 451 -35.90 -15.13 56.45
CA GLY A 451 -35.49 -16.40 57.10
C GLY A 451 -34.05 -16.34 57.59
N GLY A 452 -33.66 -15.25 58.23
CA GLY A 452 -32.29 -14.98 58.71
C GLY A 452 -32.26 -13.89 59.77
N TYR A 453 -31.07 -13.63 60.34
CA TYR A 453 -30.87 -12.63 61.42
C TYR A 453 -30.26 -11.36 60.82
N PHE A 454 -30.80 -10.19 61.17
CA PHE A 454 -30.30 -8.87 60.72
C PHE A 454 -29.32 -8.30 61.75
N GLY A 455 -29.70 -8.27 63.03
CA GLY A 455 -28.92 -7.56 64.07
C GLY A 455 -28.62 -6.14 63.62
N TYR A 456 -27.37 -5.69 63.76
CA TYR A 456 -26.91 -4.32 63.44
C TYR A 456 -26.51 -4.23 61.97
N GLN A 457 -26.61 -5.32 61.21
CA GLN A 457 -26.34 -5.33 59.74
C GLN A 457 -24.91 -4.84 59.45
N ARG A 458 -23.98 -5.15 60.35
CA ARG A 458 -22.54 -4.79 60.21
C ARG A 458 -21.93 -5.73 59.17
N ASN A 459 -22.31 -6.99 59.24
CA ASN A 459 -21.80 -8.11 58.41
C ASN A 459 -22.67 -9.32 58.72
N TYR A 460 -23.58 -9.68 57.81
CA TYR A 460 -24.62 -10.70 58.06
C TYR A 460 -23.99 -12.08 58.22
N ILE A 461 -22.82 -12.30 57.63
CA ILE A 461 -22.18 -13.66 57.61
C ILE A 461 -21.41 -13.87 58.93
N ARG A 462 -20.60 -12.91 59.36
CA ARG A 462 -19.79 -12.98 60.62
C ARG A 462 -20.69 -13.05 61.87
N ASP A 463 -21.74 -12.22 61.94
CA ASP A 463 -22.61 -12.05 63.14
C ASP A 463 -23.86 -12.94 63.06
N ASN A 464 -23.92 -13.87 62.10
CA ASN A 464 -25.01 -14.87 61.97
C ASN A 464 -24.96 -15.80 63.19
N PRO A 465 -25.93 -15.74 64.13
CA PRO A 465 -25.82 -16.47 65.41
C PRO A 465 -25.69 -17.97 65.14
N SER A 466 -24.74 -18.60 65.81
CA SER A 466 -24.24 -19.97 65.53
C SER A 466 -24.39 -20.85 66.77
N ASP A 467 -25.43 -20.61 67.58
CA ASP A 467 -25.63 -21.32 68.87
C ASP A 467 -26.61 -22.51 68.69
N GLY A 468 -27.10 -22.78 67.48
CA GLY A 468 -27.89 -24.00 67.18
C GLY A 468 -29.39 -23.74 67.04
N TYR A 469 -29.86 -22.51 67.24
CA TYR A 469 -31.27 -22.13 66.97
C TYR A 469 -31.42 -21.67 65.51
N ASN A 470 -32.64 -21.77 64.98
CA ASN A 470 -33.05 -21.08 63.73
C ASN A 470 -33.53 -19.67 64.09
N TYR A 471 -33.07 -18.67 63.34
CA TYR A 471 -33.44 -17.24 63.52
C TYR A 471 -34.26 -16.79 62.30
N ALA A 472 -35.31 -15.99 62.55
CA ALA A 472 -36.09 -15.27 61.54
C ALA A 472 -36.27 -13.82 61.98
N SER A 473 -36.51 -12.95 61.03
CA SER A 473 -36.71 -11.49 61.23
C SER A 473 -37.93 -11.04 60.43
N LEU A 474 -38.60 -9.99 60.91
CA LEU A 474 -39.59 -9.26 60.10
C LEU A 474 -39.03 -7.87 59.87
N ALA A 475 -38.56 -7.62 58.66
CA ALA A 475 -37.93 -6.34 58.29
C ALA A 475 -39.02 -5.34 57.99
N VAL A 476 -38.70 -4.06 58.15
CA VAL A 476 -39.60 -2.97 57.73
C VAL A 476 -38.77 -2.00 56.91
N SER A 477 -39.39 -1.42 55.89
CA SER A 477 -38.84 -0.32 55.08
C SER A 477 -39.88 0.80 55.08
N LEU A 478 -39.45 2.05 54.97
CA LEU A 478 -40.38 3.22 54.96
C LEU A 478 -40.51 3.72 53.52
N CYS A 479 -41.74 3.83 53.02
CA CYS A 479 -42.04 4.12 51.60
C CYS A 479 -42.30 5.60 51.34
N THR A 480 -42.25 6.46 52.37
CA THR A 480 -42.44 7.92 52.20
C THR A 480 -41.24 8.67 52.78
N PRO A 481 -40.01 8.41 52.30
CA PRO A 481 -38.84 9.12 52.80
C PRO A 481 -38.90 10.62 52.47
N ARG A 482 -38.72 11.46 53.49
CA ARG A 482 -38.67 12.94 53.37
C ARG A 482 -37.21 13.40 53.40
N SER A 483 -36.32 12.63 54.01
CA SER A 483 -34.87 12.96 54.08
C SER A 483 -34.32 13.01 52.66
N ARG A 484 -33.43 13.95 52.38
CA ARG A 484 -32.77 14.10 51.06
C ARG A 484 -31.25 14.13 51.28
N GLY A 485 -30.51 13.49 50.37
CA GLY A 485 -29.04 13.38 50.43
C GLY A 485 -28.40 13.96 49.19
N ASN A 486 -27.11 13.70 49.01
CA ASN A 486 -26.40 14.24 47.83
C ASN A 486 -25.12 13.45 47.56
N VAL A 487 -24.55 13.71 46.39
CA VAL A 487 -23.28 13.15 45.87
C VAL A 487 -22.48 14.35 45.38
N THR A 488 -21.19 14.42 45.72
CA THR A 488 -20.27 15.42 45.13
C THR A 488 -18.93 14.74 44.89
N ILE A 489 -17.91 15.52 44.54
CA ILE A 489 -16.56 15.04 44.11
C ILE A 489 -15.50 15.74 44.97
N THR A 490 -14.34 15.10 45.11
CA THR A 490 -13.11 15.67 45.72
C THR A 490 -12.05 15.91 44.64
N SER A 491 -12.34 15.59 43.38
CA SER A 491 -11.31 15.48 42.30
C SER A 491 -11.97 15.43 40.93
N PRO A 492 -11.29 15.89 39.87
CA PRO A 492 -11.77 15.67 38.49
C PRO A 492 -11.52 14.25 37.97
N ASP A 493 -10.94 13.36 38.78
CA ASP A 493 -10.62 11.96 38.40
C ASP A 493 -11.81 11.05 38.83
N ALA A 494 -12.47 10.41 37.88
CA ALA A 494 -13.59 9.46 38.11
C ALA A 494 -13.08 8.19 38.80
N GLY A 495 -11.76 7.96 38.78
CA GLY A 495 -11.10 6.85 39.50
C GLY A 495 -11.10 7.07 41.01
N VAL A 496 -11.25 8.32 41.46
CA VAL A 496 -11.44 8.65 42.90
C VAL A 496 -12.92 8.50 43.22
N PRO A 497 -13.30 7.81 44.32
CA PRO A 497 -14.72 7.61 44.62
C PRO A 497 -15.44 8.94 44.85
N PRO A 498 -16.74 9.03 44.50
CA PRO A 498 -17.54 10.21 44.81
C PRO A 498 -17.80 10.26 46.32
N VAL A 499 -18.18 11.44 46.81
CA VAL A 499 -18.54 11.69 48.23
C VAL A 499 -20.04 11.44 48.34
N ILE A 500 -20.45 10.46 49.14
CA ILE A 500 -21.82 9.88 49.14
C ILE A 500 -22.46 10.17 50.49
N ASN A 501 -23.51 10.99 50.50
CA ASN A 501 -24.18 11.44 51.74
C ASN A 501 -25.68 11.18 51.64
N PRO A 502 -26.16 9.94 51.91
CA PRO A 502 -27.58 9.62 51.78
C PRO A 502 -28.45 10.45 52.73
N ASN A 503 -27.95 10.66 53.95
CA ASN A 503 -28.55 11.59 54.93
C ASN A 503 -29.89 11.04 55.40
N TRP A 504 -30.02 9.72 55.49
CA TRP A 504 -31.26 9.06 55.94
C TRP A 504 -31.63 9.58 57.34
N LEU A 505 -32.92 9.51 57.69
CA LEU A 505 -33.47 9.66 59.07
C LEU A 505 -33.10 11.01 59.68
N THR A 506 -33.15 12.08 58.89
CA THR A 506 -32.83 13.46 59.35
C THR A 506 -34.08 14.35 59.34
N ASP A 507 -35.14 13.96 58.64
CA ASP A 507 -36.44 14.67 58.65
C ASP A 507 -37.29 14.11 59.78
N PRO A 508 -37.94 14.97 60.60
CA PRO A 508 -38.78 14.50 61.71
C PRO A 508 -39.91 13.54 61.31
N VAL A 509 -40.40 13.61 60.07
CA VAL A 509 -41.44 12.68 59.57
C VAL A 509 -40.84 11.26 59.49
N ASP A 510 -39.61 11.11 58.99
CA ASP A 510 -38.96 9.77 58.86
C ASP A 510 -38.75 9.20 60.27
N VAL A 511 -38.33 10.04 61.21
CA VAL A 511 -38.05 9.65 62.62
C VAL A 511 -39.32 9.07 63.24
N GLU A 512 -40.45 9.77 63.12
CA GLU A 512 -41.74 9.32 63.70
C GLU A 512 -42.20 8.03 63.01
N LEU A 513 -42.10 7.94 61.68
CA LEU A 513 -42.46 6.75 60.89
C LEU A 513 -41.59 5.55 61.33
N ALA A 514 -40.28 5.76 61.54
CA ALA A 514 -39.32 4.70 61.92
C ALA A 514 -39.78 4.05 63.23
N VAL A 515 -40.22 4.85 64.20
CA VAL A 515 -40.67 4.35 65.53
C VAL A 515 -42.01 3.59 65.36
N ALA A 516 -42.94 4.14 64.57
CA ALA A 516 -44.25 3.52 64.28
C ALA A 516 -44.04 2.14 63.63
N ALA A 517 -43.17 2.06 62.63
CA ALA A 517 -42.91 0.81 61.86
C ALA A 517 -42.38 -0.25 62.83
N PHE A 518 -41.48 0.14 63.73
CA PHE A 518 -40.89 -0.79 64.71
C PHE A 518 -41.98 -1.36 65.60
N LYS A 519 -42.89 -0.51 66.10
CA LYS A 519 -44.00 -0.97 66.97
C LYS A 519 -44.92 -1.93 66.21
N ARG A 520 -45.12 -1.71 64.90
CA ARG A 520 -45.93 -2.65 64.06
C ARG A 520 -45.25 -4.02 63.97
N THR A 521 -43.92 -4.10 64.00
CA THR A 521 -43.22 -5.41 64.00
C THR A 521 -43.53 -6.11 65.32
N ARG A 522 -43.64 -5.34 66.40
CA ARG A 522 -43.97 -5.89 67.76
C ARG A 522 -45.41 -6.42 67.71
N ASP A 523 -46.33 -5.74 67.04
CA ASP A 523 -47.75 -6.18 66.88
C ASP A 523 -47.76 -7.51 66.12
N PHE A 524 -46.98 -7.62 65.04
CA PHE A 524 -46.86 -8.88 64.24
C PHE A 524 -46.46 -10.03 65.18
N PHE A 525 -45.44 -9.80 66.01
CA PHE A 525 -44.83 -10.85 66.87
C PHE A 525 -45.67 -11.12 68.12
N ASN A 526 -46.68 -10.30 68.42
CA ASN A 526 -47.65 -10.56 69.53
C ASN A 526 -48.94 -11.19 68.96
N THR A 527 -49.02 -11.57 67.68
CA THR A 527 -50.23 -12.27 67.14
C THR A 527 -50.30 -13.69 67.70
N THR A 528 -51.50 -14.24 67.85
CA THR A 528 -51.69 -15.65 68.32
C THR A 528 -51.34 -16.59 67.16
N ALA A 529 -51.42 -16.12 65.92
CA ALA A 529 -51.11 -16.91 64.69
C ALA A 529 -49.63 -17.31 64.67
N ILE A 530 -48.71 -16.41 65.06
CA ILE A 530 -47.24 -16.65 64.96
C ILE A 530 -46.73 -17.33 66.22
N LYS A 531 -47.42 -17.20 67.36
CA LYS A 531 -46.93 -17.61 68.70
C LYS A 531 -46.35 -19.03 68.65
N PRO A 532 -47.05 -20.03 68.07
CA PRO A 532 -46.61 -21.43 68.18
C PRO A 532 -45.21 -21.76 67.62
N ILE A 533 -44.59 -20.90 66.80
CA ILE A 533 -43.22 -21.16 66.25
C ILE A 533 -42.17 -20.31 66.99
N LEU A 534 -42.58 -19.38 67.86
CA LEU A 534 -41.64 -18.51 68.61
C LEU A 534 -41.02 -19.29 69.78
N ILE A 535 -39.70 -19.16 69.98
CA ILE A 535 -38.95 -19.79 71.11
C ILE A 535 -38.46 -18.68 72.04
N GLY A 536 -39.14 -18.52 73.18
CA GLY A 536 -38.88 -17.48 74.17
C GLY A 536 -39.24 -16.09 73.65
N PRO A 537 -38.82 -15.03 74.36
CA PRO A 537 -39.19 -13.66 73.97
C PRO A 537 -38.28 -13.13 72.85
N GLU A 538 -38.56 -11.92 72.39
CA GLU A 538 -37.82 -11.23 71.31
C GLU A 538 -36.31 -11.39 71.57
N TYR A 539 -35.59 -11.91 70.58
CA TYR A 539 -34.14 -12.17 70.66
C TYR A 539 -33.38 -10.86 70.41
N PHE A 540 -33.80 -10.08 69.43
CA PHE A 540 -33.11 -8.82 69.05
C PHE A 540 -34.13 -7.78 68.61
N PRO A 541 -34.10 -6.54 69.13
CA PRO A 541 -33.16 -6.14 70.18
C PRO A 541 -33.49 -6.74 71.55
N GLY A 542 -34.75 -7.08 71.81
CA GLY A 542 -35.28 -7.51 73.11
C GLY A 542 -36.16 -6.44 73.73
N SER A 543 -37.06 -6.83 74.65
CA SER A 543 -38.13 -5.96 75.22
C SER A 543 -37.55 -4.76 76.00
N GLN A 544 -36.28 -4.80 76.41
CA GLN A 544 -35.63 -3.70 77.17
C GLN A 544 -35.62 -2.42 76.33
N VAL A 545 -35.78 -2.54 75.00
CA VAL A 545 -36.03 -1.39 74.06
C VAL A 545 -37.53 -1.06 74.10
N ALA A 546 -37.93 -0.04 74.86
CA ALA A 546 -39.33 0.13 75.33
C ALA A 546 -39.87 1.53 75.01
N THR A 547 -39.21 2.59 75.46
CA THR A 547 -39.67 4.00 75.29
C THR A 547 -39.47 4.42 73.83
N ASP A 548 -40.17 5.49 73.40
CA ASP A 548 -39.99 6.07 72.04
C ASP A 548 -38.52 6.38 71.77
N ALA A 549 -37.81 6.99 72.72
CA ALA A 549 -36.41 7.44 72.54
C ALA A 549 -35.46 6.23 72.44
N GLU A 550 -35.74 5.17 73.19
CA GLU A 550 -34.96 3.91 73.17
C GLU A 550 -35.17 3.23 71.81
N ILE A 551 -36.41 3.20 71.31
CA ILE A 551 -36.76 2.62 69.98
C ILE A 551 -36.00 3.40 68.90
N LEU A 552 -36.09 4.72 68.92
CA LEU A 552 -35.40 5.56 67.91
C LEU A 552 -33.90 5.30 67.96
N ASP A 553 -33.30 5.31 69.16
CA ASP A 553 -31.86 5.06 69.39
C ASP A 553 -31.46 3.70 68.79
N HIS A 554 -32.25 2.65 69.05
CA HIS A 554 -32.00 1.28 68.52
C HIS A 554 -32.07 1.30 66.98
N VAL A 555 -33.07 1.98 66.40
CA VAL A 555 -33.21 2.05 64.92
C VAL A 555 -31.99 2.77 64.33
N ARG A 556 -31.55 3.86 64.95
CA ARG A 556 -30.40 4.67 64.47
C ARG A 556 -29.14 3.80 64.47
N LYS A 557 -29.06 2.81 65.35
CA LYS A 557 -27.88 1.90 65.47
C LYS A 557 -28.00 0.72 64.51
N SER A 558 -29.21 0.22 64.26
CA SER A 558 -29.45 -1.10 63.61
C SER A 558 -29.93 -0.96 62.16
N PHE A 559 -30.19 0.24 61.66
CA PHE A 559 -30.73 0.40 60.29
C PHE A 559 -29.56 0.48 59.30
N ASP A 560 -29.85 0.10 58.06
CA ASP A 560 -29.02 0.46 56.90
C ASP A 560 -29.94 0.83 55.75
N THR A 561 -29.37 1.39 54.69
CA THR A 561 -30.01 1.48 53.36
C THR A 561 -30.48 0.09 52.93
N ILE A 562 -31.53 0.06 52.12
CA ILE A 562 -31.99 -1.17 51.41
C ILE A 562 -31.63 -1.03 49.94
N PHE A 563 -30.79 -0.03 49.62
CA PHE A 563 -29.96 0.06 48.40
C PHE A 563 -30.74 0.63 47.22
N HIS A 564 -31.66 1.57 47.47
CA HIS A 564 -32.56 2.15 46.44
C HIS A 564 -32.11 3.60 46.12
N ALA A 565 -30.82 3.91 46.23
CA ALA A 565 -30.27 5.25 45.92
C ALA A 565 -30.75 5.67 44.53
N SER A 566 -31.22 6.91 44.38
CA SER A 566 -31.90 7.39 43.17
C SER A 566 -32.07 8.92 43.16
N CYS A 567 -32.39 9.46 42.00
CA CYS A 567 -32.91 10.84 41.78
C CYS A 567 -31.80 11.89 41.82
N THR A 568 -30.55 11.48 41.59
CA THR A 568 -29.37 12.40 41.60
C THR A 568 -29.18 13.03 40.21
N CYS A 569 -29.92 12.54 39.20
CA CYS A 569 -30.03 13.14 37.85
C CYS A 569 -31.53 13.22 37.50
N ALA A 570 -32.31 13.83 38.39
CA ALA A 570 -33.78 13.69 38.45
C ALA A 570 -34.42 14.12 37.12
N MET A 571 -35.40 13.35 36.67
CA MET A 571 -36.28 13.74 35.55
C MET A 571 -37.23 14.84 36.04
N GLY A 572 -37.37 15.90 35.26
CA GLY A 572 -38.35 16.98 35.48
C GLY A 572 -38.58 17.76 34.21
N LEU A 573 -39.13 18.97 34.34
CA LEU A 573 -39.39 19.89 33.20
C LEU A 573 -38.07 20.56 32.78
N ALA A 574 -37.88 20.79 31.48
CA ALA A 574 -36.68 21.45 30.90
C ALA A 574 -36.45 22.83 31.52
N ASN A 575 -37.51 23.52 31.99
CA ASN A 575 -37.45 24.90 32.54
C ASN A 575 -37.11 24.87 34.05
N ASP A 576 -37.20 23.71 34.71
CA ASP A 576 -36.82 23.52 36.13
C ASP A 576 -35.28 23.50 36.21
N THR A 577 -34.67 24.41 36.97
CA THR A 577 -33.20 24.58 37.06
C THR A 577 -32.60 23.46 37.93
N GLN A 578 -33.42 22.79 38.75
CA GLN A 578 -32.98 21.66 39.63
C GLN A 578 -33.08 20.32 38.88
N ALA A 579 -33.82 20.25 37.77
CA ALA A 579 -33.99 19.00 37.00
C ALA A 579 -32.69 18.73 36.24
N VAL A 580 -32.38 17.46 35.97
CA VAL A 580 -31.15 17.10 35.22
C VAL A 580 -31.54 16.54 33.86
N VAL A 581 -32.61 15.75 33.77
CA VAL A 581 -33.07 15.19 32.47
C VAL A 581 -34.54 15.54 32.27
N ASP A 582 -34.96 15.62 31.00
CA ASP A 582 -36.38 15.79 30.58
C ASP A 582 -37.02 14.40 30.50
N SER A 583 -38.29 14.34 30.07
CA SER A 583 -39.14 13.12 30.08
C SER A 583 -38.63 12.09 29.08
N LYS A 584 -37.73 12.49 28.18
CA LYS A 584 -37.09 11.61 27.16
C LYS A 584 -35.69 11.21 27.66
N ALA A 585 -35.36 11.54 28.91
CA ALA A 585 -34.11 11.21 29.60
C ALA A 585 -32.93 11.98 28.99
N ARG A 586 -33.19 13.05 28.25
CA ARG A 586 -32.11 13.91 27.69
C ARG A 586 -31.59 14.84 28.78
N VAL A 587 -30.27 14.96 28.90
CA VAL A 587 -29.63 15.89 29.87
C VAL A 587 -29.91 17.31 29.41
N ILE A 588 -30.52 18.12 30.29
CA ILE A 588 -30.87 19.54 30.01
C ILE A 588 -29.58 20.34 29.92
N GLY A 589 -29.42 21.15 28.88
CA GLY A 589 -28.31 22.10 28.72
C GLY A 589 -27.27 21.61 27.71
N VAL A 590 -27.39 20.35 27.24
CA VAL A 590 -26.41 19.72 26.31
C VAL A 590 -27.20 18.88 25.29
N GLU A 591 -26.51 18.32 24.30
CA GLU A 591 -27.12 17.52 23.21
C GLU A 591 -26.48 16.13 23.14
N ALA A 592 -27.29 15.15 22.74
CA ALA A 592 -26.88 13.78 22.37
C ALA A 592 -26.42 13.03 23.64
N LEU A 593 -26.90 13.44 24.82
CA LEU A 593 -26.57 12.78 26.11
C LEU A 593 -27.84 12.50 26.88
N ARG A 594 -28.08 11.22 27.18
CA ARG A 594 -29.19 10.78 28.07
C ARG A 594 -28.63 10.13 29.33
N VAL A 595 -29.45 10.11 30.38
CA VAL A 595 -29.21 9.32 31.62
C VAL A 595 -30.38 8.35 31.77
N VAL A 596 -30.09 7.05 31.81
CA VAL A 596 -31.09 5.98 32.00
C VAL A 596 -30.54 5.04 33.08
N ASP A 597 -31.00 5.25 34.32
CA ASP A 597 -30.65 4.45 35.53
C ASP A 597 -31.43 5.04 36.71
N ALA A 598 -31.19 4.56 37.92
CA ALA A 598 -31.91 5.02 39.14
C ALA A 598 -31.71 6.52 39.33
N SER A 599 -30.61 7.10 38.86
CA SER A 599 -30.32 8.55 39.02
C SER A 599 -31.38 9.37 38.28
N ALA A 600 -31.93 8.84 37.17
CA ALA A 600 -32.89 9.56 36.29
C ALA A 600 -34.31 9.60 36.87
N LEU A 601 -34.63 8.83 37.92
CA LEU A 601 -36.04 8.81 38.43
C LEU A 601 -36.38 10.21 38.94
N PRO A 602 -37.64 10.69 38.77
CA PRO A 602 -38.02 12.03 39.24
C PRO A 602 -38.13 12.08 40.76
N PHE A 603 -38.52 10.96 41.35
CA PHE A 603 -38.64 10.74 42.81
C PHE A 603 -38.66 9.21 42.98
N LEU A 604 -38.44 8.72 44.19
CA LEU A 604 -38.36 7.26 44.43
C LEU A 604 -39.79 6.74 44.67
N PRO A 605 -40.33 5.87 43.78
CA PRO A 605 -41.65 5.29 44.02
C PRO A 605 -41.56 4.28 45.15
N PRO A 606 -42.69 3.84 45.72
CA PRO A 606 -42.64 2.95 46.86
C PRO A 606 -42.06 1.57 46.46
N GLY A 607 -41.18 1.06 47.30
CA GLY A 607 -40.70 -0.33 47.22
C GLY A 607 -39.49 -0.49 46.32
N HIS A 608 -39.42 -1.64 45.65
CA HIS A 608 -38.23 -2.20 44.96
C HIS A 608 -38.19 -1.68 43.52
N PRO A 609 -37.13 -0.93 43.15
CA PRO A 609 -37.12 -0.22 41.88
C PRO A 609 -36.62 -0.95 40.61
N GLN A 610 -36.08 -2.17 40.71
CA GLN A 610 -35.46 -2.81 39.52
C GLN A 610 -36.50 -2.97 38.39
N SER A 611 -37.73 -3.36 38.68
CA SER A 611 -38.82 -3.50 37.66
C SER A 611 -38.95 -2.21 36.85
N THR A 612 -38.92 -1.06 37.54
CA THR A 612 -39.10 0.28 36.94
C THR A 612 -37.88 0.65 36.10
N LEU A 613 -36.69 0.24 36.51
CA LEU A 613 -35.44 0.56 35.76
C LEU A 613 -35.39 -0.27 34.48
N TYR A 614 -35.76 -1.56 34.52
CA TYR A 614 -35.89 -2.39 33.30
C TYR A 614 -36.86 -1.72 32.34
N ALA A 615 -38.01 -1.31 32.86
CA ALA A 615 -39.11 -0.69 32.08
C ALA A 615 -38.63 0.63 31.48
N LEU A 616 -38.02 1.49 32.30
CA LEU A 616 -37.51 2.80 31.82
C LEU A 616 -36.50 2.58 30.69
N ALA A 617 -35.63 1.57 30.82
CA ALA A 617 -34.62 1.27 29.78
C ALA A 617 -35.35 0.82 28.51
N GLU A 618 -36.35 -0.04 28.63
CA GLU A 618 -37.18 -0.47 27.48
C GLU A 618 -37.80 0.75 26.78
N LYS A 619 -38.33 1.68 27.58
CA LYS A 619 -39.03 2.88 27.07
C LYS A 619 -38.05 3.80 26.35
N ILE A 620 -36.92 4.15 26.96
CA ILE A 620 -35.97 5.13 26.33
C ILE A 620 -35.33 4.48 25.11
N ALA A 621 -35.16 3.16 25.09
CA ALA A 621 -34.67 2.42 23.89
C ALA A 621 -35.60 2.71 22.70
N CYS A 622 -36.90 2.51 22.88
CA CYS A 622 -37.95 2.79 21.85
C CYS A 622 -37.98 4.27 21.48
N GLU A 623 -37.87 5.17 22.47
CA GLU A 623 -37.84 6.63 22.25
C GLU A 623 -36.67 6.95 21.29
N ILE A 624 -35.50 6.34 21.51
CA ILE A 624 -34.26 6.62 20.73
C ILE A 624 -34.41 6.04 19.33
N SER A 625 -34.90 4.80 19.21
CA SER A 625 -34.83 4.01 17.96
C SER A 625 -36.00 4.37 17.04
N GLY A 626 -37.19 4.56 17.60
CA GLY A 626 -38.47 4.71 16.87
C GLY A 626 -38.87 3.45 16.10
N ASN A 627 -38.32 2.27 16.43
CA ASN A 627 -38.50 1.03 15.63
C ASN A 627 -39.09 -0.09 16.49
N CYS A 628 -40.02 0.25 17.40
CA CYS A 628 -40.75 -0.75 18.23
C CYS A 628 -42.14 -1.01 17.63
N MET B 39 -38.12 -17.79 -15.99
CA MET B 39 -39.49 -18.03 -16.57
C MET B 39 -39.83 -16.92 -17.57
N LEU B 40 -39.95 -17.27 -18.85
CA LEU B 40 -40.10 -16.29 -19.95
C LEU B 40 -41.29 -15.37 -19.67
N GLY B 41 -42.42 -15.95 -19.26
CA GLY B 41 -43.70 -15.22 -19.13
C GLY B 41 -43.62 -14.15 -18.06
N SER B 42 -42.74 -14.32 -17.07
CA SER B 42 -42.57 -13.36 -15.96
C SER B 42 -42.17 -11.98 -16.53
N SER B 43 -41.58 -11.92 -17.72
CA SER B 43 -41.10 -10.67 -18.35
C SER B 43 -42.23 -9.90 -19.08
N PHE B 44 -43.37 -10.53 -19.35
CA PHE B 44 -44.39 -9.98 -20.29
C PHE B 44 -45.61 -9.53 -19.51
N GLY B 45 -46.13 -8.35 -19.86
CA GLY B 45 -47.17 -7.66 -19.09
C GLY B 45 -48.56 -8.12 -19.47
N ILE B 46 -49.51 -7.98 -18.53
CA ILE B 46 -50.96 -8.24 -18.74
C ILE B 46 -51.62 -6.92 -19.06
N PRO B 47 -52.44 -6.84 -20.13
CA PRO B 47 -53.09 -5.59 -20.53
C PRO B 47 -54.22 -5.13 -19.59
N LYS B 48 -53.85 -4.52 -18.47
CA LYS B 48 -54.77 -3.89 -17.49
C LYS B 48 -54.09 -2.67 -16.85
N ASN B 49 -54.87 -1.81 -16.21
CA ASN B 49 -54.38 -0.61 -15.48
C ASN B 49 -53.34 -1.04 -14.45
N GLN B 50 -52.16 -0.44 -14.45
CA GLN B 50 -51.13 -0.69 -13.42
C GLN B 50 -50.07 0.39 -13.49
N THR B 51 -49.20 0.42 -12.49
CA THR B 51 -48.25 1.53 -12.25
C THR B 51 -46.82 0.97 -12.31
N PHE B 52 -45.95 1.68 -13.01
CA PHE B 52 -44.49 1.43 -13.03
C PHE B 52 -43.80 2.74 -12.66
N ASP B 53 -42.52 2.66 -12.31
CA ASP B 53 -41.69 3.86 -12.07
C ASP B 53 -41.44 4.55 -13.41
N TYR B 54 -41.06 3.78 -14.45
CA TYR B 54 -40.74 4.34 -15.80
C TYR B 54 -41.53 3.61 -16.89
N LEU B 55 -41.99 4.35 -17.89
CA LEU B 55 -42.56 3.80 -19.13
C LEU B 55 -41.69 4.25 -20.29
N VAL B 56 -41.34 3.32 -21.16
CA VAL B 56 -40.69 3.60 -22.47
C VAL B 56 -41.71 3.25 -23.55
N ILE B 57 -42.06 4.23 -24.37
CA ILE B 57 -42.98 4.06 -25.52
C ILE B 57 -42.13 3.80 -26.77
N GLY B 58 -42.24 2.60 -27.33
CA GLY B 58 -41.51 2.16 -28.52
C GLY B 58 -40.41 1.20 -28.12
N GLY B 59 -40.58 -0.08 -28.45
CA GLY B 59 -39.56 -1.13 -28.24
C GLY B 59 -38.64 -1.24 -29.43
N GLY B 60 -38.07 -0.13 -29.88
CA GLY B 60 -37.20 -0.05 -31.06
C GLY B 60 -35.72 0.02 -30.71
N THR B 61 -34.92 0.64 -31.58
CA THR B 61 -33.45 0.71 -31.43
C THR B 61 -33.11 1.36 -30.08
N ALA B 62 -33.53 2.61 -29.90
CA ALA B 62 -33.28 3.39 -28.68
C ALA B 62 -34.12 2.83 -27.53
N GLY B 63 -35.38 2.52 -27.80
CA GLY B 63 -36.38 2.10 -26.80
C GLY B 63 -35.90 0.94 -25.95
N LEU B 64 -35.52 -0.18 -26.57
CA LEU B 64 -35.16 -1.41 -25.84
C LEU B 64 -33.83 -1.17 -25.11
N THR B 65 -32.98 -0.31 -25.66
CA THR B 65 -31.66 0.01 -25.08
C THR B 65 -31.88 0.75 -23.76
N ILE B 66 -32.65 1.84 -23.78
CA ILE B 66 -32.83 2.68 -22.56
C ILE B 66 -33.67 1.91 -21.55
N ALA B 67 -34.67 1.15 -21.99
CA ALA B 67 -35.54 0.34 -21.09
C ALA B 67 -34.67 -0.66 -20.35
N THR B 68 -33.79 -1.39 -21.04
CA THR B 68 -32.94 -2.42 -20.42
C THR B 68 -31.96 -1.78 -19.44
N ARG B 69 -31.31 -0.69 -19.85
CA ARG B 69 -30.29 0.02 -19.01
C ARG B 69 -30.96 0.63 -17.77
N LEU B 70 -32.11 1.27 -17.91
CA LEU B 70 -32.85 1.82 -16.74
C LEU B 70 -33.13 0.68 -15.76
N ALA B 71 -33.64 -0.46 -16.24
CA ALA B 71 -33.98 -1.63 -15.40
C ALA B 71 -32.75 -2.12 -14.63
N GLU B 72 -31.55 -2.05 -15.24
CA GLU B 72 -30.29 -2.56 -14.64
C GLU B 72 -29.66 -1.55 -13.66
N GLN B 73 -30.10 -0.29 -13.67
CA GLN B 73 -29.38 0.83 -13.00
C GLN B 73 -30.12 1.24 -11.72
N GLY B 74 -31.04 0.41 -11.22
CA GLY B 74 -31.60 0.49 -9.86
C GLY B 74 -32.52 1.67 -9.64
N VAL B 75 -33.32 2.04 -10.64
CA VAL B 75 -34.25 3.21 -10.56
C VAL B 75 -35.67 2.73 -10.28
N GLY B 76 -35.87 1.42 -10.16
CA GLY B 76 -37.18 0.79 -9.92
C GLY B 76 -37.73 0.07 -11.14
N SER B 77 -39.06 -0.01 -11.25
CA SER B 77 -39.75 -0.82 -12.28
C SER B 77 -39.81 -0.03 -13.59
N VAL B 78 -39.52 -0.71 -14.70
CA VAL B 78 -39.59 -0.16 -16.08
C VAL B 78 -40.49 -1.04 -16.93
N ALA B 79 -41.40 -0.43 -17.69
CA ALA B 79 -42.24 -1.10 -18.69
C ALA B 79 -41.93 -0.49 -20.04
N VAL B 80 -41.79 -1.34 -21.07
CA VAL B 80 -41.61 -0.91 -22.48
C VAL B 80 -42.85 -1.37 -23.28
N ILE B 81 -43.37 -0.47 -24.10
CA ILE B 81 -44.64 -0.64 -24.87
C ILE B 81 -44.26 -0.68 -26.35
N GLU B 82 -44.56 -1.78 -27.04
CA GLU B 82 -44.22 -1.94 -28.48
C GLU B 82 -45.44 -2.50 -29.23
N ALA B 83 -45.77 -1.87 -30.35
CA ALA B 83 -46.95 -2.18 -31.20
C ALA B 83 -46.76 -3.53 -31.91
N GLY B 84 -45.53 -3.89 -32.23
CA GLY B 84 -45.21 -5.15 -32.94
C GLY B 84 -44.89 -6.28 -32.00
N GLY B 85 -44.55 -7.43 -32.56
CA GLY B 85 -44.09 -8.63 -31.84
C GLY B 85 -42.64 -8.93 -32.19
N PHE B 86 -42.24 -10.18 -31.97
CA PHE B 86 -40.90 -10.69 -32.36
C PHE B 86 -40.87 -10.90 -33.87
N TYR B 87 -39.83 -10.41 -34.51
CA TYR B 87 -39.63 -10.51 -35.97
C TYR B 87 -39.27 -11.96 -36.33
N GLU B 88 -38.75 -12.71 -35.38
CA GLU B 88 -38.44 -14.16 -35.51
C GLU B 88 -39.74 -14.95 -35.68
N LEU B 89 -40.89 -14.44 -35.23
CA LEU B 89 -42.20 -15.14 -35.34
C LEU B 89 -43.02 -14.54 -36.49
N ASN B 90 -42.73 -13.30 -36.91
CA ASN B 90 -43.68 -12.50 -37.71
C ASN B 90 -43.13 -12.20 -39.11
N ASN B 91 -41.89 -12.59 -39.40
CA ASN B 91 -41.27 -12.32 -40.71
C ASN B 91 -40.35 -13.49 -41.10
N GLY B 92 -40.73 -14.71 -40.77
CA GLY B 92 -39.92 -15.90 -41.09
C GLY B 92 -38.51 -15.73 -40.54
N ASN B 93 -37.51 -16.14 -41.33
CA ASN B 93 -36.06 -15.94 -41.05
C ASN B 93 -35.54 -14.73 -41.85
N LEU B 94 -36.41 -13.94 -42.48
CA LEU B 94 -36.00 -12.82 -43.39
C LEU B 94 -35.27 -11.71 -42.62
N SER B 95 -35.64 -11.42 -41.38
CA SER B 95 -34.99 -10.38 -40.54
C SER B 95 -33.77 -10.92 -39.78
N GLN B 96 -33.61 -12.25 -39.71
CA GLN B 96 -32.47 -12.86 -38.98
C GLN B 96 -31.27 -13.04 -39.92
N ILE B 97 -31.50 -13.20 -41.22
CA ILE B 97 -30.40 -13.46 -42.21
C ILE B 97 -29.95 -12.14 -42.83
N PRO B 98 -28.67 -11.73 -42.64
CA PRO B 98 -28.21 -10.42 -43.13
C PRO B 98 -28.48 -10.20 -44.62
N ALA B 99 -28.27 -11.22 -45.46
CA ALA B 99 -28.41 -11.12 -46.93
C ALA B 99 -29.87 -10.90 -47.34
N GLN B 100 -30.83 -11.10 -46.44
CA GLN B 100 -32.27 -10.95 -46.76
C GLN B 100 -32.76 -9.55 -46.36
N ASP B 101 -31.87 -8.59 -46.16
CA ASP B 101 -32.23 -7.24 -45.65
C ASP B 101 -32.96 -6.42 -46.72
N ALA B 102 -32.94 -6.84 -47.99
CA ALA B 102 -33.58 -6.11 -49.12
C ALA B 102 -35.09 -6.40 -49.19
N PHE B 103 -35.60 -7.38 -48.45
CA PHE B 103 -37.05 -7.68 -48.42
C PHE B 103 -37.78 -6.50 -47.78
N TYR B 104 -38.79 -5.99 -48.48
CA TYR B 104 -39.84 -5.09 -47.94
C TYR B 104 -39.29 -3.69 -47.67
N VAL B 105 -38.39 -3.19 -48.52
CA VAL B 105 -37.79 -1.83 -48.36
C VAL B 105 -37.97 -0.99 -49.62
N GLY B 106 -38.54 -1.54 -50.70
CA GLY B 106 -38.76 -0.83 -51.98
C GLY B 106 -39.77 0.31 -51.85
N THR B 107 -39.78 1.21 -52.83
CA THR B 107 -40.72 2.37 -52.89
C THR B 107 -42.15 1.92 -53.22
N ASP B 108 -42.37 0.73 -53.81
CA ASP B 108 -43.74 0.26 -54.15
C ASP B 108 -44.62 0.25 -52.90
N LEU B 109 -45.84 0.81 -52.99
CA LEU B 109 -46.77 0.97 -51.85
C LEU B 109 -47.14 -0.39 -51.25
N ASP B 110 -47.00 -1.48 -51.99
CA ASP B 110 -47.40 -2.83 -51.49
C ASP B 110 -46.18 -3.64 -51.01
N ASP B 111 -44.94 -3.12 -51.09
CA ASP B 111 -43.72 -3.89 -50.72
C ASP B 111 -43.51 -3.85 -49.19
N TRP B 112 -44.42 -4.46 -48.45
CA TRP B 112 -44.38 -4.59 -46.98
C TRP B 112 -45.38 -5.66 -46.57
N GLN B 113 -45.27 -6.17 -45.33
CA GLN B 113 -46.30 -7.02 -44.70
C GLN B 113 -46.36 -6.63 -43.23
N PRO B 114 -47.55 -6.69 -42.59
CA PRO B 114 -47.77 -6.02 -41.31
C PRO B 114 -47.05 -6.62 -40.10
N GLY B 115 -46.39 -7.78 -40.29
CA GLY B 115 -45.62 -8.45 -39.23
C GLY B 115 -44.28 -7.78 -38.94
N ILE B 116 -43.70 -6.99 -39.88
CA ILE B 116 -42.40 -6.28 -39.65
C ILE B 116 -42.46 -4.82 -40.07
N ASP B 117 -43.54 -4.33 -40.69
CA ASP B 117 -43.52 -2.98 -41.31
C ASP B 117 -44.83 -2.25 -41.05
N TRP B 118 -44.76 -0.92 -40.91
CA TRP B 118 -45.93 -0.06 -40.62
C TRP B 118 -46.74 0.20 -41.90
N GLY B 119 -46.16 -0.03 -43.07
CA GLY B 119 -46.80 0.25 -44.37
C GLY B 119 -46.98 1.75 -44.60
N PHE B 120 -46.13 2.59 -44.02
CA PHE B 120 -46.16 4.06 -44.21
C PHE B 120 -45.76 4.41 -45.64
N HIS B 121 -46.43 5.40 -46.22
CA HIS B 121 -46.06 6.02 -47.52
C HIS B 121 -45.88 7.53 -47.30
N THR B 122 -45.12 8.17 -48.18
CA THR B 122 -44.88 9.63 -48.18
C THR B 122 -46.09 10.35 -48.81
N THR B 123 -46.18 11.65 -48.59
CA THR B 123 -46.92 12.62 -49.44
C THR B 123 -46.28 12.59 -50.83
N PRO B 124 -46.94 13.15 -51.88
CA PRO B 124 -46.32 13.28 -53.19
C PRO B 124 -45.05 14.15 -53.05
N GLN B 125 -43.91 13.67 -53.56
CA GLN B 125 -42.57 14.20 -53.22
C GLN B 125 -42.09 15.17 -54.31
N ALA B 126 -41.96 16.44 -53.93
CA ALA B 126 -41.60 17.57 -54.84
C ALA B 126 -40.27 17.28 -55.53
N GLY B 127 -39.35 16.55 -54.86
CA GLY B 127 -38.00 16.29 -55.41
C GLY B 127 -37.94 15.01 -56.21
N ALA B 128 -39.03 14.24 -56.25
CA ALA B 128 -39.09 12.91 -56.89
C ALA B 128 -40.27 12.83 -57.85
N TYR B 129 -40.54 13.93 -58.58
CA TYR B 129 -41.59 13.99 -59.63
C TYR B 129 -42.93 13.54 -59.03
N ASP B 130 -43.19 13.96 -57.78
CA ASP B 130 -44.47 13.76 -57.06
C ASP B 130 -44.70 12.26 -56.76
N ARG B 131 -43.66 11.42 -56.84
CA ARG B 131 -43.75 9.99 -56.48
C ARG B 131 -44.23 9.88 -55.02
N VAL B 132 -45.24 9.06 -54.79
CA VAL B 132 -45.70 8.57 -53.46
C VAL B 132 -44.98 7.23 -53.23
N SER B 133 -44.12 7.14 -52.21
CA SER B 133 -43.22 5.98 -51.99
C SER B 133 -43.45 5.39 -50.59
N HIS B 134 -43.34 4.06 -50.49
CA HIS B 134 -43.25 3.32 -49.21
C HIS B 134 -41.98 3.76 -48.48
N TYR B 135 -42.10 4.14 -47.21
CA TYR B 135 -40.94 4.43 -46.31
C TYR B 135 -40.91 3.34 -45.23
N ALA B 136 -40.05 2.33 -45.43
CA ALA B 136 -39.90 1.20 -44.50
C ALA B 136 -39.61 1.69 -43.08
N ARG B 137 -40.37 1.18 -42.12
CA ARG B 137 -40.19 1.33 -40.66
C ARG B 137 -40.50 0.00 -39.99
N GLY B 138 -39.63 -0.43 -39.08
CA GLY B 138 -39.83 -1.65 -38.30
C GLY B 138 -41.04 -1.52 -37.40
N LYS B 139 -41.94 -2.49 -37.47
CA LYS B 139 -43.02 -2.69 -36.49
C LYS B 139 -42.80 -4.07 -35.85
N CYS B 140 -42.07 -4.07 -34.74
CA CYS B 140 -41.52 -5.27 -34.07
C CYS B 140 -40.64 -4.82 -32.91
N LEU B 141 -40.43 -5.70 -31.94
CA LEU B 141 -39.36 -5.52 -30.94
C LEU B 141 -38.03 -5.40 -31.70
N GLY B 142 -37.33 -4.29 -31.52
CA GLY B 142 -36.10 -3.95 -32.25
C GLY B 142 -36.33 -2.81 -33.21
N GLY B 143 -37.59 -2.55 -33.53
CA GLY B 143 -37.98 -1.49 -34.47
C GLY B 143 -37.17 -1.60 -35.74
N SER B 144 -36.54 -0.50 -36.16
CA SER B 144 -35.84 -0.44 -37.45
C SER B 144 -34.45 -1.10 -37.36
N SER B 145 -33.99 -1.47 -36.16
CA SER B 145 -32.77 -2.30 -36.00
C SER B 145 -33.07 -3.75 -36.43
N ALA B 146 -34.34 -4.11 -36.59
CA ALA B 146 -34.75 -5.42 -37.19
C ALA B 146 -34.66 -5.36 -38.71
N ARG B 147 -34.61 -4.16 -39.30
CA ARG B 147 -34.85 -3.88 -40.75
C ARG B 147 -33.62 -3.29 -41.43
N ASN B 148 -32.64 -2.78 -40.68
CA ASN B 148 -31.56 -1.94 -41.25
C ASN B 148 -30.52 -2.83 -41.95
N TYR B 149 -29.53 -2.22 -42.58
CA TYR B 149 -28.46 -2.93 -43.33
C TYR B 149 -27.27 -3.17 -42.39
N MET B 150 -27.45 -2.93 -41.09
CA MET B 150 -26.59 -3.41 -39.98
C MET B 150 -25.28 -2.61 -39.91
N ALA B 151 -25.10 -1.55 -40.70
CA ALA B 151 -23.85 -0.76 -40.72
C ALA B 151 -23.66 -0.06 -39.37
N TYR B 152 -22.50 -0.25 -38.74
CA TYR B 152 -22.08 0.45 -37.50
C TYR B 152 -20.93 1.38 -37.87
N GLN B 153 -21.19 2.69 -37.87
CA GLN B 153 -20.19 3.76 -38.12
C GLN B 153 -20.59 4.98 -37.29
N ARG B 154 -19.61 5.69 -36.74
CA ARG B 154 -19.86 6.87 -35.87
C ARG B 154 -19.60 8.14 -36.70
N GLY B 155 -20.11 9.28 -36.24
CA GLY B 155 -19.85 10.59 -36.84
C GLY B 155 -18.43 11.07 -36.61
N THR B 156 -18.19 12.37 -36.85
CA THR B 156 -16.84 13.00 -36.79
C THR B 156 -16.72 13.82 -35.52
N LYS B 157 -15.47 14.07 -35.10
CA LYS B 157 -15.16 14.90 -33.91
C LYS B 157 -15.84 16.27 -34.09
N ALA B 158 -15.80 16.84 -35.30
CA ALA B 158 -16.31 18.20 -35.55
C ALA B 158 -17.85 18.19 -35.52
N ALA B 159 -18.49 17.10 -35.94
CA ALA B 159 -19.97 16.95 -35.84
C ALA B 159 -20.36 16.96 -34.35
N HIS B 160 -19.61 16.24 -33.52
CA HIS B 160 -19.82 16.20 -32.05
C HIS B 160 -19.55 17.59 -31.45
N GLN B 161 -18.56 18.33 -31.98
CA GLN B 161 -18.29 19.72 -31.54
C GLN B 161 -19.52 20.58 -31.84
N ARG B 162 -20.07 20.50 -33.07
CA ARG B 162 -21.27 21.27 -33.47
C ARG B 162 -22.46 20.86 -32.57
N TRP B 163 -22.57 19.58 -32.23
CA TRP B 163 -23.68 19.07 -31.37
C TRP B 163 -23.59 19.78 -30.01
N ALA B 164 -22.41 19.75 -29.40
CA ALA B 164 -22.14 20.37 -28.08
C ALA B 164 -22.56 21.86 -28.13
N ASP B 165 -22.18 22.56 -29.19
CA ASP B 165 -22.43 24.03 -29.35
C ASP B 165 -23.95 24.26 -29.47
N THR B 166 -24.64 23.50 -30.31
CA THR B 166 -26.07 23.72 -30.63
C THR B 166 -26.94 23.51 -29.39
N VAL B 167 -26.59 22.55 -28.54
CA VAL B 167 -27.45 22.14 -27.39
C VAL B 167 -26.89 22.70 -26.08
N GLY B 168 -25.72 23.32 -26.11
CA GLY B 168 -25.11 24.02 -24.95
C GLY B 168 -24.68 23.04 -23.87
N ASP B 169 -24.01 21.94 -24.24
CA ASP B 169 -23.63 20.84 -23.32
C ASP B 169 -22.41 20.13 -23.89
N SER B 170 -21.26 20.29 -23.24
CA SER B 170 -19.95 19.80 -23.71
C SER B 170 -19.85 18.28 -23.54
N SER B 171 -20.79 17.64 -22.83
CA SER B 171 -20.82 16.16 -22.70
C SER B 171 -21.08 15.49 -24.06
N TYR B 172 -21.45 16.25 -25.10
CA TYR B 172 -21.67 15.72 -26.48
C TYR B 172 -20.39 15.80 -27.32
N THR B 173 -19.31 16.42 -26.84
CA THR B 173 -18.00 16.43 -27.55
C THR B 173 -17.45 15.01 -27.62
N TRP B 174 -16.66 14.71 -28.64
CA TRP B 174 -16.18 13.34 -28.95
C TRP B 174 -15.69 12.64 -27.67
N GLU B 175 -14.76 13.26 -26.96
CA GLU B 175 -13.96 12.63 -25.87
C GLU B 175 -14.89 12.31 -24.70
N GLN B 176 -15.91 13.13 -24.45
CA GLN B 176 -16.89 12.94 -23.34
C GLN B 176 -17.96 11.91 -23.73
N PHE B 177 -18.33 11.84 -25.01
CA PHE B 177 -19.44 10.99 -25.51
C PHE B 177 -18.93 9.56 -25.78
N LEU B 178 -17.65 9.42 -26.15
CA LEU B 178 -17.06 8.13 -26.61
C LEU B 178 -17.37 6.96 -25.67
N PRO B 179 -17.27 7.08 -24.32
CA PRO B 179 -17.53 5.93 -23.45
C PRO B 179 -18.94 5.36 -23.62
N PHE B 180 -19.92 6.20 -23.97
CA PHE B 180 -21.32 5.77 -24.23
C PHE B 180 -21.39 4.97 -25.54
N PHE B 181 -20.53 5.28 -26.53
CA PHE B 181 -20.39 4.48 -27.77
C PHE B 181 -19.79 3.11 -27.44
N GLU B 182 -18.84 3.04 -26.50
CA GLU B 182 -18.05 1.81 -26.23
C GLU B 182 -18.83 0.86 -25.31
N LYS B 183 -19.60 1.41 -24.39
CA LYS B 183 -20.37 0.67 -23.36
C LYS B 183 -21.20 -0.46 -23.98
N SER B 184 -21.81 -0.24 -25.15
CA SER B 184 -22.80 -1.17 -25.76
C SER B 184 -22.14 -2.45 -26.32
N LEU B 185 -20.84 -2.42 -26.64
CA LEU B 185 -20.28 -3.30 -27.71
C LEU B 185 -19.66 -4.59 -27.18
N HIS B 186 -19.77 -5.63 -28.01
CA HIS B 186 -18.94 -6.86 -27.97
C HIS B 186 -18.35 -7.01 -29.39
N PHE B 187 -17.13 -6.55 -29.55
CA PHE B 187 -16.37 -6.60 -30.83
C PHE B 187 -15.73 -7.97 -30.97
N THR B 188 -15.83 -8.56 -32.16
CA THR B 188 -15.05 -9.74 -32.61
C THR B 188 -14.26 -9.35 -33.85
N PRO B 189 -12.92 -9.57 -33.87
CA PRO B 189 -12.10 -9.28 -35.04
C PRO B 189 -12.53 -10.06 -36.28
N ALA B 190 -12.13 -9.56 -37.45
CA ALA B 190 -12.34 -10.22 -38.76
C ALA B 190 -11.77 -11.63 -38.70
N ASN B 191 -12.52 -12.59 -39.24
CA ASN B 191 -12.08 -14.01 -39.38
C ASN B 191 -11.47 -14.17 -40.78
N ASP B 192 -10.14 -14.17 -40.86
CA ASP B 192 -9.41 -14.14 -42.16
C ASP B 192 -9.60 -15.49 -42.87
N ALA B 193 -9.68 -16.58 -42.11
CA ALA B 193 -9.83 -17.95 -42.67
C ALA B 193 -11.12 -18.08 -43.49
N LEU B 194 -12.25 -17.57 -42.99
CA LEU B 194 -13.57 -17.66 -43.71
C LEU B 194 -13.68 -16.57 -44.78
N ARG B 195 -13.15 -15.37 -44.52
CA ARG B 195 -13.27 -14.21 -45.45
C ARG B 195 -12.35 -14.41 -46.67
N GLY B 196 -11.19 -15.05 -46.49
CA GLY B 196 -10.09 -15.14 -47.48
C GLY B 196 -9.09 -14.00 -47.29
N ALA B 197 -7.83 -14.23 -47.67
CA ALA B 197 -6.69 -13.28 -47.51
C ALA B 197 -6.94 -11.96 -48.26
N ASN B 198 -7.50 -12.02 -49.48
CA ASN B 198 -8.02 -10.91 -50.31
C ASN B 198 -8.77 -9.85 -49.49
N ALA B 199 -9.48 -10.28 -48.45
CA ALA B 199 -10.53 -9.47 -47.76
C ALA B 199 -10.05 -9.04 -46.38
N SER B 200 -8.72 -9.03 -46.15
CA SER B 200 -8.09 -8.50 -44.91
C SER B 200 -8.62 -7.09 -44.65
N VAL B 201 -8.77 -6.77 -43.38
CA VAL B 201 -9.45 -5.55 -42.88
C VAL B 201 -8.42 -4.71 -42.13
N VAL B 202 -8.65 -3.40 -42.05
CA VAL B 202 -7.87 -2.44 -41.22
C VAL B 202 -8.83 -1.82 -40.20
N SER B 203 -8.69 -2.19 -38.92
CA SER B 203 -9.62 -1.84 -37.81
C SER B 203 -8.88 -1.09 -36.69
N ASP B 204 -9.65 -0.45 -35.79
CA ASP B 204 -9.15 0.22 -34.56
C ASP B 204 -9.89 -0.39 -33.38
N PRO B 205 -9.40 -1.53 -32.82
CA PRO B 205 -10.09 -2.19 -31.71
C PRO B 205 -10.18 -1.36 -30.42
N SER B 206 -9.32 -0.35 -30.26
CA SER B 206 -9.17 0.41 -28.99
C SER B 206 -10.43 1.24 -28.70
N VAL B 207 -11.32 1.43 -29.67
CA VAL B 207 -12.56 2.27 -29.49
C VAL B 207 -13.82 1.39 -29.59
N LEU B 208 -13.68 0.07 -29.54
CA LEU B 208 -14.82 -0.87 -29.77
C LEU B 208 -15.15 -1.64 -28.48
N GLY B 209 -14.84 -1.05 -27.33
CA GLY B 209 -15.28 -1.50 -26.00
C GLY B 209 -14.43 -2.63 -25.43
N ASN B 210 -14.91 -3.22 -24.33
CA ASN B 210 -14.15 -4.20 -23.50
C ASN B 210 -14.77 -5.60 -23.62
N GLY B 211 -15.75 -5.82 -24.50
CA GLY B 211 -16.37 -7.15 -24.70
C GLY B 211 -17.60 -7.41 -23.83
N ASP B 212 -17.94 -6.51 -22.89
CA ASP B 212 -18.95 -6.77 -21.83
C ASP B 212 -20.35 -6.39 -22.30
N GLY B 213 -20.46 -5.53 -23.32
CA GLY B 213 -21.75 -5.02 -23.84
C GLY B 213 -22.49 -6.09 -24.63
N PRO B 214 -23.83 -6.01 -24.73
CA PRO B 214 -24.61 -7.04 -25.43
C PRO B 214 -24.69 -6.89 -26.96
N LEU B 215 -24.26 -5.74 -27.51
CA LEU B 215 -24.39 -5.45 -28.96
C LEU B 215 -23.16 -5.97 -29.71
N SER B 216 -23.32 -7.12 -30.36
CA SER B 216 -22.32 -7.74 -31.27
C SER B 216 -22.02 -6.75 -32.40
N VAL B 217 -20.75 -6.42 -32.60
CA VAL B 217 -20.26 -5.73 -33.82
C VAL B 217 -19.06 -6.54 -34.34
N THR B 218 -19.06 -6.82 -35.63
CA THR B 218 -18.00 -7.60 -36.25
C THR B 218 -18.00 -7.35 -37.75
N TYR B 219 -17.08 -8.01 -38.42
CA TYR B 219 -16.94 -8.06 -39.89
C TYR B 219 -17.68 -9.31 -40.33
N PRO B 220 -18.38 -9.27 -41.48
CA PRO B 220 -19.04 -10.46 -41.99
C PRO B 220 -18.02 -11.60 -42.25
N HIS B 221 -18.47 -12.85 -42.12
CA HIS B 221 -17.70 -14.09 -42.42
C HIS B 221 -17.49 -14.25 -43.92
N TYR B 222 -18.23 -13.48 -44.72
CA TYR B 222 -18.16 -13.50 -46.19
C TYR B 222 -18.04 -12.05 -46.69
N ALA B 223 -17.02 -11.78 -47.50
CA ALA B 223 -16.84 -10.50 -48.19
C ALA B 223 -17.22 -10.68 -49.66
N GLN B 224 -18.09 -9.82 -50.17
CA GLN B 224 -18.41 -9.78 -51.63
C GLN B 224 -17.08 -9.68 -52.40
N ALA B 225 -16.89 -10.56 -53.39
CA ALA B 225 -15.75 -10.49 -54.34
C ALA B 225 -15.72 -9.10 -54.96
N PHE B 226 -16.88 -8.54 -55.30
CA PHE B 226 -16.96 -7.17 -55.90
C PHE B 226 -16.24 -6.16 -54.97
N ALA B 227 -16.50 -6.21 -53.67
CA ALA B 227 -15.90 -5.26 -52.70
C ALA B 227 -14.38 -5.37 -52.73
N THR B 228 -13.85 -6.58 -52.80
CA THR B 228 -12.40 -6.88 -52.89
C THR B 228 -11.75 -6.13 -54.05
N TRP B 229 -12.41 -6.06 -55.21
CA TRP B 229 -11.93 -5.32 -56.41
C TRP B 229 -12.13 -3.82 -56.19
N ALA B 230 -13.26 -3.42 -55.60
CA ALA B 230 -13.65 -2.02 -55.33
C ALA B 230 -12.58 -1.28 -54.53
N LYS B 231 -11.91 -1.97 -53.61
CA LYS B 231 -10.83 -1.38 -52.77
C LYS B 231 -9.79 -0.72 -53.68
N HIS B 232 -9.34 -1.43 -54.72
CA HIS B 232 -8.30 -0.95 -55.66
C HIS B 232 -8.85 0.23 -56.47
N ALA B 233 -10.10 0.15 -56.92
CA ALA B 233 -10.77 1.20 -57.71
C ALA B 233 -10.90 2.47 -56.88
N PHE B 234 -11.29 2.34 -55.61
CA PHE B 234 -11.43 3.50 -54.69
C PHE B 234 -10.08 4.23 -54.56
N ILE B 235 -8.98 3.48 -54.46
CA ILE B 235 -7.62 4.08 -54.31
C ILE B 235 -7.31 4.87 -55.57
N GLU B 236 -7.57 4.31 -56.75
CA GLU B 236 -7.29 4.94 -58.07
C GLU B 236 -8.03 6.29 -58.20
N ILE B 237 -9.21 6.46 -57.62
CA ILE B 237 -9.93 7.77 -57.61
C ILE B 237 -9.66 8.55 -56.31
N GLY B 238 -8.62 8.18 -55.55
CA GLY B 238 -7.97 9.04 -54.53
C GLY B 238 -8.51 8.87 -53.12
N LEU B 239 -9.13 7.73 -52.81
CA LEU B 239 -9.71 7.41 -51.49
C LEU B 239 -8.77 6.47 -50.72
N GLN B 240 -8.03 7.04 -49.77
CA GLN B 240 -7.00 6.35 -48.95
C GLN B 240 -7.69 5.41 -47.96
N ILE B 241 -7.09 4.26 -47.70
CA ILE B 241 -7.55 3.34 -46.64
C ILE B 241 -7.33 4.01 -45.29
N ARG B 242 -8.32 3.90 -44.40
CA ARG B 242 -8.22 4.29 -42.99
C ARG B 242 -8.59 3.08 -42.12
N SER B 243 -8.31 3.17 -40.81
CA SER B 243 -8.55 2.13 -39.78
C SER B 243 -9.99 2.23 -39.27
N GLY B 244 -10.97 1.89 -40.11
CA GLY B 244 -12.39 1.86 -39.73
C GLY B 244 -12.99 3.25 -39.58
N PHE B 245 -14.24 3.31 -39.12
CA PHE B 245 -15.09 4.52 -39.13
C PHE B 245 -15.60 4.81 -37.71
N GLN B 246 -14.82 4.45 -36.68
CA GLN B 246 -15.32 4.48 -35.27
C GLN B 246 -14.48 5.43 -34.39
N SER B 247 -13.49 6.10 -34.96
CA SER B 247 -12.46 6.87 -34.22
C SER B 247 -12.62 8.38 -34.46
N GLY B 248 -13.75 8.81 -35.04
CA GLY B 248 -14.14 10.23 -35.15
C GLY B 248 -13.73 10.86 -36.47
N ALA B 249 -13.30 10.04 -37.44
CA ALA B 249 -12.96 10.51 -38.79
C ALA B 249 -13.51 9.51 -39.84
N LEU B 250 -13.85 9.99 -41.03
CA LEU B 250 -14.48 9.18 -42.12
C LEU B 250 -13.71 9.26 -43.45
N LEU B 251 -13.21 10.43 -43.82
CA LEU B 251 -12.58 10.66 -45.16
C LEU B 251 -11.64 9.50 -45.49
N GLY B 252 -11.88 8.86 -46.63
CA GLY B 252 -11.16 7.66 -47.10
C GLY B 252 -12.09 6.47 -47.19
N GLN B 253 -11.55 5.26 -47.21
CA GLN B 253 -12.34 4.01 -47.32
C GLN B 253 -11.90 3.04 -46.23
N SER B 254 -12.76 2.08 -45.94
CA SER B 254 -12.49 0.95 -45.03
C SER B 254 -13.61 -0.07 -45.18
N TYR B 255 -13.34 -1.31 -44.82
CA TYR B 255 -14.37 -2.34 -44.58
C TYR B 255 -15.25 -1.87 -43.42
N GLY B 256 -16.55 -1.98 -43.63
CA GLY B 256 -17.58 -1.60 -42.63
C GLY B 256 -17.64 -2.63 -41.52
N LEU B 257 -18.05 -2.14 -40.35
CA LEU B 257 -18.40 -2.94 -39.16
C LEU B 257 -19.92 -3.08 -39.15
N TYR B 258 -20.45 -4.21 -38.67
CA TYR B 258 -21.91 -4.51 -38.72
C TYR B 258 -22.41 -5.09 -37.39
N THR B 259 -23.66 -4.78 -37.07
CA THR B 259 -24.41 -5.35 -35.94
C THR B 259 -24.86 -6.74 -36.37
N ILE B 260 -23.92 -7.69 -36.31
CA ILE B 260 -24.14 -9.13 -36.64
C ILE B 260 -23.45 -9.96 -35.56
N ASN B 261 -24.08 -11.01 -35.08
CA ASN B 261 -23.48 -11.98 -34.14
C ASN B 261 -22.34 -12.72 -34.85
N ALA B 262 -21.14 -12.69 -34.27
CA ALA B 262 -19.89 -13.22 -34.85
C ALA B 262 -19.94 -14.75 -34.96
N THR B 263 -20.71 -15.43 -34.12
CA THR B 263 -20.80 -16.91 -34.06
C THR B 263 -21.83 -17.42 -35.07
N THR B 264 -23.04 -16.85 -35.11
CA THR B 264 -24.18 -17.38 -35.90
C THR B 264 -24.32 -16.64 -37.24
N MET B 265 -23.71 -15.46 -37.37
CA MET B 265 -23.94 -14.52 -38.50
C MET B 265 -25.44 -14.21 -38.64
N HIS B 266 -26.18 -14.21 -37.53
CA HIS B 266 -27.55 -13.62 -37.46
C HIS B 266 -27.44 -12.12 -37.23
N ARG B 267 -28.40 -11.37 -37.74
CA ARG B 267 -28.60 -9.95 -37.43
C ARG B 267 -28.53 -9.75 -35.92
N GLU B 268 -27.81 -8.74 -35.45
CA GLU B 268 -27.91 -8.25 -34.04
C GLU B 268 -28.78 -6.99 -34.06
N SER B 269 -30.00 -7.10 -33.54
CA SER B 269 -30.95 -5.98 -33.33
C SER B 269 -30.86 -5.54 -31.86
N SER B 270 -31.61 -4.50 -31.49
CA SER B 270 -31.78 -4.10 -30.07
C SER B 270 -32.53 -5.22 -29.33
N GLU B 271 -33.26 -6.09 -30.04
CA GLU B 271 -34.02 -7.19 -29.40
C GLU B 271 -33.07 -8.32 -29.04
N THR B 272 -32.23 -8.77 -29.98
CA THR B 272 -31.30 -9.92 -29.74
C THR B 272 -30.17 -9.51 -28.79
N SER B 273 -29.93 -8.22 -28.59
CA SER B 273 -28.87 -7.69 -27.70
C SER B 273 -29.50 -7.25 -26.37
N PHE B 274 -30.06 -6.05 -26.33
CA PHE B 274 -30.53 -5.41 -25.09
C PHE B 274 -31.74 -6.17 -24.51
N LEU B 275 -32.79 -6.41 -25.29
CA LEU B 275 -34.01 -7.07 -24.73
C LEU B 275 -33.63 -8.44 -24.19
N ARG B 276 -32.79 -9.22 -24.88
CA ARG B 276 -32.42 -10.59 -24.39
C ARG B 276 -31.72 -10.49 -23.03
N LYS B 277 -30.82 -9.52 -22.81
CA LYS B 277 -30.19 -9.29 -21.48
C LYS B 277 -31.30 -8.91 -20.48
N GLY B 278 -32.23 -8.02 -20.86
CA GLY B 278 -33.27 -7.48 -19.98
C GLY B 278 -34.32 -8.49 -19.55
N LEU B 279 -34.57 -9.54 -20.34
CA LEU B 279 -35.35 -10.72 -19.86
C LEU B 279 -34.33 -11.23 -18.86
N ALA B 280 -34.69 -11.69 -17.68
CA ALA B 280 -33.66 -12.00 -16.65
C ALA B 280 -33.53 -10.81 -15.71
N ASP B 281 -33.87 -9.58 -16.09
CA ASP B 281 -33.98 -8.46 -15.10
C ASP B 281 -35.43 -8.37 -14.64
N PRO B 282 -35.73 -8.69 -13.37
CA PRO B 282 -37.10 -8.58 -12.87
C PRO B 282 -37.69 -7.16 -12.83
N ASN B 283 -36.88 -6.12 -13.05
CA ASN B 283 -37.38 -4.72 -13.07
C ASN B 283 -37.95 -4.37 -14.45
N LEU B 284 -37.75 -5.20 -15.47
CA LEU B 284 -38.23 -4.94 -16.85
C LEU B 284 -39.49 -5.77 -17.15
N THR B 285 -40.56 -5.10 -17.59
CA THR B 285 -41.79 -5.73 -18.11
C THR B 285 -41.98 -5.26 -19.56
N VAL B 286 -42.28 -6.19 -20.48
CA VAL B 286 -42.52 -5.89 -21.91
C VAL B 286 -44.01 -6.00 -22.22
N PHE B 287 -44.58 -4.99 -22.85
CA PHE B 287 -45.95 -5.00 -23.43
C PHE B 287 -45.80 -5.00 -24.96
N GLN B 288 -45.90 -6.15 -25.59
CA GLN B 288 -45.80 -6.27 -27.08
C GLN B 288 -47.22 -6.42 -27.64
N SER B 289 -47.39 -6.15 -28.94
CA SER B 289 -48.70 -6.00 -29.64
C SER B 289 -49.53 -4.92 -28.93
N ALA B 290 -48.86 -3.86 -28.47
CA ALA B 290 -49.44 -2.80 -27.61
C ALA B 290 -49.26 -1.44 -28.28
N LEU B 291 -50.35 -0.78 -28.66
CA LEU B 291 -50.31 0.54 -29.32
C LEU B 291 -50.54 1.62 -28.26
N ALA B 292 -49.55 2.49 -28.05
CA ALA B 292 -49.68 3.73 -27.25
C ALA B 292 -50.53 4.72 -28.05
N LYS B 293 -51.59 5.25 -27.43
CA LYS B 293 -52.58 6.14 -28.08
C LYS B 293 -52.35 7.60 -27.66
N ARG B 294 -51.92 7.84 -26.41
CA ARG B 294 -51.95 9.18 -25.78
C ARG B 294 -51.06 9.18 -24.53
N ILE B 295 -50.21 10.19 -24.38
CA ILE B 295 -49.53 10.53 -23.11
C ILE B 295 -50.48 11.40 -22.28
N ARG B 296 -50.69 11.04 -21.01
CA ARG B 296 -51.60 11.75 -20.07
C ARG B 296 -50.78 12.72 -19.24
N PHE B 297 -51.30 13.94 -19.07
CA PHE B 297 -50.69 15.06 -18.32
C PHE B 297 -51.61 15.47 -17.15
N GLN B 298 -51.08 15.57 -15.93
CA GLN B 298 -51.71 16.26 -14.77
C GLN B 298 -50.96 17.57 -14.59
N ASP B 299 -51.65 18.69 -14.80
CA ASP B 299 -51.05 20.04 -15.01
C ASP B 299 -50.20 19.93 -16.29
N LYS B 300 -48.87 20.03 -16.16
CA LYS B 300 -47.93 19.91 -17.30
C LYS B 300 -47.00 18.69 -17.10
N ARG B 301 -47.35 17.76 -16.19
CA ARG B 301 -46.51 16.59 -15.85
C ARG B 301 -47.09 15.33 -16.52
N ALA B 302 -46.25 14.61 -17.27
CA ALA B 302 -46.59 13.30 -17.87
C ALA B 302 -46.74 12.26 -16.75
N VAL B 303 -47.92 11.65 -16.60
CA VAL B 303 -48.22 10.72 -15.47
C VAL B 303 -48.61 9.33 -15.98
N GLY B 304 -48.93 9.16 -17.26
CA GLY B 304 -49.29 7.83 -17.78
C GLY B 304 -49.46 7.79 -19.28
N VAL B 305 -49.74 6.60 -19.81
CA VAL B 305 -49.95 6.33 -21.26
C VAL B 305 -51.24 5.52 -21.43
N ASP B 306 -52.11 5.94 -22.36
CA ASP B 306 -53.28 5.16 -22.82
C ASP B 306 -52.80 4.15 -23.87
N VAL B 307 -53.10 2.87 -23.66
CA VAL B 307 -52.58 1.74 -24.49
C VAL B 307 -53.78 0.90 -24.97
N GLU B 308 -53.68 0.35 -26.17
CA GLU B 308 -54.60 -0.68 -26.72
C GLU B 308 -53.76 -1.91 -27.11
N THR B 309 -54.06 -3.07 -26.49
CA THR B 309 -53.53 -4.40 -26.86
C THR B 309 -54.69 -5.24 -27.41
N MET B 310 -54.73 -5.49 -28.71
CA MET B 310 -55.75 -6.34 -29.39
C MET B 310 -57.17 -5.91 -28.97
N GLY B 311 -57.45 -4.61 -28.99
CA GLY B 311 -58.79 -4.04 -28.73
C GLY B 311 -59.06 -3.75 -27.27
N ARG B 312 -58.20 -4.20 -26.34
CA ARG B 312 -58.37 -3.97 -24.89
C ARG B 312 -57.63 -2.68 -24.50
N ALA B 313 -58.38 -1.64 -24.13
CA ALA B 313 -57.87 -0.32 -23.68
C ALA B 313 -57.50 -0.40 -22.18
N TYR B 314 -56.36 0.15 -21.82
CA TYR B 314 -55.87 0.26 -20.43
C TYR B 314 -54.90 1.45 -20.35
N THR B 315 -54.57 1.85 -19.13
CA THR B 315 -53.70 3.00 -18.84
C THR B 315 -52.55 2.49 -17.97
N LEU B 316 -51.31 2.69 -18.43
CA LEU B 316 -50.09 2.44 -17.61
C LEU B 316 -49.71 3.77 -16.96
N SER B 317 -49.52 3.78 -15.65
CA SER B 317 -49.12 4.99 -14.88
C SER B 317 -47.61 4.96 -14.63
N ALA B 318 -46.99 6.14 -14.65
CA ALA B 318 -45.55 6.35 -14.37
C ALA B 318 -45.42 7.21 -13.10
N ARG B 319 -44.76 6.70 -12.05
CA ARG B 319 -44.50 7.44 -10.79
C ARG B 319 -43.40 8.49 -11.05
N LYS B 320 -42.40 8.19 -11.90
CA LYS B 320 -41.21 9.05 -12.09
C LYS B 320 -41.21 9.71 -13.47
N GLU B 321 -40.93 8.98 -14.56
CA GLU B 321 -40.66 9.59 -15.88
C GLU B 321 -41.23 8.70 -16.99
N ILE B 322 -41.61 9.30 -18.12
CA ILE B 322 -41.98 8.62 -19.37
C ILE B 322 -40.93 8.95 -20.43
N VAL B 323 -40.41 7.94 -21.12
CA VAL B 323 -39.45 8.10 -22.25
C VAL B 323 -40.18 7.70 -23.53
N LEU B 324 -40.27 8.62 -24.47
CA LEU B 324 -40.86 8.42 -25.81
C LEU B 324 -39.74 8.02 -26.78
N SER B 325 -39.83 6.82 -27.33
CA SER B 325 -38.81 6.23 -28.24
C SER B 325 -39.52 5.64 -29.47
N ALA B 326 -40.53 6.34 -29.99
CA ALA B 326 -41.43 5.85 -31.06
C ALA B 326 -40.85 6.18 -32.43
N GLY B 327 -39.69 6.85 -32.47
CA GLY B 327 -38.95 7.15 -33.71
C GLY B 327 -39.40 8.43 -34.39
N ALA B 328 -38.78 8.75 -35.53
CA ALA B 328 -38.81 10.05 -36.22
C ALA B 328 -40.23 10.40 -36.70
N PHE B 329 -41.08 9.40 -36.97
CA PHE B 329 -42.45 9.62 -37.49
C PHE B 329 -43.47 9.63 -36.34
N GLN B 330 -43.34 8.71 -35.38
CA GLN B 330 -44.43 8.41 -34.42
C GLN B 330 -44.18 9.09 -33.08
N SER B 331 -42.94 9.47 -32.74
CA SER B 331 -42.67 10.31 -31.55
C SER B 331 -43.36 11.67 -31.70
N PRO B 332 -43.12 12.43 -32.80
CA PRO B 332 -43.83 13.69 -32.99
C PRO B 332 -45.36 13.51 -33.03
N GLN B 333 -45.83 12.42 -33.64
CA GLN B 333 -47.29 12.15 -33.72
C GLN B 333 -47.85 11.99 -32.30
N LEU B 334 -47.19 11.20 -31.46
CA LEU B 334 -47.71 10.94 -30.09
C LEU B 334 -47.70 12.23 -29.25
N LEU B 335 -46.69 13.08 -29.42
CA LEU B 335 -46.63 14.40 -28.74
C LEU B 335 -47.86 15.21 -29.15
N MET B 336 -48.09 15.36 -30.46
CA MET B 336 -49.19 16.19 -31.01
C MET B 336 -50.55 15.69 -30.52
N VAL B 337 -50.83 14.38 -30.57
CA VAL B 337 -52.18 13.86 -30.19
C VAL B 337 -52.34 13.94 -28.67
N SER B 338 -51.26 14.17 -27.93
CA SER B 338 -51.26 14.30 -26.45
C SER B 338 -51.33 15.78 -26.02
N GLY B 339 -51.24 16.73 -26.96
CA GLY B 339 -51.39 18.17 -26.69
C GLY B 339 -50.08 18.95 -26.67
N VAL B 340 -48.99 18.37 -27.16
CA VAL B 340 -47.65 19.02 -27.25
C VAL B 340 -47.27 19.14 -28.73
N GLY B 341 -47.28 20.36 -29.28
CA GLY B 341 -46.95 20.59 -30.70
C GLY B 341 -47.45 21.94 -31.17
N PRO B 342 -47.45 22.19 -32.49
CA PRO B 342 -47.91 23.46 -33.04
C PRO B 342 -49.39 23.68 -32.69
N ALA B 343 -49.71 24.80 -32.04
CA ALA B 343 -51.07 25.20 -31.57
C ALA B 343 -52.09 25.05 -32.71
N ALA B 344 -51.78 25.55 -33.91
CA ALA B 344 -52.74 25.58 -35.04
C ALA B 344 -53.13 24.15 -35.44
N THR B 345 -52.16 23.23 -35.52
CA THR B 345 -52.41 21.80 -35.87
C THR B 345 -53.33 21.16 -34.81
N LEU B 346 -53.07 21.37 -33.52
CA LEU B 346 -53.81 20.72 -32.42
C LEU B 346 -55.25 21.25 -32.36
N LYS B 347 -55.45 22.54 -32.65
CA LYS B 347 -56.80 23.19 -32.72
C LYS B 347 -57.59 22.55 -33.86
N ALA B 348 -56.97 22.42 -35.04
CA ALA B 348 -57.58 21.89 -36.29
C ALA B 348 -58.07 20.45 -36.13
N HIS B 349 -57.58 19.71 -35.11
CA HIS B 349 -57.95 18.29 -34.86
C HIS B 349 -58.57 18.11 -33.46
N ASN B 350 -59.05 19.21 -32.86
CA ASN B 350 -59.77 19.23 -31.56
C ASN B 350 -58.94 18.55 -30.47
N ILE B 351 -57.64 18.88 -30.39
CA ILE B 351 -56.73 18.36 -29.33
C ILE B 351 -56.46 19.47 -28.32
N PRO B 352 -56.83 19.30 -27.02
CA PRO B 352 -56.56 20.32 -26.01
C PRO B 352 -55.05 20.60 -25.87
N LEU B 353 -54.69 21.89 -25.88
CA LEU B 353 -53.29 22.36 -25.87
C LEU B 353 -52.69 22.17 -24.48
N VAL B 354 -51.53 21.51 -24.40
CA VAL B 354 -50.74 21.35 -23.14
C VAL B 354 -49.50 22.25 -23.24
N ALA B 355 -48.83 22.29 -24.40
CA ALA B 355 -47.67 23.17 -24.66
C ALA B 355 -47.56 23.47 -26.16
N ASP B 356 -47.58 24.76 -26.52
CA ASP B 356 -47.37 25.26 -27.90
C ASP B 356 -45.88 25.10 -28.22
N ARG B 357 -45.54 24.08 -28.99
CA ARG B 357 -44.15 23.72 -29.35
C ARG B 357 -44.07 23.57 -30.86
N PRO B 358 -43.81 24.66 -31.60
CA PRO B 358 -43.91 24.64 -33.07
C PRO B 358 -42.85 23.77 -33.77
N GLY B 359 -41.84 23.29 -33.04
CA GLY B 359 -40.76 22.44 -33.61
C GLY B 359 -41.18 20.98 -33.78
N VAL B 360 -42.25 20.55 -33.10
CA VAL B 360 -42.70 19.13 -33.11
C VAL B 360 -43.11 18.77 -34.53
N GLY B 361 -42.39 17.82 -35.13
CA GLY B 361 -42.66 17.32 -36.49
C GLY B 361 -41.96 18.13 -37.56
N GLN B 362 -41.26 19.21 -37.19
CA GLN B 362 -40.55 20.09 -38.14
C GLN B 362 -39.08 19.67 -38.24
N ASN B 363 -38.37 20.18 -39.25
CA ASN B 363 -36.90 20.07 -39.40
C ASN B 363 -36.52 18.60 -39.62
N MET B 364 -37.36 17.81 -40.29
CA MET B 364 -36.98 16.41 -40.59
C MET B 364 -35.75 16.43 -41.50
N GLN B 365 -34.74 15.66 -41.16
CA GLN B 365 -33.53 15.45 -42.01
C GLN B 365 -33.46 13.96 -42.35
N ASP B 366 -32.90 13.68 -43.52
CA ASP B 366 -32.81 12.29 -44.05
C ASP B 366 -31.64 12.23 -45.02
N HIS B 367 -31.20 11.01 -45.31
CA HIS B 367 -30.21 10.72 -46.37
C HIS B 367 -30.93 9.94 -47.48
N ILE B 368 -30.42 10.05 -48.70
CA ILE B 368 -30.90 9.31 -49.88
C ILE B 368 -29.78 8.40 -50.37
N ILE B 369 -30.14 7.49 -51.26
CA ILE B 369 -29.22 6.51 -51.88
C ILE B 369 -29.76 6.20 -53.29
N TYR B 370 -28.85 6.02 -54.22
CA TYR B 370 -29.07 5.53 -55.60
C TYR B 370 -27.77 4.90 -56.05
N ALA B 371 -27.81 4.11 -57.12
CA ALA B 371 -26.65 3.32 -57.58
C ALA B 371 -26.81 2.93 -59.04
N PRO B 372 -25.78 3.14 -59.88
CA PRO B 372 -25.66 2.43 -61.14
C PRO B 372 -25.28 0.97 -60.87
N SER B 373 -25.43 0.11 -61.88
CA SER B 373 -25.09 -1.33 -61.79
C SER B 373 -24.35 -1.76 -63.05
N TYR B 374 -23.49 -2.76 -62.91
CA TYR B 374 -22.81 -3.48 -64.00
C TYR B 374 -23.07 -4.97 -63.79
N ARG B 375 -23.12 -5.72 -64.88
CA ARG B 375 -22.88 -7.17 -64.85
C ARG B 375 -21.41 -7.37 -64.53
N VAL B 376 -21.09 -8.33 -63.67
CA VAL B 376 -19.69 -8.56 -63.25
C VAL B 376 -19.37 -10.05 -63.37
N ASN B 377 -18.08 -10.34 -63.51
CA ASN B 377 -17.50 -11.69 -63.71
C ASN B 377 -17.25 -12.37 -62.35
N VAL B 378 -17.83 -11.87 -61.24
CA VAL B 378 -17.66 -12.48 -59.88
C VAL B 378 -19.03 -12.84 -59.32
N ILE B 379 -19.06 -13.74 -58.32
CA ILE B 379 -20.29 -14.09 -57.55
C ILE B 379 -20.79 -12.83 -56.85
N THR B 380 -22.08 -12.53 -57.00
CA THR B 380 -22.82 -11.54 -56.17
C THR B 380 -24.10 -12.22 -55.67
N GLN B 381 -24.98 -11.47 -55.01
CA GLN B 381 -26.24 -11.99 -54.45
C GLN B 381 -27.12 -12.57 -55.56
N SER B 382 -26.95 -12.12 -56.82
CA SER B 382 -27.62 -12.68 -58.01
C SER B 382 -27.59 -14.22 -57.99
N ALA B 383 -26.45 -14.82 -57.59
CA ALA B 383 -26.23 -16.28 -57.59
C ALA B 383 -27.24 -17.01 -56.70
N LEU B 384 -27.87 -16.32 -55.74
CA LEU B 384 -28.90 -16.93 -54.86
C LEU B 384 -30.17 -17.26 -55.67
N LEU B 385 -30.36 -16.70 -56.87
CA LEU B 385 -31.49 -17.05 -57.77
C LEU B 385 -31.28 -18.44 -58.39
N ASN B 386 -30.04 -18.93 -58.41
CA ASN B 386 -29.64 -20.26 -58.91
C ASN B 386 -29.82 -21.29 -57.80
N GLU B 387 -30.69 -22.29 -58.02
CA GLU B 387 -31.15 -23.28 -57.01
C GLU B 387 -29.94 -24.08 -56.47
N GLU B 388 -29.05 -24.57 -57.32
CA GLU B 388 -27.88 -25.40 -56.90
C GLU B 388 -26.96 -24.54 -56.01
N PHE B 389 -26.76 -23.26 -56.36
CA PHE B 389 -25.92 -22.33 -55.58
C PHE B 389 -26.58 -22.02 -54.23
N GLU B 390 -27.88 -21.71 -54.23
CA GLU B 390 -28.63 -21.34 -52.99
C GLU B 390 -28.56 -22.50 -52.00
N ALA B 391 -28.73 -23.74 -52.47
CA ALA B 391 -28.76 -24.94 -51.60
C ALA B 391 -27.44 -25.05 -50.86
N GLN B 392 -26.32 -24.80 -51.54
CA GLN B 392 -24.97 -24.87 -50.93
C GLN B 392 -24.81 -23.71 -49.93
N ALA B 393 -25.23 -22.51 -50.31
CA ALA B 393 -25.11 -21.30 -49.47
C ALA B 393 -25.94 -21.50 -48.18
N ASN B 394 -27.12 -22.07 -48.33
CA ASN B 394 -28.04 -22.41 -47.22
C ASN B 394 -27.35 -23.33 -46.21
N ARG B 395 -26.72 -24.41 -46.70
CA ARG B 395 -25.96 -25.37 -45.85
C ARG B 395 -24.77 -24.64 -45.20
N ASP B 396 -24.04 -23.83 -45.96
CA ASP B 396 -22.85 -23.09 -45.45
C ASP B 396 -23.29 -22.17 -44.30
N TYR B 397 -24.41 -21.48 -44.44
CA TYR B 397 -24.92 -20.51 -43.43
C TYR B 397 -25.28 -21.23 -42.14
N ASN B 398 -26.10 -22.28 -42.23
CA ASN B 398 -26.70 -22.97 -41.05
C ASN B 398 -25.64 -23.83 -40.36
N GLU B 399 -24.72 -24.47 -41.11
CA GLU B 399 -23.72 -25.42 -40.54
C GLU B 399 -22.44 -24.68 -40.09
N ARG B 400 -22.01 -23.62 -40.80
CA ARG B 400 -20.65 -23.04 -40.59
C ARG B 400 -20.69 -21.51 -40.43
N ALA B 401 -21.86 -20.88 -40.46
CA ALA B 401 -22.02 -19.42 -40.39
C ALA B 401 -21.15 -18.76 -41.48
N ALA B 402 -21.20 -19.32 -42.68
CA ALA B 402 -20.32 -18.97 -43.82
C ALA B 402 -21.14 -18.81 -45.10
N GLY B 403 -20.51 -18.28 -46.15
CA GLY B 403 -21.15 -18.11 -47.46
C GLY B 403 -21.92 -16.80 -47.53
N ILE B 404 -22.54 -16.56 -48.69
CA ILE B 404 -23.03 -15.22 -49.11
C ILE B 404 -24.23 -14.79 -48.25
N TYR B 405 -24.92 -15.72 -47.57
CA TYR B 405 -26.05 -15.36 -46.67
C TYR B 405 -25.51 -14.57 -45.46
N ALA B 406 -24.25 -14.75 -45.11
CA ALA B 406 -23.60 -14.14 -43.93
C ALA B 406 -23.12 -12.72 -44.27
N ASN B 407 -23.63 -12.09 -45.33
CA ASN B 407 -23.13 -10.78 -45.82
C ASN B 407 -24.33 -9.82 -45.92
N PRO B 408 -24.24 -8.58 -45.39
CA PRO B 408 -25.37 -7.67 -45.40
C PRO B 408 -25.58 -6.93 -46.74
N THR B 409 -24.87 -7.33 -47.79
CA THR B 409 -24.91 -6.79 -49.19
C THR B 409 -23.77 -5.79 -49.40
N SER B 410 -23.55 -4.90 -48.44
CA SER B 410 -22.47 -3.88 -48.39
C SER B 410 -21.18 -4.54 -47.84
N ASP B 411 -20.03 -3.88 -47.97
CA ASP B 411 -18.74 -4.37 -47.39
C ASP B 411 -17.80 -3.18 -47.14
N ILE B 412 -17.58 -2.35 -48.14
CA ILE B 412 -16.68 -1.18 -48.06
C ILE B 412 -17.51 0.09 -48.19
N LEU B 413 -17.34 1.01 -47.25
CA LEU B 413 -17.79 2.42 -47.35
C LEU B 413 -16.59 3.29 -47.71
N ALA B 414 -16.84 4.41 -48.37
CA ALA B 414 -15.83 5.42 -48.73
C ALA B 414 -16.48 6.79 -48.65
N TRP B 415 -15.70 7.80 -48.28
CA TRP B 415 -16.19 9.15 -47.93
C TRP B 415 -15.25 10.17 -48.54
N GLU B 416 -15.78 11.25 -49.10
CA GLU B 416 -14.95 12.37 -49.62
C GLU B 416 -15.74 13.68 -49.64
N LYS B 417 -14.97 14.76 -49.70
CA LYS B 417 -15.35 16.03 -50.35
C LYS B 417 -15.20 15.81 -51.86
N ILE B 418 -16.10 16.35 -52.68
CA ILE B 418 -15.87 16.38 -54.16
C ILE B 418 -14.53 17.08 -54.38
N PRO B 419 -13.57 16.43 -55.08
CA PRO B 419 -12.21 16.94 -55.24
C PRO B 419 -12.08 18.14 -56.20
N GLU B 420 -10.99 18.91 -56.03
CA GLU B 420 -10.91 20.40 -56.18
C GLU B 420 -11.01 20.84 -57.64
N PRO B 421 -10.45 20.12 -58.62
CA PRO B 421 -10.66 20.52 -60.02
C PRO B 421 -12.13 20.40 -60.43
N LYS B 422 -12.72 19.23 -60.16
CA LYS B 422 -14.14 18.90 -60.49
C LYS B 422 -15.06 19.86 -59.72
N ARG B 423 -14.61 20.33 -58.56
CA ARG B 423 -15.38 21.17 -57.60
C ARG B 423 -15.87 22.46 -58.28
N SER B 424 -14.98 23.16 -58.99
CA SER B 424 -15.25 24.50 -59.60
C SER B 424 -16.16 24.36 -60.82
N ALA B 425 -15.99 23.27 -61.60
CA ALA B 425 -16.77 22.93 -62.81
C ALA B 425 -18.21 22.53 -62.45
N TRP B 426 -18.42 21.82 -61.33
CA TRP B 426 -19.69 21.10 -61.03
C TRP B 426 -20.59 21.89 -60.08
N PHE B 427 -20.03 22.84 -59.32
CA PHE B 427 -20.78 23.58 -58.26
C PHE B 427 -20.84 25.06 -58.59
N SER B 428 -22.02 25.65 -58.41
CA SER B 428 -22.24 27.12 -58.39
C SER B 428 -21.47 27.73 -57.20
N ASN B 429 -21.31 29.05 -57.20
CA ASN B 429 -20.65 29.82 -56.12
C ASN B 429 -21.47 29.62 -54.84
N HIS B 430 -22.81 29.72 -54.93
CA HIS B 430 -23.73 29.57 -53.77
C HIS B 430 -23.51 28.20 -53.11
N THR B 431 -23.45 27.13 -53.88
CA THR B 431 -23.24 25.74 -53.41
C THR B 431 -21.89 25.65 -52.68
N ARG B 432 -20.84 26.21 -53.26
CA ARG B 432 -19.47 26.16 -52.67
C ARG B 432 -19.46 26.96 -51.36
N GLN B 433 -20.20 28.07 -51.28
CA GLN B 433 -20.26 28.89 -50.03
C GLN B 433 -20.96 28.06 -48.93
N VAL B 434 -22.03 27.36 -49.27
CA VAL B 434 -22.80 26.56 -48.27
C VAL B 434 -21.93 25.38 -47.80
N LEU B 435 -21.27 24.68 -48.71
CA LEU B 435 -20.43 23.51 -48.34
C LEU B 435 -19.21 23.93 -47.51
N ALA B 436 -18.69 25.15 -47.69
CA ALA B 436 -17.50 25.65 -46.96
C ALA B 436 -17.86 25.92 -45.48
N GLU B 437 -19.16 25.98 -45.15
CA GLU B 437 -19.65 26.16 -43.76
C GLU B 437 -19.62 24.83 -43.00
N TYR B 438 -19.46 23.70 -43.67
CA TYR B 438 -19.31 22.37 -43.02
C TYR B 438 -17.86 22.21 -42.59
N PRO B 439 -17.58 21.52 -41.46
CA PRO B 439 -16.20 21.24 -41.06
C PRO B 439 -15.42 20.42 -42.11
N ASP B 440 -14.10 20.54 -42.09
CA ASP B 440 -13.15 19.85 -43.01
C ASP B 440 -13.37 18.32 -42.93
N ASP B 441 -13.65 17.77 -41.75
CA ASP B 441 -13.74 16.30 -41.49
C ASP B 441 -15.10 15.74 -41.97
N TRP B 442 -16.07 16.60 -42.29
CA TRP B 442 -17.47 16.20 -42.59
C TRP B 442 -17.60 15.92 -44.09
N PRO B 443 -17.76 14.66 -44.53
CA PRO B 443 -17.78 14.34 -45.96
C PRO B 443 -19.04 14.85 -46.65
N GLU B 444 -18.96 15.00 -47.97
CA GLU B 444 -20.11 15.40 -48.83
C GLU B 444 -20.78 14.16 -49.43
N VAL B 445 -20.00 13.14 -49.77
CA VAL B 445 -20.51 11.95 -50.48
C VAL B 445 -19.97 10.68 -49.79
N GLU B 446 -20.86 9.71 -49.60
CA GLU B 446 -20.55 8.33 -49.15
C GLU B 446 -20.72 7.40 -50.35
N PHE B 447 -19.74 6.51 -50.61
CA PHE B 447 -19.87 5.37 -51.56
C PHE B 447 -20.04 4.09 -50.76
N LEU B 448 -20.88 3.17 -51.24
CA LEU B 448 -21.15 1.85 -50.61
C LEU B 448 -21.06 0.76 -51.68
N THR B 449 -20.21 -0.23 -51.52
CA THR B 449 -20.18 -1.42 -52.40
C THR B 449 -21.48 -2.19 -52.14
N MET B 450 -22.13 -2.68 -53.19
CA MET B 450 -23.38 -3.48 -53.06
C MET B 450 -23.28 -4.66 -54.03
N GLY B 451 -23.32 -5.89 -53.51
CA GLY B 451 -23.31 -7.13 -54.30
C GLY B 451 -24.70 -7.48 -54.83
N GLY B 452 -25.43 -6.50 -55.37
CA GLY B 452 -26.81 -6.67 -55.87
C GLY B 452 -27.22 -5.54 -56.80
N TYR B 453 -28.42 -5.61 -57.37
CA TYR B 453 -28.98 -4.60 -58.32
C TYR B 453 -29.95 -3.68 -57.59
N PHE B 454 -29.81 -2.37 -57.78
CA PHE B 454 -30.73 -1.34 -57.20
C PHE B 454 -31.87 -1.01 -58.17
N GLY B 455 -31.52 -0.69 -59.42
CA GLY B 455 -32.48 -0.15 -60.41
C GLY B 455 -33.22 1.03 -59.81
N TYR B 456 -34.55 1.05 -59.96
CA TYR B 456 -35.44 2.14 -59.49
C TYR B 456 -35.86 1.90 -58.05
N GLN B 457 -35.40 0.82 -57.42
CA GLN B 457 -35.62 0.55 -55.95
C GLN B 457 -37.13 0.49 -55.67
N ARG B 458 -37.91 -0.01 -56.62
CA ARG B 458 -39.40 -0.17 -56.49
C ARG B 458 -39.66 -1.37 -55.57
N ASN B 459 -38.88 -2.42 -55.77
CA ASN B 459 -38.98 -3.74 -55.10
C ASN B 459 -37.77 -4.56 -55.51
N TYR B 460 -36.77 -4.68 -54.64
CA TYR B 460 -35.44 -5.27 -54.98
C TYR B 460 -35.59 -6.75 -55.31
N ILE B 461 -36.60 -7.43 -54.77
CA ILE B 461 -36.75 -8.91 -54.92
C ILE B 461 -37.42 -9.21 -56.28
N ARG B 462 -38.52 -8.53 -56.61
CA ARG B 462 -39.28 -8.72 -57.88
C ARG B 462 -38.42 -8.33 -59.10
N ASP B 463 -37.70 -7.20 -59.04
CA ASP B 463 -36.97 -6.60 -60.20
C ASP B 463 -35.49 -7.03 -60.20
N ASN B 464 -35.10 -7.98 -59.37
CA ASN B 464 -33.73 -8.57 -59.33
C ASN B 464 -33.51 -9.29 -60.66
N PRO B 465 -32.62 -8.79 -61.56
CA PRO B 465 -32.50 -9.37 -62.91
C PRO B 465 -32.12 -10.85 -62.82
N SER B 466 -32.83 -11.70 -63.57
CA SER B 466 -32.80 -13.18 -63.43
C SER B 466 -32.33 -13.85 -64.72
N ASP B 467 -31.46 -13.17 -65.49
CA ASP B 467 -31.07 -13.59 -66.86
C ASP B 467 -29.75 -14.38 -66.83
N GLY B 468 -29.15 -14.65 -65.67
CA GLY B 468 -27.98 -15.56 -65.56
C GLY B 468 -26.68 -14.83 -65.26
N TYR B 469 -26.66 -13.50 -65.27
CA TYR B 469 -25.47 -12.69 -64.91
C TYR B 469 -25.47 -12.37 -63.41
N ASN B 470 -24.28 -12.13 -62.86
CA ASN B 470 -24.12 -11.51 -61.52
C ASN B 470 -24.12 -9.99 -61.69
N TYR B 471 -24.88 -9.30 -60.85
CA TYR B 471 -25.00 -7.81 -60.84
C TYR B 471 -24.37 -7.25 -59.56
N ALA B 472 -23.66 -6.14 -59.70
CA ALA B 472 -23.14 -5.32 -58.57
C ALA B 472 -23.45 -3.86 -58.85
N SER B 473 -23.52 -3.07 -57.78
CA SER B 473 -23.83 -1.62 -57.81
C SER B 473 -22.83 -0.89 -56.91
N LEU B 474 -22.55 0.37 -57.23
CA LEU B 474 -21.83 1.27 -56.33
C LEU B 474 -22.79 2.38 -55.94
N ALA B 475 -23.31 2.31 -54.72
CA ALA B 475 -24.34 3.25 -54.23
C ALA B 475 -23.63 4.51 -53.78
N VAL B 476 -24.36 5.62 -53.81
CA VAL B 476 -23.89 6.89 -53.22
C VAL B 476 -25.00 7.44 -52.33
N SER B 477 -24.59 8.07 -51.24
CA SER B 477 -25.48 8.81 -50.29
C SER B 477 -24.86 10.19 -50.12
N LEU B 478 -25.68 11.21 -49.88
CA LEU B 478 -25.21 12.60 -49.69
C LEU B 478 -25.24 12.95 -48.20
N CYS B 479 -24.11 13.40 -47.66
CA CYS B 479 -23.89 13.57 -46.20
C CYS B 479 -24.13 15.02 -45.75
N THR B 480 -24.47 15.94 -46.66
CA THR B 480 -24.76 17.36 -46.30
C THR B 480 -26.14 17.75 -46.80
N PRO B 481 -27.22 17.04 -46.41
CA PRO B 481 -28.56 17.37 -46.88
C PRO B 481 -28.99 18.76 -46.36
N ARG B 482 -29.42 19.63 -47.28
CA ARG B 482 -29.96 20.97 -46.97
C ARG B 482 -31.50 20.92 -47.02
N SER B 483 -32.08 19.98 -47.76
CA SER B 483 -33.54 19.82 -47.85
C SER B 483 -34.08 19.46 -46.45
N ARG B 484 -35.24 20.00 -46.09
CA ARG B 484 -35.90 19.77 -44.78
C ARG B 484 -37.34 19.32 -45.05
N GLY B 485 -37.82 18.37 -44.24
CA GLY B 485 -39.17 17.81 -44.37
C GLY B 485 -39.96 17.95 -43.08
N ASN B 486 -41.08 17.26 -42.98
CA ASN B 486 -41.92 17.37 -41.76
C ASN B 486 -42.87 16.17 -41.64
N VAL B 487 -43.46 16.09 -40.46
CA VAL B 487 -44.49 15.10 -40.06
C VAL B 487 -45.64 15.90 -39.47
N THR B 488 -46.88 15.58 -39.82
CA THR B 488 -48.08 16.15 -39.14
C THR B 488 -49.12 15.05 -39.01
N ILE B 489 -50.33 15.40 -38.59
CA ILE B 489 -51.44 14.45 -38.28
C ILE B 489 -52.68 14.84 -39.09
N THR B 490 -53.56 13.87 -39.35
CA THR B 490 -54.91 14.05 -39.95
C THR B 490 -55.99 13.76 -38.92
N SER B 491 -55.61 13.40 -37.69
CA SER B 491 -56.54 12.80 -36.70
C SER B 491 -55.90 12.82 -35.30
N PRO B 492 -56.70 12.89 -34.22
CA PRO B 492 -56.18 12.69 -32.86
C PRO B 492 -55.94 11.22 -32.51
N ASP B 493 -56.18 10.28 -33.44
CA ASP B 493 -55.99 8.81 -33.24
C ASP B 493 -54.58 8.43 -33.73
N ALA B 494 -53.74 7.93 -32.83
CA ALA B 494 -52.37 7.44 -33.13
C ALA B 494 -52.43 6.18 -33.99
N GLY B 495 -53.58 5.52 -34.06
CA GLY B 495 -53.83 4.35 -34.93
C GLY B 495 -53.91 4.74 -36.39
N VAL B 496 -54.20 6.01 -36.69
CA VAL B 496 -54.15 6.57 -38.06
C VAL B 496 -52.71 6.98 -38.35
N PRO B 497 -52.13 6.60 -39.51
CA PRO B 497 -50.74 6.94 -39.80
C PRO B 497 -50.50 8.45 -39.84
N PRO B 498 -49.31 8.92 -39.44
CA PRO B 498 -48.97 10.34 -39.57
C PRO B 498 -48.74 10.67 -41.05
N VAL B 499 -48.79 11.94 -41.40
CA VAL B 499 -48.50 12.47 -42.76
C VAL B 499 -46.99 12.74 -42.83
N ILE B 500 -46.30 12.07 -43.75
CA ILE B 500 -44.81 11.98 -43.77
C ILE B 500 -44.33 12.64 -45.06
N ASN B 501 -43.61 13.76 -44.93
CA ASN B 501 -43.13 14.55 -46.10
C ASN B 501 -41.63 14.79 -45.97
N PRO B 502 -40.77 13.81 -46.35
CA PRO B 502 -39.31 13.96 -46.21
C PRO B 502 -38.77 15.13 -47.03
N ASN B 503 -39.32 15.33 -48.24
CA ASN B 503 -39.05 16.52 -49.07
C ASN B 503 -37.60 16.49 -49.56
N TRP B 504 -37.04 15.30 -49.79
CA TRP B 504 -35.66 15.15 -50.27
C TRP B 504 -35.48 15.93 -51.58
N LEU B 505 -34.24 16.33 -51.89
CA LEU B 505 -33.78 16.81 -53.22
C LEU B 505 -34.58 18.02 -53.68
N THR B 506 -34.88 18.96 -52.78
CA THR B 506 -35.64 20.19 -53.11
C THR B 506 -34.75 21.44 -52.96
N ASP B 507 -33.63 21.35 -52.26
CA ASP B 507 -32.65 22.47 -52.12
C ASP B 507 -31.66 22.34 -53.27
N PRO B 508 -31.34 23.46 -53.98
CA PRO B 508 -30.41 23.42 -55.11
C PRO B 508 -29.00 22.88 -54.77
N VAL B 509 -28.57 22.96 -53.51
CA VAL B 509 -27.27 22.36 -53.08
C VAL B 509 -27.35 20.84 -53.22
N ASP B 510 -28.44 20.23 -52.77
CA ASP B 510 -28.60 18.74 -52.81
C ASP B 510 -28.62 18.29 -54.28
N VAL B 511 -29.31 19.05 -55.13
CA VAL B 511 -29.45 18.77 -56.58
C VAL B 511 -28.06 18.72 -57.23
N GLU B 512 -27.23 19.75 -56.99
CA GLU B 512 -25.86 19.83 -57.58
C GLU B 512 -25.00 18.68 -57.03
N LEU B 513 -25.06 18.41 -55.73
CA LEU B 513 -24.32 17.29 -55.08
C LEU B 513 -24.75 15.95 -55.69
N ALA B 514 -26.05 15.74 -55.92
CA ALA B 514 -26.62 14.49 -56.46
C ALA B 514 -25.98 14.18 -57.81
N VAL B 515 -25.84 15.21 -58.67
CA VAL B 515 -25.25 15.05 -60.03
C VAL B 515 -23.76 14.73 -59.90
N ALA B 516 -23.04 15.45 -59.04
CA ALA B 516 -21.59 15.26 -58.79
C ALA B 516 -21.34 13.83 -58.30
N ALA B 517 -22.13 13.34 -57.34
CA ALA B 517 -21.98 11.99 -56.75
C ALA B 517 -22.12 10.94 -57.85
N PHE B 518 -23.09 11.12 -58.73
CA PHE B 518 -23.35 10.16 -59.82
C PHE B 518 -22.14 10.12 -60.75
N LYS B 519 -21.59 11.28 -61.11
CA LYS B 519 -20.37 11.35 -61.98
C LYS B 519 -19.19 10.64 -61.32
N ARG B 520 -19.07 10.73 -59.99
CA ARG B 520 -17.99 10.01 -59.25
C ARG B 520 -18.19 8.49 -59.35
N THR B 521 -19.41 7.98 -59.44
CA THR B 521 -19.64 6.51 -59.64
C THR B 521 -19.13 6.14 -61.04
N ARG B 522 -19.27 7.05 -62.00
CA ARG B 522 -18.78 6.84 -63.39
C ARG B 522 -17.26 6.79 -63.37
N ASP B 523 -16.62 7.66 -62.57
CA ASP B 523 -15.12 7.67 -62.43
C ASP B 523 -14.68 6.32 -61.83
N PHE B 524 -15.37 5.83 -60.81
CA PHE B 524 -15.08 4.52 -60.18
C PHE B 524 -15.09 3.43 -61.25
N PHE B 525 -16.13 3.41 -62.10
CA PHE B 525 -16.37 2.33 -63.09
C PHE B 525 -15.50 2.52 -64.34
N ASN B 526 -14.81 3.66 -64.51
CA ASN B 526 -13.80 3.86 -65.59
C ASN B 526 -12.37 3.64 -65.05
N THR B 527 -12.18 3.14 -63.82
CA THR B 527 -10.81 2.83 -63.31
C THR B 527 -10.28 1.59 -64.02
N THR B 528 -8.97 1.48 -64.20
CA THR B 528 -8.33 0.29 -64.83
C THR B 528 -8.35 -0.86 -63.80
N ALA B 529 -8.40 -0.54 -62.50
CA ALA B 529 -8.44 -1.51 -61.39
C ALA B 529 -9.70 -2.39 -61.49
N ILE B 530 -10.87 -1.80 -61.80
CA ILE B 530 -12.19 -2.52 -61.77
C ILE B 530 -12.47 -3.18 -63.12
N LYS B 531 -11.87 -2.69 -64.20
CA LYS B 531 -12.20 -3.08 -65.61
C LYS B 531 -12.27 -4.61 -65.74
N PRO B 532 -11.28 -5.39 -65.24
CA PRO B 532 -11.24 -6.82 -65.52
C PRO B 532 -12.44 -7.66 -65.06
N ILE B 533 -13.29 -7.16 -64.16
CA ILE B 533 -14.51 -7.91 -63.68
C ILE B 533 -15.78 -7.38 -64.36
N LEU B 534 -15.71 -6.29 -65.11
CA LEU B 534 -16.89 -5.70 -65.79
C LEU B 534 -17.22 -6.51 -67.05
N ILE B 535 -18.51 -6.78 -67.28
CA ILE B 535 -19.02 -7.48 -68.50
C ILE B 535 -19.86 -6.48 -69.30
N GLY B 536 -19.29 -5.98 -70.39
CA GLY B 536 -19.91 -4.99 -71.28
C GLY B 536 -20.01 -3.63 -70.60
N PRO B 537 -20.78 -2.68 -71.19
CA PRO B 537 -20.86 -1.34 -70.64
C PRO B 537 -21.87 -1.28 -69.48
N GLU B 538 -22.00 -0.09 -68.88
CA GLU B 538 -22.91 0.18 -67.75
C GLU B 538 -24.29 -0.43 -68.06
N TYR B 539 -24.80 -1.28 -67.17
CA TYR B 539 -26.09 -1.98 -67.30
C TYR B 539 -27.23 -1.03 -66.94
N PHE B 540 -27.07 -0.26 -65.87
CA PHE B 540 -28.14 0.64 -65.39
C PHE B 540 -27.50 1.90 -64.80
N PRO B 541 -27.94 3.11 -65.19
CA PRO B 541 -28.96 3.32 -66.22
C PRO B 541 -28.43 3.02 -67.64
N GLY B 542 -27.13 3.14 -67.86
CA GLY B 542 -26.49 3.06 -69.20
C GLY B 542 -25.98 4.43 -69.64
N SER B 543 -24.99 4.46 -70.54
CA SER B 543 -24.23 5.67 -70.95
C SER B 543 -25.14 6.71 -71.62
N GLN B 544 -26.34 6.33 -72.09
CA GLN B 544 -27.29 7.26 -72.76
C GLN B 544 -27.71 8.36 -71.77
N VAL B 545 -27.54 8.14 -70.47
CA VAL B 545 -27.67 9.18 -69.39
C VAL B 545 -26.35 9.95 -69.30
N ALA B 546 -26.26 11.13 -69.90
CA ALA B 546 -24.98 11.80 -70.27
C ALA B 546 -24.89 13.23 -69.72
N THR B 547 -25.86 14.09 -70.07
CA THR B 547 -25.86 15.53 -69.70
C THR B 547 -26.21 15.67 -68.22
N ASP B 548 -25.90 16.84 -67.63
CA ASP B 548 -26.25 17.16 -66.22
C ASP B 548 -27.76 16.96 -66.00
N ALA B 549 -28.62 17.44 -66.90
CA ALA B 549 -30.10 17.41 -66.72
C ALA B 549 -30.62 15.96 -66.86
N GLU B 550 -30.00 15.15 -67.71
CA GLU B 550 -30.34 13.71 -67.89
C GLU B 550 -29.97 12.95 -66.61
N ILE B 551 -28.81 13.25 -66.05
CA ILE B 551 -28.32 12.64 -64.78
C ILE B 551 -29.30 13.00 -63.66
N LEU B 552 -29.63 14.28 -63.52
CA LEU B 552 -30.57 14.74 -62.45
C LEU B 552 -31.90 14.02 -62.60
N ASP B 553 -32.45 14.00 -63.82
CA ASP B 553 -33.74 13.33 -64.13
C ASP B 553 -33.69 11.85 -63.72
N HIS B 554 -32.62 11.14 -64.08
CA HIS B 554 -32.41 9.72 -63.70
C HIS B 554 -32.36 9.55 -62.17
N VAL B 555 -31.64 10.44 -61.47
CA VAL B 555 -31.52 10.38 -59.98
C VAL B 555 -32.91 10.57 -59.37
N ARG B 556 -33.68 11.54 -59.87
CA ARG B 556 -35.02 11.87 -59.33
C ARG B 556 -35.95 10.66 -59.50
N LYS B 557 -35.70 9.80 -60.49
CA LYS B 557 -36.53 8.59 -60.76
C LYS B 557 -36.03 7.41 -59.93
N SER B 558 -34.71 7.28 -59.71
CA SER B 558 -34.08 6.04 -59.20
C SER B 558 -33.67 6.13 -57.72
N PHE B 559 -33.79 7.29 -57.07
CA PHE B 559 -33.34 7.44 -55.66
C PHE B 559 -34.47 7.02 -54.71
N ASP B 560 -34.09 6.60 -53.51
CA ASP B 560 -35.00 6.53 -52.34
C ASP B 560 -34.24 7.04 -51.12
N THR B 561 -34.95 7.22 -50.01
CA THR B 561 -34.37 7.34 -48.66
C THR B 561 -33.47 6.13 -48.39
N ILE B 562 -32.47 6.32 -47.55
CA ILE B 562 -31.63 5.25 -46.99
C ILE B 562 -32.00 5.10 -45.51
N PHE B 563 -33.12 5.73 -45.09
CA PHE B 563 -33.93 5.39 -43.90
C PHE B 563 -33.38 6.03 -42.62
N HIS B 564 -32.83 7.23 -42.73
CA HIS B 564 -32.15 7.94 -41.61
C HIS B 564 -33.03 9.11 -41.12
N ALA B 565 -34.36 9.01 -41.25
CA ALA B 565 -35.31 10.07 -40.81
C ALA B 565 -34.98 10.43 -39.36
N SER B 566 -34.96 11.73 -39.05
CA SER B 566 -34.46 12.25 -37.75
C SER B 566 -34.80 13.73 -37.57
N CYS B 567 -34.69 14.20 -36.32
CA CYS B 567 -34.65 15.62 -35.93
C CYS B 567 -36.06 16.23 -35.88
N THR B 568 -37.10 15.41 -35.75
CA THR B 568 -38.52 15.87 -35.70
C THR B 568 -38.90 16.20 -34.25
N CYS B 569 -38.04 15.90 -33.28
CA CYS B 569 -38.14 16.35 -31.86
C CYS B 569 -36.76 16.88 -31.45
N ALA B 570 -36.23 17.83 -32.23
CA ALA B 570 -34.81 18.21 -32.24
C ALA B 570 -34.34 18.64 -30.85
N MET B 571 -33.15 18.19 -30.46
CA MET B 571 -32.44 18.72 -29.27
C MET B 571 -31.92 20.12 -29.60
N GLY B 572 -32.14 21.07 -28.68
CA GLY B 572 -31.54 22.41 -28.73
C GLY B 572 -31.55 23.06 -27.36
N LEU B 573 -31.43 24.38 -27.32
CA LEU B 573 -31.49 25.18 -26.07
C LEU B 573 -32.96 25.32 -25.62
N ALA B 574 -33.22 25.30 -24.32
CA ALA B 574 -34.55 25.48 -23.70
C ALA B 574 -35.23 26.78 -24.18
N ASN B 575 -34.47 27.82 -24.53
CA ASN B 575 -34.99 29.16 -24.91
C ASN B 575 -35.23 29.24 -26.43
N ASP B 576 -34.78 28.25 -27.21
CA ASP B 576 -35.09 28.11 -28.67
C ASP B 576 -36.55 27.62 -28.80
N THR B 577 -37.40 28.39 -29.49
CA THR B 577 -38.86 28.08 -29.61
C THR B 577 -39.08 26.92 -30.59
N GLN B 578 -38.09 26.63 -31.46
CA GLN B 578 -38.15 25.53 -32.47
C GLN B 578 -37.63 24.22 -31.88
N ALA B 579 -36.90 24.27 -30.76
CA ALA B 579 -36.33 23.05 -30.13
C ALA B 579 -37.47 22.29 -29.45
N VAL B 580 -37.35 20.97 -29.34
CA VAL B 580 -38.39 20.11 -28.70
C VAL B 580 -37.82 19.56 -27.40
N VAL B 581 -36.56 19.14 -27.39
CA VAL B 581 -35.92 18.61 -26.15
C VAL B 581 -34.65 19.40 -25.86
N ASP B 582 -34.28 19.45 -24.58
CA ASP B 582 -33.00 20.05 -24.08
C ASP B 582 -31.93 18.96 -24.14
N SER B 583 -30.72 19.28 -23.68
CA SER B 583 -29.50 18.43 -23.80
C SER B 583 -29.63 17.18 -22.93
N LYS B 584 -30.62 17.15 -22.02
CA LYS B 584 -30.92 15.98 -21.15
C LYS B 584 -32.11 15.20 -21.74
N ALA B 585 -32.53 15.55 -22.96
CA ALA B 585 -33.61 14.90 -23.74
C ALA B 585 -34.97 15.15 -23.08
N ARG B 586 -35.08 16.15 -22.20
CA ARG B 586 -36.38 16.53 -21.58
C ARG B 586 -37.18 17.37 -22.57
N VAL B 587 -38.46 17.06 -22.72
CA VAL B 587 -39.38 17.83 -23.60
C VAL B 587 -39.59 19.21 -22.96
N ILE B 588 -39.29 20.27 -23.71
CA ILE B 588 -39.42 21.68 -23.24
C ILE B 588 -40.91 22.01 -23.10
N GLY B 589 -41.30 22.58 -21.95
CA GLY B 589 -42.66 23.08 -21.67
C GLY B 589 -43.49 22.12 -20.85
N VAL B 590 -42.97 20.93 -20.54
CA VAL B 590 -43.67 19.88 -19.73
C VAL B 590 -42.65 19.24 -18.78
N GLU B 591 -43.11 18.35 -17.90
CA GLU B 591 -42.27 17.68 -16.87
C GLU B 591 -42.40 16.16 -16.98
N ALA B 592 -41.30 15.47 -16.66
CA ALA B 592 -41.24 14.01 -16.52
C ALA B 592 -41.42 13.32 -17.89
N LEU B 593 -41.11 14.01 -18.98
CA LEU B 593 -41.22 13.45 -20.35
C LEU B 593 -39.92 13.69 -21.12
N ARG B 594 -39.29 12.60 -21.57
CA ARG B 594 -38.09 12.66 -22.44
C ARG B 594 -38.39 11.99 -23.78
N VAL B 595 -37.60 12.35 -24.80
CA VAL B 595 -37.60 11.72 -26.13
C VAL B 595 -36.18 11.24 -26.39
N VAL B 596 -36.02 9.93 -26.60
CA VAL B 596 -34.72 9.29 -26.87
C VAL B 596 -34.91 8.36 -28.06
N ASP B 597 -34.57 8.86 -29.25
CA ASP B 597 -34.64 8.16 -30.55
C ASP B 597 -34.09 9.09 -31.63
N ALA B 598 -34.17 8.72 -32.89
CA ALA B 598 -33.66 9.52 -34.03
C ALA B 598 -34.33 10.90 -34.04
N SER B 599 -35.57 11.03 -33.54
CA SER B 599 -36.32 12.30 -33.55
C SER B 599 -35.58 13.34 -32.68
N ALA B 600 -34.89 12.89 -31.63
CA ALA B 600 -34.22 13.76 -30.63
C ALA B 600 -32.89 14.35 -31.13
N LEU B 601 -32.33 13.87 -32.24
CA LEU B 601 -31.02 14.39 -32.72
C LEU B 601 -31.17 15.87 -33.05
N PRO B 602 -30.16 16.72 -32.80
CA PRO B 602 -30.25 18.16 -33.09
C PRO B 602 -30.18 18.42 -34.60
N PHE B 603 -29.42 17.56 -35.30
CA PHE B 603 -29.24 17.57 -36.77
C PHE B 603 -28.72 16.17 -37.12
N LEU B 604 -28.77 15.80 -38.39
CA LEU B 604 -28.35 14.43 -38.83
C LEU B 604 -26.86 14.45 -39.06
N PRO B 605 -26.05 13.71 -38.27
CA PRO B 605 -24.62 13.61 -38.53
C PRO B 605 -24.38 12.79 -39.79
N PRO B 606 -23.17 12.84 -40.36
CA PRO B 606 -22.92 12.12 -41.62
C PRO B 606 -23.02 10.60 -41.40
N GLY B 607 -23.68 9.92 -42.34
CA GLY B 607 -23.66 8.46 -42.44
C GLY B 607 -24.73 7.77 -41.60
N HIS B 608 -24.38 6.61 -41.04
CA HIS B 608 -25.32 5.61 -40.48
C HIS B 608 -25.55 5.90 -39.00
N PRO B 609 -26.79 6.18 -38.59
CA PRO B 609 -27.05 6.68 -37.23
C PRO B 609 -27.25 5.69 -36.09
N GLN B 610 -27.32 4.37 -36.35
CA GLN B 610 -27.70 3.41 -35.27
C GLN B 610 -26.66 3.49 -34.13
N SER B 611 -25.37 3.57 -34.42
CA SER B 611 -24.29 3.68 -33.40
C SER B 611 -24.60 4.83 -32.42
N THR B 612 -25.02 5.97 -32.98
CA THR B 612 -25.29 7.22 -32.21
C THR B 612 -26.55 7.05 -31.37
N LEU B 613 -27.55 6.33 -31.87
CA LEU B 613 -28.83 6.12 -31.14
C LEU B 613 -28.60 5.16 -29.97
N TYR B 614 -27.83 4.09 -30.16
CA TYR B 614 -27.43 3.20 -29.04
C TYR B 614 -26.73 4.04 -27.96
N ALA B 615 -25.77 4.85 -28.38
CA ALA B 615 -24.93 5.68 -27.48
C ALA B 615 -25.83 6.70 -26.76
N LEU B 616 -26.68 7.40 -27.49
CA LEU B 616 -27.59 8.42 -26.88
C LEU B 616 -28.48 7.74 -25.83
N ALA B 617 -28.96 6.54 -26.11
CA ALA B 617 -29.80 5.78 -25.15
C ALA B 617 -28.96 5.45 -23.91
N GLU B 618 -27.73 5.00 -24.09
CA GLU B 618 -26.78 4.72 -22.99
C GLU B 618 -26.62 5.97 -22.13
N LYS B 619 -26.44 7.12 -22.78
CA LYS B 619 -26.17 8.42 -22.10
C LYS B 619 -27.40 8.86 -21.30
N ILE B 620 -28.59 8.88 -21.90
CA ILE B 620 -29.80 9.41 -21.20
C ILE B 620 -30.19 8.43 -20.08
N ALA B 621 -29.89 7.13 -20.22
CA ALA B 621 -30.09 6.14 -19.14
C ALA B 621 -29.31 6.57 -17.90
N CYS B 622 -28.01 6.85 -18.06
CA CYS B 622 -27.12 7.31 -16.97
C CYS B 622 -27.60 8.68 -16.43
N GLU B 623 -27.99 9.60 -17.31
CA GLU B 623 -28.54 10.93 -16.91
C GLU B 623 -29.72 10.71 -15.95
N ILE B 624 -30.62 9.78 -16.28
CA ILE B 624 -31.86 9.54 -15.49
C ILE B 624 -31.52 8.87 -14.16
N SER B 625 -30.64 7.86 -14.19
CA SER B 625 -30.40 6.95 -13.05
C SER B 625 -29.40 7.56 -12.06
N GLY B 626 -28.36 8.23 -12.56
CA GLY B 626 -27.19 8.69 -11.80
C GLY B 626 -26.37 7.56 -11.19
N ASN B 627 -26.49 6.33 -11.68
CA ASN B 627 -25.88 5.13 -11.02
C ASN B 627 -24.91 4.40 -11.96
N CYS B 628 -24.17 5.13 -12.80
CA CYS B 628 -23.18 4.52 -13.74
C CYS B 628 -21.75 4.64 -13.18
N MET C 39 -32.74 -22.44 -36.66
CA MET C 39 -33.15 -20.99 -36.79
C MET C 39 -34.67 -20.88 -36.57
N LEU C 40 -35.07 -20.20 -35.50
CA LEU C 40 -36.48 -20.17 -35.04
C LEU C 40 -37.38 -19.68 -36.18
N GLY C 41 -36.96 -18.62 -36.86
CA GLY C 41 -37.79 -17.94 -37.87
C GLY C 41 -38.09 -18.83 -39.06
N SER C 42 -37.24 -19.82 -39.33
CA SER C 42 -37.43 -20.76 -40.47
C SER C 42 -38.76 -21.52 -40.29
N SER C 43 -39.28 -21.63 -39.07
CA SER C 43 -40.54 -22.36 -38.75
C SER C 43 -41.78 -21.51 -39.02
N PHE C 44 -41.67 -20.19 -39.16
CA PHE C 44 -42.85 -19.28 -39.13
C PHE C 44 -43.10 -18.72 -40.53
N GLY C 45 -44.37 -18.70 -40.92
CA GLY C 45 -44.80 -18.42 -42.31
C GLY C 45 -44.95 -16.93 -42.56
N ILE C 46 -44.80 -16.54 -43.81
CA ILE C 46 -45.02 -15.15 -44.32
C ILE C 46 -46.45 -15.08 -44.86
N PRO C 47 -47.24 -14.07 -44.47
CA PRO C 47 -48.62 -13.94 -44.90
C PRO C 47 -48.79 -13.53 -46.37
N LYS C 48 -48.65 -14.50 -47.28
CA LYS C 48 -48.88 -14.34 -48.74
C LYS C 48 -49.40 -15.67 -49.32
N ASN C 49 -49.96 -15.63 -50.53
CA ASN C 49 -50.48 -16.82 -51.26
C ASN C 49 -49.35 -17.84 -51.39
N GLN C 50 -49.59 -19.08 -50.99
CA GLN C 50 -48.61 -20.18 -51.22
C GLN C 50 -49.31 -21.52 -51.00
N THR C 51 -48.62 -22.60 -51.32
CA THR C 51 -49.19 -23.97 -51.38
C THR C 51 -48.42 -24.86 -50.40
N PHE C 52 -49.16 -25.67 -49.65
CA PHE C 52 -48.63 -26.77 -48.80
C PHE C 52 -49.35 -28.05 -49.19
N ASP C 53 -48.82 -29.19 -48.78
CA ASP C 53 -49.49 -30.51 -48.95
C ASP C 53 -50.68 -30.55 -47.99
N TYR C 54 -50.49 -30.16 -46.72
CA TYR C 54 -51.55 -30.20 -45.67
C TYR C 54 -51.68 -28.85 -44.96
N LEU C 55 -52.91 -28.45 -44.67
CA LEU C 55 -53.24 -27.31 -43.79
C LEU C 55 -53.99 -27.86 -42.59
N VAL C 56 -53.57 -27.46 -41.39
CA VAL C 56 -54.32 -27.66 -40.13
C VAL C 56 -54.83 -26.28 -39.68
N ILE C 57 -56.14 -26.13 -39.55
CA ILE C 57 -56.81 -24.89 -39.06
C ILE C 57 -57.03 -25.04 -37.55
N GLY C 58 -56.33 -24.23 -36.76
CA GLY C 58 -56.40 -24.24 -35.30
C GLY C 58 -55.15 -24.87 -34.72
N GLY C 59 -54.29 -24.04 -34.12
CA GLY C 59 -53.07 -24.49 -33.41
C GLY C 59 -53.38 -24.79 -31.96
N GLY C 60 -54.40 -25.61 -31.70
CA GLY C 60 -54.87 -25.95 -30.35
C GLY C 60 -54.41 -27.33 -29.90
N THR C 61 -55.20 -27.97 -29.03
CA THR C 61 -54.82 -29.26 -28.41
C THR C 61 -54.59 -30.31 -29.50
N ALA C 62 -55.61 -30.58 -30.28
CA ALA C 62 -55.59 -31.55 -31.39
C ALA C 62 -54.73 -30.99 -32.53
N GLY C 63 -54.92 -29.71 -32.86
CA GLY C 63 -54.30 -29.06 -34.02
C GLY C 63 -52.79 -29.23 -34.04
N LEU C 64 -52.09 -28.82 -32.97
CA LEU C 64 -50.60 -28.83 -32.96
C LEU C 64 -50.13 -30.29 -32.92
N THR C 65 -50.93 -31.18 -32.35
CA THR C 65 -50.59 -32.62 -32.24
C THR C 65 -50.58 -33.22 -33.65
N ILE C 66 -51.67 -33.07 -34.39
CA ILE C 66 -51.79 -33.70 -35.74
C ILE C 66 -50.82 -33.01 -36.71
N ALA C 67 -50.65 -31.69 -36.61
CA ALA C 67 -49.73 -30.93 -37.48
C ALA C 67 -48.31 -31.47 -37.28
N THR C 68 -47.87 -31.63 -36.03
CA THR C 68 -46.48 -32.07 -35.73
C THR C 68 -46.29 -33.51 -36.21
N ARG C 69 -47.25 -34.41 -35.93
CA ARG C 69 -47.18 -35.84 -36.28
C ARG C 69 -47.21 -35.99 -37.80
N LEU C 70 -48.09 -35.29 -38.51
CA LEU C 70 -48.09 -35.34 -39.99
C LEU C 70 -46.70 -34.95 -40.50
N ALA C 71 -46.13 -33.85 -40.02
CA ALA C 71 -44.82 -33.33 -40.47
C ALA C 71 -43.73 -34.40 -40.25
N GLU C 72 -43.81 -35.20 -39.18
CA GLU C 72 -42.80 -36.22 -38.82
C GLU C 72 -42.99 -37.53 -39.57
N GLN C 73 -44.13 -37.73 -40.22
CA GLN C 73 -44.55 -39.06 -40.77
C GLN C 73 -44.41 -39.08 -42.29
N GLY C 74 -43.68 -38.11 -42.87
CA GLY C 74 -43.21 -38.12 -44.28
C GLY C 74 -44.31 -37.94 -45.29
N VAL C 75 -45.30 -37.08 -45.04
CA VAL C 75 -46.45 -36.86 -45.97
C VAL C 75 -46.23 -35.58 -46.78
N GLY C 76 -45.13 -34.87 -46.55
CA GLY C 76 -44.80 -33.61 -47.26
C GLY C 76 -44.92 -32.40 -46.36
N SER C 77 -45.23 -31.23 -46.94
CA SER C 77 -45.25 -29.93 -46.21
C SER C 77 -46.58 -29.78 -45.47
N VAL C 78 -46.51 -29.33 -44.22
CA VAL C 78 -47.69 -29.08 -43.34
C VAL C 78 -47.61 -27.64 -42.83
N ALA C 79 -48.71 -26.90 -42.90
CA ALA C 79 -48.87 -25.56 -42.31
C ALA C 79 -49.99 -25.65 -41.27
N VAL C 80 -49.77 -25.04 -40.11
CA VAL C 80 -50.81 -24.88 -39.05
C VAL C 80 -51.11 -23.38 -38.92
N ILE C 81 -52.40 -23.05 -38.85
CA ILE C 81 -52.95 -21.67 -38.83
C ILE C 81 -53.57 -21.44 -37.45
N GLU C 82 -53.08 -20.48 -36.68
CA GLU C 82 -53.58 -20.18 -35.32
C GLU C 82 -53.78 -18.67 -35.16
N ALA C 83 -54.95 -18.28 -34.66
CA ALA C 83 -55.41 -16.88 -34.49
C ALA C 83 -54.61 -16.19 -33.39
N GLY C 84 -54.20 -16.94 -32.37
CA GLY C 84 -53.46 -16.41 -31.21
C GLY C 84 -51.95 -16.47 -31.41
N GLY C 85 -51.22 -16.07 -30.37
CA GLY C 85 -49.75 -16.19 -30.30
C GLY C 85 -49.35 -17.14 -29.18
N PHE C 86 -48.11 -17.03 -28.73
CA PHE C 86 -47.58 -17.77 -27.58
C PHE C 86 -48.16 -17.18 -26.29
N TYR C 87 -48.65 -18.05 -25.42
CA TYR C 87 -49.27 -17.66 -24.13
C TYR C 87 -48.18 -17.18 -23.18
N GLU C 88 -46.93 -17.61 -23.41
CA GLU C 88 -45.74 -17.19 -22.65
C GLU C 88 -45.45 -15.71 -22.90
N LEU C 89 -45.90 -15.15 -24.02
CA LEU C 89 -45.70 -13.71 -24.35
C LEU C 89 -46.95 -12.90 -24.07
N ASN C 90 -48.14 -13.53 -24.01
CA ASN C 90 -49.43 -12.79 -24.15
C ASN C 90 -50.27 -12.90 -22.88
N ASN C 91 -49.82 -13.66 -21.88
CA ASN C 91 -50.56 -13.84 -20.61
C ASN C 91 -49.57 -13.97 -19.46
N GLY C 92 -48.45 -13.26 -19.51
CA GLY C 92 -47.41 -13.31 -18.47
C GLY C 92 -47.00 -14.74 -18.20
N ASN C 93 -46.84 -15.10 -16.92
CA ASN C 93 -46.53 -16.47 -16.44
C ASN C 93 -47.82 -17.15 -15.95
N LEU C 94 -49.00 -16.55 -16.17
CA LEU C 94 -50.29 -17.09 -15.62
C LEU C 94 -50.65 -18.46 -16.23
N SER C 95 -50.35 -18.70 -17.51
CA SER C 95 -50.63 -19.99 -18.20
C SER C 95 -49.51 -21.01 -17.98
N GLN C 96 -48.33 -20.58 -17.51
CA GLN C 96 -47.18 -21.50 -17.30
C GLN C 96 -47.24 -22.12 -15.88
N ILE C 97 -47.81 -21.41 -14.91
CA ILE C 97 -47.85 -21.87 -13.49
C ILE C 97 -49.16 -22.62 -13.23
N PRO C 98 -49.12 -23.93 -12.89
CA PRO C 98 -50.34 -24.71 -12.69
C PRO C 98 -51.34 -24.09 -11.71
N ALA C 99 -50.85 -23.53 -10.59
CA ALA C 99 -51.72 -22.95 -9.53
C ALA C 99 -52.44 -21.69 -10.01
N GLN C 100 -52.05 -21.11 -11.16
CA GLN C 100 -52.66 -19.88 -11.70
C GLN C 100 -53.74 -20.22 -12.74
N ASP C 101 -54.23 -21.46 -12.77
CA ASP C 101 -55.18 -21.93 -13.81
C ASP C 101 -56.57 -21.30 -13.63
N ALA C 102 -56.86 -20.69 -12.48
CA ALA C 102 -58.17 -20.06 -12.14
C ALA C 102 -58.30 -18.67 -12.78
N PHE C 103 -57.23 -18.09 -13.32
CA PHE C 103 -57.30 -16.76 -13.98
C PHE C 103 -58.13 -16.88 -15.24
N TYR C 104 -59.15 -16.04 -15.36
CA TYR C 104 -59.87 -15.74 -16.62
C TYR C 104 -60.76 -16.91 -17.05
N VAL C 105 -61.41 -17.59 -16.08
CA VAL C 105 -62.31 -18.74 -16.38
C VAL C 105 -63.70 -18.54 -15.75
N GLY C 106 -63.92 -17.43 -15.04
CA GLY C 106 -65.20 -17.15 -14.37
C GLY C 106 -66.32 -16.86 -15.36
N THR C 107 -67.56 -16.91 -14.89
CA THR C 107 -68.77 -16.61 -15.71
C THR C 107 -68.90 -15.12 -16.01
N ASP C 108 -68.28 -14.22 -15.23
CA ASP C 108 -68.38 -12.75 -15.48
C ASP C 108 -67.96 -12.45 -16.92
N LEU C 109 -68.74 -11.64 -17.66
CA LEU C 109 -68.51 -11.37 -19.11
C LEU C 109 -67.16 -10.70 -19.32
N ASP C 110 -66.59 -10.04 -18.31
CA ASP C 110 -65.33 -9.28 -18.45
C ASP C 110 -64.13 -10.07 -17.90
N ASP C 111 -64.30 -11.30 -17.38
CA ASP C 111 -63.18 -12.09 -16.79
C ASP C 111 -62.39 -12.81 -17.90
N TRP C 112 -61.73 -12.03 -18.76
CA TRP C 112 -60.87 -12.52 -19.85
C TRP C 112 -60.00 -11.36 -20.34
N GLN C 113 -58.95 -11.65 -21.09
CA GLN C 113 -58.15 -10.64 -21.82
C GLN C 113 -57.74 -11.27 -23.14
N PRO C 114 -57.66 -10.48 -24.23
CA PRO C 114 -57.62 -11.02 -25.58
C PRO C 114 -56.33 -11.76 -25.97
N GLY C 115 -55.31 -11.74 -25.09
CA GLY C 115 -54.03 -12.44 -25.30
C GLY C 115 -54.13 -13.94 -25.09
N ILE C 116 -55.11 -14.45 -24.32
CA ILE C 116 -55.30 -15.92 -24.08
C ILE C 116 -56.73 -16.38 -24.28
N ASP C 117 -57.70 -15.49 -24.51
CA ASP C 117 -59.13 -15.90 -24.46
C ASP C 117 -59.90 -15.22 -25.59
N TRP C 118 -60.91 -15.91 -26.12
CA TRP C 118 -61.76 -15.42 -27.24
C TRP C 118 -62.81 -14.44 -26.71
N GLY C 119 -63.08 -14.44 -25.41
CA GLY C 119 -64.12 -13.59 -24.81
C GLY C 119 -65.53 -14.00 -25.23
N PHE C 120 -65.74 -15.28 -25.54
CA PHE C 120 -67.07 -15.83 -25.91
C PHE C 120 -68.00 -15.82 -24.69
N HIS C 121 -69.27 -15.50 -24.92
CA HIS C 121 -70.35 -15.63 -23.91
C HIS C 121 -71.43 -16.54 -24.50
N THR C 122 -72.22 -17.17 -23.63
CA THR C 122 -73.36 -18.02 -24.00
C THR C 122 -74.56 -17.14 -24.36
N THR C 123 -75.55 -17.73 -25.04
CA THR C 123 -76.95 -17.24 -25.08
C THR C 123 -77.48 -17.28 -23.66
N PRO C 124 -78.63 -16.62 -23.37
CA PRO C 124 -79.28 -16.76 -22.06
C PRO C 124 -79.61 -18.24 -21.81
N GLN C 125 -79.22 -18.79 -20.67
CA GLN C 125 -79.18 -20.25 -20.42
C GLN C 125 -80.41 -20.71 -19.65
N ALA C 126 -81.27 -21.50 -20.31
CA ALA C 126 -82.56 -22.01 -19.79
C ALA C 126 -82.35 -22.74 -18.46
N GLY C 127 -81.21 -23.39 -18.26
CA GLY C 127 -80.94 -24.19 -17.05
C GLY C 127 -80.27 -23.39 -15.95
N ALA C 128 -79.93 -22.13 -16.22
CA ALA C 128 -79.16 -21.27 -15.29
C ALA C 128 -79.89 -19.93 -15.13
N TYR C 129 -81.23 -19.95 -15.06
CA TYR C 129 -82.08 -18.76 -14.82
C TYR C 129 -81.72 -17.66 -15.84
N ASP C 130 -81.48 -18.06 -17.09
CA ASP C 130 -81.22 -17.16 -18.25
C ASP C 130 -79.88 -16.42 -18.07
N ARG C 131 -79.00 -16.87 -17.19
CA ARG C 131 -77.64 -16.29 -17.03
C ARG C 131 -76.91 -16.33 -18.38
N VAL C 132 -76.35 -15.19 -18.79
CA VAL C 132 -75.37 -15.05 -19.90
C VAL C 132 -73.97 -15.14 -19.27
N SER C 133 -73.19 -16.17 -19.59
CA SER C 133 -71.89 -16.47 -18.92
C SER C 133 -70.74 -16.47 -19.93
N HIS C 134 -69.56 -16.00 -19.50
CA HIS C 134 -68.28 -16.19 -20.22
C HIS C 134 -67.97 -17.69 -20.30
N TYR C 135 -67.68 -18.20 -21.49
CA TYR C 135 -67.19 -19.58 -21.74
C TYR C 135 -65.73 -19.49 -22.19
N ALA C 136 -64.79 -19.69 -21.27
CA ALA C 136 -63.34 -19.64 -21.53
C ALA C 136 -62.98 -20.58 -22.68
N ARG C 137 -62.26 -20.04 -23.66
CA ARG C 137 -61.61 -20.76 -24.78
C ARG C 137 -60.21 -20.16 -24.98
N GLY C 138 -59.20 -21.01 -25.14
CA GLY C 138 -57.83 -20.57 -25.42
C GLY C 138 -57.76 -19.93 -26.79
N LYS C 139 -57.19 -18.73 -26.86
CA LYS C 139 -56.78 -18.08 -28.13
C LYS C 139 -55.26 -17.89 -28.05
N CYS C 140 -54.54 -18.88 -28.55
CA CYS C 140 -53.07 -19.03 -28.40
C CYS C 140 -52.64 -20.37 -29.00
N LEU C 141 -51.37 -20.49 -29.34
CA LEU C 141 -50.75 -21.80 -29.64
C LEU C 141 -50.95 -22.69 -28.41
N GLY C 142 -51.61 -23.84 -28.59
CA GLY C 142 -51.99 -24.75 -27.50
C GLY C 142 -53.48 -24.72 -27.26
N GLY C 143 -54.16 -23.68 -27.75
CA GLY C 143 -55.60 -23.49 -27.56
C GLY C 143 -55.98 -23.69 -26.10
N SER C 144 -56.95 -24.54 -25.82
CA SER C 144 -57.50 -24.72 -24.46
C SER C 144 -56.58 -25.61 -23.62
N SER C 145 -55.55 -26.24 -24.22
CA SER C 145 -54.50 -26.93 -23.43
C SER C 145 -53.60 -25.90 -22.73
N ALA C 146 -53.66 -24.62 -23.12
CA ALA C 146 -53.01 -23.50 -22.41
C ALA C 146 -53.81 -23.09 -21.17
N ARG C 147 -55.09 -23.46 -21.10
CA ARG C 147 -56.12 -22.89 -20.18
C ARG C 147 -56.66 -23.97 -19.22
N ASN C 148 -56.46 -25.25 -19.48
CA ASN C 148 -57.19 -26.34 -18.78
C ASN C 148 -56.58 -26.58 -17.39
N TYR C 149 -57.16 -27.47 -16.60
CA TYR C 149 -56.71 -27.77 -15.22
C TYR C 149 -55.76 -28.97 -15.26
N MET C 150 -55.35 -29.37 -16.48
CA MET C 150 -54.17 -30.24 -16.73
C MET C 150 -54.48 -31.72 -16.38
N ALA C 151 -55.71 -32.06 -16.02
CA ALA C 151 -56.07 -33.45 -15.64
C ALA C 151 -55.90 -34.38 -16.85
N TYR C 152 -55.15 -35.47 -16.68
CA TYR C 152 -54.99 -36.56 -17.67
C TYR C 152 -55.71 -37.79 -17.11
N GLN C 153 -56.84 -38.15 -17.69
CA GLN C 153 -57.66 -39.35 -17.33
C GLN C 153 -58.34 -39.86 -18.61
N ARG C 154 -58.42 -41.17 -18.77
CA ARG C 154 -59.02 -41.79 -19.99
C ARG C 154 -60.42 -42.28 -19.64
N GLY C 155 -61.25 -42.49 -20.65
CA GLY C 155 -62.59 -43.08 -20.49
C GLY C 155 -62.54 -44.56 -20.11
N THR C 156 -63.67 -45.24 -20.23
CA THR C 156 -63.85 -46.65 -19.81
C THR C 156 -63.85 -47.55 -21.04
N LYS C 157 -63.56 -48.83 -20.83
CA LYS C 157 -63.58 -49.86 -21.89
C LYS C 157 -64.96 -49.85 -22.56
N ALA C 158 -66.04 -49.72 -21.78
CA ALA C 158 -67.42 -49.80 -22.29
C ALA C 158 -67.75 -48.54 -23.10
N ALA C 159 -67.22 -47.37 -22.71
CA ALA C 159 -67.39 -46.11 -23.49
C ALA C 159 -66.74 -46.29 -24.87
N HIS C 160 -65.54 -46.88 -24.90
CA HIS C 160 -64.81 -47.17 -26.16
C HIS C 160 -65.59 -48.22 -26.97
N GLN C 161 -66.22 -49.19 -26.31
CA GLN C 161 -67.09 -50.18 -27.00
C GLN C 161 -68.25 -49.43 -27.68
N ARG C 162 -68.94 -48.53 -26.95
CA ARG C 162 -70.07 -47.74 -27.51
C ARG C 162 -69.55 -46.86 -28.66
N TRP C 163 -68.32 -46.32 -28.56
CA TRP C 163 -67.73 -45.46 -29.63
C TRP C 163 -67.62 -46.31 -30.90
N ALA C 164 -67.01 -47.48 -30.78
CA ALA C 164 -66.81 -48.44 -31.89
C ALA C 164 -68.15 -48.72 -32.57
N ASP C 165 -69.20 -48.99 -31.77
CA ASP C 165 -70.56 -49.37 -32.27
C ASP C 165 -71.17 -48.17 -33.02
N THR C 166 -71.11 -46.96 -32.45
CA THR C 166 -71.79 -45.76 -33.01
C THR C 166 -71.20 -45.38 -34.36
N VAL C 167 -69.88 -45.53 -34.53
CA VAL C 167 -69.17 -45.04 -35.74
C VAL C 167 -68.84 -46.20 -36.69
N GLY C 168 -69.09 -47.45 -36.27
CA GLY C 168 -68.95 -48.66 -37.11
C GLY C 168 -67.49 -48.95 -37.42
N ASP C 169 -66.62 -48.90 -36.40
CA ASP C 169 -65.15 -49.06 -36.56
C ASP C 169 -64.55 -49.57 -35.25
N SER C 170 -64.08 -50.82 -35.23
CA SER C 170 -63.61 -51.52 -34.01
C SER C 170 -62.24 -50.97 -33.59
N SER C 171 -61.57 -50.16 -34.43
CA SER C 171 -60.27 -49.53 -34.04
C SER C 171 -60.47 -48.55 -32.88
N TYR C 172 -61.71 -48.21 -32.51
CA TYR C 172 -62.01 -47.32 -31.34
C TYR C 172 -62.22 -48.13 -30.05
N THR C 173 -62.24 -49.46 -30.09
CA THR C 173 -62.32 -50.31 -28.87
C THR C 173 -61.05 -50.13 -28.05
N TRP C 174 -61.14 -50.30 -26.73
CA TRP C 174 -60.04 -50.00 -25.78
C TRP C 174 -58.70 -50.55 -26.30
N GLU C 175 -58.65 -51.84 -26.60
CA GLU C 175 -57.39 -52.59 -26.84
C GLU C 175 -56.73 -52.07 -28.13
N GLN C 176 -57.52 -51.66 -29.12
CA GLN C 176 -57.02 -51.15 -30.43
C GLN C 176 -56.62 -49.67 -30.32
N PHE C 177 -57.29 -48.90 -29.47
CA PHE C 177 -57.10 -47.43 -29.35
C PHE C 177 -55.95 -47.13 -28.39
N LEU C 178 -55.71 -48.01 -27.41
CA LEU C 178 -54.73 -47.79 -26.29
C LEU C 178 -53.35 -47.34 -26.81
N PRO C 179 -52.76 -47.94 -27.86
CA PRO C 179 -51.43 -47.53 -28.31
C PRO C 179 -51.36 -46.04 -28.69
N PHE C 180 -52.47 -45.47 -29.19
CA PHE C 180 -52.56 -44.04 -29.56
C PHE C 180 -52.57 -43.18 -28.29
N PHE C 181 -53.12 -43.67 -27.19
CA PHE C 181 -53.05 -43.02 -25.85
C PHE C 181 -51.60 -43.02 -25.35
N GLU C 182 -50.85 -44.10 -25.58
CA GLU C 182 -49.50 -44.32 -24.96
C GLU C 182 -48.42 -43.58 -25.76
N LYS C 183 -48.59 -43.50 -27.08
CA LYS C 183 -47.64 -42.91 -28.04
C LYS C 183 -47.22 -41.50 -27.59
N SER C 184 -48.14 -40.69 -27.06
CA SER C 184 -47.90 -39.24 -26.78
C SER C 184 -46.99 -39.04 -25.55
N LEU C 185 -46.87 -40.01 -24.63
CA LEU C 185 -46.55 -39.72 -23.20
C LEU C 185 -45.07 -39.84 -22.88
N HIS C 186 -44.65 -39.00 -21.93
CA HIS C 186 -43.42 -39.16 -21.12
C HIS C 186 -43.86 -39.11 -19.66
N PHE C 187 -44.04 -40.29 -19.07
CA PHE C 187 -44.48 -40.47 -17.67
C PHE C 187 -43.26 -40.34 -16.75
N THR C 188 -43.41 -39.59 -15.66
CA THR C 188 -42.47 -39.56 -14.52
C THR C 188 -43.24 -39.98 -13.27
N PRO C 189 -42.74 -40.99 -12.51
CA PRO C 189 -43.39 -41.41 -11.26
C PRO C 189 -43.46 -40.29 -10.22
N ALA C 190 -44.37 -40.44 -9.26
CA ALA C 190 -44.52 -39.52 -8.11
C ALA C 190 -43.19 -39.39 -7.39
N ASN C 191 -42.84 -38.17 -7.01
CA ASN C 191 -41.63 -37.85 -6.21
C ASN C 191 -42.06 -37.80 -4.74
N ASP C 192 -41.80 -38.87 -3.99
CA ASP C 192 -42.28 -39.05 -2.59
C ASP C 192 -41.57 -38.02 -1.68
N ALA C 193 -40.30 -37.71 -1.95
CA ALA C 193 -39.48 -36.79 -1.13
C ALA C 193 -40.10 -35.38 -1.10
N LEU C 194 -40.57 -34.85 -2.25
CA LEU C 194 -41.15 -33.48 -2.32
C LEU C 194 -42.62 -33.51 -1.90
N ARG C 195 -43.36 -34.57 -2.23
CA ARG C 195 -44.82 -34.66 -1.95
C ARG C 195 -45.05 -34.90 -0.46
N GLY C 196 -44.16 -35.65 0.21
CA GLY C 196 -44.33 -36.18 1.57
C GLY C 196 -44.94 -37.56 1.55
N ALA C 197 -44.64 -38.38 2.57
CA ALA C 197 -45.08 -39.80 2.70
C ALA C 197 -46.62 -39.90 2.72
N ASN C 198 -47.30 -38.97 3.42
CA ASN C 198 -48.77 -38.77 3.44
C ASN C 198 -49.42 -38.89 2.06
N ALA C 199 -48.70 -38.49 1.00
CA ALA C 199 -49.28 -38.24 -0.34
C ALA C 199 -48.84 -39.33 -1.33
N SER C 200 -48.42 -40.50 -0.84
CA SER C 200 -48.08 -41.69 -1.67
C SER C 200 -49.23 -41.99 -2.63
N VAL C 201 -48.88 -42.46 -3.82
CA VAL C 201 -49.80 -42.59 -4.99
C VAL C 201 -49.90 -44.07 -5.36
N VAL C 202 -51.00 -44.48 -6.00
CA VAL C 202 -51.18 -45.84 -6.58
C VAL C 202 -51.43 -45.66 -8.08
N SER C 203 -50.44 -46.05 -8.90
CA SER C 203 -50.42 -45.83 -10.37
C SER C 203 -50.28 -47.17 -11.11
N ASP C 204 -50.57 -47.17 -12.42
CA ASP C 204 -50.36 -48.31 -13.35
C ASP C 204 -49.42 -47.84 -14.48
N PRO C 205 -48.09 -47.91 -14.29
CA PRO C 205 -47.14 -47.41 -15.30
C PRO C 205 -47.20 -48.17 -16.65
N SER C 206 -47.75 -49.37 -16.68
CA SER C 206 -47.75 -50.25 -17.88
C SER C 206 -48.58 -49.64 -19.03
N VAL C 207 -49.42 -48.64 -18.76
CA VAL C 207 -50.31 -48.02 -19.79
C VAL C 207 -49.90 -46.55 -20.04
N LEU C 208 -48.74 -46.13 -19.55
CA LEU C 208 -48.33 -44.70 -19.60
C LEU C 208 -47.11 -44.51 -20.53
N GLY C 209 -46.92 -45.44 -21.48
CA GLY C 209 -45.99 -45.31 -22.61
C GLY C 209 -44.55 -45.67 -22.24
N ASN C 210 -43.62 -45.41 -23.16
CA ASN C 210 -42.20 -45.86 -23.10
C ASN C 210 -41.25 -44.68 -22.86
N GLY C 211 -41.75 -43.47 -22.60
CA GLY C 211 -40.92 -42.29 -22.30
C GLY C 211 -40.56 -41.46 -23.52
N ASP C 212 -40.91 -41.89 -24.74
CA ASP C 212 -40.38 -41.32 -26.01
C ASP C 212 -41.26 -40.15 -26.48
N GLY C 213 -42.51 -40.08 -26.02
CA GLY C 213 -43.49 -39.07 -26.44
C GLY C 213 -43.19 -37.70 -25.82
N PRO C 214 -43.61 -36.60 -26.47
CA PRO C 214 -43.32 -35.26 -25.96
C PRO C 214 -44.24 -34.73 -24.85
N LEU C 215 -45.37 -35.40 -24.58
CA LEU C 215 -46.38 -34.92 -23.60
C LEU C 215 -46.05 -35.46 -22.21
N SER C 216 -45.45 -34.60 -21.38
CA SER C 216 -45.15 -34.85 -19.96
C SER C 216 -46.47 -35.15 -19.24
N VAL C 217 -46.53 -36.28 -18.54
CA VAL C 217 -47.62 -36.57 -17.56
C VAL C 217 -46.94 -37.04 -16.27
N THR C 218 -47.36 -36.49 -15.15
CA THR C 218 -46.77 -36.82 -13.85
C THR C 218 -47.74 -36.42 -12.74
N TYR C 219 -47.32 -36.67 -11.52
CA TYR C 219 -47.99 -36.27 -10.28
C TYR C 219 -47.34 -34.96 -9.87
N PRO C 220 -48.11 -34.00 -9.34
CA PRO C 220 -47.53 -32.74 -8.87
C PRO C 220 -46.48 -32.99 -7.77
N HIS C 221 -45.49 -32.10 -7.68
CA HIS C 221 -44.43 -32.08 -6.63
C HIS C 221 -45.01 -31.66 -5.28
N TYR C 222 -46.23 -31.11 -5.30
CA TYR C 222 -46.95 -30.66 -4.09
C TYR C 222 -48.37 -31.22 -4.13
N ALA C 223 -48.76 -31.91 -3.06
CA ALA C 223 -50.13 -32.40 -2.85
C ALA C 223 -50.81 -31.50 -1.81
N GLN C 224 -52.00 -30.98 -2.13
CA GLN C 224 -52.83 -30.24 -1.16
C GLN C 224 -52.98 -31.09 0.11
N ALA C 225 -52.69 -30.52 1.28
CA ALA C 225 -52.95 -31.15 2.59
C ALA C 225 -54.43 -31.59 2.65
N PHE C 226 -55.34 -30.77 2.13
CA PHE C 226 -56.79 -31.10 2.09
C PHE C 226 -57.00 -32.46 1.40
N ALA C 227 -56.36 -32.68 0.25
CA ALA C 227 -56.52 -33.93 -0.54
C ALA C 227 -56.09 -35.13 0.32
N THR C 228 -54.99 -35.00 1.04
CA THR C 228 -54.43 -36.02 1.96
C THR C 228 -55.50 -36.51 2.95
N TRP C 229 -56.30 -35.58 3.50
CA TRP C 229 -57.41 -35.90 4.44
C TRP C 229 -58.59 -36.48 3.66
N ALA C 230 -58.88 -35.93 2.48
CA ALA C 230 -60.02 -36.32 1.60
C ALA C 230 -59.97 -37.82 1.28
N LYS C 231 -58.76 -38.39 1.14
CA LYS C 231 -58.59 -39.84 0.84
C LYS C 231 -59.35 -40.68 1.87
N HIS C 232 -59.20 -40.36 3.16
CA HIS C 232 -59.83 -41.10 4.28
C HIS C 232 -61.35 -40.89 4.23
N ALA C 233 -61.80 -39.66 3.96
CA ALA C 233 -63.23 -39.30 3.89
C ALA C 233 -63.90 -40.06 2.74
N PHE C 234 -63.23 -40.14 1.59
CA PHE C 234 -63.74 -40.86 0.40
C PHE C 234 -63.96 -42.34 0.76
N ILE C 235 -63.04 -42.95 1.51
CA ILE C 235 -63.16 -44.39 1.89
C ILE C 235 -64.40 -44.56 2.78
N GLU C 236 -64.59 -43.66 3.76
CA GLU C 236 -65.74 -43.69 4.72
C GLU C 236 -67.08 -43.64 3.98
N ILE C 237 -67.18 -42.94 2.84
CA ILE C 237 -68.44 -42.92 2.01
C ILE C 237 -68.36 -43.94 0.87
N GLY C 238 -67.44 -44.91 0.93
CA GLY C 238 -67.50 -46.18 0.16
C GLY C 238 -66.74 -46.15 -1.17
N LEU C 239 -65.77 -45.25 -1.32
CA LEU C 239 -64.95 -45.10 -2.56
C LEU C 239 -63.57 -45.73 -2.35
N GLN C 240 -63.39 -46.93 -2.91
CA GLN C 240 -62.15 -47.75 -2.79
C GLN C 240 -61.04 -47.09 -3.62
N ILE C 241 -59.80 -47.19 -3.14
CA ILE C 241 -58.60 -46.77 -3.93
C ILE C 241 -58.46 -47.71 -5.13
N ARG C 242 -58.17 -47.15 -6.30
CA ARG C 242 -57.78 -47.90 -7.52
C ARG C 242 -56.41 -47.39 -8.01
N SER C 243 -55.79 -48.12 -8.94
CA SER C 243 -54.47 -47.80 -9.56
C SER C 243 -54.66 -46.84 -10.73
N GLY C 244 -55.01 -45.59 -10.44
CA GLY C 244 -55.08 -44.52 -11.46
C GLY C 244 -56.30 -44.64 -12.37
N PHE C 245 -56.39 -43.77 -13.35
CA PHE C 245 -57.60 -43.56 -14.19
C PHE C 245 -57.25 -43.73 -15.67
N GLN C 246 -56.26 -44.57 -15.98
CA GLN C 246 -55.68 -44.68 -17.34
C GLN C 246 -55.82 -46.09 -17.92
N SER C 247 -56.45 -47.01 -17.19
CA SER C 247 -56.47 -48.46 -17.50
C SER C 247 -57.86 -48.92 -17.92
N GLY C 248 -58.79 -47.97 -18.17
CA GLY C 248 -60.10 -48.25 -18.78
C GLY C 248 -61.20 -48.42 -17.75
N ALA C 249 -60.93 -48.12 -16.48
CA ALA C 249 -61.92 -48.12 -15.38
C ALA C 249 -61.71 -46.86 -14.51
N LEU C 250 -62.80 -46.38 -13.89
CA LEU C 250 -62.82 -45.13 -13.08
C LEU C 250 -63.36 -45.36 -11.66
N LEU C 251 -64.39 -46.19 -11.49
CA LEU C 251 -65.12 -46.34 -10.20
C LEU C 251 -64.10 -46.49 -9.07
N GLY C 252 -64.19 -45.62 -8.06
CA GLY C 252 -63.27 -45.53 -6.92
C GLY C 252 -62.54 -44.20 -6.91
N GLN C 253 -61.44 -44.11 -6.16
CA GLN C 253 -60.65 -42.86 -6.06
C GLN C 253 -59.19 -43.16 -6.37
N SER C 254 -58.45 -42.12 -6.74
CA SER C 254 -56.99 -42.18 -6.98
C SER C 254 -56.49 -40.74 -7.06
N TYR C 255 -55.20 -40.55 -6.82
CA TYR C 255 -54.49 -39.30 -7.19
C TYR C 255 -54.50 -39.17 -8.71
N GLY C 256 -54.86 -37.98 -9.17
CA GLY C 256 -54.89 -37.62 -10.60
C GLY C 256 -53.49 -37.51 -11.18
N LEU C 257 -53.39 -37.78 -12.48
CA LEU C 257 -52.20 -37.54 -13.32
C LEU C 257 -52.44 -36.21 -14.06
N TYR C 258 -51.39 -35.44 -14.34
CA TYR C 258 -51.51 -34.08 -14.94
C TYR C 258 -50.48 -33.85 -16.05
N THR C 259 -50.87 -33.06 -17.05
CA THR C 259 -49.99 -32.58 -18.14
C THR C 259 -49.16 -31.44 -17.55
N ILE C 260 -48.13 -31.81 -16.80
CA ILE C 260 -47.16 -30.90 -16.15
C ILE C 260 -45.77 -31.48 -16.38
N ASN C 261 -44.80 -30.64 -16.71
CA ASN C 261 -43.38 -31.04 -16.83
C ASN C 261 -42.85 -31.42 -15.44
N ALA C 262 -42.30 -32.63 -15.30
CA ALA C 262 -41.84 -33.24 -14.03
C ALA C 262 -40.64 -32.47 -13.46
N THR C 263 -39.83 -31.82 -14.31
CA THR C 263 -38.61 -31.09 -13.88
C THR C 263 -38.95 -29.67 -13.42
N THR C 264 -39.72 -28.92 -14.21
CA THR C 264 -39.97 -27.46 -13.98
C THR C 264 -41.28 -27.22 -13.23
N MET C 265 -42.19 -28.21 -13.24
CA MET C 265 -43.59 -28.06 -12.77
C MET C 265 -44.28 -26.91 -13.52
N HIS C 266 -43.90 -26.67 -14.78
CA HIS C 266 -44.65 -25.82 -15.73
C HIS C 266 -45.78 -26.64 -16.36
N ARG C 267 -46.87 -25.97 -16.70
CA ARG C 267 -47.95 -26.54 -17.54
C ARG C 267 -47.33 -27.20 -18.77
N GLU C 268 -47.77 -28.42 -19.11
CA GLU C 268 -47.48 -29.04 -20.43
C GLU C 268 -48.72 -28.87 -21.31
N SER C 269 -48.64 -27.98 -22.30
CA SER C 269 -49.68 -27.75 -23.33
C SER C 269 -49.28 -28.51 -24.60
N SER C 270 -50.11 -28.49 -25.64
CA SER C 270 -49.76 -29.01 -26.97
C SER C 270 -48.63 -28.15 -27.56
N GLU C 271 -48.44 -26.93 -27.06
CA GLU C 271 -47.38 -26.02 -27.60
C GLU C 271 -46.03 -26.43 -26.99
N THR C 272 -45.94 -26.60 -25.66
CA THR C 272 -44.66 -26.94 -24.99
C THR C 272 -44.25 -28.39 -25.29
N SER C 273 -45.16 -29.23 -25.78
CA SER C 273 -44.90 -30.64 -26.12
C SER C 273 -44.74 -30.78 -27.64
N PHE C 274 -45.84 -30.86 -28.37
CA PHE C 274 -45.83 -31.17 -29.81
C PHE C 274 -45.19 -30.03 -30.62
N LEU C 275 -45.63 -28.79 -30.46
CA LEU C 275 -45.10 -27.69 -31.30
C LEU C 275 -43.59 -27.56 -31.07
N ARG C 276 -43.09 -27.68 -29.83
CA ARG C 276 -41.63 -27.56 -29.56
C ARG C 276 -40.86 -28.64 -30.32
N LYS C 277 -41.33 -29.88 -30.35
CA LYS C 277 -40.71 -30.95 -31.17
C LYS C 277 -40.78 -30.56 -32.66
N GLY C 278 -41.92 -30.05 -33.12
CA GLY C 278 -42.17 -29.72 -34.54
C GLY C 278 -41.35 -28.55 -35.06
N LEU C 279 -40.90 -27.62 -34.21
CA LEU C 279 -40.02 -26.50 -34.64
C LEU C 279 -38.73 -27.01 -35.26
N ALA C 280 -38.22 -28.19 -34.90
CA ALA C 280 -37.01 -28.79 -35.49
C ALA C 280 -37.32 -29.45 -36.85
N ASP C 281 -38.59 -29.61 -37.18
CA ASP C 281 -39.02 -30.36 -38.41
C ASP C 281 -39.22 -29.36 -39.55
N PRO C 282 -38.36 -29.41 -40.59
CA PRO C 282 -38.51 -28.50 -41.73
C PRO C 282 -39.80 -28.66 -42.55
N ASN C 283 -40.58 -29.71 -42.30
CA ASN C 283 -41.88 -29.93 -43.01
C ASN C 283 -43.01 -29.13 -42.35
N LEU C 284 -42.79 -28.57 -41.16
CA LEU C 284 -43.82 -27.79 -40.42
C LEU C 284 -43.58 -26.29 -40.55
N THR C 285 -44.59 -25.55 -40.98
CA THR C 285 -44.64 -24.07 -40.98
C THR C 285 -45.81 -23.62 -40.09
N VAL C 286 -45.58 -22.65 -39.20
CA VAL C 286 -46.62 -22.09 -38.29
C VAL C 286 -47.00 -20.70 -38.77
N PHE C 287 -48.31 -20.46 -38.93
CA PHE C 287 -48.91 -19.13 -39.16
C PHE C 287 -49.66 -18.73 -37.89
N GLN C 288 -49.05 -17.90 -37.05
CA GLN C 288 -49.68 -17.42 -35.78
C GLN C 288 -50.16 -15.99 -36.00
N SER C 289 -51.09 -15.51 -35.16
CA SER C 289 -51.87 -14.26 -35.34
C SER C 289 -52.60 -14.31 -36.69
N ALA C 290 -53.09 -15.50 -37.06
CA ALA C 290 -53.66 -15.78 -38.40
C ALA C 290 -55.09 -16.30 -38.23
N LEU C 291 -56.09 -15.57 -38.74
CA LEU C 291 -57.51 -15.96 -38.64
C LEU C 291 -57.92 -16.62 -39.96
N ALA C 292 -58.30 -17.89 -39.91
CA ALA C 292 -58.95 -18.61 -41.04
C ALA C 292 -60.39 -18.08 -41.17
N LYS C 293 -60.77 -17.66 -42.37
CA LYS C 293 -62.07 -17.00 -42.66
C LYS C 293 -63.02 -17.97 -43.38
N ARG C 294 -62.49 -18.84 -44.23
CA ARG C 294 -63.31 -19.65 -45.18
C ARG C 294 -62.44 -20.80 -45.70
N ILE C 295 -63.00 -22.00 -45.72
CA ILE C 295 -62.47 -23.16 -46.49
C ILE C 295 -62.99 -23.04 -47.94
N ARG C 296 -62.09 -23.13 -48.92
CA ARG C 296 -62.41 -23.00 -50.36
C ARG C 296 -62.61 -24.41 -50.94
N PHE C 297 -63.67 -24.57 -51.74
CA PHE C 297 -64.06 -25.83 -52.42
C PHE C 297 -64.03 -25.64 -53.94
N GLN C 298 -63.36 -26.53 -54.66
CA GLN C 298 -63.47 -26.67 -56.14
C GLN C 298 -64.25 -27.97 -56.38
N ASP C 299 -65.45 -27.83 -56.96
CA ASP C 299 -66.52 -28.87 -56.94
C ASP C 299 -66.91 -29.05 -55.46
N LYS C 300 -66.60 -30.22 -54.90
CA LYS C 300 -66.87 -30.56 -53.48
C LYS C 300 -65.55 -30.89 -52.78
N ARG C 301 -64.41 -30.49 -53.34
CA ARG C 301 -63.06 -30.81 -52.78
C ARG C 301 -62.50 -29.55 -52.09
N ALA C 302 -62.09 -29.67 -50.83
CA ALA C 302 -61.40 -28.61 -50.07
C ALA C 302 -59.99 -28.41 -50.66
N VAL C 303 -59.70 -27.22 -51.18
CA VAL C 303 -58.43 -26.95 -51.92
C VAL C 303 -57.62 -25.84 -51.25
N GLY C 304 -58.21 -25.07 -50.34
CA GLY C 304 -57.45 -24.00 -49.66
C GLY C 304 -58.22 -23.34 -48.55
N VAL C 305 -57.56 -22.39 -47.87
CA VAL C 305 -58.13 -21.59 -46.76
C VAL C 305 -57.85 -20.11 -47.01
N ASP C 306 -58.87 -19.26 -46.88
CA ASP C 306 -58.72 -17.77 -46.85
C ASP C 306 -58.31 -17.37 -45.43
N VAL C 307 -57.21 -16.63 -45.31
CA VAL C 307 -56.59 -16.27 -44.00
C VAL C 307 -56.41 -14.74 -43.95
N GLU C 308 -56.52 -14.16 -42.75
CA GLU C 308 -56.18 -12.76 -42.44
C GLU C 308 -55.15 -12.77 -41.30
N THR C 309 -53.97 -12.20 -41.53
CA THR C 309 -52.92 -11.91 -40.51
C THR C 309 -52.80 -10.39 -40.39
N MET C 310 -53.29 -9.80 -39.30
CA MET C 310 -53.20 -8.34 -39.00
C MET C 310 -53.64 -7.51 -40.21
N GLY C 311 -54.79 -7.85 -40.79
CA GLY C 311 -55.44 -7.07 -41.88
C GLY C 311 -54.96 -7.47 -43.27
N ARG C 312 -53.95 -8.34 -43.39
CA ARG C 312 -53.43 -8.81 -44.70
C ARG C 312 -54.16 -10.12 -45.06
N ALA C 313 -55.00 -10.08 -46.10
CA ALA C 313 -55.73 -11.25 -46.66
C ALA C 313 -54.80 -12.03 -47.61
N TYR C 314 -54.81 -13.35 -47.49
CA TYR C 314 -54.08 -14.28 -48.39
C TYR C 314 -54.78 -15.63 -48.37
N THR C 315 -54.41 -16.50 -49.31
CA THR C 315 -55.02 -17.84 -49.48
C THR C 315 -53.88 -18.86 -49.42
N LEU C 316 -53.97 -19.81 -48.47
CA LEU C 316 -53.07 -20.98 -48.42
C LEU C 316 -53.77 -22.12 -49.17
N SER C 317 -53.07 -22.74 -50.12
CA SER C 317 -53.58 -23.88 -50.91
C SER C 317 -53.08 -25.19 -50.32
N ALA C 318 -53.93 -26.23 -50.39
CA ALA C 318 -53.63 -27.61 -49.96
C ALA C 318 -53.66 -28.53 -51.19
N ARG C 319 -52.56 -29.21 -51.49
CA ARG C 319 -52.46 -30.21 -52.59
C ARG C 319 -53.23 -31.48 -52.18
N LYS C 320 -53.18 -31.87 -50.90
CA LYS C 320 -53.68 -33.20 -50.44
C LYS C 320 -54.92 -33.03 -49.57
N GLU C 321 -54.80 -32.56 -48.33
CA GLU C 321 -55.92 -32.58 -47.34
C GLU C 321 -55.89 -31.31 -46.47
N ILE C 322 -57.05 -30.88 -46.00
CA ILE C 322 -57.22 -29.84 -44.95
C ILE C 322 -57.78 -30.52 -43.70
N VAL C 323 -57.17 -30.27 -42.55
CA VAL C 323 -57.65 -30.74 -41.22
C VAL C 323 -58.14 -29.52 -40.44
N LEU C 324 -59.42 -29.53 -40.05
CA LEU C 324 -60.06 -28.46 -39.26
C LEU C 324 -59.97 -28.88 -37.78
N SER C 325 -59.28 -28.09 -36.97
CA SER C 325 -59.02 -28.37 -35.53
C SER C 325 -59.32 -27.10 -34.72
N ALA C 326 -60.39 -26.39 -35.06
CA ALA C 326 -60.75 -25.06 -34.51
C ALA C 326 -61.58 -25.23 -33.24
N GLY C 327 -61.87 -26.46 -32.84
CA GLY C 327 -62.60 -26.78 -31.58
C GLY C 327 -64.11 -26.75 -31.73
N ALA C 328 -64.81 -27.05 -30.62
CA ALA C 328 -66.26 -27.32 -30.53
C ALA C 328 -67.10 -26.13 -30.99
N PHE C 329 -66.59 -24.89 -30.86
CA PHE C 329 -67.36 -23.68 -31.23
C PHE C 329 -67.04 -23.24 -32.65
N GLN C 330 -65.76 -23.25 -33.03
CA GLN C 330 -65.29 -22.55 -34.25
C GLN C 330 -65.12 -23.52 -35.42
N SER C 331 -64.96 -24.83 -35.18
CA SER C 331 -65.00 -25.85 -36.27
C SER C 331 -66.36 -25.83 -36.96
N PRO C 332 -67.48 -25.99 -36.24
CA PRO C 332 -68.80 -25.88 -36.87
C PRO C 332 -69.04 -24.54 -37.55
N GLN C 333 -68.56 -23.45 -36.95
CA GLN C 333 -68.72 -22.09 -37.55
C GLN C 333 -67.99 -22.06 -38.89
N LEU C 334 -66.75 -22.54 -38.95
CA LEU C 334 -65.96 -22.46 -40.21
C LEU C 334 -66.58 -23.33 -41.30
N LEU C 335 -67.14 -24.50 -40.95
CA LEU C 335 -67.88 -25.35 -41.90
C LEU C 335 -69.06 -24.55 -42.48
N MET C 336 -69.90 -23.99 -41.61
CA MET C 336 -71.12 -23.25 -42.02
C MET C 336 -70.77 -22.06 -42.93
N VAL C 337 -69.77 -21.24 -42.58
CA VAL C 337 -69.46 -20.02 -43.40
C VAL C 337 -68.80 -20.45 -44.71
N SER C 338 -68.36 -21.70 -44.82
CA SER C 338 -67.71 -22.27 -46.03
C SER C 338 -68.74 -23.01 -46.92
N GLY C 339 -69.97 -23.20 -46.44
CA GLY C 339 -71.07 -23.80 -47.23
C GLY C 339 -71.38 -25.24 -46.85
N VAL C 340 -70.90 -25.71 -45.70
CA VAL C 340 -71.18 -27.07 -45.17
C VAL C 340 -71.94 -26.93 -43.85
N GLY C 341 -73.22 -27.27 -43.84
CA GLY C 341 -74.07 -27.17 -42.65
C GLY C 341 -75.56 -27.21 -42.99
N PRO C 342 -76.44 -26.87 -42.03
CA PRO C 342 -77.88 -26.86 -42.29
C PRO C 342 -78.22 -25.84 -43.38
N ALA C 343 -78.87 -26.30 -44.47
CA ALA C 343 -79.23 -25.49 -45.67
C ALA C 343 -79.95 -24.20 -45.26
N ALA C 344 -80.92 -24.27 -44.34
CA ALA C 344 -81.76 -23.11 -43.93
C ALA C 344 -80.88 -22.02 -43.31
N THR C 345 -79.93 -22.38 -42.44
CA THR C 345 -79.00 -21.42 -41.78
C THR C 345 -78.14 -20.72 -42.84
N LEU C 346 -77.58 -21.47 -43.79
CA LEU C 346 -76.63 -20.94 -44.81
C LEU C 346 -77.38 -20.00 -45.76
N LYS C 347 -78.63 -20.31 -46.11
CA LYS C 347 -79.51 -19.47 -46.98
C LYS C 347 -79.78 -18.14 -46.27
N ALA C 348 -80.14 -18.19 -44.98
CA ALA C 348 -80.49 -17.02 -44.13
C ALA C 348 -79.32 -16.03 -44.01
N HIS C 349 -78.08 -16.45 -44.29
CA HIS C 349 -76.85 -15.61 -44.18
C HIS C 349 -76.14 -15.50 -45.54
N ASN C 350 -76.85 -15.79 -46.64
CA ASN C 350 -76.37 -15.65 -48.05
C ASN C 350 -75.05 -16.41 -48.23
N ILE C 351 -74.97 -17.65 -47.75
CA ILE C 351 -73.79 -18.55 -47.93
C ILE C 351 -74.14 -19.61 -48.98
N PRO C 352 -73.44 -19.68 -50.12
CA PRO C 352 -73.73 -20.71 -51.14
C PRO C 352 -73.54 -22.12 -50.57
N LEU C 353 -74.51 -22.99 -50.81
CA LEU C 353 -74.56 -24.37 -50.25
C LEU C 353 -73.56 -25.25 -50.99
N VAL C 354 -72.71 -25.95 -50.26
CA VAL C 354 -71.75 -26.96 -50.81
C VAL C 354 -72.24 -28.35 -50.41
N ALA C 355 -72.69 -28.54 -49.16
CA ALA C 355 -73.28 -29.80 -48.67
C ALA C 355 -74.25 -29.52 -47.53
N ASP C 356 -75.50 -29.96 -47.70
CA ASP C 356 -76.58 -29.89 -46.67
C ASP C 356 -76.26 -30.94 -45.61
N ARG C 357 -75.74 -30.49 -44.47
CA ARG C 357 -75.29 -31.35 -43.35
C ARG C 357 -75.91 -30.83 -42.06
N PRO C 358 -77.15 -31.26 -41.72
CA PRO C 358 -77.90 -30.68 -40.61
C PRO C 358 -77.29 -30.93 -39.21
N GLY C 359 -76.28 -31.79 -39.09
CA GLY C 359 -75.63 -32.10 -37.80
C GLY C 359 -74.60 -31.06 -37.38
N VAL C 360 -74.16 -30.21 -38.31
CA VAL C 360 -73.10 -29.20 -38.06
C VAL C 360 -73.62 -28.20 -37.02
N GLY C 361 -72.98 -28.16 -35.86
CA GLY C 361 -73.32 -27.24 -34.76
C GLY C 361 -74.36 -27.83 -33.83
N GLN C 362 -74.90 -29.02 -34.13
CA GLN C 362 -75.94 -29.68 -33.31
C GLN C 362 -75.30 -30.67 -32.33
N ASN C 363 -76.09 -31.15 -31.36
CA ASN C 363 -75.73 -32.26 -30.45
C ASN C 363 -74.54 -31.84 -29.58
N MET C 364 -74.41 -30.56 -29.20
CA MET C 364 -73.30 -30.16 -28.30
C MET C 364 -73.51 -30.87 -26.97
N GLN C 365 -72.45 -31.48 -26.44
CA GLN C 365 -72.42 -32.09 -25.09
C GLN C 365 -71.36 -31.36 -24.26
N ASP C 366 -71.57 -31.32 -22.96
CA ASP C 366 -70.69 -30.59 -22.01
C ASP C 366 -70.86 -31.22 -20.63
N HIS C 367 -69.90 -30.95 -19.75
CA HIS C 367 -69.97 -31.28 -18.30
C HIS C 367 -70.07 -29.97 -17.53
N ILE C 368 -70.64 -30.04 -16.32
CA ILE C 368 -70.73 -28.89 -15.39
C ILE C 368 -69.95 -29.24 -14.14
N ILE C 369 -69.73 -28.23 -13.31
CA ILE C 369 -69.03 -28.35 -12.01
C ILE C 369 -69.60 -27.29 -11.07
N TYR C 370 -69.71 -27.65 -9.79
CA TYR C 370 -70.03 -26.77 -8.65
C TYR C 370 -69.43 -27.43 -7.40
N ALA C 371 -69.31 -26.68 -6.32
CA ALA C 371 -68.63 -27.14 -5.10
C ALA C 371 -69.08 -26.32 -3.90
N PRO C 372 -69.44 -26.99 -2.77
CA PRO C 372 -69.45 -26.34 -1.47
C PRO C 372 -68.02 -26.12 -0.99
N SER C 373 -67.84 -25.26 0.02
CA SER C 373 -66.52 -24.92 0.60
C SER C 373 -66.63 -24.89 2.11
N TYR C 374 -65.53 -25.24 2.77
CA TYR C 374 -65.32 -25.08 4.24
C TYR C 374 -64.03 -24.29 4.43
N ARG C 375 -63.97 -23.52 5.53
CA ARG C 375 -62.70 -23.10 6.13
C ARG C 375 -62.04 -24.35 6.69
N VAL C 376 -60.73 -24.50 6.51
CA VAL C 376 -59.99 -25.70 6.98
C VAL C 376 -58.74 -25.27 7.73
N ASN C 377 -58.28 -26.17 8.61
CA ASN C 377 -57.12 -25.98 9.52
C ASN C 377 -55.80 -26.34 8.82
N VAL C 378 -55.77 -26.45 7.49
CA VAL C 378 -54.54 -26.81 6.71
C VAL C 378 -54.28 -25.70 5.67
N ILE C 379 -53.05 -25.63 5.16
CA ILE C 379 -52.65 -24.73 4.04
C ILE C 379 -53.48 -25.12 2.81
N THR C 380 -54.10 -24.12 2.16
CA THR C 380 -54.67 -24.23 0.79
C THR C 380 -54.17 -23.03 -0.02
N GLN C 381 -54.66 -22.86 -1.25
CA GLN C 381 -54.24 -21.78 -2.16
C GLN C 381 -54.54 -20.41 -1.53
N SER C 382 -55.49 -20.33 -0.60
CA SER C 382 -55.79 -19.11 0.21
C SER C 382 -54.50 -18.46 0.72
N ALA C 383 -53.54 -19.27 1.17
CA ALA C 383 -52.25 -18.82 1.77
C ALA C 383 -51.46 -17.94 0.79
N LEU C 384 -51.71 -18.03 -0.51
CA LEU C 384 -51.01 -17.21 -1.54
C LEU C 384 -51.45 -15.74 -1.43
N LEU C 385 -52.56 -15.43 -0.75
CA LEU C 385 -52.99 -14.03 -0.49
C LEU C 385 -52.11 -13.37 0.59
N ASN C 386 -51.43 -14.19 1.39
CA ASN C 386 -50.46 -13.75 2.44
C ASN C 386 -49.08 -13.52 1.79
N GLU C 387 -48.59 -12.27 1.85
CA GLU C 387 -47.36 -11.81 1.14
C GLU C 387 -46.14 -12.63 1.58
N GLU C 388 -45.93 -12.86 2.88
CA GLU C 388 -44.76 -13.61 3.40
C GLU C 388 -44.81 -15.05 2.88
N PHE C 389 -45.99 -15.66 2.84
CA PHE C 389 -46.18 -17.05 2.35
C PHE C 389 -45.92 -17.12 0.84
N GLU C 390 -46.51 -16.18 0.07
CA GLU C 390 -46.38 -16.14 -1.41
C GLU C 390 -44.89 -16.05 -1.79
N ALA C 391 -44.14 -15.18 -1.10
CA ALA C 391 -42.72 -14.91 -1.42
C ALA C 391 -41.93 -16.22 -1.27
N GLN C 392 -42.21 -17.01 -0.23
CA GLN C 392 -41.52 -18.30 0.01
C GLN C 392 -41.94 -19.30 -1.08
N ALA C 393 -43.23 -19.36 -1.40
CA ALA C 393 -43.78 -20.31 -2.41
C ALA C 393 -43.17 -19.98 -3.78
N ASN C 394 -43.05 -18.69 -4.10
CA ASN C 394 -42.42 -18.17 -5.33
C ASN C 394 -40.97 -18.68 -5.45
N ARG C 395 -40.18 -18.55 -4.39
CA ARG C 395 -38.78 -19.03 -4.36
C ARG C 395 -38.76 -20.57 -4.48
N ASP C 396 -39.65 -21.27 -3.77
CA ASP C 396 -39.72 -22.76 -3.80
C ASP C 396 -40.00 -23.21 -5.24
N TYR C 397 -40.91 -22.55 -5.94
CA TYR C 397 -41.33 -22.92 -7.32
C TYR C 397 -40.15 -22.74 -8.29
N ASN C 398 -39.54 -21.57 -8.29
CA ASN C 398 -38.51 -21.18 -9.29
C ASN C 398 -37.19 -21.91 -9.00
N GLU C 399 -36.82 -22.12 -7.72
CA GLU C 399 -35.51 -22.72 -7.34
C GLU C 399 -35.61 -24.25 -7.28
N ARG C 400 -36.73 -24.83 -6.86
CA ARG C 400 -36.80 -26.30 -6.53
C ARG C 400 -38.00 -27.00 -7.19
N ALA C 401 -38.82 -26.29 -7.98
CA ALA C 401 -40.04 -26.83 -8.61
C ALA C 401 -40.91 -27.46 -7.52
N ALA C 402 -41.07 -26.76 -6.40
CA ALA C 402 -41.73 -27.26 -5.18
C ALA C 402 -42.71 -26.20 -4.66
N GLY C 403 -43.53 -26.58 -3.68
CA GLY C 403 -44.50 -25.68 -3.04
C GLY C 403 -45.79 -25.60 -3.82
N ILE C 404 -46.72 -24.81 -3.31
CA ILE C 404 -48.16 -24.85 -3.68
C ILE C 404 -48.36 -24.34 -5.12
N TYR C 405 -47.41 -23.60 -5.69
CA TYR C 405 -47.50 -23.13 -7.10
C TYR C 405 -47.43 -24.34 -8.04
N ALA C 406 -46.80 -25.42 -7.61
CA ALA C 406 -46.56 -26.63 -8.43
C ALA C 406 -47.79 -27.55 -8.42
N ASN C 407 -48.97 -27.03 -8.05
CA ASN C 407 -50.19 -27.86 -7.85
C ASN C 407 -51.30 -27.25 -8.69
N PRO C 408 -52.05 -28.05 -9.48
CA PRO C 408 -53.09 -27.52 -10.37
C PRO C 408 -54.42 -27.20 -9.66
N THR C 409 -54.45 -27.27 -8.33
CA THR C 409 -55.61 -27.00 -7.43
C THR C 409 -56.28 -28.32 -7.02
N SER C 410 -56.48 -29.23 -7.99
CA SER C 410 -57.04 -30.59 -7.81
C SER C 410 -55.93 -31.55 -7.35
N ASP C 411 -56.27 -32.76 -6.89
CA ASP C 411 -55.27 -33.80 -6.52
C ASP C 411 -55.88 -35.20 -6.61
N ILE C 412 -57.04 -35.41 -5.95
CA ILE C 412 -57.75 -36.71 -5.95
C ILE C 412 -59.06 -36.55 -6.69
N LEU C 413 -59.31 -37.42 -7.66
CA LEU C 413 -60.63 -37.63 -8.30
C LEU C 413 -61.25 -38.88 -7.70
N ALA C 414 -62.59 -38.94 -7.69
CA ALA C 414 -63.35 -40.12 -7.24
C ALA C 414 -64.60 -40.21 -8.10
N TRP C 415 -65.06 -41.44 -8.35
CA TRP C 415 -66.12 -41.74 -9.34
C TRP C 415 -67.06 -42.76 -8.72
N GLU C 416 -68.37 -42.60 -8.92
CA GLU C 416 -69.37 -43.61 -8.47
C GLU C 416 -70.64 -43.51 -9.30
N LYS C 417 -71.41 -44.61 -9.24
CA LYS C 417 -72.88 -44.63 -9.35
C LYS C 417 -73.42 -44.11 -8.00
N ILE C 418 -74.48 -43.30 -7.99
CA ILE C 418 -75.20 -42.98 -6.73
C ILE C 418 -75.60 -44.32 -6.10
N PRO C 419 -75.19 -44.60 -4.84
CA PRO C 419 -75.43 -45.91 -4.22
C PRO C 419 -76.88 -46.14 -3.75
N GLU C 420 -77.30 -47.40 -3.60
CA GLU C 420 -78.54 -47.79 -2.87
C GLU C 420 -78.25 -47.74 -1.37
N PRO C 421 -79.21 -47.39 -0.49
CA PRO C 421 -80.61 -47.09 -0.85
C PRO C 421 -80.94 -45.63 -1.23
N LYS C 422 -79.95 -44.74 -1.32
CA LYS C 422 -80.15 -43.30 -1.67
C LYS C 422 -80.77 -43.21 -3.07
N ARG C 423 -80.47 -44.20 -3.91
CA ARG C 423 -80.87 -44.28 -5.35
C ARG C 423 -82.39 -44.19 -5.50
N SER C 424 -83.14 -44.98 -4.70
CA SER C 424 -84.62 -45.12 -4.81
C SER C 424 -85.31 -43.86 -4.27
N ALA C 425 -84.75 -43.25 -3.21
CA ALA C 425 -85.24 -42.02 -2.56
C ALA C 425 -85.06 -40.79 -3.47
N TRP C 426 -83.94 -40.71 -4.21
CA TRP C 426 -83.47 -39.46 -4.86
C TRP C 426 -83.86 -39.42 -6.35
N PHE C 427 -84.15 -40.56 -6.97
CA PHE C 427 -84.40 -40.64 -8.44
C PHE C 427 -85.82 -41.13 -8.72
N SER C 428 -86.49 -40.48 -9.67
CA SER C 428 -87.76 -40.94 -10.28
C SER C 428 -87.49 -42.25 -11.04
N ASN C 429 -88.55 -42.97 -11.40
CA ASN C 429 -88.49 -44.23 -12.18
C ASN C 429 -87.87 -43.92 -13.54
N HIS C 430 -88.31 -42.83 -14.19
CA HIS C 430 -87.81 -42.40 -15.53
C HIS C 430 -86.29 -42.22 -15.49
N THR C 431 -85.77 -41.51 -14.48
CA THR C 431 -84.32 -41.24 -14.29
C THR C 431 -83.58 -42.57 -14.13
N ARG C 432 -84.11 -43.49 -13.31
CA ARG C 432 -83.46 -44.80 -13.05
C ARG C 432 -83.45 -45.63 -14.34
N GLN C 433 -84.50 -45.55 -15.17
CA GLN C 433 -84.56 -46.30 -16.46
C GLN C 433 -83.47 -45.76 -17.38
N VAL C 434 -83.30 -44.43 -17.46
CA VAL C 434 -82.30 -43.82 -18.37
C VAL C 434 -80.88 -44.16 -17.89
N LEU C 435 -80.61 -44.07 -16.59
CA LEU C 435 -79.26 -44.36 -16.04
C LEU C 435 -78.91 -45.85 -16.20
N ALA C 436 -79.89 -46.77 -16.19
CA ALA C 436 -79.66 -48.22 -16.30
C ALA C 436 -79.21 -48.57 -17.73
N GLU C 437 -79.43 -47.67 -18.70
CA GLU C 437 -78.99 -47.85 -20.11
C GLU C 437 -77.49 -47.54 -20.26
N TYR C 438 -76.85 -46.91 -19.28
CA TYR C 438 -75.39 -46.66 -19.30
C TYR C 438 -74.67 -47.92 -18.82
N PRO C 439 -73.47 -48.23 -19.35
CA PRO C 439 -72.70 -49.38 -18.89
C PRO C 439 -72.38 -49.32 -17.39
N ASP C 440 -72.13 -50.49 -16.78
CA ASP C 440 -71.79 -50.65 -15.34
C ASP C 440 -70.53 -49.83 -15.00
N ASP C 441 -69.55 -49.74 -15.90
CA ASP C 441 -68.24 -49.10 -15.64
C ASP C 441 -68.34 -47.56 -15.77
N TRP C 442 -69.44 -47.02 -16.28
CA TRP C 442 -69.59 -45.58 -16.62
C TRP C 442 -70.15 -44.84 -15.41
N PRO C 443 -69.36 -44.01 -14.71
CA PRO C 443 -69.82 -43.38 -13.46
C PRO C 443 -70.87 -42.30 -13.73
N GLU C 444 -71.64 -41.97 -12.70
CA GLU C 444 -72.70 -40.92 -12.74
C GLU C 444 -72.13 -39.60 -12.20
N VAL C 445 -71.29 -39.68 -11.16
CA VAL C 445 -70.75 -38.47 -10.48
C VAL C 445 -69.24 -38.60 -10.30
N GLU C 446 -68.53 -37.52 -10.60
CA GLU C 446 -67.08 -37.33 -10.31
C GLU C 446 -66.97 -36.38 -9.13
N PHE C 447 -66.14 -36.70 -8.12
CA PHE C 447 -65.71 -35.76 -7.05
C PHE C 447 -64.26 -35.33 -7.33
N LEU C 448 -63.95 -34.06 -7.09
CA LEU C 448 -62.59 -33.47 -7.27
C LEU C 448 -62.23 -32.69 -6.00
N THR C 449 -61.11 -33.01 -5.37
CA THR C 449 -60.56 -32.19 -4.26
C THR C 449 -60.09 -30.87 -4.87
N MET C 450 -60.36 -29.75 -4.22
CA MET C 450 -59.93 -28.40 -4.70
C MET C 450 -59.42 -27.61 -3.49
N GLY C 451 -58.15 -27.22 -3.49
CA GLY C 451 -57.52 -26.41 -2.43
C GLY C 451 -57.81 -24.92 -2.60
N GLY C 452 -59.06 -24.57 -2.90
CA GLY C 452 -59.50 -23.18 -3.18
C GLY C 452 -61.01 -23.05 -3.05
N TYR C 453 -61.53 -21.83 -3.21
CA TYR C 453 -62.96 -21.49 -3.05
C TYR C 453 -63.59 -21.34 -4.43
N PHE C 454 -64.76 -21.95 -4.65
CA PHE C 454 -65.52 -21.84 -5.93
C PHE C 454 -66.55 -20.70 -5.86
N GLY C 455 -67.36 -20.71 -4.80
CA GLY C 455 -68.52 -19.80 -4.70
C GLY C 455 -69.38 -19.91 -5.95
N TYR C 456 -69.78 -18.77 -6.52
CA TYR C 456 -70.67 -18.67 -7.70
C TYR C 456 -69.84 -18.71 -8.98
N GLN C 457 -68.50 -18.82 -8.88
CA GLN C 457 -67.61 -19.01 -10.07
C GLN C 457 -67.78 -17.84 -11.05
N ARG C 458 -68.03 -16.64 -10.53
CA ARG C 458 -68.18 -15.39 -11.32
C ARG C 458 -66.77 -14.96 -11.77
N ASN C 459 -65.81 -15.10 -10.85
CA ASN C 459 -64.40 -14.65 -10.99
C ASN C 459 -63.63 -15.17 -9.76
N TYR C 460 -62.84 -16.22 -9.91
CA TYR C 460 -62.21 -16.95 -8.79
C TYR C 460 -61.18 -16.06 -8.09
N ILE C 461 -60.60 -15.10 -8.80
CA ILE C 461 -59.49 -14.26 -8.26
C ILE C 461 -60.07 -13.12 -7.41
N ARG C 462 -61.06 -12.39 -7.93
CA ARG C 462 -61.72 -11.25 -7.23
C ARG C 462 -62.44 -11.71 -5.96
N ASP C 463 -63.19 -12.83 -6.03
CA ASP C 463 -64.10 -13.32 -4.94
C ASP C 463 -63.40 -14.37 -4.06
N ASN C 464 -62.09 -14.53 -4.20
CA ASN C 464 -61.26 -15.42 -3.33
C ASN C 464 -61.28 -14.85 -1.92
N PRO C 465 -61.94 -15.49 -0.92
CA PRO C 465 -62.13 -14.89 0.40
C PRO C 465 -60.78 -14.56 1.06
N SER C 466 -60.63 -13.35 1.58
CA SER C 466 -59.35 -12.73 2.00
C SER C 466 -59.37 -12.37 3.49
N ASP C 467 -60.08 -13.15 4.31
CA ASP C 467 -60.33 -12.81 5.74
C ASP C 467 -59.35 -13.56 6.66
N GLY C 468 -58.40 -14.33 6.12
CA GLY C 468 -57.31 -14.94 6.92
C GLY C 468 -57.47 -16.44 7.14
N TYR C 469 -58.58 -17.04 6.69
CA TYR C 469 -58.78 -18.51 6.75
C TYR C 469 -58.27 -19.16 5.47
N ASN C 470 -57.91 -20.45 5.54
CA ASN C 470 -57.71 -21.32 4.36
C ASN C 470 -59.05 -21.92 3.97
N TYR C 471 -59.38 -21.89 2.68
CA TYR C 471 -60.64 -22.45 2.11
C TYR C 471 -60.31 -23.64 1.21
N ALA C 472 -61.14 -24.70 1.29
CA ALA C 472 -61.11 -25.87 0.40
C ALA C 472 -62.55 -26.17 -0.03
N SER C 473 -62.68 -26.84 -1.18
CA SER C 473 -63.96 -27.22 -1.80
C SER C 473 -63.90 -28.68 -2.23
N LEU C 474 -65.04 -29.37 -2.24
CA LEU C 474 -65.17 -30.66 -2.92
C LEU C 474 -66.11 -30.48 -4.09
N ALA C 475 -65.57 -30.42 -5.29
CA ALA C 475 -66.32 -30.15 -6.53
C ALA C 475 -66.98 -31.45 -6.95
N VAL C 476 -68.07 -31.33 -7.71
CA VAL C 476 -68.70 -32.50 -8.35
C VAL C 476 -68.94 -32.13 -9.80
N SER C 477 -68.81 -33.13 -10.68
CA SER C 477 -69.18 -33.05 -12.11
C SER C 477 -70.10 -34.23 -12.41
N LEU C 478 -71.00 -34.07 -13.36
CA LEU C 478 -71.96 -35.14 -13.73
C LEU C 478 -71.52 -35.79 -15.05
N CYS C 479 -71.36 -37.11 -15.05
CA CYS C 479 -70.71 -37.87 -16.15
C CYS C 479 -71.74 -38.44 -17.13
N THR C 480 -73.04 -38.25 -16.91
CA THR C 480 -74.12 -38.75 -17.81
C THR C 480 -75.01 -37.61 -18.25
N PRO C 481 -74.47 -36.55 -18.88
CA PRO C 481 -75.30 -35.42 -19.32
C PRO C 481 -76.28 -35.85 -20.41
N ARG C 482 -77.58 -35.54 -20.19
CA ARG C 482 -78.67 -35.78 -21.16
C ARG C 482 -78.99 -34.49 -21.90
N SER C 483 -78.73 -33.33 -21.30
CA SER C 483 -78.99 -32.01 -21.94
C SER C 483 -78.14 -31.90 -23.20
N ARG C 484 -78.68 -31.31 -24.26
CA ARG C 484 -77.97 -31.11 -25.55
C ARG C 484 -78.07 -29.63 -25.93
N GLY C 485 -76.98 -29.09 -26.49
CA GLY C 485 -76.88 -27.68 -26.89
C GLY C 485 -76.56 -27.54 -28.36
N ASN C 486 -76.19 -26.34 -28.79
CA ASN C 486 -75.87 -26.10 -30.22
C ASN C 486 -75.03 -24.83 -30.38
N VAL C 487 -74.51 -24.67 -31.60
CA VAL C 487 -73.72 -23.52 -32.08
C VAL C 487 -74.35 -23.13 -33.42
N THR C 488 -74.55 -21.85 -33.66
CA THR C 488 -74.98 -21.36 -35.00
C THR C 488 -74.25 -20.04 -35.26
N ILE C 489 -74.61 -19.35 -36.34
CA ILE C 489 -73.93 -18.12 -36.83
C ILE C 489 -74.96 -16.99 -36.97
N THR C 490 -74.50 -15.75 -36.87
CA THR C 490 -75.26 -14.50 -37.15
C THR C 490 -74.73 -13.84 -38.42
N SER C 491 -73.71 -14.42 -39.07
CA SER C 491 -72.92 -13.73 -40.11
C SER C 491 -72.07 -14.74 -40.88
N PRO C 492 -71.78 -14.49 -42.18
CA PRO C 492 -70.79 -15.29 -42.92
C PRO C 492 -69.33 -14.95 -42.57
N ASP C 493 -69.09 -14.02 -41.64
CA ASP C 493 -67.73 -13.58 -41.20
C ASP C 493 -67.31 -14.40 -39.97
N ALA C 494 -66.23 -15.18 -40.09
CA ALA C 494 -65.66 -16.00 -38.99
C ALA C 494 -65.08 -15.09 -37.91
N GLY C 495 -64.83 -13.81 -38.22
CA GLY C 495 -64.38 -12.77 -37.28
C GLY C 495 -65.46 -12.40 -36.28
N VAL C 496 -66.73 -12.63 -36.63
CA VAL C 496 -67.89 -12.44 -35.71
C VAL C 496 -68.03 -13.71 -34.88
N PRO C 497 -68.17 -13.63 -33.54
CA PRO C 497 -68.28 -14.83 -32.72
C PRO C 497 -69.49 -15.68 -33.08
N PRO C 498 -69.40 -17.03 -32.95
CA PRO C 498 -70.56 -17.88 -33.16
C PRO C 498 -71.52 -17.71 -31.98
N VAL C 499 -72.77 -18.13 -32.16
CA VAL C 499 -73.83 -18.12 -31.12
C VAL C 499 -73.76 -19.46 -30.38
N ILE C 500 -73.49 -19.42 -29.08
CA ILE C 500 -73.08 -20.61 -28.27
C ILE C 500 -74.15 -20.88 -27.23
N ASN C 501 -74.84 -22.02 -27.34
CA ASN C 501 -75.96 -22.37 -26.43
C ASN C 501 -75.74 -23.77 -25.86
N PRO C 502 -74.94 -23.92 -24.79
CA PRO C 502 -74.66 -25.24 -24.21
C PRO C 502 -75.92 -25.92 -23.67
N ASN C 503 -76.82 -25.13 -23.08
CA ASN C 503 -78.18 -25.59 -22.69
C ASN C 503 -78.07 -26.60 -21.54
N TRP C 504 -77.08 -26.45 -20.67
CA TRP C 504 -76.88 -27.37 -19.52
C TRP C 504 -78.16 -27.40 -18.66
N LEU C 505 -78.35 -28.51 -17.92
CA LEU C 505 -79.30 -28.64 -16.80
C LEU C 505 -80.74 -28.35 -17.25
N THR C 506 -81.13 -28.83 -18.45
CA THR C 506 -82.49 -28.65 -19.01
C THR C 506 -83.23 -29.98 -19.11
N ASP C 507 -82.53 -31.11 -19.04
CA ASP C 507 -83.15 -32.45 -18.99
C ASP C 507 -83.39 -32.81 -17.53
N PRO C 508 -84.60 -33.33 -17.18
CA PRO C 508 -84.92 -33.69 -15.80
C PRO C 508 -83.96 -34.72 -15.17
N VAL C 509 -83.29 -35.55 -15.97
CA VAL C 509 -82.29 -36.51 -15.44
C VAL C 509 -81.10 -35.73 -14.87
N ASP C 510 -80.61 -34.70 -15.58
CA ASP C 510 -79.45 -33.89 -15.13
C ASP C 510 -79.83 -33.18 -13.81
N VAL C 511 -81.05 -32.65 -13.76
CA VAL C 511 -81.59 -31.91 -12.57
C VAL C 511 -81.55 -32.83 -11.33
N GLU C 512 -82.09 -34.05 -11.45
CA GLU C 512 -82.13 -35.01 -10.31
C GLU C 512 -80.70 -35.42 -9.92
N LEU C 513 -79.83 -35.70 -10.91
CA LEU C 513 -78.40 -36.05 -10.67
C LEU C 513 -77.70 -34.89 -9.94
N ALA C 514 -77.95 -33.65 -10.36
CA ALA C 514 -77.31 -32.43 -9.78
C ALA C 514 -77.60 -32.37 -8.28
N VAL C 515 -78.84 -32.65 -7.87
CA VAL C 515 -79.26 -32.60 -6.44
C VAL C 515 -78.61 -33.75 -5.67
N ALA C 516 -78.61 -34.96 -6.25
CA ALA C 516 -77.98 -36.16 -5.63
C ALA C 516 -76.49 -35.90 -5.39
N ALA C 517 -75.78 -35.37 -6.39
CA ALA C 517 -74.32 -35.10 -6.32
C ALA C 517 -74.05 -34.14 -5.17
N PHE C 518 -74.86 -33.10 -5.04
CA PHE C 518 -74.70 -32.08 -3.98
C PHE C 518 -74.84 -32.75 -2.61
N LYS C 519 -75.84 -33.60 -2.43
CA LYS C 519 -76.08 -34.32 -1.14
C LYS C 519 -74.87 -35.22 -0.83
N ARG C 520 -74.25 -35.83 -1.84
CA ARG C 520 -73.02 -36.67 -1.63
C ARG C 520 -71.87 -35.79 -1.12
N THR C 521 -71.77 -34.52 -1.53
CA THR C 521 -70.71 -33.61 -0.99
C THR C 521 -70.99 -33.38 0.50
N ARG C 522 -72.25 -33.31 0.88
CA ARG C 522 -72.67 -33.13 2.30
C ARG C 522 -72.27 -34.39 3.09
N ASP C 523 -72.42 -35.58 2.50
CA ASP C 523 -72.02 -36.87 3.15
C ASP C 523 -70.51 -36.86 3.37
N PHE C 524 -69.74 -36.41 2.37
CA PHE C 524 -68.26 -36.30 2.47
C PHE C 524 -67.89 -35.44 3.68
N PHE C 525 -68.55 -34.28 3.81
CA PHE C 525 -68.22 -33.26 4.84
C PHE C 525 -68.80 -33.63 6.21
N ASN C 526 -69.68 -34.64 6.30
CA ASN C 526 -70.18 -35.18 7.60
C ASN C 526 -69.40 -36.44 7.99
N THR C 527 -68.31 -36.83 7.30
CA THR C 527 -67.49 -37.99 7.73
C THR C 527 -66.69 -37.60 8.97
N THR C 528 -66.40 -38.58 9.83
CA THR C 528 -65.57 -38.36 11.06
C THR C 528 -64.10 -38.23 10.61
N ALA C 529 -63.74 -38.80 9.46
CA ALA C 529 -62.37 -38.73 8.88
C ALA C 529 -61.96 -37.27 8.59
N ILE C 530 -62.86 -36.45 8.04
CA ILE C 530 -62.55 -35.06 7.60
C ILE C 530 -62.75 -34.07 8.75
N LYS C 531 -63.57 -34.40 9.75
CA LYS C 531 -64.02 -33.47 10.82
C LYS C 531 -62.83 -32.70 11.40
N PRO C 532 -61.71 -33.35 11.78
CA PRO C 532 -60.64 -32.66 12.51
C PRO C 532 -59.99 -31.46 11.81
N ILE C 533 -60.16 -31.28 10.49
CA ILE C 533 -59.56 -30.12 9.76
C ILE C 533 -60.63 -29.06 9.45
N LEU C 534 -61.91 -29.34 9.71
CA LEU C 534 -63.02 -28.38 9.43
C LEU C 534 -63.07 -27.31 10.53
N ILE C 535 -63.24 -26.04 10.14
CA ILE C 535 -63.39 -24.89 11.08
C ILE C 535 -64.81 -24.34 10.95
N GLY C 536 -65.64 -24.65 11.95
CA GLY C 536 -67.06 -24.25 12.00
C GLY C 536 -67.88 -24.99 10.95
N PRO C 537 -69.13 -24.56 10.70
CA PRO C 537 -70.01 -25.26 9.78
C PRO C 537 -69.71 -24.89 8.31
N GLU C 538 -70.42 -25.52 7.38
CA GLU C 538 -70.29 -25.29 5.92
C GLU C 538 -70.26 -23.77 5.66
N TYR C 539 -69.20 -23.30 4.99
CA TYR C 539 -69.00 -21.86 4.66
C TYR C 539 -69.88 -21.48 3.47
N PHE C 540 -69.93 -22.32 2.43
CA PHE C 540 -70.69 -22.00 1.20
C PHE C 540 -71.28 -23.28 0.63
N PRO C 541 -72.59 -23.33 0.30
CA PRO C 541 -73.51 -22.22 0.54
C PRO C 541 -73.87 -22.01 2.01
N GLY C 542 -73.76 -23.07 2.83
CA GLY C 542 -74.20 -23.09 4.24
C GLY C 542 -75.42 -23.98 4.41
N SER C 543 -75.65 -24.50 5.62
CA SER C 543 -76.68 -25.53 5.92
C SER C 543 -78.11 -25.01 5.67
N GLN C 544 -78.31 -23.68 5.58
CA GLN C 544 -79.65 -23.08 5.33
C GLN C 544 -80.19 -23.56 3.97
N VAL C 545 -79.31 -24.04 3.07
CA VAL C 545 -79.68 -24.73 1.80
C VAL C 545 -79.94 -26.20 2.13
N ALA C 546 -81.21 -26.60 2.26
CA ALA C 546 -81.63 -27.84 2.96
C ALA C 546 -82.54 -28.70 2.06
N THR C 547 -83.65 -28.14 1.57
CA THR C 547 -84.67 -28.89 0.78
C THR C 547 -84.14 -29.17 -0.62
N ASP C 548 -84.74 -30.13 -1.33
CA ASP C 548 -84.42 -30.44 -2.75
C ASP C 548 -84.51 -29.15 -3.60
N ALA C 549 -85.56 -28.34 -3.45
CA ALA C 549 -85.80 -27.14 -4.29
C ALA C 549 -84.76 -26.06 -3.98
N GLU C 550 -84.34 -25.93 -2.72
CA GLU C 550 -83.30 -24.97 -2.28
C GLU C 550 -81.96 -25.39 -2.88
N ILE C 551 -81.66 -26.70 -2.85
CA ILE C 551 -80.40 -27.27 -3.41
C ILE C 551 -80.39 -26.99 -4.92
N LEU C 552 -81.47 -27.32 -5.63
CA LEU C 552 -81.55 -27.10 -7.09
C LEU C 552 -81.32 -25.62 -7.40
N ASP C 553 -82.03 -24.73 -6.70
CA ASP C 553 -81.93 -23.26 -6.89
C ASP C 553 -80.47 -22.81 -6.71
N HIS C 554 -79.81 -23.27 -5.64
CA HIS C 554 -78.38 -22.97 -5.35
C HIS C 554 -77.47 -23.47 -6.49
N VAL C 555 -77.69 -24.69 -6.97
CA VAL C 555 -76.89 -25.28 -8.08
C VAL C 555 -77.07 -24.44 -9.34
N ARG C 556 -78.29 -24.05 -9.65
CA ARG C 556 -78.60 -23.25 -10.88
C ARG C 556 -77.86 -21.91 -10.82
N LYS C 557 -77.60 -21.40 -9.61
CA LYS C 557 -76.91 -20.10 -9.41
C LYS C 557 -75.39 -20.28 -9.41
N SER C 558 -74.88 -21.40 -8.88
CA SER C 558 -73.44 -21.58 -8.53
C SER C 558 -72.70 -22.47 -9.53
N PHE C 559 -73.37 -23.10 -10.49
CA PHE C 559 -72.68 -24.03 -11.44
C PHE C 559 -72.12 -23.23 -12.63
N ASP C 560 -71.07 -23.77 -13.24
CA ASP C 560 -70.64 -23.39 -14.61
C ASP C 560 -70.27 -24.67 -15.36
N THR C 561 -70.03 -24.54 -16.66
CA THR C 561 -69.30 -25.54 -17.47
C THR C 561 -67.96 -25.86 -16.81
N ILE C 562 -67.47 -27.06 -17.04
CA ILE C 562 -66.09 -27.48 -16.67
C ILE C 562 -65.29 -27.60 -17.98
N PHE C 563 -65.86 -27.09 -19.08
CA PHE C 563 -65.17 -26.67 -20.33
C PHE C 563 -64.91 -27.86 -21.26
N HIS C 564 -65.84 -28.82 -21.31
CA HIS C 564 -65.71 -30.08 -22.09
C HIS C 564 -66.62 -30.01 -23.33
N ALA C 565 -66.91 -28.82 -23.87
CA ALA C 565 -67.76 -28.64 -25.07
C ALA C 565 -67.25 -29.57 -26.18
N SER C 566 -68.16 -30.27 -26.85
CA SER C 566 -67.83 -31.36 -27.81
C SER C 566 -69.03 -31.79 -28.64
N CYS C 567 -68.77 -32.52 -29.73
CA CYS C 567 -69.76 -33.31 -30.50
C CYS C 567 -70.56 -32.44 -31.47
N THR C 568 -70.05 -31.25 -31.83
CA THR C 568 -70.73 -30.31 -32.76
C THR C 568 -70.37 -30.65 -34.21
N CYS C 569 -69.41 -31.56 -34.43
CA CYS C 569 -69.09 -32.16 -35.76
C CYS C 569 -68.99 -33.67 -35.57
N ALA C 570 -70.05 -34.25 -35.00
CA ALA C 570 -70.05 -35.60 -34.38
C ALA C 570 -69.59 -36.66 -35.39
N MET C 571 -68.75 -37.57 -34.94
CA MET C 571 -68.39 -38.80 -35.70
C MET C 571 -69.60 -39.73 -35.65
N GLY C 572 -69.97 -40.29 -36.79
CA GLY C 572 -70.98 -41.38 -36.90
C GLY C 572 -70.81 -42.13 -38.20
N LEU C 573 -71.86 -42.83 -38.63
CA LEU C 573 -71.90 -43.59 -39.92
C LEU C 573 -72.11 -42.59 -41.07
N ALA C 574 -71.46 -42.83 -42.22
CA ALA C 574 -71.56 -42.01 -43.44
C ALA C 574 -73.04 -41.85 -43.89
N ASN C 575 -73.90 -42.83 -43.59
CA ASN C 575 -75.33 -42.86 -44.04
C ASN C 575 -76.24 -42.14 -43.01
N ASP C 576 -75.74 -41.83 -41.82
CA ASP C 576 -76.45 -41.00 -40.79
C ASP C 576 -76.44 -39.54 -41.25
N THR C 577 -77.61 -38.93 -41.43
CA THR C 577 -77.76 -37.55 -41.98
C THR C 577 -77.37 -36.51 -40.91
N GLN C 578 -77.35 -36.91 -39.63
CA GLN C 578 -76.99 -36.02 -38.48
C GLN C 578 -75.49 -36.07 -38.21
N ALA C 579 -74.78 -37.07 -38.73
CA ALA C 579 -73.32 -37.22 -38.51
C ALA C 579 -72.62 -36.17 -39.36
N VAL C 580 -71.43 -35.73 -38.92
CA VAL C 580 -70.65 -34.71 -39.69
C VAL C 580 -69.39 -35.37 -40.24
N VAL C 581 -68.74 -36.23 -39.45
CA VAL C 581 -67.53 -36.96 -39.92
C VAL C 581 -67.75 -38.46 -39.76
N ASP C 582 -67.07 -39.23 -40.60
CA ASP C 582 -67.00 -40.72 -40.51
C ASP C 582 -65.87 -41.09 -39.54
N SER C 583 -65.62 -42.39 -39.38
CA SER C 583 -64.70 -42.98 -38.38
C SER C 583 -63.24 -42.64 -38.73
N LYS C 584 -62.99 -42.13 -39.92
CA LYS C 584 -61.65 -41.66 -40.39
C LYS C 584 -61.57 -40.13 -40.28
N ALA C 585 -62.58 -39.52 -39.65
CA ALA C 585 -62.69 -38.07 -39.38
C ALA C 585 -62.88 -37.28 -40.69
N ARG C 586 -63.29 -37.94 -41.77
CA ARG C 586 -63.58 -37.25 -43.05
C ARG C 586 -64.96 -36.62 -42.97
N VAL C 587 -65.07 -35.37 -43.42
CA VAL C 587 -66.37 -34.64 -43.46
C VAL C 587 -67.23 -35.30 -44.54
N ILE C 588 -68.42 -35.74 -44.15
CA ILE C 588 -69.38 -36.43 -45.07
C ILE C 588 -69.90 -35.38 -46.06
N GLY C 589 -69.88 -35.68 -47.36
CA GLY C 589 -70.51 -34.88 -48.43
C GLY C 589 -69.49 -34.05 -49.21
N VAL C 590 -68.22 -34.07 -48.79
CA VAL C 590 -67.10 -33.31 -49.45
C VAL C 590 -65.85 -34.20 -49.44
N GLU C 591 -64.78 -33.75 -50.08
CA GLU C 591 -63.50 -34.49 -50.21
C GLU C 591 -62.34 -33.67 -49.63
N ALA C 592 -61.36 -34.38 -49.07
CA ALA C 592 -60.04 -33.84 -48.67
C ALA C 592 -60.20 -32.91 -47.47
N LEU C 593 -61.26 -33.09 -46.67
CA LEU C 593 -61.51 -32.29 -45.45
C LEU C 593 -61.80 -33.22 -44.27
N ARG C 594 -61.00 -33.11 -43.21
CA ARG C 594 -61.20 -33.83 -41.93
C ARG C 594 -61.40 -32.82 -40.80
N VAL C 595 -62.04 -33.27 -39.73
CA VAL C 595 -62.19 -32.53 -38.46
C VAL C 595 -61.61 -33.40 -37.36
N VAL C 596 -60.61 -32.87 -36.65
CA VAL C 596 -59.91 -33.59 -35.56
C VAL C 596 -59.79 -32.61 -34.40
N ASP C 597 -60.72 -32.71 -33.45
CA ASP C 597 -60.81 -31.87 -32.22
C ASP C 597 -62.02 -32.37 -31.41
N ALA C 598 -62.37 -31.69 -30.32
CA ALA C 598 -63.49 -32.08 -29.44
C ALA C 598 -64.80 -32.12 -30.25
N SER C 599 -64.93 -31.33 -31.31
CA SER C 599 -66.17 -31.28 -32.13
C SER C 599 -66.42 -32.64 -32.78
N ALA C 600 -65.35 -33.40 -33.09
CA ALA C 600 -65.42 -34.68 -33.84
C ALA C 600 -65.86 -35.85 -32.95
N LEU C 601 -65.89 -35.72 -31.63
CA LEU C 601 -66.28 -36.85 -30.74
C LEU C 601 -67.73 -37.27 -31.07
N PRO C 602 -68.05 -38.58 -31.04
CA PRO C 602 -69.41 -39.04 -31.35
C PRO C 602 -70.37 -38.71 -30.19
N PHE C 603 -69.85 -38.71 -28.97
CA PHE C 603 -70.53 -38.36 -27.71
C PHE C 603 -69.44 -38.05 -26.70
N LEU C 604 -69.76 -37.40 -25.59
CA LEU C 604 -68.77 -37.02 -24.56
C LEU C 604 -68.57 -38.19 -23.62
N PRO C 605 -67.36 -38.80 -23.57
CA PRO C 605 -67.09 -39.88 -22.62
C PRO C 605 -67.00 -39.28 -21.22
N PRO C 606 -67.02 -40.11 -20.15
CA PRO C 606 -66.98 -39.59 -18.80
C PRO C 606 -65.65 -38.91 -18.51
N GLY C 607 -65.71 -37.75 -17.86
CA GLY C 607 -64.53 -37.08 -17.27
C GLY C 607 -63.80 -36.18 -18.25
N HIS C 608 -62.47 -36.15 -18.12
CA HIS C 608 -61.57 -35.11 -18.69
C HIS C 608 -61.09 -35.56 -20.07
N PRO C 609 -61.44 -34.82 -21.14
CA PRO C 609 -61.24 -35.34 -22.49
C PRO C 609 -59.88 -35.07 -23.19
N GLN C 610 -58.96 -34.31 -22.60
CA GLN C 610 -57.70 -33.94 -23.33
C GLN C 610 -56.92 -35.23 -23.70
N SER C 611 -56.83 -36.23 -22.83
CA SER C 611 -56.14 -37.52 -23.14
C SER C 611 -56.68 -38.11 -24.45
N THR C 612 -58.00 -38.09 -24.61
CA THR C 612 -58.73 -38.67 -25.77
C THR C 612 -58.45 -37.85 -27.02
N LEU C 613 -58.37 -36.53 -26.90
CA LEU C 613 -58.12 -35.63 -28.06
C LEU C 613 -56.68 -35.78 -28.54
N TYR C 614 -55.70 -35.88 -27.64
CA TYR C 614 -54.29 -36.20 -28.02
C TYR C 614 -54.28 -37.53 -28.79
N ALA C 615 -54.95 -38.53 -28.25
CA ALA C 615 -54.99 -39.89 -28.82
C ALA C 615 -55.67 -39.85 -30.19
N LEU C 616 -56.82 -39.20 -30.29
CA LEU C 616 -57.55 -39.10 -31.58
C LEU C 616 -56.66 -38.43 -32.63
N ALA C 617 -55.92 -37.39 -32.24
CA ALA C 617 -55.02 -36.69 -33.17
C ALA C 617 -53.90 -37.65 -33.61
N GLU C 618 -53.33 -38.41 -32.67
CA GLU C 618 -52.31 -39.45 -32.97
C GLU C 618 -52.88 -40.44 -34.00
N LYS C 619 -54.12 -40.89 -33.80
CA LYS C 619 -54.79 -41.90 -34.62
C LYS C 619 -55.03 -41.35 -36.04
N ILE C 620 -55.63 -40.16 -36.17
CA ILE C 620 -55.99 -39.64 -37.53
C ILE C 620 -54.69 -39.27 -38.28
N ALA C 621 -53.63 -38.90 -37.57
CA ALA C 621 -52.30 -38.65 -38.18
C ALA C 621 -51.85 -39.93 -38.91
N CYS C 622 -51.86 -41.07 -38.21
CA CYS C 622 -51.49 -42.40 -38.78
C CYS C 622 -52.45 -42.78 -39.90
N GLU C 623 -53.75 -42.55 -39.75
CA GLU C 623 -54.77 -42.83 -40.80
C GLU C 623 -54.36 -42.09 -42.08
N ILE C 624 -53.96 -40.83 -41.96
CA ILE C 624 -53.64 -39.95 -43.13
C ILE C 624 -52.33 -40.42 -43.76
N SER C 625 -51.30 -40.68 -42.93
CA SER C 625 -49.90 -40.86 -43.39
C SER C 625 -49.65 -42.29 -43.86
N GLY C 626 -50.24 -43.27 -43.17
CA GLY C 626 -49.99 -44.71 -43.36
C GLY C 626 -48.57 -45.12 -43.01
N ASN C 627 -47.83 -44.32 -42.21
CA ASN C 627 -46.38 -44.55 -41.96
C ASN C 627 -46.09 -44.81 -40.48
N CYS C 628 -47.04 -45.36 -39.72
CA CYS C 628 -46.86 -45.76 -38.30
C CYS C 628 -46.83 -47.29 -38.24
N MET D 39 -22.17 -25.38 37.89
CA MET D 39 -22.22 -23.88 38.15
C MET D 39 -20.82 -23.29 37.92
N LEU D 40 -20.67 -22.41 36.94
CA LEU D 40 -19.37 -21.85 36.53
C LEU D 40 -18.65 -21.26 37.75
N GLY D 41 -19.38 -20.49 38.55
CA GLY D 41 -18.81 -19.71 39.66
C GLY D 41 -18.21 -20.59 40.73
N SER D 42 -18.66 -21.85 40.84
CA SER D 42 -18.13 -22.83 41.82
C SER D 42 -16.63 -23.05 41.59
N SER D 43 -16.12 -22.80 40.40
CA SER D 43 -14.70 -23.01 40.02
C SER D 43 -13.81 -21.82 40.41
N PHE D 44 -14.38 -20.65 40.71
CA PHE D 44 -13.59 -19.38 40.81
C PHE D 44 -13.50 -18.95 42.28
N GLY D 45 -12.31 -18.54 42.69
CA GLY D 45 -11.96 -18.28 44.10
C GLY D 45 -12.35 -16.87 44.54
N ILE D 46 -12.56 -16.71 45.84
CA ILE D 46 -12.82 -15.41 46.53
C ILE D 46 -11.49 -14.91 47.07
N PRO D 47 -11.10 -13.65 46.81
CA PRO D 47 -9.83 -13.11 47.29
C PRO D 47 -9.77 -12.85 48.81
N LYS D 48 -9.57 -13.92 49.59
CA LYS D 48 -9.37 -13.86 51.06
C LYS D 48 -8.43 -15.01 51.49
N ASN D 49 -7.88 -14.92 52.71
CA ASN D 49 -6.99 -15.95 53.30
C ASN D 49 -7.71 -17.29 53.28
N GLN D 50 -7.06 -18.33 52.74
CA GLN D 50 -7.62 -19.71 52.79
C GLN D 50 -6.52 -20.70 52.42
N THR D 51 -6.81 -21.98 52.63
CA THR D 51 -5.82 -23.07 52.55
C THR D 51 -6.24 -24.04 51.45
N PHE D 52 -5.29 -24.45 50.63
CA PHE D 52 -5.44 -25.55 49.65
C PHE D 52 -4.32 -26.55 49.92
N ASP D 53 -4.46 -27.75 49.37
CA ASP D 53 -3.37 -28.77 49.38
C ASP D 53 -2.26 -28.29 48.44
N TYR D 54 -2.59 -27.83 47.23
CA TYR D 54 -1.59 -27.39 46.23
C TYR D 54 -1.94 -26.00 45.69
N LEU D 55 -0.93 -25.17 45.49
CA LEU D 55 -1.04 -23.90 44.72
C LEU D 55 -0.16 -24.01 43.48
N VAL D 56 -0.71 -23.64 42.34
CA VAL D 56 0.05 -23.42 41.07
C VAL D 56 0.03 -21.92 40.80
N ILE D 57 1.21 -21.31 40.72
CA ILE D 57 1.39 -19.88 40.39
C ILE D 57 1.62 -19.78 38.89
N GLY D 58 0.69 -19.15 38.17
CA GLY D 58 0.72 -18.94 36.71
C GLY D 58 -0.25 -19.89 36.03
N GLY D 59 -1.35 -19.35 35.51
CA GLY D 59 -2.35 -20.10 34.73
C GLY D 59 -2.00 -20.09 33.25
N GLY D 60 -0.77 -20.48 32.92
CA GLY D 60 -0.25 -20.48 31.55
C GLY D 60 -0.22 -21.87 30.93
N THR D 61 0.71 -22.11 30.01
CA THR D 61 0.79 -23.36 29.23
C THR D 61 0.96 -24.54 30.19
N ALA D 62 2.04 -24.52 30.96
CA ALA D 62 2.37 -25.58 31.95
C ALA D 62 1.40 -25.48 33.11
N GLY D 63 1.14 -24.26 33.60
CA GLY D 63 0.35 -24.00 34.81
C GLY D 63 -1.01 -24.67 34.79
N LEU D 64 -1.82 -24.41 33.75
CA LEU D 64 -3.22 -24.92 33.69
C LEU D 64 -3.19 -26.42 33.47
N THR D 65 -2.13 -26.93 32.83
CA THR D 65 -1.99 -28.38 32.55
C THR D 65 -1.77 -29.08 33.89
N ILE D 66 -0.77 -28.66 34.67
CA ILE D 66 -0.42 -29.37 35.93
C ILE D 66 -1.54 -29.17 36.95
N ALA D 67 -2.15 -27.99 36.98
CA ALA D 67 -3.26 -27.68 37.93
C ALA D 67 -4.41 -28.63 37.65
N THR D 68 -4.81 -28.79 36.38
CA THR D 68 -5.96 -29.63 36.00
C THR D 68 -5.64 -31.10 36.30
N ARG D 69 -4.45 -31.57 35.94
CA ARG D 69 -4.03 -32.98 36.13
C ARG D 69 -3.93 -33.29 37.63
N LEU D 70 -3.33 -32.42 38.44
CA LEU D 70 -3.28 -32.64 39.91
C LEU D 70 -4.70 -32.78 40.44
N ALA D 71 -5.62 -31.88 40.06
CA ALA D 71 -7.03 -31.91 40.51
C ALA D 71 -7.70 -33.25 40.16
N GLU D 72 -7.36 -33.84 39.00
CA GLU D 72 -7.99 -35.11 38.50
C GLU D 72 -7.37 -36.35 39.15
N GLN D 73 -6.21 -36.22 39.80
CA GLN D 73 -5.36 -37.38 40.18
C GLN D 73 -5.45 -37.61 41.70
N GLY D 74 -6.45 -37.04 42.38
CA GLY D 74 -6.87 -37.40 43.76
C GLY D 74 -5.84 -37.02 44.83
N VAL D 75 -5.20 -35.86 44.72
CA VAL D 75 -4.18 -35.39 45.70
C VAL D 75 -4.81 -34.35 46.64
N GLY D 76 -6.10 -34.03 46.47
CA GLY D 76 -6.82 -33.03 47.26
C GLY D 76 -7.10 -31.74 46.50
N SER D 77 -7.18 -30.61 47.20
CA SER D 77 -7.61 -29.31 46.64
C SER D 77 -6.42 -28.63 45.95
N VAL D 78 -6.67 -28.10 44.75
CA VAL D 78 -5.67 -27.37 43.94
C VAL D 78 -6.24 -25.99 43.59
N ALA D 79 -5.43 -24.95 43.77
CA ALA D 79 -5.75 -23.58 43.33
C ALA D 79 -4.68 -23.16 42.33
N VAL D 80 -5.12 -22.53 41.24
CA VAL D 80 -4.22 -21.90 40.24
C VAL D 80 -4.45 -20.39 40.29
N ILE D 81 -3.34 -19.64 40.30
CA ILE D 81 -3.31 -18.16 40.44
C ILE D 81 -2.82 -17.58 39.12
N GLU D 82 -3.64 -16.75 38.45
CA GLU D 82 -3.29 -16.14 37.14
C GLU D 82 -3.60 -14.65 37.18
N ALA D 83 -2.63 -13.83 36.76
CA ALA D 83 -2.70 -12.35 36.78
C ALA D 83 -3.69 -11.85 35.75
N GLY D 84 -3.86 -12.56 34.63
CA GLY D 84 -4.78 -12.17 33.55
C GLY D 84 -6.16 -12.78 33.69
N GLY D 85 -7.00 -12.51 32.70
CA GLY D 85 -8.34 -13.12 32.56
C GLY D 85 -8.43 -13.98 31.32
N PHE D 86 -9.65 -14.23 30.86
CA PHE D 86 -9.93 -14.97 29.61
C PHE D 86 -9.61 -14.08 28.42
N TYR D 87 -8.88 -14.63 27.46
CA TYR D 87 -8.45 -13.90 26.25
C TYR D 87 -9.67 -13.70 25.33
N GLU D 88 -10.67 -14.56 25.46
CA GLU D 88 -11.95 -14.48 24.72
C GLU D 88 -12.73 -13.22 25.15
N LEU D 89 -12.48 -12.68 26.35
CA LEU D 89 -13.15 -11.45 26.83
C LEU D 89 -12.23 -10.23 26.67
N ASN D 90 -10.91 -10.42 26.58
CA ASN D 90 -9.94 -9.33 26.84
C ASN D 90 -9.12 -9.00 25.59
N ASN D 91 -9.32 -9.74 24.50
CA ASN D 91 -8.59 -9.48 23.23
C ASN D 91 -9.51 -9.79 22.03
N GLY D 92 -10.80 -9.53 22.17
CA GLY D 92 -11.77 -9.79 21.08
C GLY D 92 -11.70 -11.23 20.62
N ASN D 93 -11.74 -11.47 19.31
CA ASN D 93 -11.56 -12.79 18.66
C ASN D 93 -10.13 -12.93 18.13
N LEU D 94 -9.22 -12.00 18.45
CA LEU D 94 -7.83 -11.99 17.89
C LEU D 94 -7.02 -13.22 18.34
N SER D 95 -7.20 -13.71 19.56
CA SER D 95 -6.49 -14.89 20.10
C SER D 95 -7.20 -16.19 19.73
N GLN D 96 -8.46 -16.14 19.28
CA GLN D 96 -9.25 -17.33 18.92
C GLN D 96 -9.00 -17.72 17.46
N ILE D 97 -8.71 -16.76 16.59
CA ILE D 97 -8.54 -17.00 15.13
C ILE D 97 -7.06 -17.23 14.83
N PRO D 98 -6.66 -18.42 14.31
CA PRO D 98 -5.25 -18.71 14.05
C PRO D 98 -4.55 -17.66 13.20
N ALA D 99 -5.19 -17.17 12.13
CA ALA D 99 -4.59 -16.23 11.17
C ALA D 99 -4.34 -14.85 11.83
N GLN D 100 -4.90 -14.58 13.01
CA GLN D 100 -4.73 -13.29 13.71
C GLN D 100 -3.57 -13.36 14.72
N ASP D 101 -2.69 -14.35 14.62
CA ASP D 101 -1.63 -14.60 15.63
C ASP D 101 -0.54 -13.53 15.57
N ALA D 102 -0.48 -12.73 14.50
CA ALA D 102 0.54 -11.66 14.30
C ALA D 102 0.21 -10.39 15.11
N PHE D 103 -0.98 -10.27 15.68
CA PHE D 103 -1.36 -9.09 16.49
C PHE D 103 -0.52 -9.08 17.77
N TYR D 104 0.15 -7.96 18.01
CA TYR D 104 0.75 -7.60 19.33
C TYR D 104 1.99 -8.43 19.62
N VAL D 105 2.80 -8.73 18.60
CA VAL D 105 4.05 -9.53 18.78
C VAL D 105 5.27 -8.81 18.21
N GLY D 106 5.11 -7.60 17.67
CA GLY D 106 6.20 -6.80 17.10
C GLY D 106 7.17 -6.32 18.14
N THR D 107 8.35 -5.88 17.71
CA THR D 107 9.40 -5.29 18.59
C THR D 107 9.03 -3.88 19.07
N ASP D 108 8.12 -3.16 18.40
CA ASP D 108 7.75 -1.78 18.83
C ASP D 108 7.24 -1.80 20.28
N LEU D 109 7.72 -0.89 21.12
CA LEU D 109 7.41 -0.85 22.59
C LEU D 109 5.90 -0.68 22.82
N ASP D 110 5.14 -0.16 21.85
CA ASP D 110 3.69 0.07 22.04
C ASP D 110 2.84 -1.05 21.40
N ASP D 111 3.43 -2.07 20.76
CA ASP D 111 2.64 -3.11 20.04
C ASP D 111 2.14 -4.19 21.02
N TRP D 112 1.27 -3.79 21.94
CA TRP D 112 0.64 -4.66 22.94
C TRP D 112 -0.57 -3.93 23.52
N GLN D 113 -1.45 -4.66 24.19
CA GLN D 113 -2.54 -4.08 25.00
C GLN D 113 -2.69 -4.94 26.24
N PRO D 114 -3.03 -4.34 27.40
CA PRO D 114 -2.87 -5.01 28.69
C PRO D 114 -3.82 -6.19 28.95
N GLY D 115 -4.79 -6.41 28.06
CA GLY D 115 -5.74 -7.54 28.16
C GLY D 115 -5.12 -8.89 27.79
N ILE D 116 -4.04 -8.93 26.98
CA ILE D 116 -3.38 -10.22 26.58
C ILE D 116 -1.86 -10.18 26.75
N ASP D 117 -1.25 -9.06 27.09
CA ASP D 117 0.23 -8.94 27.05
C ASP D 117 0.73 -8.18 28.27
N TRP D 118 1.92 -8.54 28.76
CA TRP D 118 2.57 -7.94 29.95
C TRP D 118 3.19 -6.59 29.58
N GLY D 119 3.43 -6.33 28.30
CA GLY D 119 4.10 -5.11 27.83
C GLY D 119 5.57 -5.08 28.21
N PHE D 120 6.20 -6.25 28.36
CA PHE D 120 7.65 -6.35 28.71
C PHE D 120 8.50 -5.86 27.54
N HIS D 121 9.58 -5.14 27.85
CA HIS D 121 10.65 -4.80 26.89
C HIS D 121 11.98 -5.36 27.41
N THR D 122 12.92 -5.58 26.52
CA THR D 122 14.29 -6.04 26.83
C THR D 122 15.13 -4.86 27.36
N THR D 123 16.26 -5.17 27.98
CA THR D 123 17.43 -4.26 28.12
C THR D 123 17.92 -3.93 26.72
N PRO D 124 18.78 -2.89 26.55
CA PRO D 124 19.40 -2.64 25.25
C PRO D 124 20.22 -3.87 24.86
N GLN D 125 20.02 -4.37 23.64
CA GLN D 125 20.46 -5.73 23.21
C GLN D 125 21.78 -5.66 22.43
N ALA D 126 22.84 -6.21 23.02
CA ALA D 126 24.23 -6.17 22.49
C ALA D 126 24.28 -6.74 21.07
N GLY D 127 23.43 -7.72 20.77
CA GLY D 127 23.45 -8.40 19.45
C GLY D 127 22.52 -7.76 18.45
N ALA D 128 21.75 -6.75 18.87
CA ALA D 128 20.73 -6.09 18.03
C ALA D 128 20.94 -4.57 18.04
N TYR D 129 22.20 -4.12 18.03
CA TYR D 129 22.59 -2.69 17.93
C TYR D 129 21.90 -1.92 19.05
N ASP D 130 21.86 -2.52 20.23
CA ASP D 130 21.32 -1.91 21.49
C ASP D 130 19.81 -1.63 21.37
N ARG D 131 19.12 -2.25 20.41
CA ARG D 131 17.65 -2.16 20.27
C ARG D 131 16.99 -2.59 21.57
N VAL D 132 16.09 -1.75 22.10
CA VAL D 132 15.11 -2.08 23.17
C VAL D 132 13.83 -2.55 22.47
N SER D 133 13.44 -3.82 22.65
CA SER D 133 12.33 -4.46 21.90
C SER D 133 11.26 -4.98 22.86
N HIS D 134 9.99 -4.89 22.45
CA HIS D 134 8.85 -5.59 23.10
C HIS D 134 9.09 -7.11 22.98
N TYR D 135 8.99 -7.83 24.09
CA TYR D 135 9.01 -9.31 24.15
C TYR D 135 7.62 -9.78 24.57
N ALA D 136 6.79 -10.17 23.61
CA ALA D 136 5.41 -10.65 23.83
C ALA D 136 5.42 -11.80 24.85
N ARG D 137 4.57 -11.69 25.86
CA ARG D 137 4.23 -12.71 26.87
C ARG D 137 2.73 -12.64 27.10
N GLY D 138 2.05 -13.79 27.10
CA GLY D 138 0.62 -13.86 27.41
C GLY D 138 0.36 -13.46 28.85
N LYS D 139 -0.56 -12.53 29.05
CA LYS D 139 -1.16 -12.21 30.37
C LYS D 139 -2.66 -12.53 30.26
N CYS D 140 -3.00 -13.77 30.62
CA CYS D 140 -4.33 -14.38 30.40
C CYS D 140 -4.24 -15.85 30.85
N LEU D 141 -5.39 -16.44 31.14
CA LEU D 141 -5.52 -17.90 31.26
C LEU D 141 -5.07 -18.51 29.93
N GLY D 142 -4.05 -19.37 30.00
CA GLY D 142 -3.41 -19.98 28.81
C GLY D 142 -2.03 -19.43 28.59
N GLY D 143 -1.75 -18.29 29.23
CA GLY D 143 -0.44 -17.60 29.09
C GLY D 143 -0.07 -17.48 27.63
N SER D 144 1.13 -17.91 27.28
CA SER D 144 1.70 -17.74 25.92
C SER D 144 1.11 -18.77 24.97
N SER D 145 0.37 -19.79 25.45
CA SER D 145 -0.40 -20.70 24.57
C SER D 145 -1.61 -19.96 23.99
N ALA D 146 -1.97 -18.79 24.52
CA ALA D 146 -3.00 -17.89 23.96
C ALA D 146 -2.41 -17.07 22.80
N ARG D 147 -1.09 -16.96 22.71
CA ARG D 147 -0.33 -15.98 21.89
C ARG D 147 0.53 -16.68 20.82
N ASN D 148 0.79 -17.99 20.93
CA ASN D 148 1.83 -18.66 20.12
C ASN D 148 1.31 -18.91 18.70
N TYR D 149 2.14 -19.44 17.82
CA TYR D 149 1.79 -19.70 16.39
C TYR D 149 1.30 -21.14 16.26
N MET D 150 1.07 -21.81 17.40
CA MET D 150 0.28 -23.06 17.53
C MET D 150 1.07 -24.27 17.03
N ALA D 151 2.35 -24.13 16.66
CA ALA D 151 3.15 -25.27 16.13
C ALA D 151 3.34 -26.32 17.22
N TYR D 152 2.99 -27.58 16.92
CA TYR D 152 3.22 -28.75 17.80
C TYR D 152 4.31 -29.62 17.13
N GLN D 153 5.49 -29.64 17.70
CA GLN D 153 6.67 -30.42 17.21
C GLN D 153 7.51 -30.80 18.43
N ARG D 154 8.05 -32.03 18.43
CA ARG D 154 8.83 -32.56 19.56
C ARG D 154 10.32 -32.48 19.19
N GLY D 155 11.18 -32.52 20.19
CA GLY D 155 12.64 -32.59 19.99
C GLY D 155 13.09 -33.96 19.49
N THR D 156 14.39 -34.23 19.55
CA THR D 156 15.03 -35.43 18.97
C THR D 156 15.37 -36.43 20.08
N LYS D 157 15.52 -37.69 19.71
CA LYS D 157 15.94 -38.79 20.61
C LYS D 157 17.23 -38.38 21.33
N ALA D 158 18.17 -37.78 20.60
CA ALA D 158 19.52 -37.47 21.13
C ALA D 158 19.43 -36.27 22.09
N ALA D 159 18.52 -35.33 21.83
CA ALA D 159 18.25 -34.20 22.76
C ALA D 159 17.73 -34.76 24.09
N HIS D 160 16.81 -35.73 24.03
CA HIS D 160 16.26 -36.42 25.21
C HIS D 160 17.36 -37.23 25.91
N GLN D 161 18.28 -37.82 25.16
CA GLN D 161 19.45 -38.53 25.75
C GLN D 161 20.29 -37.51 26.54
N ARG D 162 20.61 -36.35 25.94
CA ARG D 162 21.41 -35.29 26.62
C ARG D 162 20.64 -34.80 27.86
N TRP D 163 19.31 -34.71 27.79
CA TRP D 163 18.48 -34.25 28.94
C TRP D 163 18.69 -35.23 30.10
N ALA D 164 18.51 -36.52 29.82
CA ALA D 164 18.66 -37.62 30.80
C ALA D 164 20.03 -37.51 31.49
N ASP D 165 21.10 -37.32 30.69
CA ASP D 165 22.50 -37.28 31.19
C ASP D 165 22.69 -36.06 32.09
N THR D 166 22.24 -34.87 31.67
CA THR D 166 22.49 -33.59 32.37
C THR D 166 21.81 -33.59 33.75
N VAL D 167 20.62 -34.19 33.86
CA VAL D 167 19.78 -34.10 35.10
C VAL D 167 19.88 -35.41 35.89
N GLY D 168 20.53 -36.45 35.35
CA GLY D 168 20.79 -37.72 36.03
C GLY D 168 19.51 -38.52 36.26
N ASP D 169 18.67 -38.63 35.23
CA ASP D 169 17.34 -39.29 35.33
C ASP D 169 16.96 -39.81 33.94
N SER D 170 16.97 -41.13 33.77
CA SER D 170 16.76 -41.80 32.47
C SER D 170 15.29 -41.72 32.04
N SER D 171 14.38 -41.30 32.93
CA SER D 171 12.94 -41.14 32.58
C SER D 171 12.77 -40.02 31.54
N TYR D 172 13.81 -39.21 31.25
CA TYR D 172 13.78 -38.15 30.23
C TYR D 172 14.20 -38.68 28.84
N THR D 173 14.69 -39.92 28.71
CA THR D 173 15.02 -40.52 27.39
C THR D 173 13.74 -40.70 26.59
N TRP D 174 13.86 -40.66 25.27
CA TRP D 174 12.70 -40.62 24.34
C TRP D 174 11.64 -41.64 24.74
N GLU D 175 12.02 -42.90 24.86
CA GLU D 175 11.08 -44.05 24.95
C GLU D 175 10.35 -43.97 26.30
N GLN D 176 11.00 -43.48 27.35
CA GLN D 176 10.40 -43.33 28.71
C GLN D 176 9.49 -42.08 28.79
N PHE D 177 9.83 -41.02 28.06
CA PHE D 177 9.15 -39.71 28.13
C PHE D 177 7.92 -39.70 27.20
N LEU D 178 7.97 -40.46 26.10
CA LEU D 178 6.95 -40.42 25.01
C LEU D 178 5.51 -40.53 25.54
N PRO D 179 5.16 -41.43 26.49
CA PRO D 179 3.77 -41.53 26.92
C PRO D 179 3.21 -40.21 27.49
N PHE D 180 4.07 -39.39 28.10
CA PHE D 180 3.69 -38.05 28.64
C PHE D 180 3.39 -37.09 27.49
N PHE D 181 4.06 -37.22 26.34
CA PHE D 181 3.75 -36.47 25.09
C PHE D 181 2.38 -36.89 24.55
N GLU D 182 2.04 -38.18 24.63
CA GLU D 182 0.84 -38.76 23.96
C GLU D 182 -0.42 -38.54 24.82
N LYS D 183 -0.27 -38.56 26.14
CA LYS D 183 -1.36 -38.46 27.13
C LYS D 183 -2.24 -37.23 26.84
N SER D 184 -1.68 -36.09 26.44
CA SER D 184 -2.40 -34.80 26.30
C SER D 184 -3.35 -34.79 25.08
N LEU D 185 -3.14 -35.63 24.07
CA LEU D 185 -3.56 -35.29 22.67
C LEU D 185 -4.92 -35.87 22.28
N HIS D 186 -5.62 -35.11 21.42
CA HIS D 186 -6.73 -35.58 20.57
C HIS D 186 -6.36 -35.18 19.14
N PHE D 187 -5.80 -36.14 18.41
CA PHE D 187 -5.35 -35.99 17.00
C PHE D 187 -6.56 -36.18 16.08
N THR D 188 -6.68 -35.28 15.10
CA THR D 188 -7.59 -35.45 13.94
C THR D 188 -6.74 -35.41 12.66
N PRO D 189 -6.88 -36.41 11.76
CA PRO D 189 -6.14 -36.44 10.51
C PRO D 189 -6.46 -35.24 9.61
N ALA D 190 -5.57 -34.94 8.65
CA ALA D 190 -5.77 -33.89 7.64
C ALA D 190 -7.09 -34.14 6.91
N ASN D 191 -7.85 -33.08 6.67
CA ASN D 191 -9.09 -33.10 5.86
C ASN D 191 -8.73 -32.71 4.43
N ASP D 192 -8.61 -33.72 3.55
CA ASP D 192 -8.11 -33.55 2.16
C ASP D 192 -9.12 -32.75 1.34
N ALA D 193 -10.42 -32.91 1.59
CA ALA D 193 -11.51 -32.22 0.87
C ALA D 193 -11.40 -30.70 1.04
N LEU D 194 -11.14 -30.19 2.25
CA LEU D 194 -11.04 -28.72 2.50
C LEU D 194 -9.63 -28.21 2.13
N ARG D 195 -8.58 -29.00 2.37
CA ARG D 195 -7.17 -28.56 2.12
C ARG D 195 -6.88 -28.53 0.63
N GLY D 196 -7.48 -29.43 -0.16
CA GLY D 196 -7.14 -29.70 -1.57
C GLY D 196 -6.12 -30.82 -1.68
N ALA D 197 -6.16 -31.58 -2.80
CA ALA D 197 -5.27 -32.74 -3.08
C ALA D 197 -3.78 -32.34 -3.08
N ASN D 198 -3.45 -31.16 -3.63
CA ASN D 198 -2.13 -30.47 -3.60
C ASN D 198 -1.47 -30.54 -2.22
N ALA D 199 -2.27 -30.54 -1.15
CA ALA D 199 -1.79 -30.26 0.23
C ALA D 199 -1.82 -31.55 1.06
N SER D 200 -1.80 -32.72 0.42
CA SER D 200 -1.69 -34.05 1.08
C SER D 200 -0.49 -34.05 2.04
N VAL D 201 -0.64 -34.74 3.16
CA VAL D 201 0.29 -34.68 4.32
C VAL D 201 0.88 -36.06 4.53
N VAL D 202 2.06 -36.13 5.15
CA VAL D 202 2.69 -37.39 5.61
C VAL D 202 2.88 -37.29 7.13
N SER D 203 2.09 -38.08 7.88
CA SER D 203 2.03 -38.08 9.36
C SER D 203 2.37 -39.46 9.92
N ASP D 204 2.65 -39.52 11.22
CA ASP D 204 2.84 -40.77 12.02
C ASP D 204 1.82 -40.78 13.16
N PRO D 205 0.57 -41.27 12.92
CA PRO D 205 -0.47 -41.24 13.94
C PRO D 205 -0.17 -42.08 15.18
N SER D 206 0.77 -43.03 15.11
CA SER D 206 1.05 -44.00 16.20
C SER D 206 1.63 -43.29 17.43
N VAL D 207 2.11 -42.05 17.30
CA VAL D 207 2.73 -41.29 18.42
C VAL D 207 1.87 -40.08 18.82
N LEU D 208 0.62 -40.01 18.37
CA LEU D 208 -0.26 -38.83 18.57
C LEU D 208 -1.45 -39.19 19.47
N GLY D 209 -1.28 -40.22 20.32
CA GLY D 209 -2.19 -40.57 21.42
C GLY D 209 -3.38 -41.40 20.97
N ASN D 210 -4.33 -41.58 21.88
CA ASN D 210 -5.51 -42.49 21.72
C ASN D 210 -6.81 -41.67 21.58
N GLY D 211 -6.76 -40.35 21.48
CA GLY D 211 -7.98 -39.53 21.31
C GLY D 211 -8.57 -39.01 22.62
N ASP D 212 -8.06 -39.43 23.79
CA ASP D 212 -8.74 -39.22 25.10
C ASP D 212 -8.30 -37.89 25.74
N GLY D 213 -7.18 -37.33 25.32
CA GLY D 213 -6.60 -36.10 25.87
C GLY D 213 -7.36 -34.86 25.41
N PRO D 214 -7.31 -33.76 26.17
CA PRO D 214 -8.07 -32.55 25.83
C PRO D 214 -7.40 -31.61 24.82
N LEU D 215 -6.12 -31.84 24.50
CA LEU D 215 -5.35 -30.94 23.60
C LEU D 215 -5.52 -31.39 22.14
N SER D 216 -6.37 -30.67 21.41
CA SER D 216 -6.59 -30.81 19.96
C SER D 216 -5.26 -30.57 19.25
N VAL D 217 -4.81 -31.52 18.44
CA VAL D 217 -3.70 -31.32 17.46
C VAL D 217 -4.20 -31.81 16.11
N THR D 218 -4.02 -31.01 15.08
CA THR D 218 -4.47 -31.36 13.72
C THR D 218 -3.71 -30.54 12.70
N TYR D 219 -4.05 -30.76 11.45
CA TYR D 219 -3.56 -30.00 10.29
C TYR D 219 -4.62 -28.95 10.03
N PRO D 220 -4.24 -27.72 9.67
CA PRO D 220 -5.21 -26.70 9.30
C PRO D 220 -6.13 -27.17 8.15
N HIS D 221 -7.36 -26.66 8.12
CA HIS D 221 -8.37 -26.89 7.06
C HIS D 221 -7.96 -26.14 5.78
N TYR D 222 -7.02 -25.22 5.88
CA TYR D 222 -6.51 -24.39 4.77
C TYR D 222 -4.99 -24.42 4.78
N ALA D 223 -4.39 -24.79 3.65
CA ALA D 223 -2.94 -24.75 3.42
C ALA D 223 -2.63 -23.55 2.52
N GLN D 224 -1.69 -22.71 2.92
CA GLN D 224 -1.17 -21.61 2.07
C GLN D 224 -0.75 -22.20 0.72
N ALA D 225 -1.22 -21.61 -0.38
CA ALA D 225 -0.78 -21.96 -1.75
C ALA D 225 0.76 -21.86 -1.80
N PHE D 226 1.34 -20.85 -1.17
CA PHE D 226 2.81 -20.67 -1.12
C PHE D 226 3.48 -21.94 -0.57
N ALA D 227 2.96 -22.51 0.51
CA ALA D 227 3.55 -23.71 1.16
C ALA D 227 3.55 -24.88 0.17
N THR D 228 2.47 -25.04 -0.58
CA THR D 228 2.30 -26.08 -1.62
C THR D 228 3.45 -26.03 -2.63
N TRP D 229 3.87 -24.83 -3.04
CA TRP D 229 5.02 -24.61 -3.97
C TRP D 229 6.33 -24.84 -3.24
N ALA D 230 6.44 -24.37 -1.98
CA ALA D 230 7.64 -24.47 -1.12
C ALA D 230 8.11 -25.91 -0.98
N LYS D 231 7.18 -26.87 -0.94
CA LYS D 231 7.50 -28.32 -0.83
C LYS D 231 8.49 -28.71 -1.94
N HIS D 232 8.23 -28.30 -3.19
CA HIS D 232 9.06 -28.63 -4.36
C HIS D 232 10.42 -27.93 -4.23
N ALA D 233 10.42 -26.68 -3.82
CA ALA D 233 11.64 -25.86 -3.66
C ALA D 233 12.53 -26.47 -2.57
N PHE D 234 11.94 -26.91 -1.46
CA PHE D 234 12.69 -27.55 -0.35
C PHE D 234 13.40 -28.81 -0.86
N ILE D 235 12.74 -29.60 -1.72
CA ILE D 235 13.34 -30.86 -2.24
C ILE D 235 14.57 -30.49 -3.10
N GLU D 236 14.43 -29.48 -3.97
CA GLU D 236 15.50 -29.00 -4.88
C GLU D 236 16.76 -28.59 -4.09
N ILE D 237 16.62 -28.03 -2.88
CA ILE D 237 17.81 -27.68 -2.03
C ILE D 237 18.10 -28.79 -1.01
N GLY D 238 17.57 -30.00 -1.19
CA GLY D 238 18.08 -31.23 -0.54
C GLY D 238 17.35 -31.65 0.73
N LEU D 239 16.12 -31.16 0.95
CA LEU D 239 15.30 -31.46 2.16
C LEU D 239 14.20 -32.47 1.80
N GLN D 240 14.43 -33.74 2.13
CA GLN D 240 13.52 -34.88 1.85
C GLN D 240 12.28 -34.77 2.77
N ILE D 241 11.15 -35.20 2.27
CA ILE D 241 9.90 -35.37 3.06
C ILE D 241 10.12 -36.44 4.13
N ARG D 242 9.67 -36.17 5.35
CA ARG D 242 9.60 -37.15 6.46
C ARG D 242 8.15 -37.19 6.98
N SER D 243 7.84 -38.19 7.82
CA SER D 243 6.49 -38.44 8.42
C SER D 243 6.34 -37.61 9.70
N GLY D 244 6.26 -36.30 9.57
CA GLY D 244 5.97 -35.39 10.70
C GLY D 244 7.16 -35.22 11.62
N PHE D 245 6.95 -34.50 12.71
CA PHE D 245 8.01 -33.97 13.61
C PHE D 245 7.75 -34.44 15.04
N GLN D 246 7.11 -35.60 15.21
CA GLN D 246 6.62 -36.07 16.53
C GLN D 246 7.26 -37.41 16.94
N SER D 247 8.14 -37.96 16.12
CA SER D 247 8.66 -39.34 16.27
C SER D 247 10.13 -39.34 16.67
N GLY D 248 10.68 -38.18 17.06
CA GLY D 248 12.03 -38.07 17.66
C GLY D 248 13.09 -37.71 16.65
N ALA D 249 12.69 -37.33 15.43
CA ALA D 249 13.63 -36.89 14.37
C ALA D 249 13.02 -35.67 13.64
N LEU D 250 13.86 -34.78 13.11
CA LEU D 250 13.45 -33.51 12.44
C LEU D 250 14.03 -33.38 11.03
N LEU D 251 15.26 -33.80 10.79
CA LEU D 251 15.98 -33.54 9.51
C LEU D 251 15.06 -33.90 8.33
N GLY D 252 14.83 -32.93 7.45
CA GLY D 252 13.90 -33.03 6.31
C GLY D 252 12.78 -32.01 6.44
N GLN D 253 11.70 -32.19 5.70
CA GLN D 253 10.52 -31.29 5.71
C GLN D 253 9.26 -32.12 5.95
N SER D 254 8.22 -31.45 6.42
CA SER D 254 6.87 -32.02 6.58
C SER D 254 5.91 -30.87 6.82
N TYR D 255 4.63 -31.11 6.55
CA TYR D 255 3.53 -30.25 7.04
C TYR D 255 3.51 -30.32 8.57
N GLY D 256 3.44 -29.14 9.18
CA GLY D 256 3.38 -28.99 10.65
C GLY D 256 2.03 -29.40 11.19
N LEU D 257 2.05 -29.83 12.44
CA LEU D 257 0.88 -30.11 13.29
C LEU D 257 0.66 -28.89 14.18
N TYR D 258 -0.60 -28.56 14.50
CA TYR D 258 -0.94 -27.32 15.27
C TYR D 258 -1.97 -27.61 16.35
N THR D 259 -1.87 -26.85 17.45
CA THR D 259 -2.83 -26.84 18.57
C THR D 259 -4.00 -25.99 18.08
N ILE D 260 -4.85 -26.60 17.26
CA ILE D 260 -6.09 -26.00 16.71
C ILE D 260 -7.19 -27.05 16.82
N ASN D 261 -8.38 -26.62 17.23
CA ASN D 261 -9.59 -27.48 17.25
C ASN D 261 -9.99 -27.85 15.80
N ALA D 262 -10.10 -29.14 15.51
CA ALA D 262 -10.35 -29.71 14.16
C ALA D 262 -11.74 -29.35 13.66
N THR D 263 -12.71 -29.11 14.55
CA THR D 263 -14.11 -28.80 14.17
C THR D 263 -14.26 -27.29 13.90
N THR D 264 -13.79 -26.43 14.79
CA THR D 264 -14.05 -24.96 14.74
C THR D 264 -12.90 -24.20 14.07
N MET D 265 -11.72 -24.81 13.98
CA MET D 265 -10.45 -24.13 13.58
C MET D 265 -10.19 -22.92 14.48
N HIS D 266 -10.63 -22.97 15.74
CA HIS D 266 -10.18 -22.05 16.81
C HIS D 266 -8.83 -22.51 17.37
N ARG D 267 -8.03 -21.56 17.84
CA ARG D 267 -6.80 -21.83 18.64
C ARG D 267 -7.15 -22.82 19.75
N GLU D 268 -6.31 -23.83 19.96
CA GLU D 268 -6.36 -24.68 21.19
C GLU D 268 -5.24 -24.21 22.12
N SER D 269 -5.61 -23.52 23.20
CA SER D 269 -4.67 -23.08 24.27
C SER D 269 -4.77 -24.07 25.43
N SER D 270 -3.96 -23.89 26.48
CA SER D 270 -4.10 -24.66 27.73
C SER D 270 -5.45 -24.31 28.39
N GLU D 271 -6.04 -23.15 28.05
CA GLU D 271 -7.33 -22.74 28.65
C GLU D 271 -8.48 -23.51 27.97
N THR D 272 -8.53 -23.55 26.64
CA THR D 272 -9.64 -24.22 25.89
C THR D 272 -9.53 -25.74 26.02
N SER D 273 -8.37 -26.27 26.42
CA SER D 273 -8.14 -27.73 26.59
C SER D 273 -8.22 -28.08 28.07
N PHE D 274 -7.13 -27.88 28.80
CA PHE D 274 -7.01 -28.35 30.21
C PHE D 274 -7.97 -27.59 31.12
N LEU D 275 -7.97 -26.24 31.12
CA LEU D 275 -8.82 -25.50 32.08
C LEU D 275 -10.29 -25.89 31.83
N ARG D 276 -10.75 -26.01 30.59
CA ARG D 276 -12.16 -26.35 30.30
C ARG D 276 -12.53 -27.72 30.89
N LYS D 277 -11.65 -28.71 30.79
CA LYS D 277 -11.87 -30.03 31.45
C LYS D 277 -11.91 -29.82 32.97
N GLY D 278 -10.99 -29.02 33.52
CA GLY D 278 -10.83 -28.81 34.99
C GLY D 278 -11.99 -28.05 35.63
N LEU D 279 -12.74 -27.24 34.89
CA LEU D 279 -13.93 -26.54 35.42
C LEU D 279 -14.98 -27.53 35.95
N ALA D 280 -15.04 -28.75 35.43
CA ALA D 280 -15.97 -29.80 35.92
C ALA D 280 -15.43 -30.47 37.20
N ASP D 281 -14.17 -30.23 37.54
CA ASP D 281 -13.51 -30.91 38.69
C ASP D 281 -13.64 -30.04 39.94
N PRO D 282 -14.40 -30.48 40.95
CA PRO D 282 -14.53 -29.70 42.19
C PRO D 282 -13.24 -29.54 43.00
N ASN D 283 -12.17 -30.23 42.67
CA ASN D 283 -10.85 -30.09 43.36
C ASN D 283 -10.08 -28.88 42.82
N LEU D 284 -10.50 -28.29 41.70
CA LEU D 284 -9.80 -27.13 41.08
C LEU D 284 -10.53 -25.83 41.40
N THR D 285 -9.81 -24.86 41.92
CA THR D 285 -10.24 -23.45 42.10
C THR D 285 -9.30 -22.56 41.29
N VAL D 286 -9.85 -21.63 40.51
CA VAL D 286 -9.10 -20.64 39.71
C VAL D 286 -9.21 -19.27 40.36
N PHE D 287 -8.08 -18.61 40.57
CA PHE D 287 -7.98 -17.19 40.98
C PHE D 287 -7.44 -16.41 39.78
N GLN D 288 -8.31 -15.75 39.02
CA GLN D 288 -7.89 -14.94 37.86
C GLN D 288 -7.91 -13.45 38.26
N SER D 289 -7.20 -12.61 37.51
CA SER D 289 -6.87 -11.20 37.85
C SER D 289 -6.15 -11.17 39.21
N ALA D 290 -5.29 -12.16 39.46
CA ALA D 290 -4.62 -12.39 40.75
C ALA D 290 -3.10 -12.38 40.55
N LEU D 291 -2.41 -11.42 41.14
CA LEU D 291 -0.92 -11.30 41.02
C LEU D 291 -0.29 -11.91 42.27
N ALA D 292 0.50 -12.97 42.09
CA ALA D 292 1.37 -13.54 43.14
C ALA D 292 2.53 -12.56 43.35
N LYS D 293 2.77 -12.18 44.60
CA LYS D 293 3.77 -11.16 44.99
C LYS D 293 5.00 -11.83 45.61
N ARG D 294 4.83 -12.91 46.35
CA ARG D 294 5.86 -13.49 47.24
C ARG D 294 5.46 -14.93 47.59
N ILE D 295 6.41 -15.87 47.49
CA ILE D 295 6.31 -17.21 48.13
C ILE D 295 6.78 -17.08 49.59
N ARG D 296 6.01 -17.59 50.53
CA ARG D 296 6.30 -17.54 51.99
C ARG D 296 6.98 -18.84 52.40
N PHE D 297 8.04 -18.73 53.20
CA PHE D 297 8.87 -19.83 53.72
C PHE D 297 8.81 -19.83 55.26
N GLN D 298 8.50 -20.98 55.87
CA GLN D 298 8.73 -21.26 57.32
C GLN D 298 9.93 -22.20 57.39
N ASP D 299 11.02 -21.72 57.97
CA ASP D 299 12.38 -22.30 57.83
C ASP D 299 12.74 -22.22 56.35
N LYS D 300 12.83 -23.37 55.68
CA LYS D 300 13.15 -23.47 54.24
C LYS D 300 11.99 -24.10 53.47
N ARG D 301 10.79 -24.19 54.08
CA ARG D 301 9.61 -24.87 53.47
C ARG D 301 8.64 -23.80 52.94
N ALA D 302 8.25 -23.90 51.67
CA ALA D 302 7.22 -23.06 51.03
C ALA D 302 5.86 -23.42 51.62
N VAL D 303 5.18 -22.47 52.27
CA VAL D 303 3.91 -22.73 53.01
C VAL D 303 2.76 -21.90 52.44
N GLY D 304 3.04 -20.88 51.63
CA GLY D 304 1.95 -20.07 51.06
C GLY D 304 2.43 -19.06 50.06
N VAL D 305 1.48 -18.32 49.48
CA VAL D 305 1.72 -17.26 48.47
C VAL D 305 0.96 -16.01 48.88
N ASP D 306 1.63 -14.85 48.87
CA ASP D 306 1.00 -13.51 49.01
C ASP D 306 0.46 -13.13 47.64
N VAL D 307 -0.83 -12.79 47.56
CA VAL D 307 -1.57 -12.52 46.30
C VAL D 307 -2.25 -11.15 46.44
N GLU D 308 -2.37 -10.43 45.32
CA GLU D 308 -3.16 -9.19 45.18
C GLU D 308 -4.14 -9.40 44.00
N THR D 309 -5.44 -9.29 44.27
CA THR D 309 -6.55 -9.27 43.27
C THR D 309 -7.18 -7.89 43.33
N MET D 310 -6.96 -7.04 42.32
CA MET D 310 -7.56 -5.68 42.21
C MET D 310 -7.36 -4.89 43.51
N GLY D 311 -6.14 -4.91 44.06
CA GLY D 311 -5.73 -4.09 45.23
C GLY D 311 -5.99 -4.79 46.56
N ARG D 312 -6.68 -5.93 46.56
CA ARG D 312 -6.99 -6.69 47.81
C ARG D 312 -5.88 -7.72 48.03
N ALA D 313 -5.07 -7.55 49.08
CA ALA D 313 -3.99 -8.45 49.51
C ALA D 313 -4.58 -9.58 50.35
N TYR D 314 -4.15 -10.80 50.09
CA TYR D 314 -4.51 -12.03 50.84
C TYR D 314 -3.38 -13.05 50.68
N THR D 315 -3.43 -14.09 51.49
CA THR D 315 -2.42 -15.16 51.51
C THR D 315 -3.15 -16.48 51.29
N LEU D 316 -2.75 -17.22 50.26
CA LEU D 316 -3.19 -18.61 50.04
C LEU D 316 -2.15 -19.52 50.68
N SER D 317 -2.58 -20.45 51.51
CA SER D 317 -1.70 -21.43 52.20
C SER D 317 -1.74 -22.76 51.44
N ALA D 318 -0.59 -23.43 51.41
CA ALA D 318 -0.42 -24.78 50.83
C ALA D 318 -0.05 -25.77 51.93
N ARG D 319 -0.85 -26.82 52.13
CA ARG D 319 -0.57 -27.92 53.09
C ARG D 319 0.58 -28.78 52.54
N LYS D 320 0.62 -29.01 51.22
CA LYS D 320 1.52 -30.02 50.61
C LYS D 320 2.63 -29.37 49.79
N GLU D 321 2.33 -28.82 48.61
CA GLU D 321 3.37 -28.35 47.65
C GLU D 321 2.88 -27.08 46.94
N ILE D 322 3.81 -26.22 46.55
CA ILE D 322 3.58 -25.05 45.67
C ILE D 322 4.34 -25.33 44.36
N VAL D 323 3.65 -25.17 43.23
CA VAL D 323 4.25 -25.28 41.88
C VAL D 323 4.27 -23.88 41.27
N LEU D 324 5.46 -23.41 40.91
CA LEU D 324 5.68 -22.12 40.24
C LEU D 324 5.71 -22.37 38.72
N SER D 325 4.78 -21.77 38.00
CA SER D 325 4.58 -21.93 36.53
C SER D 325 4.43 -20.56 35.89
N ALA D 326 5.20 -19.57 36.36
CA ALA D 326 5.07 -18.14 35.97
C ALA D 326 5.89 -17.85 34.72
N GLY D 327 6.58 -18.86 34.17
CA GLY D 327 7.33 -18.76 32.91
C GLY D 327 8.74 -18.24 33.09
N ALA D 328 9.47 -18.13 31.97
CA ALA D 328 10.94 -17.91 31.90
C ALA D 328 11.34 -16.58 32.53
N PHE D 329 10.46 -15.56 32.55
CA PHE D 329 10.79 -14.22 33.08
C PHE D 329 10.33 -14.09 34.53
N GLN D 330 9.15 -14.59 34.85
CA GLN D 330 8.48 -14.24 36.14
C GLN D 330 8.67 -15.35 37.18
N SER D 331 8.97 -16.59 36.78
CA SER D 331 9.37 -17.65 37.74
C SER D 331 10.66 -17.25 38.45
N PRO D 332 11.77 -16.94 37.75
CA PRO D 332 12.99 -16.48 38.43
C PRO D 332 12.76 -15.21 39.27
N GLN D 333 11.90 -14.30 38.79
CA GLN D 333 11.61 -13.05 39.54
C GLN D 333 10.95 -13.42 40.85
N LEU D 334 9.95 -14.30 40.84
CA LEU D 334 9.21 -14.66 42.07
C LEU D 334 10.13 -15.37 43.06
N LEU D 335 11.04 -16.22 42.59
CA LEU D 335 12.05 -16.89 43.45
C LEU D 335 12.89 -15.82 44.14
N MET D 336 13.47 -14.90 43.37
CA MET D 336 14.38 -13.84 43.89
C MET D 336 13.65 -12.97 44.92
N VAL D 337 12.43 -12.50 44.65
CA VAL D 337 11.74 -11.57 45.60
C VAL D 337 11.30 -12.36 46.84
N SER D 338 11.32 -13.69 46.78
CA SER D 338 10.93 -14.59 47.90
C SER D 338 12.16 -15.03 48.71
N GLY D 339 13.38 -14.73 48.24
CA GLY D 339 14.62 -15.01 48.99
C GLY D 339 15.41 -16.19 48.45
N VAL D 340 15.11 -16.65 47.24
CA VAL D 340 15.82 -17.76 46.55
C VAL D 340 16.46 -17.20 45.28
N GLY D 341 17.79 -17.07 45.28
CA GLY D 341 18.53 -16.53 44.12
C GLY D 341 19.94 -16.10 44.50
N PRO D 342 20.64 -15.38 43.61
CA PRO D 342 22.01 -14.91 43.89
C PRO D 342 22.00 -13.97 45.11
N ALA D 343 22.80 -14.29 46.13
CA ALA D 343 22.89 -13.57 47.42
C ALA D 343 23.07 -12.07 47.21
N ALA D 344 23.98 -11.67 46.32
CA ALA D 344 24.34 -10.25 46.09
C ALA D 344 23.11 -9.47 45.59
N THR D 345 22.34 -10.02 44.65
CA THR D 345 21.12 -9.38 44.09
C THR D 345 20.08 -9.18 45.20
N LEU D 346 19.85 -10.19 46.04
CA LEU D 346 18.78 -10.14 47.08
C LEU D 346 19.17 -9.13 48.18
N LYS D 347 20.46 -9.02 48.51
CA LYS D 347 21.00 -8.05 49.50
C LYS D 347 20.77 -6.63 48.97
N ALA D 348 21.11 -6.39 47.70
CA ALA D 348 21.02 -5.08 47.01
C ALA D 348 19.58 -4.54 46.99
N HIS D 349 18.57 -5.39 47.17
CA HIS D 349 17.12 -5.01 47.14
C HIS D 349 16.44 -5.34 48.47
N ASN D 350 17.22 -5.51 49.55
CA ASN D 350 16.74 -5.72 50.95
C ASN D 350 15.77 -6.90 51.00
N ILE D 351 16.13 -8.02 50.37
CA ILE D 351 15.33 -9.28 50.40
C ILE D 351 16.03 -10.27 51.32
N PRO D 352 15.40 -10.73 52.43
CA PRO D 352 16.04 -11.70 53.33
C PRO D 352 16.38 -13.00 52.59
N LEU D 353 17.60 -13.49 52.74
CA LEU D 353 18.13 -14.68 52.04
C LEU D 353 17.51 -15.94 52.63
N VAL D 354 16.94 -16.80 51.78
CA VAL D 354 16.42 -18.14 52.19
C VAL D 354 17.35 -19.22 51.63
N ALA D 355 17.81 -19.07 50.39
CA ALA D 355 18.81 -19.98 49.77
C ALA D 355 19.59 -19.24 48.69
N ASP D 356 20.93 -19.22 48.84
CA ASP D 356 21.89 -18.68 47.86
C ASP D 356 21.93 -19.64 46.68
N ARG D 357 21.27 -19.27 45.59
CA ARG D 357 21.11 -20.09 44.36
C ARG D 357 21.50 -19.24 43.17
N PRO D 358 22.81 -19.21 42.80
CA PRO D 358 23.28 -18.28 41.78
C PRO D 358 22.77 -18.55 40.37
N GLY D 359 22.10 -19.68 40.12
CA GLY D 359 21.57 -20.02 38.78
C GLY D 359 20.24 -19.35 38.49
N VAL D 360 19.55 -18.82 39.51
CA VAL D 360 18.19 -18.22 39.35
C VAL D 360 18.31 -16.98 38.45
N GLY D 361 17.67 -17.05 37.28
CA GLY D 361 17.65 -15.96 36.29
C GLY D 361 18.81 -16.02 35.35
N GLN D 362 19.74 -16.95 35.51
CA GLN D 362 20.94 -17.11 34.63
C GLN D 362 20.64 -18.17 33.56
N ASN D 363 21.51 -18.24 32.54
CA ASN D 363 21.53 -19.30 31.50
C ASN D 363 20.25 -19.20 30.67
N MET D 364 19.67 -18.02 30.46
CA MET D 364 18.49 -17.90 29.59
C MET D 364 18.89 -18.34 28.18
N GLN D 365 18.10 -19.21 27.57
CA GLN D 365 18.25 -19.62 26.14
C GLN D 365 17.00 -19.20 25.38
N ASP D 366 17.17 -18.92 24.09
CA ASP D 366 16.07 -18.43 23.23
C ASP D 366 16.41 -18.77 21.79
N HIS D 367 15.40 -18.74 20.92
CA HIS D 367 15.54 -18.87 19.45
C HIS D 367 15.15 -17.53 18.84
N ILE D 368 15.69 -17.24 17.66
CA ILE D 368 15.41 -16.02 16.87
C ILE D 368 14.78 -16.44 15.55
N ILE D 369 14.21 -15.48 14.85
CA ILE D 369 13.55 -15.67 13.54
C ILE D 369 13.70 -14.36 12.76
N TYR D 370 13.91 -14.50 11.45
CA TYR D 370 13.90 -13.42 10.44
C TYR D 370 13.55 -14.09 9.11
N ALA D 371 13.16 -13.29 8.13
CA ALA D 371 12.65 -13.79 6.83
C ALA D 371 12.78 -12.72 5.76
N PRO D 372 13.33 -13.09 4.58
CA PRO D 372 13.14 -12.30 3.37
C PRO D 372 11.71 -12.52 2.86
N SER D 373 11.25 -11.65 1.96
CA SER D 373 9.89 -11.72 1.39
C SER D 373 9.97 -11.47 -0.12
N TYR D 374 9.03 -12.06 -0.86
CA TYR D 374 8.78 -11.82 -2.28
C TYR D 374 7.30 -11.51 -2.43
N ARG D 375 6.97 -10.71 -3.44
CA ARG D 375 5.61 -10.67 -4.03
C ARG D 375 5.41 -11.99 -4.74
N VAL D 376 4.24 -12.61 -4.61
CA VAL D 376 3.96 -13.93 -5.24
C VAL D 376 2.62 -13.87 -5.96
N ASN D 377 2.47 -14.75 -6.94
CA ASN D 377 1.32 -14.85 -7.86
C ASN D 377 0.21 -15.73 -7.27
N VAL D 378 0.23 -16.02 -5.97
CA VAL D 378 -0.80 -16.87 -5.28
C VAL D 378 -1.40 -16.05 -4.11
N ILE D 379 -2.59 -16.45 -3.66
CA ILE D 379 -3.25 -15.88 -2.44
C ILE D 379 -2.34 -16.12 -1.24
N THR D 380 -2.08 -15.07 -0.46
CA THR D 380 -1.51 -15.14 0.91
C THR D 380 -2.39 -14.31 1.83
N GLN D 381 -1.97 -14.12 3.08
CA GLN D 381 -2.72 -13.36 4.11
C GLN D 381 -2.94 -11.93 3.63
N SER D 382 -2.08 -11.40 2.76
CA SER D 382 -2.20 -10.06 2.14
C SER D 382 -3.64 -9.83 1.64
N ALA D 383 -4.28 -10.86 1.05
CA ALA D 383 -5.63 -10.80 0.46
C ALA D 383 -6.68 -10.37 1.50
N LEU D 384 -6.41 -10.52 2.80
CA LEU D 384 -7.34 -10.12 3.87
C LEU D 384 -7.44 -8.59 3.95
N LEU D 385 -6.52 -7.84 3.35
CA LEU D 385 -6.60 -6.35 3.27
C LEU D 385 -7.65 -5.92 2.23
N ASN D 386 -8.03 -6.82 1.32
CA ASN D 386 -9.13 -6.63 0.33
C ASN D 386 -10.47 -6.97 0.97
N GLU D 387 -11.37 -5.98 1.06
CA GLU D 387 -12.67 -6.06 1.79
C GLU D 387 -13.55 -7.19 1.22
N GLU D 388 -13.68 -7.31 -0.09
CA GLU D 388 -14.56 -8.35 -0.73
C GLU D 388 -13.99 -9.74 -0.40
N PHE D 389 -12.67 -9.91 -0.41
CA PHE D 389 -11.99 -11.19 -0.08
C PHE D 389 -12.20 -11.52 1.41
N GLU D 390 -11.97 -10.54 2.30
CA GLU D 390 -12.08 -10.73 3.76
C GLU D 390 -13.50 -11.19 4.10
N ALA D 391 -14.51 -10.56 3.51
CA ALA D 391 -15.94 -10.86 3.79
C ALA D 391 -16.23 -12.33 3.47
N GLN D 392 -15.70 -12.84 2.36
CA GLN D 392 -15.90 -14.25 1.96
C GLN D 392 -15.15 -15.16 2.94
N ALA D 393 -13.92 -14.82 3.29
CA ALA D 393 -13.06 -15.61 4.20
C ALA D 393 -13.73 -15.69 5.58
N ASN D 394 -14.28 -14.57 6.04
CA ASN D 394 -15.03 -14.42 7.31
C ASN D 394 -16.21 -15.42 7.32
N ARG D 395 -17.01 -15.46 6.25
CA ARG D 395 -18.16 -16.39 6.13
C ARG D 395 -17.64 -17.83 6.09
N ASP D 396 -16.58 -18.10 5.33
CA ASP D 396 -16.00 -19.47 5.20
C ASP D 396 -15.57 -19.95 6.59
N TYR D 397 -14.92 -19.10 7.38
CA TYR D 397 -14.40 -19.46 8.72
C TYR D 397 -15.54 -19.82 9.67
N ASN D 398 -16.52 -18.92 9.79
CA ASN D 398 -17.60 -19.03 10.82
C ASN D 398 -18.61 -20.12 10.39
N GLU D 399 -18.90 -20.29 9.09
CA GLU D 399 -19.94 -21.23 8.59
C GLU D 399 -19.33 -22.63 8.35
N ARG D 400 -18.07 -22.76 7.92
CA ARG D 400 -17.52 -24.06 7.43
C ARG D 400 -16.15 -24.40 8.04
N ALA D 401 -15.61 -23.56 8.94
CA ALA D 401 -14.27 -23.72 9.53
C ALA D 401 -13.25 -23.88 8.40
N ALA D 402 -13.37 -23.06 7.34
CA ALA D 402 -12.58 -23.14 6.11
C ALA D 402 -12.02 -21.76 5.74
N GLY D 403 -11.12 -21.74 4.76
CA GLY D 403 -10.54 -20.48 4.24
C GLY D 403 -9.36 -20.04 5.04
N ILE D 404 -8.77 -18.90 4.64
CA ILE D 404 -7.41 -18.48 5.05
C ILE D 404 -7.37 -18.13 6.54
N TYR D 405 -8.50 -17.84 7.18
CA TYR D 405 -8.53 -17.53 8.63
C TYR D 405 -8.19 -18.79 9.43
N ALA D 406 -8.41 -19.98 8.84
CA ALA D 406 -8.18 -21.28 9.51
C ALA D 406 -6.72 -21.71 9.38
N ASN D 407 -5.81 -20.78 9.13
CA ASN D 407 -4.37 -21.09 8.88
C ASN D 407 -3.53 -20.26 9.83
N PRO D 408 -2.54 -20.86 10.54
CA PRO D 408 -1.74 -20.11 11.52
C PRO D 408 -0.61 -19.28 10.89
N THR D 409 -0.58 -19.16 9.56
CA THR D 409 0.43 -18.41 8.74
C THR D 409 1.51 -19.36 8.21
N SER D 410 2.01 -20.25 9.04
CA SER D 410 3.01 -21.30 8.70
C SER D 410 2.28 -22.54 8.16
N ASP D 411 2.99 -23.50 7.57
CA ASP D 411 2.39 -24.76 7.07
C ASP D 411 3.46 -25.87 7.04
N ILE D 412 4.60 -25.60 6.40
CA ILE D 412 5.71 -26.57 6.25
C ILE D 412 6.90 -26.05 7.04
N LEU D 413 7.45 -26.90 7.90
CA LEU D 413 8.76 -26.71 8.56
C LEU D 413 9.78 -27.60 7.84
N ALA D 414 11.03 -27.20 7.84
CA ALA D 414 12.15 -27.96 7.27
C ALA D 414 13.38 -27.72 8.15
N TRP D 415 14.22 -28.74 8.26
CA TRP D 415 15.33 -28.79 9.24
C TRP D 415 16.56 -29.36 8.55
N GLU D 416 17.74 -28.79 8.80
CA GLU D 416 19.00 -29.33 8.26
C GLU D 416 20.20 -28.90 9.13
N LYS D 417 21.27 -29.65 8.96
CA LYS D 417 22.67 -29.18 9.10
C LYS D 417 22.99 -28.35 7.85
N ILE D 418 23.72 -27.25 7.97
CA ILE D 418 24.27 -26.56 6.76
C ILE D 418 25.09 -27.60 5.99
N PRO D 419 24.78 -27.84 4.70
CA PRO D 419 25.45 -28.91 3.94
C PRO D 419 26.88 -28.56 3.48
N GLU D 420 27.69 -29.57 3.17
CA GLU D 420 28.97 -29.42 2.41
C GLU D 420 28.66 -29.24 0.93
N PRO D 421 29.43 -28.47 0.13
CA PRO D 421 30.65 -27.78 0.58
C PRO D 421 30.48 -26.37 1.18
N LYS D 422 29.24 -25.89 1.36
CA LYS D 422 28.95 -24.52 1.88
C LYS D 422 29.52 -24.41 3.31
N ARG D 423 29.59 -25.53 4.02
CA ARG D 423 30.01 -25.64 5.43
C ARG D 423 31.42 -25.07 5.64
N SER D 424 32.37 -25.45 4.79
CA SER D 424 33.81 -25.10 4.91
C SER D 424 34.04 -23.62 4.55
N ALA D 425 33.30 -23.11 3.56
CA ALA D 425 33.33 -21.71 3.07
C ALA D 425 32.75 -20.74 4.10
N TRP D 426 31.68 -21.13 4.82
CA TRP D 426 30.83 -20.21 5.62
C TRP D 426 31.19 -20.23 7.10
N PHE D 427 31.85 -21.29 7.59
CA PHE D 427 32.15 -21.45 9.04
C PHE D 427 33.65 -21.46 9.28
N SER D 428 34.08 -20.75 10.32
CA SER D 428 35.44 -20.84 10.92
C SER D 428 35.64 -22.24 11.50
N ASN D 429 36.89 -22.60 11.79
CA ASN D 429 37.27 -23.90 12.40
C ASN D 429 36.61 -24.00 13.77
N HIS D 430 36.67 -22.93 14.57
CA HIS D 430 36.07 -22.87 15.93
C HIS D 430 34.57 -23.21 15.86
N THR D 431 33.83 -22.60 14.93
CA THR D 431 32.38 -22.82 14.72
C THR D 431 32.13 -24.30 14.37
N ARG D 432 32.93 -24.86 13.47
CA ARG D 432 32.77 -26.27 13.04
C ARG D 432 33.06 -27.21 14.22
N GLN D 433 34.02 -26.86 15.08
CA GLN D 433 34.35 -27.69 16.27
C GLN D 433 33.17 -27.67 17.23
N VAL D 434 32.54 -26.51 17.46
CA VAL D 434 31.40 -26.37 18.41
C VAL D 434 30.19 -27.15 17.84
N LEU D 435 29.90 -27.02 16.55
CA LEU D 435 28.73 -27.68 15.93
C LEU D 435 28.91 -29.21 15.93
N ALA D 436 30.14 -29.71 15.85
CA ALA D 436 30.44 -31.17 15.81
C ALA D 436 30.16 -31.81 17.17
N GLU D 437 30.04 -31.00 18.24
CA GLU D 437 29.69 -31.48 19.60
C GLU D 437 28.17 -31.73 19.74
N TYR D 438 27.35 -31.25 18.79
CA TYR D 438 25.89 -31.50 18.78
C TYR D 438 25.65 -32.87 18.16
N PRO D 439 24.61 -33.60 18.60
CA PRO D 439 24.24 -34.87 17.97
C PRO D 439 23.92 -34.73 16.48
N ASP D 440 24.07 -35.83 15.74
CA ASP D 440 23.78 -35.92 14.29
C ASP D 440 22.31 -35.55 14.01
N ASP D 441 21.37 -35.90 14.88
CA ASP D 441 19.92 -35.74 14.65
C ASP D 441 19.49 -34.28 14.95
N TRP D 442 20.36 -33.47 15.56
CA TRP D 442 20.01 -32.12 16.07
C TRP D 442 20.26 -31.09 14.98
N PRO D 443 19.21 -30.51 14.37
CA PRO D 443 19.42 -29.58 13.24
C PRO D 443 20.05 -28.26 13.67
N GLU D 444 20.64 -27.55 12.72
CA GLU D 444 21.28 -26.23 12.91
C GLU D 444 20.30 -25.13 12.51
N VAL D 445 19.53 -25.36 11.44
CA VAL D 445 18.61 -24.31 10.91
C VAL D 445 17.23 -24.93 10.67
N GLU D 446 16.19 -24.18 11.07
CA GLU D 446 14.78 -24.46 10.76
C GLU D 446 14.31 -23.47 9.70
N PHE D 447 13.63 -23.92 8.64
CA PHE D 447 12.88 -23.06 7.67
C PHE D 447 11.39 -23.21 7.95
N LEU D 448 10.66 -22.09 7.85
CA LEU D 448 9.18 -22.04 8.06
C LEU D 448 8.56 -21.27 6.89
N THR D 449 7.62 -21.87 6.18
CA THR D 449 6.81 -21.16 5.17
C THR D 449 5.91 -20.16 5.93
N MET D 450 5.79 -18.94 5.42
CA MET D 450 4.94 -17.89 6.03
C MET D 450 4.17 -17.17 4.90
N GLY D 451 2.84 -17.27 4.90
CA GLY D 451 1.96 -16.59 3.93
C GLY D 451 1.72 -15.14 4.28
N GLY D 452 2.77 -14.40 4.66
CA GLY D 452 2.71 -12.98 5.09
C GLY D 452 4.08 -12.32 5.05
N TYR D 453 4.14 -11.02 5.33
CA TYR D 453 5.38 -10.20 5.29
C TYR D 453 5.95 -10.02 6.70
N PHE D 454 7.26 -10.23 6.88
CA PHE D 454 7.96 -10.01 8.19
C PHE D 454 8.54 -8.60 8.28
N GLY D 455 9.28 -8.17 7.26
CA GLY D 455 10.07 -6.92 7.30
C GLY D 455 10.93 -6.89 8.55
N TYR D 456 10.93 -5.76 9.25
CA TYR D 456 11.75 -5.53 10.47
C TYR D 456 11.00 -6.02 11.71
N GLN D 457 9.79 -6.56 11.56
CA GLN D 457 9.02 -7.20 12.67
C GLN D 457 8.80 -6.18 13.79
N ARG D 458 8.62 -4.91 13.42
CA ARG D 458 8.35 -3.80 14.38
C ARG D 458 6.90 -3.92 14.83
N ASN D 459 6.03 -4.24 13.88
CA ASN D 459 4.56 -4.31 14.02
C ASN D 459 4.00 -4.88 12.71
N TYR D 460 3.62 -6.16 12.70
CA TYR D 460 3.27 -6.90 11.47
C TYR D 460 1.98 -6.33 10.86
N ILE D 461 1.11 -5.73 11.68
CA ILE D 461 -0.23 -5.26 11.23
C ILE D 461 -0.09 -3.88 10.56
N ARG D 462 0.61 -2.94 11.20
CA ARG D 462 0.83 -1.56 10.66
C ARG D 462 1.66 -1.59 9.36
N ASP D 463 2.73 -2.39 9.31
CA ASP D 463 3.72 -2.41 8.19
C ASP D 463 3.39 -3.51 7.17
N ASN D 464 2.20 -4.11 7.25
CA ASN D 464 1.71 -5.12 6.27
C ASN D 464 1.51 -4.40 4.93
N PRO D 465 2.33 -4.67 3.89
CA PRO D 465 2.28 -3.89 2.65
C PRO D 465 0.88 -3.98 2.02
N SER D 466 0.30 -2.83 1.65
CA SER D 466 -1.12 -2.66 1.25
C SER D 466 -1.23 -2.14 -0.18
N ASP D 467 -0.31 -2.51 -1.06
CA ASP D 467 -0.20 -1.96 -2.44
C ASP D 467 -0.86 -2.89 -3.46
N GLY D 468 -1.49 -4.00 -3.04
CA GLY D 468 -2.31 -4.86 -3.94
C GLY D 468 -1.61 -6.17 -4.34
N TYR D 469 -0.38 -6.39 -3.93
CA TYR D 469 0.34 -7.68 -4.16
C TYR D 469 0.10 -8.62 -2.98
N ASN D 470 0.21 -9.93 -3.23
CA ASN D 470 0.34 -10.96 -2.18
C ASN D 470 1.82 -11.10 -1.82
N TYR D 471 2.13 -11.13 -0.53
CA TYR D 471 3.50 -11.28 0.01
C TYR D 471 3.60 -12.63 0.75
N ALA D 472 4.74 -13.29 0.57
CA ALA D 472 5.14 -14.51 1.31
C ALA D 472 6.59 -14.36 1.74
N SER D 473 6.95 -15.07 2.80
CA SER D 473 8.28 -15.05 3.43
C SER D 473 8.73 -16.49 3.69
N LEU D 474 10.03 -16.72 3.65
CA LEU D 474 10.60 -17.98 4.16
C LEU D 474 11.44 -17.64 5.38
N ALA D 475 10.93 -17.94 6.55
CA ALA D 475 11.56 -17.58 7.83
C ALA D 475 12.62 -18.62 8.11
N VAL D 476 13.61 -18.23 8.90
CA VAL D 476 14.62 -19.17 9.42
C VAL D 476 14.73 -18.93 10.92
N SER D 477 14.96 -20.00 11.66
CA SER D 477 15.30 -19.98 13.10
C SER D 477 16.58 -20.80 13.28
N LEU D 478 17.39 -20.49 14.29
CA LEU D 478 18.66 -21.20 14.55
C LEU D 478 18.48 -22.12 15.76
N CYS D 479 18.79 -23.41 15.60
CA CYS D 479 18.46 -24.47 16.59
C CYS D 479 19.64 -24.79 17.50
N THR D 480 20.79 -24.14 17.34
CA THR D 480 21.98 -24.37 18.21
C THR D 480 22.45 -23.06 18.81
N PRO D 481 21.59 -22.32 19.55
CA PRO D 481 22.00 -21.05 20.15
C PRO D 481 23.08 -21.26 21.22
N ARG D 482 24.19 -20.51 21.07
CA ARG D 482 25.31 -20.50 22.04
C ARG D 482 25.20 -19.26 22.93
N SER D 483 24.54 -18.21 22.47
CA SER D 483 24.34 -16.96 23.25
C SER D 483 23.52 -17.31 24.50
N ARG D 484 23.84 -16.70 25.63
CA ARG D 484 23.13 -16.91 26.91
C ARG D 484 22.74 -15.54 27.47
N GLY D 485 21.55 -15.44 28.06
CA GLY D 485 20.98 -14.21 28.62
C GLY D 485 20.66 -14.36 30.09
N ASN D 486 19.92 -13.41 30.64
CA ASN D 486 19.55 -13.48 32.07
C ASN D 486 18.33 -12.60 32.36
N VAL D 487 17.80 -12.77 33.54
CA VAL D 487 16.66 -12.04 34.16
C VAL D 487 17.16 -11.61 35.54
N THR D 488 16.91 -10.37 35.94
CA THR D 488 17.16 -9.92 37.32
C THR D 488 16.02 -8.97 37.72
N ILE D 489 16.15 -8.32 38.88
CA ILE D 489 15.11 -7.46 39.49
C ILE D 489 15.69 -6.08 39.77
N THR D 490 14.82 -5.07 39.82
CA THR D 490 15.12 -3.68 40.27
C THR D 490 14.44 -3.40 41.61
N SER D 491 13.69 -4.36 42.16
CA SER D 491 12.73 -4.13 43.26
C SER D 491 12.30 -5.46 43.88
N PRO D 492 11.95 -5.48 45.19
CA PRO D 492 11.31 -6.66 45.79
C PRO D 492 9.82 -6.80 45.43
N ASP D 493 9.27 -5.92 44.61
CA ASP D 493 7.84 -5.91 44.20
C ASP D 493 7.71 -6.66 42.86
N ALA D 494 6.97 -7.77 42.84
CA ALA D 494 6.70 -8.58 41.63
C ALA D 494 5.80 -7.80 40.66
N GLY D 495 5.15 -6.74 41.12
CA GLY D 495 4.36 -5.81 40.30
C GLY D 495 5.22 -4.96 39.40
N VAL D 496 6.50 -4.77 39.75
CA VAL D 496 7.51 -4.10 38.89
C VAL D 496 8.06 -5.14 37.92
N PRO D 497 8.13 -4.85 36.59
CA PRO D 497 8.59 -5.85 35.64
C PRO D 497 10.03 -6.28 35.91
N PRO D 498 10.39 -7.55 35.62
CA PRO D 498 11.77 -8.00 35.75
C PRO D 498 12.61 -7.37 34.64
N VAL D 499 13.93 -7.37 34.82
CA VAL D 499 14.91 -6.86 33.82
C VAL D 499 15.28 -8.05 32.94
N ILE D 500 15.01 -7.96 31.65
CA ILE D 500 14.99 -9.11 30.70
C ILE D 500 16.07 -8.89 29.66
N ASN D 501 17.10 -9.74 29.67
CA ASN D 501 18.28 -9.57 28.77
C ASN D 501 18.52 -10.87 28.02
N PRO D 502 17.81 -11.13 26.91
CA PRO D 502 17.98 -12.37 26.16
C PRO D 502 19.40 -12.51 25.60
N ASN D 503 19.97 -11.41 25.13
CA ASN D 503 21.40 -11.34 24.75
C ASN D 503 21.63 -12.17 23.49
N TRP D 504 20.63 -12.25 22.61
CA TRP D 504 20.73 -13.04 21.36
C TRP D 504 21.93 -12.54 20.54
N LEU D 505 22.47 -13.42 19.68
CA LEU D 505 23.41 -13.09 18.58
C LEU D 505 24.67 -12.39 19.11
N THR D 506 25.21 -12.85 20.25
CA THR D 506 26.43 -12.28 20.87
C THR D 506 27.59 -13.29 20.83
N ASP D 507 27.31 -14.57 20.60
CA ASP D 507 28.35 -15.60 20.43
C ASP D 507 28.69 -15.67 18.94
N PRO D 508 30.01 -15.71 18.57
CA PRO D 508 30.41 -15.77 17.16
C PRO D 508 29.84 -16.97 16.38
N VAL D 509 29.51 -18.08 17.05
CA VAL D 509 28.88 -19.24 16.38
C VAL D 509 27.49 -18.84 15.88
N ASP D 510 26.70 -18.13 16.69
CA ASP D 510 25.31 -17.72 16.30
C ASP D 510 25.40 -16.75 15.12
N VAL D 511 26.37 -15.84 15.16
CA VAL D 511 26.61 -14.81 14.10
C VAL D 511 26.86 -15.52 12.76
N GLU D 512 27.78 -16.49 12.73
CA GLU D 512 28.13 -17.23 11.48
C GLU D 512 26.90 -18.04 11.00
N LEU D 513 26.20 -18.72 11.92
CA LEU D 513 24.97 -19.49 11.60
C LEU D 513 23.89 -18.56 11.01
N ALA D 514 23.72 -17.37 11.58
CA ALA D 514 22.70 -16.39 11.15
C ALA D 514 22.93 -16.03 9.68
N VAL D 515 24.19 -15.81 9.28
CA VAL D 515 24.55 -15.44 7.88
C VAL D 515 24.31 -16.64 6.96
N ALA D 516 24.73 -17.84 7.38
CA ALA D 516 24.54 -19.10 6.60
C ALA D 516 23.05 -19.33 6.34
N ALA D 517 22.21 -19.19 7.38
CA ALA D 517 20.76 -19.43 7.29
C ALA D 517 20.15 -18.48 6.26
N PHE D 518 20.57 -17.21 6.29
CA PHE D 518 20.05 -16.19 5.36
C PHE D 518 20.39 -16.59 3.92
N LYS D 519 21.63 -17.03 3.67
CA LYS D 519 22.06 -17.46 2.32
C LYS D 519 21.23 -18.66 1.86
N ARG D 520 20.86 -19.57 2.77
CA ARG D 520 20.00 -20.74 2.42
C ARG D 520 18.60 -20.26 2.00
N THR D 521 18.08 -19.15 2.54
CA THR D 521 16.78 -18.59 2.09
C THR D 521 16.93 -18.11 0.64
N ARG D 522 18.10 -17.57 0.30
CA ARG D 522 18.41 -17.10 -1.07
C ARG D 522 18.47 -18.31 -2.00
N ASP D 523 19.03 -19.44 -1.55
CA ASP D 523 19.08 -20.70 -2.34
C ASP D 523 17.65 -21.17 -2.61
N PHE D 524 16.78 -21.14 -1.60
CA PHE D 524 15.35 -21.51 -1.73
C PHE D 524 14.70 -20.68 -2.84
N PHE D 525 14.92 -19.36 -2.82
CA PHE D 525 14.26 -18.40 -3.73
C PHE D 525 14.93 -18.38 -5.13
N ASN D 526 16.10 -19.02 -5.30
CA ASN D 526 16.73 -19.21 -6.63
C ASN D 526 16.42 -20.60 -7.19
N THR D 527 15.54 -21.40 -6.57
CA THR D 527 15.16 -22.73 -7.15
C THR D 527 14.27 -22.49 -8.38
N THR D 528 14.32 -23.41 -9.35
CA THR D 528 13.48 -23.34 -10.57
C THR D 528 12.06 -23.76 -10.17
N ALA D 529 11.90 -24.55 -9.10
CA ALA D 529 10.60 -25.02 -8.58
C ALA D 529 9.72 -23.84 -8.14
N ILE D 530 10.29 -22.82 -7.47
CA ILE D 530 9.53 -21.69 -6.88
C ILE D 530 9.37 -20.56 -7.90
N LYS D 531 10.25 -20.47 -8.90
CA LYS D 531 10.33 -19.32 -9.84
C LYS D 531 8.96 -18.93 -10.37
N PRO D 532 8.12 -19.88 -10.86
CA PRO D 532 6.87 -19.52 -11.54
C PRO D 532 5.85 -18.70 -10.71
N ILE D 533 5.97 -18.65 -9.38
CA ILE D 533 5.02 -17.87 -8.52
C ILE D 533 5.67 -16.56 -8.04
N LEU D 534 6.97 -16.34 -8.30
CA LEU D 534 7.68 -15.10 -7.91
C LEU D 534 7.32 -13.96 -8.86
N ILE D 535 7.06 -12.76 -8.33
CA ILE D 535 6.80 -11.53 -9.12
C ILE D 535 7.96 -10.55 -8.89
N GLY D 536 8.84 -10.44 -9.87
CA GLY D 536 10.04 -9.57 -9.82
C GLY D 536 11.06 -10.08 -8.82
N PRO D 537 12.09 -9.30 -8.49
CA PRO D 537 13.17 -9.76 -7.62
C PRO D 537 12.77 -9.68 -6.14
N GLU D 538 13.67 -10.13 -5.27
CA GLU D 538 13.50 -10.14 -3.79
C GLU D 538 12.97 -8.77 -3.36
N TYR D 539 11.83 -8.75 -2.66
CA TYR D 539 11.16 -7.53 -2.19
C TYR D 539 11.84 -7.02 -0.93
N PHE D 540 12.19 -7.90 0.00
CA PHE D 540 12.82 -7.51 1.29
C PHE D 540 13.81 -8.57 1.72
N PRO D 541 15.07 -8.21 2.09
CA PRO D 541 15.54 -6.83 2.02
C PRO D 541 15.81 -6.33 0.59
N GLY D 542 16.07 -7.25 -0.35
CA GLY D 542 16.50 -6.94 -1.73
C GLY D 542 17.97 -7.30 -1.94
N SER D 543 18.36 -7.56 -3.20
CA SER D 543 19.70 -8.11 -3.59
C SER D 543 20.84 -7.16 -3.19
N GLN D 544 20.57 -5.87 -2.92
CA GLN D 544 21.61 -4.89 -2.52
C GLN D 544 22.27 -5.33 -1.21
N VAL D 545 21.61 -6.20 -0.43
CA VAL D 545 22.21 -6.90 0.76
C VAL D 545 22.97 -8.12 0.26
N ALA D 546 24.30 -8.04 0.14
CA ALA D 546 25.12 -8.94 -0.71
C ALA D 546 26.27 -9.55 0.09
N THR D 547 27.13 -8.73 0.70
CA THR D 547 28.35 -9.19 1.42
C THR D 547 27.94 -9.82 2.75
N ASP D 548 28.83 -10.62 3.34
CA ASP D 548 28.65 -11.23 4.68
C ASP D 548 28.31 -10.12 5.70
N ALA D 549 29.03 -9.00 5.71
CA ALA D 549 28.87 -7.92 6.71
C ALA D 549 27.51 -7.21 6.52
N GLU D 550 27.07 -7.05 5.27
CA GLU D 550 25.77 -6.44 4.93
C GLU D 550 24.64 -7.37 5.40
N ILE D 551 24.79 -8.68 5.18
CA ILE D 551 23.81 -9.71 5.60
C ILE D 551 23.71 -9.68 7.13
N LEU D 552 24.85 -9.72 7.82
CA LEU D 552 24.85 -9.69 9.31
C LEU D 552 24.14 -8.43 9.80
N ASP D 553 24.51 -7.26 9.26
CA ASP D 553 23.92 -5.95 9.63
C ASP D 553 22.39 -6.00 9.45
N HIS D 554 21.91 -6.50 8.30
CA HIS D 554 20.47 -6.63 7.99
C HIS D 554 19.79 -7.56 9.00
N VAL D 555 20.40 -8.70 9.33
CA VAL D 555 19.83 -9.67 10.31
C VAL D 555 19.73 -8.98 11.67
N ARG D 556 20.76 -8.26 12.10
CA ARG D 556 20.78 -7.58 13.42
C ARG D 556 19.63 -6.56 13.50
N LYS D 557 19.21 -6.01 12.36
CA LYS D 557 18.13 -4.99 12.29
C LYS D 557 16.76 -5.67 12.19
N SER D 558 16.64 -6.82 11.51
CA SER D 558 15.35 -7.41 11.09
C SER D 558 14.97 -8.63 11.94
N PHE D 559 15.82 -9.11 12.84
CA PHE D 559 15.50 -10.34 13.63
C PHE D 559 14.71 -9.94 14.88
N ASP D 560 13.92 -10.88 15.38
CA ASP D 560 13.40 -10.83 16.76
C ASP D 560 13.51 -12.25 17.34
N THR D 561 13.26 -12.36 18.63
CA THR D 561 12.94 -13.64 19.30
C THR D 561 11.78 -14.30 18.57
N ILE D 562 11.73 -15.64 18.63
CA ILE D 562 10.56 -16.44 18.19
C ILE D 562 9.88 -16.98 19.46
N PHE D 563 10.26 -16.45 20.62
CA PHE D 563 9.49 -16.43 21.88
C PHE D 563 9.69 -17.74 22.67
N HIS D 564 10.90 -18.33 22.61
CA HIS D 564 11.22 -19.63 23.24
C HIS D 564 12.07 -19.43 24.49
N ALA D 565 11.93 -18.29 25.18
CA ALA D 565 12.70 -17.99 26.41
C ALA D 565 12.55 -19.17 27.38
N SER D 566 13.65 -19.60 27.99
CA SER D 566 13.72 -20.83 28.80
C SER D 566 15.01 -20.90 29.62
N CYS D 567 15.04 -21.81 30.58
CA CYS D 567 16.26 -22.31 31.27
C CYS D 567 16.74 -21.35 32.37
N THR D 568 15.88 -20.47 32.86
CA THR D 568 16.22 -19.46 33.90
C THR D 568 16.02 -20.06 35.29
N CYS D 569 15.43 -21.26 35.37
CA CYS D 569 15.34 -22.10 36.60
C CYS D 569 15.78 -23.51 36.21
N ALA D 570 16.97 -23.62 35.61
CA ALA D 570 17.40 -24.81 34.83
C ALA D 570 17.36 -26.06 35.69
N MET D 571 16.87 -27.16 35.11
CA MET D 571 16.97 -28.51 35.70
C MET D 571 18.43 -28.96 35.56
N GLY D 572 19.00 -29.49 36.64
CA GLY D 572 20.31 -30.16 36.63
C GLY D 572 20.44 -31.08 37.84
N LEU D 573 21.68 -31.44 38.20
CA LEU D 573 21.99 -32.27 39.39
C LEU D 573 21.87 -31.42 40.66
N ALA D 574 21.37 -32.00 41.75
CA ALA D 574 21.22 -31.33 43.07
C ALA D 574 22.55 -30.74 43.56
N ASN D 575 23.69 -31.32 43.17
CA ASN D 575 25.05 -30.92 43.64
C ASN D 575 25.66 -29.85 42.72
N ASP D 576 25.05 -29.57 41.56
CA ASP D 576 25.43 -28.44 40.65
C ASP D 576 24.94 -27.13 41.30
N THR D 577 25.84 -26.19 41.57
CA THR D 577 25.53 -24.91 42.27
C THR D 577 24.79 -23.95 41.33
N GLN D 578 24.87 -24.16 40.01
CA GLN D 578 24.21 -23.33 38.97
C GLN D 578 22.80 -23.85 38.68
N ALA D 579 22.48 -25.08 39.06
CA ALA D 579 21.16 -25.67 38.79
C ALA D 579 20.14 -25.03 39.74
N VAL D 580 18.88 -24.96 39.33
CA VAL D 580 17.81 -24.38 40.18
C VAL D 580 16.85 -25.49 40.62
N VAL D 581 16.54 -26.42 39.74
CA VAL D 581 15.63 -27.56 40.08
C VAL D 581 16.34 -28.87 39.76
N ASP D 582 15.96 -29.91 40.46
CA ASP D 582 16.41 -31.30 40.21
C ASP D 582 15.46 -31.93 39.18
N SER D 583 15.65 -33.22 38.88
CA SER D 583 14.97 -33.96 37.80
C SER D 583 13.48 -34.17 38.16
N LYS D 584 13.10 -33.92 39.41
CA LYS D 584 11.70 -33.97 39.90
C LYS D 584 11.10 -32.56 39.92
N ALA D 585 11.84 -31.58 39.40
CA ALA D 585 11.44 -30.16 39.28
C ALA D 585 11.37 -29.51 40.67
N ARG D 586 12.00 -30.12 41.69
CA ARG D 586 12.06 -29.53 43.05
C ARG D 586 13.15 -28.46 43.09
N VAL D 587 12.84 -27.30 43.67
CA VAL D 587 13.81 -26.18 43.82
C VAL D 587 14.87 -26.62 44.82
N ILE D 588 16.13 -26.59 44.42
CA ILE D 588 17.28 -27.03 45.27
C ILE D 588 17.47 -25.99 46.39
N GLY D 589 17.58 -26.44 47.64
CA GLY D 589 17.89 -25.61 48.81
C GLY D 589 16.66 -25.29 49.65
N VAL D 590 15.46 -25.68 49.18
CA VAL D 590 14.16 -25.42 49.89
C VAL D 590 13.27 -26.67 49.75
N GLU D 591 12.11 -26.67 50.40
CA GLU D 591 11.18 -27.83 50.45
C GLU D 591 9.78 -27.40 49.99
N ALA D 592 9.06 -28.34 49.38
CA ALA D 592 7.65 -28.25 48.96
C ALA D 592 7.49 -27.21 47.84
N LEU D 593 8.54 -26.92 47.08
CA LEU D 593 8.49 -25.93 45.97
C LEU D 593 9.04 -26.55 44.69
N ARG D 594 8.21 -26.61 43.64
CA ARG D 594 8.64 -27.02 42.28
C ARG D 594 8.47 -25.88 41.29
N VAL D 595 9.20 -25.97 40.19
CA VAL D 595 9.06 -25.09 39.01
C VAL D 595 8.75 -25.98 37.81
N VAL D 596 7.60 -25.75 37.18
CA VAL D 596 7.18 -26.50 35.97
C VAL D 596 6.72 -25.48 34.94
N ASP D 597 7.61 -25.14 34.01
CA ASP D 597 7.40 -24.20 32.88
C ASP D 597 8.68 -24.18 32.06
N ALA D 598 8.76 -23.30 31.06
CA ALA D 598 9.95 -23.20 30.17
C ALA D 598 11.20 -22.87 31.01
N SER D 599 11.07 -22.20 32.16
CA SER D 599 12.23 -21.83 33.03
C SER D 599 12.94 -23.09 33.53
N ALA D 600 12.20 -24.19 33.72
CA ALA D 600 12.72 -25.45 34.31
C ALA D 600 13.51 -26.28 33.30
N LEU D 601 13.47 -25.99 32.00
CA LEU D 601 14.19 -26.83 31.02
C LEU D 601 15.69 -26.77 31.32
N PRO D 602 16.44 -27.89 31.13
CA PRO D 602 17.88 -27.90 31.41
C PRO D 602 18.65 -27.11 30.34
N PHE D 603 18.13 -27.16 29.12
CA PHE D 603 18.63 -26.45 27.93
C PHE D 603 17.46 -26.40 26.95
N LEU D 604 17.54 -25.56 25.94
CA LEU D 604 16.44 -25.39 24.95
C LEU D 604 16.63 -26.44 23.87
N PRO D 605 15.71 -27.42 23.72
CA PRO D 605 15.81 -28.39 22.64
C PRO D 605 15.49 -27.70 21.32
N PRO D 606 15.77 -28.34 20.17
CA PRO D 606 15.55 -27.68 18.89
C PRO D 606 14.06 -27.46 18.64
N GLY D 607 13.72 -26.26 18.14
CA GLY D 607 12.39 -25.93 17.62
C GLY D 607 11.39 -25.50 18.70
N HIS D 608 10.14 -25.89 18.54
CA HIS D 608 8.94 -25.30 19.19
C HIS D 608 8.66 -26.04 20.49
N PRO D 609 8.74 -25.35 21.65
CA PRO D 609 8.73 -26.04 22.94
C PRO D 609 7.38 -26.37 23.60
N GLN D 610 6.25 -25.91 23.07
CA GLN D 610 4.95 -26.12 23.78
C GLN D 610 4.67 -27.63 23.96
N SER D 611 4.95 -28.49 22.98
CA SER D 611 4.76 -29.97 23.12
C SER D 611 5.49 -30.49 24.38
N THR D 612 6.71 -30.03 24.59
CA THR D 612 7.60 -30.46 25.68
C THR D 612 7.08 -29.93 27.03
N LEU D 613 6.52 -28.71 27.04
CA LEU D 613 5.99 -28.10 28.28
C LEU D 613 4.69 -28.80 28.71
N TYR D 614 3.81 -29.13 27.77
CA TYR D 614 2.60 -29.96 28.06
C TYR D 614 3.06 -31.29 28.67
N ALA D 615 4.04 -31.92 28.03
CA ALA D 615 4.54 -33.26 28.45
C ALA D 615 5.19 -33.16 29.82
N LEU D 616 6.05 -32.18 30.03
CA LEU D 616 6.73 -32.00 31.34
C LEU D 616 5.68 -31.80 32.44
N ALA D 617 4.62 -31.04 32.16
CA ALA D 617 3.54 -30.79 33.14
C ALA D 617 2.84 -32.12 33.43
N GLU D 618 2.55 -32.91 32.40
CA GLU D 618 1.94 -34.25 32.55
C GLU D 618 2.82 -35.10 33.46
N LYS D 619 4.14 -35.08 33.23
CA LYS D 619 5.13 -35.91 33.95
C LYS D 619 5.18 -35.49 35.42
N ILE D 620 5.36 -34.20 35.72
CA ILE D 620 5.55 -33.76 37.14
C ILE D 620 4.22 -33.93 37.89
N ALA D 621 3.08 -33.83 37.20
CA ALA D 621 1.76 -34.13 37.81
C ALA D 621 1.75 -35.57 38.34
N CYS D 622 2.13 -36.54 37.52
CA CYS D 622 2.21 -37.98 37.91
C CYS D 622 3.26 -38.18 39.00
N GLU D 623 4.41 -37.51 38.91
CA GLU D 623 5.49 -37.59 39.92
C GLU D 623 4.89 -37.18 41.28
N ILE D 624 4.10 -36.11 41.31
CA ILE D 624 3.53 -35.56 42.57
C ILE D 624 2.44 -36.49 43.10
N SER D 625 1.55 -36.97 42.23
CA SER D 625 0.30 -37.65 42.63
C SER D 625 0.54 -39.14 42.91
N GLY D 626 1.39 -39.78 42.11
CA GLY D 626 1.62 -41.24 42.09
C GLY D 626 0.39 -42.03 41.66
N ASN D 627 -0.58 -41.41 40.98
CA ASN D 627 -1.90 -42.05 40.68
C ASN D 627 -2.15 -42.13 39.17
N CYS D 628 -1.11 -42.30 38.36
CA CYS D 628 -1.21 -42.52 36.89
C CYS D 628 -0.96 -44.01 36.61
N MET E 39 59.28 10.11 7.00
CA MET E 39 58.21 11.17 6.72
C MET E 39 58.91 12.47 6.29
N LEU E 40 58.73 12.88 5.05
CA LEU E 40 59.50 14.00 4.44
C LEU E 40 59.35 15.26 5.31
N GLY E 41 58.13 15.55 5.73
CA GLY E 41 57.78 16.80 6.42
C GLY E 41 58.47 16.90 7.76
N SER E 42 58.87 15.79 8.37
CA SER E 42 59.57 15.76 9.67
C SER E 42 60.88 16.57 9.57
N SER E 43 61.44 16.70 8.37
CA SER E 43 62.73 17.40 8.11
C SER E 43 62.53 18.93 8.00
N PHE E 44 61.32 19.44 7.81
CA PHE E 44 61.11 20.85 7.37
C PHE E 44 60.50 21.65 8.50
N GLY E 45 61.05 22.86 8.70
CA GLY E 45 60.77 23.69 9.89
C GLY E 45 59.53 24.54 9.71
N ILE E 46 58.92 24.90 10.84
CA ILE E 46 57.75 25.81 10.92
C ILE E 46 58.28 27.20 11.26
N PRO E 47 57.86 28.25 10.51
CA PRO E 47 58.36 29.60 10.73
C PRO E 47 57.84 30.28 12.00
N LYS E 48 58.44 29.95 13.14
CA LYS E 48 58.16 30.56 14.46
C LYS E 48 59.44 30.56 15.30
N ASN E 49 59.46 31.36 16.36
CA ASN E 49 60.59 31.45 17.33
C ASN E 49 60.88 30.06 17.88
N GLN E 50 62.13 29.62 17.80
CA GLN E 50 62.54 28.34 18.42
C GLN E 50 64.07 28.31 18.48
N THR E 51 64.60 27.32 19.19
CA THR E 51 66.02 27.22 19.54
C THR E 51 66.58 25.93 18.94
N PHE E 52 67.76 26.02 18.35
CA PHE E 52 68.59 24.88 17.91
C PHE E 52 69.97 25.05 18.55
N ASP E 53 70.76 23.97 18.52
CA ASP E 53 72.17 24.01 18.96
C ASP E 53 72.97 24.78 17.90
N TYR E 54 72.77 24.50 16.61
CA TYR E 54 73.52 25.12 15.49
C TYR E 54 72.55 25.66 14.42
N LEU E 55 72.85 26.84 13.88
CA LEU E 55 72.20 27.40 12.68
C LEU E 55 73.24 27.53 11.57
N VAL E 56 72.90 27.06 10.38
CA VAL E 56 73.66 27.32 9.13
C VAL E 56 72.81 28.24 8.27
N ILE E 57 73.35 29.41 7.92
CA ILE E 57 72.70 30.42 7.04
C ILE E 57 73.19 30.17 5.61
N GLY E 58 72.30 29.74 4.72
CA GLY E 58 72.59 29.43 3.32
C GLY E 58 72.62 27.94 3.10
N GLY E 59 71.61 27.42 2.40
CA GLY E 59 71.51 26.01 2.01
C GLY E 59 72.17 25.77 0.67
N GLY E 60 73.42 26.23 0.52
CA GLY E 60 74.19 26.17 -0.73
C GLY E 60 75.21 25.03 -0.73
N THR E 61 76.28 25.20 -1.49
CA THR E 61 77.32 24.16 -1.68
C THR E 61 77.91 23.77 -0.31
N ALA E 62 78.50 24.74 0.37
CA ALA E 62 79.13 24.54 1.70
C ALA E 62 78.02 24.33 2.74
N GLY E 63 76.97 25.13 2.68
CA GLY E 63 75.89 25.18 3.68
C GLY E 63 75.29 23.81 3.95
N LEU E 64 74.80 23.12 2.91
CA LEU E 64 74.08 21.83 3.09
C LEU E 64 75.09 20.77 3.53
N THR E 65 76.34 20.92 3.11
CA THR E 65 77.43 19.96 3.45
C THR E 65 77.68 20.04 4.97
N ILE E 66 77.93 21.23 5.49
CA ILE E 66 78.31 21.38 6.94
C ILE E 66 77.07 21.09 7.79
N ALA E 67 75.88 21.49 7.34
CA ALA E 67 74.62 21.25 8.08
C ALA E 67 74.43 19.73 8.23
N THR E 68 74.57 18.98 7.14
CA THR E 68 74.35 17.52 7.16
C THR E 68 75.39 16.83 8.04
N ARG E 69 76.66 17.21 7.90
CA ARG E 69 77.79 16.60 8.66
C ARG E 69 77.67 16.93 10.15
N LEU E 70 77.34 18.16 10.51
CA LEU E 70 77.14 18.51 11.94
C LEU E 70 76.03 17.62 12.50
N ALA E 71 74.90 17.49 11.79
CA ALA E 71 73.75 16.68 12.23
C ALA E 71 74.17 15.22 12.46
N GLU E 72 75.10 14.69 11.66
CA GLU E 72 75.54 13.26 11.72
C GLU E 72 76.61 13.04 12.80
N GLN E 73 77.19 14.10 13.35
CA GLN E 73 78.43 14.01 14.18
C GLN E 73 78.09 14.26 15.66
N GLY E 74 76.81 14.18 16.04
CA GLY E 74 76.34 14.08 17.43
C GLY E 74 76.55 15.34 18.25
N VAL E 75 76.36 16.52 17.67
CA VAL E 75 76.58 17.82 18.37
C VAL E 75 75.23 18.42 18.81
N GLY E 76 74.12 17.72 18.53
CA GLY E 76 72.75 18.19 18.85
C GLY E 76 71.98 18.62 17.60
N SER E 77 71.02 19.53 17.78
CA SER E 77 70.07 19.95 16.75
C SER E 77 70.72 21.00 15.82
N VAL E 78 70.54 20.83 14.52
CA VAL E 78 71.06 21.73 13.45
C VAL E 78 69.88 22.19 12.58
N ALA E 79 69.78 23.48 12.32
CA ALA E 79 68.84 24.08 11.35
C ALA E 79 69.64 24.74 10.24
N VAL E 80 69.22 24.54 8.99
CA VAL E 80 69.77 25.24 7.80
C VAL E 80 68.67 26.13 7.21
N ILE E 81 69.04 27.37 6.89
CA ILE E 81 68.13 28.44 6.43
C ILE E 81 68.47 28.75 4.98
N GLU E 82 67.53 28.59 4.04
CA GLU E 82 67.77 28.82 2.60
C GLU E 82 66.61 29.63 2.01
N ALA E 83 66.94 30.69 1.28
CA ALA E 83 65.99 31.66 0.69
C ALA E 83 65.19 31.00 -0.45
N GLY E 84 65.80 30.09 -1.17
CA GLY E 84 65.18 29.40 -2.32
C GLY E 84 64.49 28.10 -1.92
N GLY E 85 63.97 27.40 -2.91
CA GLY E 85 63.36 26.06 -2.77
C GLY E 85 64.16 25.03 -3.52
N PHE E 86 63.53 23.90 -3.84
CA PHE E 86 64.09 22.83 -4.68
C PHE E 86 64.10 23.30 -6.14
N TYR E 87 65.24 23.13 -6.80
CA TYR E 87 65.44 23.53 -8.21
C TYR E 87 64.68 22.56 -9.12
N GLU E 88 64.40 21.36 -8.62
CA GLU E 88 63.58 20.34 -9.32
C GLU E 88 62.13 20.81 -9.45
N LEU E 89 61.68 21.73 -8.59
CA LEU E 89 60.29 22.27 -8.64
C LEU E 89 60.29 23.64 -9.28
N ASN E 90 61.42 24.36 -9.30
CA ASN E 90 61.41 25.84 -9.53
C ASN E 90 62.15 26.22 -10.81
N ASN E 91 62.73 25.24 -11.51
CA ASN E 91 63.45 25.50 -12.78
C ASN E 91 63.26 24.33 -13.74
N GLY E 92 62.10 23.68 -13.71
CA GLY E 92 61.83 22.52 -14.58
C GLY E 92 62.89 21.46 -14.40
N ASN E 93 63.33 20.85 -15.50
CA ASN E 93 64.44 19.86 -15.53
C ASN E 93 65.75 20.54 -15.98
N LEU E 94 65.79 21.88 -16.06
CA LEU E 94 66.95 22.63 -16.61
C LEU E 94 68.19 22.48 -15.70
N SER E 95 68.03 22.42 -14.39
CA SER E 95 69.14 22.23 -13.41
C SER E 95 69.49 20.76 -13.21
N GLN E 96 68.65 19.82 -13.64
CA GLN E 96 68.89 18.37 -13.45
C GLN E 96 69.69 17.80 -14.63
N ILE E 97 69.55 18.37 -15.82
CA ILE E 97 70.21 17.85 -17.06
C ILE E 97 71.53 18.58 -17.26
N PRO E 98 72.68 17.88 -17.25
CA PRO E 98 73.99 18.54 -17.36
C PRO E 98 74.12 19.47 -18.57
N ALA E 99 73.62 19.04 -19.74
CA ALA E 99 73.73 19.78 -21.01
C ALA E 99 72.91 21.07 -20.98
N GLN E 100 72.03 21.26 -20.01
CA GLN E 100 71.18 22.48 -19.90
C GLN E 100 71.81 23.52 -18.96
N ASP E 101 73.11 23.39 -18.66
CA ASP E 101 73.78 24.24 -17.64
C ASP E 101 73.97 25.68 -18.16
N ALA E 102 73.80 25.93 -19.47
CA ALA E 102 73.97 27.27 -20.10
C ALA E 102 72.74 28.15 -19.91
N PHE E 103 71.62 27.61 -19.42
CA PHE E 103 70.40 28.42 -19.16
C PHE E 103 70.70 29.40 -18.01
N TYR E 104 70.46 30.68 -18.26
CA TYR E 104 70.32 31.73 -17.23
C TYR E 104 71.68 32.09 -16.62
N VAL E 105 72.75 32.10 -17.43
CA VAL E 105 74.12 32.45 -16.96
C VAL E 105 74.73 33.57 -17.80
N GLY E 106 74.02 34.08 -18.82
CA GLY E 106 74.51 35.16 -19.70
C GLY E 106 74.61 36.50 -18.97
N THR E 107 75.34 37.45 -19.55
CA THR E 107 75.53 38.81 -19.00
C THR E 107 74.27 39.66 -19.12
N ASP E 108 73.33 39.35 -20.03
CA ASP E 108 72.10 40.16 -20.20
C ASP E 108 71.36 40.26 -18.85
N LEU E 109 70.93 41.46 -18.47
CA LEU E 109 70.31 41.75 -17.14
C LEU E 109 69.04 40.93 -16.97
N ASP E 110 68.39 40.48 -18.05
CA ASP E 110 67.10 39.74 -17.96
C ASP E 110 67.31 38.22 -18.09
N ASP E 111 68.54 37.71 -18.27
CA ASP E 111 68.78 36.25 -18.48
C ASP E 111 68.81 35.53 -17.12
N TRP E 112 67.68 35.52 -16.43
CA TRP E 112 67.49 34.81 -15.14
C TRP E 112 65.99 34.69 -14.89
N GLN E 113 65.59 33.81 -13.98
CA GLN E 113 64.22 33.75 -13.45
C GLN E 113 64.33 33.44 -11.96
N PRO E 114 63.39 33.98 -11.14
CA PRO E 114 63.59 34.04 -9.69
C PRO E 114 63.53 32.69 -8.95
N GLY E 115 63.17 31.62 -9.66
CA GLY E 115 63.12 30.26 -9.09
C GLY E 115 64.48 29.63 -8.91
N ILE E 116 65.54 30.07 -9.64
CA ILE E 116 66.92 29.49 -9.50
C ILE E 116 67.98 30.57 -9.36
N ASP E 117 67.67 31.86 -9.50
CA ASP E 117 68.73 32.90 -9.61
C ASP E 117 68.31 34.14 -8.82
N TRP E 118 69.30 34.83 -8.25
CA TRP E 118 69.08 36.04 -7.42
C TRP E 118 68.85 37.26 -8.32
N GLY E 119 69.22 37.19 -9.60
CA GLY E 119 69.08 38.33 -10.54
C GLY E 119 70.06 39.44 -10.21
N PHE E 120 71.20 39.12 -9.60
CA PHE E 120 72.26 40.12 -9.26
C PHE E 120 72.90 40.66 -10.53
N HIS E 121 73.18 41.96 -10.56
CA HIS E 121 74.01 42.60 -11.62
C HIS E 121 75.21 43.27 -10.95
N THR E 122 76.29 43.44 -11.70
CA THR E 122 77.51 44.16 -11.27
C THR E 122 77.27 45.67 -11.33
N THR E 123 78.13 46.42 -10.65
CA THR E 123 78.41 47.85 -10.93
C THR E 123 78.95 47.96 -12.35
N PRO E 124 79.00 49.16 -12.97
CA PRO E 124 79.66 49.33 -14.26
C PRO E 124 81.12 48.91 -14.14
N GLN E 125 81.60 48.04 -15.03
CA GLN E 125 82.88 47.29 -14.86
C GLN E 125 84.00 47.97 -15.65
N ALA E 126 84.97 48.53 -14.94
CA ALA E 126 86.13 49.30 -15.45
C ALA E 126 86.90 48.45 -16.48
N GLY E 127 86.93 47.12 -16.32
CA GLY E 127 87.70 46.23 -17.21
C GLY E 127 86.88 45.74 -18.40
N ALA E 128 85.60 46.07 -18.43
CA ALA E 128 84.65 45.55 -19.45
C ALA E 128 83.88 46.72 -20.08
N TYR E 129 84.55 47.84 -20.32
CA TYR E 129 83.97 49.03 -21.02
C TYR E 129 82.69 49.45 -20.30
N ASP E 130 82.70 49.39 -18.97
CA ASP E 130 81.61 49.86 -18.07
C ASP E 130 80.35 49.00 -18.24
N ARG E 131 80.47 47.81 -18.82
CA ARG E 131 79.32 46.87 -18.96
C ARG E 131 78.77 46.57 -17.56
N VAL E 132 77.45 46.70 -17.42
CA VAL E 132 76.66 46.20 -16.26
C VAL E 132 76.15 44.80 -16.66
N SER E 133 76.59 43.76 -15.98
CA SER E 133 76.34 42.34 -16.37
C SER E 133 75.61 41.59 -15.24
N HIS E 134 74.73 40.68 -15.63
CA HIS E 134 74.14 39.65 -14.74
C HIS E 134 75.27 38.75 -14.22
N TYR E 135 75.34 38.55 -12.90
CA TYR E 135 76.27 37.59 -12.25
C TYR E 135 75.40 36.46 -11.66
N ALA E 136 75.29 35.34 -12.37
CA ALA E 136 74.49 34.16 -11.94
C ALA E 136 74.93 33.71 -10.54
N ARG E 137 73.95 33.54 -9.65
CA ARG E 137 74.06 32.90 -8.32
C ARG E 137 72.81 32.04 -8.10
N GLY E 138 73.00 30.82 -7.62
CA GLY E 138 71.89 29.91 -7.29
C GLY E 138 71.08 30.47 -6.14
N LYS E 139 69.76 30.53 -6.32
CA LYS E 139 68.78 30.77 -5.24
C LYS E 139 67.89 29.53 -5.19
N CYS E 140 68.28 28.58 -4.36
CA CYS E 140 67.71 27.21 -4.28
C CYS E 140 68.54 26.40 -3.28
N LEU E 141 67.97 25.34 -2.75
CA LEU E 141 68.73 24.29 -2.01
C LEU E 141 69.79 23.77 -2.97
N GLY E 142 71.06 23.87 -2.56
CA GLY E 142 72.21 23.52 -3.42
C GLY E 142 72.98 24.77 -3.83
N GLY E 143 72.32 25.92 -3.74
CA GLY E 143 72.91 27.21 -4.13
C GLY E 143 73.50 27.09 -5.52
N SER E 144 74.77 27.49 -5.68
CA SER E 144 75.41 27.58 -7.01
C SER E 144 75.88 26.18 -7.46
N SER E 145 75.82 25.16 -6.58
CA SER E 145 76.04 23.75 -7.02
C SER E 145 74.85 23.26 -7.84
N ALA E 146 73.73 23.97 -7.82
CA ALA E 146 72.56 23.73 -8.69
C ALA E 146 72.79 24.31 -10.10
N ARG E 147 73.75 25.23 -10.25
CA ARG E 147 73.93 26.13 -11.41
C ARG E 147 75.27 25.91 -12.12
N ASN E 148 76.23 25.24 -11.49
CA ASN E 148 77.64 25.22 -11.97
C ASN E 148 77.78 24.25 -13.15
N TYR E 149 78.96 24.17 -13.74
CA TYR E 149 79.25 23.31 -14.91
C TYR E 149 79.79 21.96 -14.42
N MET E 150 79.71 21.72 -13.10
CA MET E 150 79.86 20.39 -12.44
C MET E 150 81.32 19.93 -12.42
N ALA E 151 82.28 20.77 -12.83
CA ALA E 151 83.71 20.36 -12.86
C ALA E 151 84.20 20.10 -11.42
N TYR E 152 84.78 18.93 -11.18
CA TYR E 152 85.44 18.54 -9.90
C TYR E 152 86.95 18.48 -10.17
N GLN E 153 87.70 19.44 -9.66
CA GLN E 153 89.18 19.53 -9.78
C GLN E 153 89.70 20.21 -8.51
N ARG E 154 90.84 19.75 -7.99
CA ARG E 154 91.43 20.28 -6.74
C ARG E 154 92.59 21.20 -7.11
N GLY E 155 93.02 22.05 -6.18
CA GLY E 155 94.21 22.91 -6.32
C GLY E 155 95.50 22.11 -6.29
N THR E 156 96.63 22.82 -6.15
CA THR E 156 98.00 22.25 -6.20
C THR E 156 98.56 22.16 -4.78
N LYS E 157 99.56 21.29 -4.60
CA LYS E 157 100.28 21.12 -3.30
C LYS E 157 100.82 22.48 -2.85
N ALA E 158 101.35 23.28 -3.78
CA ALA E 158 102.00 24.57 -3.45
C ALA E 158 100.93 25.60 -3.05
N ALA E 159 99.75 25.56 -3.66
CA ALA E 159 98.61 26.43 -3.26
C ALA E 159 98.21 26.11 -1.82
N HIS E 160 98.15 24.82 -1.48
CA HIS E 160 97.82 24.36 -0.10
C HIS E 160 98.95 24.77 0.86
N GLN E 161 100.21 24.74 0.41
CA GLN E 161 101.37 25.22 1.21
C GLN E 161 101.16 26.72 1.50
N ARG E 162 100.82 27.52 0.48
CA ARG E 162 100.60 28.99 0.66
C ARG E 162 99.40 29.19 1.60
N TRP E 163 98.37 28.35 1.51
CA TRP E 163 97.16 28.48 2.36
C TRP E 163 97.61 28.32 3.83
N ALA E 164 98.34 27.24 4.11
CA ALA E 164 98.85 26.91 5.46
C ALA E 164 99.63 28.11 6.02
N ASP E 165 100.52 28.70 5.20
CA ASP E 165 101.42 29.82 5.61
C ASP E 165 100.56 31.06 5.92
N THR E 166 99.61 31.41 5.06
CA THR E 166 98.85 32.66 5.16
C THR E 166 97.97 32.66 6.42
N VAL E 167 97.42 31.50 6.79
CA VAL E 167 96.42 31.40 7.90
C VAL E 167 97.07 30.84 9.17
N GLY E 168 98.32 30.39 9.09
CA GLY E 168 99.12 29.91 10.24
C GLY E 168 98.56 28.61 10.79
N ASP E 169 98.30 27.64 9.92
CA ASP E 169 97.70 26.33 10.28
C ASP E 169 98.09 25.29 9.24
N SER E 170 98.94 24.34 9.63
CA SER E 170 99.54 23.34 8.72
C SER E 170 98.51 22.27 8.34
N SER E 171 97.34 22.23 8.99
CA SER E 171 96.26 21.28 8.62
C SER E 171 95.71 21.60 7.22
N TYR E 172 96.08 22.73 6.61
CA TYR E 172 95.67 23.11 5.23
C TYR E 172 96.68 22.60 4.19
N THR E 173 97.84 22.06 4.58
CA THR E 173 98.82 21.47 3.62
C THR E 173 98.20 20.24 2.97
N TRP E 174 98.63 19.92 1.76
CA TRP E 174 97.98 18.89 0.91
C TRP E 174 97.70 17.62 1.72
N GLU E 175 98.73 17.06 2.35
CA GLU E 175 98.71 15.69 2.92
C GLU E 175 97.75 15.67 4.11
N GLN E 176 97.63 16.77 4.86
CA GLN E 176 96.71 16.88 6.03
C GLN E 176 95.27 17.15 5.58
N PHE E 177 95.06 17.86 4.48
CA PHE E 177 93.74 18.31 4.00
C PHE E 177 93.08 17.21 3.15
N LEU E 178 93.88 16.39 2.47
CA LEU E 178 93.39 15.39 1.46
C LEU E 178 92.26 14.51 1.99
N PRO E 179 92.30 13.98 3.23
CA PRO E 179 91.21 13.13 3.72
C PRO E 179 89.83 13.83 3.69
N PHE E 180 89.81 15.15 3.88
CA PHE E 180 88.57 15.96 3.83
C PHE E 180 88.06 16.04 2.38
N PHE E 181 88.94 16.03 1.39
CA PHE E 181 88.59 15.95 -0.06
C PHE E 181 87.97 14.59 -0.35
N GLU E 182 88.49 13.51 0.25
CA GLU E 182 88.12 12.11 -0.11
C GLU E 182 86.81 11.70 0.58
N LYS E 183 86.60 12.19 1.79
CA LYS E 183 85.45 11.85 2.67
C LYS E 183 84.12 12.01 1.91
N SER E 184 83.97 13.03 1.07
CA SER E 184 82.67 13.41 0.42
C SER E 184 82.26 12.41 -0.67
N LEU E 185 83.20 11.65 -1.26
CA LEU E 185 83.06 11.17 -2.66
C LEU E 185 82.48 9.75 -2.76
N HIS E 186 81.75 9.53 -3.85
CA HIS E 186 81.43 8.20 -4.42
C HIS E 186 81.86 8.25 -5.89
N PHE E 187 83.06 7.74 -6.16
CA PHE E 187 83.67 7.68 -7.51
C PHE E 187 83.12 6.47 -8.25
N THR E 188 82.74 6.68 -9.51
CA THR E 188 82.45 5.61 -10.51
C THR E 188 83.41 5.79 -11.68
N PRO E 189 84.15 4.72 -12.06
CA PRO E 189 85.06 4.78 -13.21
C PRO E 189 84.35 5.12 -14.51
N ALA E 190 85.12 5.62 -15.49
CA ALA E 190 84.64 5.90 -16.86
C ALA E 190 84.00 4.63 -17.43
N ASN E 191 82.85 4.79 -18.09
CA ASN E 191 82.14 3.71 -18.80
C ASN E 191 82.57 3.75 -20.27
N ASP E 192 83.49 2.87 -20.65
CA ASP E 192 84.13 2.88 -21.99
C ASP E 192 83.09 2.49 -23.05
N ALA E 193 82.16 1.60 -22.73
CA ALA E 193 81.13 1.10 -23.67
C ALA E 193 80.23 2.25 -24.15
N LEU E 194 79.79 3.14 -23.26
CA LEU E 194 78.89 4.28 -23.62
C LEU E 194 79.71 5.45 -24.19
N ARG E 195 80.91 5.70 -23.68
CA ARG E 195 81.75 6.85 -24.11
C ARG E 195 82.34 6.59 -25.50
N GLY E 196 82.66 5.33 -25.82
CA GLY E 196 83.44 4.92 -27.00
C GLY E 196 84.93 4.83 -26.69
N ALA E 197 85.65 3.95 -27.37
CA ALA E 197 87.10 3.66 -27.16
C ALA E 197 87.96 4.91 -27.33
N ASN E 198 87.65 5.75 -28.33
CA ASN E 198 88.23 7.10 -28.60
C ASN E 198 88.38 7.94 -27.33
N ALA E 199 87.50 7.77 -26.35
CA ALA E 199 87.31 8.70 -25.23
C ALA E 199 87.82 8.08 -23.92
N SER E 200 88.72 7.08 -24.02
CA SER E 200 89.44 6.48 -22.87
C SER E 200 90.07 7.59 -22.02
N VAL E 201 90.10 7.38 -20.73
CA VAL E 201 90.43 8.39 -19.69
C VAL E 201 91.68 7.92 -18.96
N VAL E 202 92.46 8.84 -18.38
CA VAL E 202 93.58 8.53 -17.45
C VAL E 202 93.27 9.18 -16.10
N SER E 203 92.95 8.35 -15.10
CA SER E 203 92.49 8.77 -13.75
C SER E 203 93.43 8.24 -12.65
N ASP E 204 93.31 8.80 -11.45
CA ASP E 204 94.00 8.34 -10.22
C ASP E 204 92.94 8.00 -9.17
N PRO E 205 92.37 6.77 -9.17
CA PRO E 205 91.30 6.41 -8.24
C PRO E 205 91.71 6.45 -6.76
N SER E 206 93.01 6.39 -6.45
CA SER E 206 93.53 6.26 -5.06
C SER E 206 93.20 7.51 -4.23
N VAL E 207 92.82 8.63 -4.86
CA VAL E 207 92.54 9.91 -4.14
C VAL E 207 91.06 10.29 -4.25
N LEU E 208 90.20 9.35 -4.69
CA LEU E 208 88.77 9.64 -4.97
C LEU E 208 87.85 8.90 -3.99
N GLY E 209 88.38 8.58 -2.81
CA GLY E 209 87.60 8.10 -1.64
C GLY E 209 87.32 6.61 -1.69
N ASN E 210 86.46 6.16 -0.76
CA ASN E 210 86.20 4.71 -0.50
C ASN E 210 84.78 4.34 -0.94
N GLY E 211 84.03 5.23 -1.59
CA GLY E 211 82.67 4.94 -2.10
C GLY E 211 81.56 5.29 -1.13
N ASP E 212 81.86 5.69 0.11
CA ASP E 212 80.88 5.80 1.22
C ASP E 212 80.24 7.20 1.23
N GLY E 213 80.88 8.20 0.62
CA GLY E 213 80.41 9.60 0.61
C GLY E 213 79.21 9.79 -0.31
N PRO E 214 78.38 10.81 -0.07
CA PRO E 214 77.17 11.02 -0.87
C PRO E 214 77.37 11.77 -2.20
N LEU E 215 78.56 12.36 -2.42
CA LEU E 215 78.82 13.21 -3.61
C LEU E 215 79.35 12.33 -4.74
N SER E 216 78.48 12.02 -5.69
CA SER E 216 78.80 11.31 -6.96
C SER E 216 79.83 12.16 -7.72
N VAL E 217 80.95 11.55 -8.07
CA VAL E 217 81.91 12.11 -9.06
C VAL E 217 82.20 11.01 -10.08
N THR E 218 82.13 11.35 -11.34
CA THR E 218 82.37 10.38 -12.43
C THR E 218 82.71 11.14 -13.70
N TYR E 219 82.91 10.36 -14.76
CA TYR E 219 83.13 10.84 -16.13
C TYR E 219 81.77 10.76 -16.79
N PRO E 220 81.42 11.73 -17.65
CA PRO E 220 80.15 11.67 -18.38
C PRO E 220 80.06 10.39 -19.23
N HIS E 221 78.83 9.91 -19.45
CA HIS E 221 78.50 8.74 -20.31
C HIS E 221 78.67 9.12 -21.78
N TYR E 222 78.79 10.40 -22.07
CA TYR E 222 78.97 10.95 -23.44
C TYR E 222 80.15 11.92 -23.41
N ALA E 223 81.13 11.68 -24.28
CA ALA E 223 82.24 12.61 -24.54
C ALA E 223 82.00 13.34 -25.86
N GLN E 224 82.09 14.67 -25.85
CA GLN E 224 82.02 15.49 -27.08
C GLN E 224 83.05 14.93 -28.07
N ALA E 225 82.63 14.66 -29.30
CA ALA E 225 83.53 14.29 -30.42
C ALA E 225 84.64 15.34 -30.53
N PHE E 226 84.29 16.63 -30.39
CA PHE E 226 85.26 17.74 -30.45
C PHE E 226 86.40 17.49 -29.45
N ALA E 227 86.08 17.12 -28.21
CA ALA E 227 87.07 16.91 -27.13
C ALA E 227 88.03 15.80 -27.55
N THR E 228 87.52 14.73 -28.13
CA THR E 228 88.30 13.57 -28.63
C THR E 228 89.41 14.03 -29.58
N TRP E 229 89.11 14.98 -30.48
CA TRP E 229 90.09 15.58 -31.44
C TRP E 229 91.02 16.54 -30.69
N ALA E 230 90.48 17.33 -29.77
CA ALA E 230 91.20 18.35 -28.97
C ALA E 230 92.39 17.73 -28.23
N LYS E 231 92.27 16.48 -27.77
CA LYS E 231 93.35 15.77 -27.05
C LYS E 231 94.63 15.80 -27.90
N HIS E 232 94.53 15.49 -29.19
CA HIS E 232 95.68 15.42 -30.12
C HIS E 232 96.22 16.84 -30.34
N ALA E 233 95.35 17.82 -30.49
CA ALA E 233 95.72 19.25 -30.71
C ALA E 233 96.48 19.77 -29.48
N PHE E 234 96.00 19.44 -28.28
CA PHE E 234 96.64 19.86 -27.01
C PHE E 234 98.08 19.32 -26.96
N ILE E 235 98.30 18.06 -27.38
CA ILE E 235 99.65 17.44 -27.34
C ILE E 235 100.57 18.22 -28.30
N GLU E 236 100.09 18.53 -29.51
CA GLU E 236 100.86 19.26 -30.56
C GLU E 236 101.33 20.63 -30.04
N ILE E 237 100.56 21.31 -29.18
CA ILE E 237 100.99 22.61 -28.56
C ILE E 237 101.60 22.39 -27.17
N GLY E 238 101.99 21.15 -26.82
CA GLY E 238 102.96 20.84 -25.75
C GLY E 238 102.32 20.54 -24.40
N LEU E 239 101.05 20.13 -24.38
CA LEU E 239 100.28 19.80 -23.15
C LEU E 239 100.19 18.28 -23.00
N GLN E 240 101.02 17.74 -22.09
CA GLN E 240 101.19 16.29 -21.84
C GLN E 240 99.94 15.79 -21.10
N ILE E 241 99.51 14.56 -21.38
CA ILE E 241 98.45 13.89 -20.59
C ILE E 241 98.95 13.64 -19.17
N ARG E 242 98.10 13.92 -18.18
CA ARG E 242 98.35 13.56 -16.76
C ARG E 242 97.15 12.74 -16.26
N SER E 243 97.29 12.13 -15.07
CA SER E 243 96.29 11.24 -14.43
C SER E 243 95.33 12.09 -13.60
N GLY E 244 94.47 12.87 -14.27
CA GLY E 244 93.41 13.64 -13.61
C GLY E 244 93.94 14.86 -12.88
N PHE E 245 93.07 15.58 -12.19
CA PHE E 245 93.33 16.91 -11.60
C PHE E 245 93.04 16.87 -10.09
N GLN E 246 93.23 15.72 -9.44
CA GLN E 246 92.77 15.49 -8.05
C GLN E 246 93.94 15.13 -7.12
N SER E 247 95.17 15.08 -7.64
CA SER E 247 96.35 14.53 -6.92
C SER E 247 97.35 15.64 -6.57
N GLY E 248 96.95 16.90 -6.72
CA GLY E 248 97.69 18.08 -6.25
C GLY E 248 98.56 18.69 -7.32
N ALA E 249 98.37 18.30 -8.58
CA ALA E 249 99.07 18.90 -9.74
C ALA E 249 98.07 19.09 -10.90
N LEU E 250 98.30 20.09 -11.76
CA LEU E 250 97.39 20.46 -12.89
C LEU E 250 98.11 20.49 -14.23
N LEU E 251 99.35 20.99 -14.30
CA LEU E 251 100.07 21.23 -15.58
C LEU E 251 99.90 20.00 -16.49
N GLY E 252 99.39 20.22 -17.69
CA GLY E 252 99.08 19.18 -18.70
C GLY E 252 97.59 19.14 -18.98
N GLN E 253 97.11 18.06 -19.58
CA GLN E 253 95.68 17.88 -19.92
C GLN E 253 95.18 16.56 -19.35
N SER E 254 93.86 16.47 -19.18
CA SER E 254 93.16 15.24 -18.77
C SER E 254 91.68 15.46 -19.02
N TYR E 255 90.93 14.38 -19.13
CA TYR E 255 89.46 14.39 -19.05
C TYR E 255 89.08 14.83 -17.64
N GLY E 256 88.13 15.77 -17.57
CA GLY E 256 87.58 16.29 -16.32
C GLY E 256 86.70 15.27 -15.64
N LEU E 257 86.65 15.35 -14.32
CA LEU E 257 85.71 14.64 -13.43
C LEU E 257 84.57 15.61 -13.12
N TYR E 258 83.34 15.11 -12.95
CA TYR E 258 82.13 15.96 -12.75
C TYR E 258 81.24 15.42 -11.64
N THR E 259 80.56 16.35 -10.96
CA THR E 259 79.54 16.07 -9.93
C THR E 259 78.28 15.71 -10.70
N ILE E 260 78.23 14.47 -11.18
CA ILE E 260 77.08 13.88 -11.92
C ILE E 260 76.85 12.48 -11.36
N ASN E 261 75.60 12.11 -11.13
CA ASN E 261 75.21 10.74 -10.73
C ASN E 261 75.53 9.78 -11.90
N ALA E 262 76.32 8.73 -11.64
CA ALA E 262 76.84 7.77 -12.63
C ALA E 262 75.70 6.93 -13.24
N THR E 263 74.59 6.73 -12.51
CA THR E 263 73.45 5.87 -12.96
C THR E 263 72.48 6.70 -13.82
N THR E 264 72.08 7.88 -13.38
CA THR E 264 71.00 8.69 -14.02
C THR E 264 71.59 9.75 -14.97
N MET E 265 72.87 10.09 -14.81
CA MET E 265 73.51 11.26 -15.48
C MET E 265 72.73 12.55 -15.16
N HIS E 266 72.11 12.62 -13.98
CA HIS E 266 71.58 13.88 -13.41
C HIS E 266 72.72 14.63 -12.71
N ARG E 267 72.61 15.95 -12.68
CA ARG E 267 73.48 16.83 -11.88
C ARG E 267 73.54 16.28 -10.46
N GLU E 268 74.73 16.21 -9.86
CA GLU E 268 74.89 16.01 -8.39
C GLU E 268 75.21 17.37 -7.77
N SER E 269 74.25 17.95 -7.06
CA SER E 269 74.40 19.20 -6.27
C SER E 269 74.63 18.81 -4.81
N SER E 270 74.84 19.80 -3.94
CA SER E 270 74.88 19.58 -2.47
C SER E 270 73.48 19.12 -2.01
N GLU E 271 72.43 19.37 -2.78
CA GLU E 271 71.05 19.01 -2.39
C GLU E 271 70.84 17.52 -2.68
N THR E 272 71.18 17.04 -3.87
CA THR E 272 70.94 15.61 -4.26
C THR E 272 71.92 14.69 -3.51
N SER E 273 72.99 15.22 -2.94
CA SER E 273 74.01 14.46 -2.20
C SER E 273 73.79 14.64 -0.70
N PHE E 274 74.28 15.72 -0.12
CA PHE E 274 74.29 15.93 1.34
C PHE E 274 72.87 16.09 1.89
N LEU E 275 72.05 16.98 1.33
CA LEU E 275 70.70 17.20 1.90
C LEU E 275 69.89 15.89 1.85
N ARG E 276 69.97 15.11 0.77
CA ARG E 276 69.20 13.84 0.66
C ARG E 276 69.64 12.86 1.76
N LYS E 277 70.92 12.75 2.07
CA LYS E 277 71.40 11.92 3.21
C LYS E 277 70.84 12.49 4.51
N GLY E 278 70.86 13.82 4.67
CA GLY E 278 70.46 14.50 5.92
C GLY E 278 68.96 14.44 6.20
N LEU E 279 68.10 14.22 5.19
CA LEU E 279 66.65 14.04 5.40
C LEU E 279 66.37 12.85 6.32
N ALA E 280 67.20 11.83 6.35
CA ALA E 280 67.04 10.67 7.26
C ALA E 280 67.52 10.99 8.68
N ASP E 281 68.20 12.12 8.89
CA ASP E 281 68.80 12.47 10.20
C ASP E 281 67.84 13.36 10.98
N PRO E 282 67.28 12.85 12.09
CA PRO E 282 66.38 13.65 12.93
C PRO E 282 67.01 14.90 13.57
N ASN E 283 68.34 15.05 13.53
CA ASN E 283 69.01 16.25 14.10
C ASN E 283 68.98 17.43 13.10
N LEU E 284 68.63 17.19 11.84
CA LEU E 284 68.62 18.25 10.78
C LEU E 284 67.18 18.73 10.54
N THR E 285 66.97 20.04 10.63
CA THR E 285 65.73 20.73 10.21
C THR E 285 66.08 21.73 9.11
N VAL E 286 65.33 21.73 8.01
CA VAL E 286 65.52 22.65 6.86
C VAL E 286 64.43 23.72 6.87
N PHE E 287 64.82 24.98 6.79
CA PHE E 287 63.92 26.14 6.58
C PHE E 287 64.16 26.65 5.16
N GLN E 288 63.29 26.30 4.20
CA GLN E 288 63.42 26.75 2.80
C GLN E 288 62.39 27.87 2.56
N SER E 289 62.59 28.68 1.51
CA SER E 289 61.87 29.95 1.26
C SER E 289 62.03 30.87 2.47
N ALA E 290 63.21 30.87 3.08
CA ALA E 290 63.50 31.56 4.35
C ALA E 290 64.67 32.52 4.15
N LEU E 291 64.45 33.82 4.31
CA LEU E 291 65.50 34.85 4.12
C LEU E 291 66.03 35.24 5.50
N ALA E 292 67.33 34.99 5.75
CA ALA E 292 68.05 35.51 6.94
C ALA E 292 68.26 37.02 6.75
N LYS E 293 67.85 37.82 7.73
CA LYS E 293 67.86 39.30 7.65
C LYS E 293 69.03 39.87 8.49
N ARG E 294 69.37 39.24 9.61
CA ARG E 294 70.28 39.81 10.62
C ARG E 294 70.76 38.70 11.56
N ILE E 295 72.07 38.67 11.83
CA ILE E 295 72.66 37.90 12.95
C ILE E 295 72.55 38.74 14.24
N ARG E 296 72.03 38.16 15.32
CA ARG E 296 71.82 38.84 16.62
C ARG E 296 73.02 38.53 17.52
N PHE E 297 73.52 39.56 18.19
CA PHE E 297 74.67 39.53 19.12
C PHE E 297 74.22 39.96 20.53
N GLN E 298 74.54 39.16 21.54
CA GLN E 298 74.47 39.55 22.98
C GLN E 298 75.92 39.74 23.45
N ASP E 299 76.28 40.98 23.79
CA ASP E 299 77.68 41.45 23.89
C ASP E 299 78.29 41.32 22.49
N LYS E 300 79.25 40.41 22.34
CA LYS E 300 79.91 40.14 21.02
C LYS E 300 79.66 38.68 20.61
N ARG E 301 78.67 38.00 21.21
CA ARG E 301 78.37 36.58 20.94
C ARG E 301 77.14 36.47 20.02
N ALA E 302 77.27 35.75 18.91
CA ALA E 302 76.15 35.43 17.99
C ALA E 302 75.20 34.44 18.69
N VAL E 303 73.95 34.83 18.91
CA VAL E 303 72.97 34.03 19.71
C VAL E 303 71.74 33.67 18.86
N GLY E 304 71.53 34.29 17.70
CA GLY E 304 70.38 33.94 16.86
C GLY E 304 70.39 34.63 15.52
N VAL E 305 69.39 34.31 14.70
CA VAL E 305 69.18 34.87 13.33
C VAL E 305 67.73 35.33 13.21
N ASP E 306 67.53 36.57 12.72
CA ASP E 306 66.21 37.10 12.31
C ASP E 306 65.91 36.57 10.91
N VAL E 307 64.75 35.93 10.72
CA VAL E 307 64.38 35.24 9.47
C VAL E 307 63.00 35.73 9.04
N GLU E 308 62.77 35.81 7.72
CA GLU E 308 61.45 36.07 7.09
C GLU E 308 61.16 34.90 6.13
N THR E 309 60.06 34.18 6.37
CA THR E 309 59.48 33.15 5.47
C THR E 309 58.13 33.69 4.97
N MET E 310 58.05 34.11 3.71
CA MET E 310 56.80 34.59 3.06
C MET E 310 56.11 35.64 3.92
N GLY E 311 56.87 36.63 4.43
CA GLY E 311 56.31 37.78 5.18
C GLY E 311 56.20 37.54 6.67
N ARG E 312 56.40 36.29 7.15
CA ARG E 312 56.33 35.96 8.59
C ARG E 312 57.75 36.09 9.18
N ALA E 313 57.95 37.08 10.05
CA ALA E 313 59.21 37.34 10.79
C ALA E 313 59.25 36.43 12.01
N TYR E 314 60.41 35.82 12.26
CA TYR E 314 60.69 34.98 13.44
C TYR E 314 62.19 35.01 13.70
N THR E 315 62.58 34.54 14.89
CA THR E 315 63.99 34.49 15.32
C THR E 315 64.31 33.04 15.67
N LEU E 316 65.33 32.48 15.02
CA LEU E 316 65.91 31.17 15.41
C LEU E 316 67.08 31.46 16.35
N SER E 317 67.10 30.81 17.50
CA SER E 317 68.18 30.95 18.52
C SER E 317 69.17 29.79 18.37
N ALA E 318 70.45 30.08 18.61
CA ALA E 318 71.55 29.11 18.63
C ALA E 318 72.14 29.03 20.05
N ARG E 319 72.14 27.84 20.65
CA ARG E 319 72.75 27.59 21.99
C ARG E 319 74.27 27.59 21.84
N LYS E 320 74.80 27.06 20.73
CA LYS E 320 76.26 26.82 20.57
C LYS E 320 76.86 27.77 19.53
N GLU E 321 76.63 27.55 18.23
CA GLU E 321 77.37 28.25 17.14
C GLU E 321 76.43 28.55 15.97
N ILE E 322 76.71 29.63 15.26
CA ILE E 322 76.07 30.00 13.96
C ILE E 322 77.14 29.91 12.87
N VAL E 323 76.84 29.20 11.78
CA VAL E 323 77.72 29.11 10.59
C VAL E 323 77.05 29.89 9.46
N LEU E 324 77.73 30.87 8.92
CA LEU E 324 77.29 31.70 7.77
C LEU E 324 77.86 31.07 6.49
N SER E 325 77.00 30.62 5.59
CA SER E 325 77.35 29.94 4.33
C SER E 325 76.56 30.56 3.17
N ALA E 326 76.41 31.90 3.18
CA ALA E 326 75.55 32.66 2.26
C ALA E 326 76.31 33.00 0.97
N GLY E 327 77.58 32.61 0.88
CA GLY E 327 78.44 32.79 -0.32
C GLY E 327 79.11 34.15 -0.39
N ALA E 328 79.86 34.36 -1.47
CA ALA E 328 80.85 35.45 -1.65
C ALA E 328 80.19 36.83 -1.62
N PHE E 329 78.92 36.95 -1.99
CA PHE E 329 78.19 38.23 -2.08
C PHE E 329 77.39 38.46 -0.80
N GLN E 330 76.71 37.44 -0.30
CA GLN E 330 75.66 37.63 0.73
C GLN E 330 76.19 37.32 2.14
N SER E 331 77.28 36.55 2.28
CA SER E 331 77.98 36.40 3.59
C SER E 331 78.49 37.76 4.07
N PRO E 332 79.29 38.49 3.28
CA PRO E 332 79.74 39.83 3.70
C PRO E 332 78.58 40.78 3.95
N GLN E 333 77.52 40.70 3.16
CA GLN E 333 76.34 41.58 3.33
C GLN E 333 75.71 41.31 4.69
N LEU E 334 75.51 40.04 5.04
CA LEU E 334 74.83 39.70 6.32
C LEU E 334 75.71 40.12 7.51
N LEU E 335 77.02 40.00 7.41
CA LEU E 335 77.97 40.50 8.46
C LEU E 335 77.75 42.01 8.63
N MET E 336 77.82 42.76 7.55
CA MET E 336 77.71 44.26 7.57
C MET E 336 76.37 44.70 8.17
N VAL E 337 75.24 44.12 7.74
CA VAL E 337 73.91 44.57 8.25
C VAL E 337 73.73 44.13 9.70
N SER E 338 74.57 43.22 10.19
CA SER E 338 74.53 42.70 11.59
C SER E 338 75.50 43.47 12.50
N GLY E 339 76.35 44.35 11.93
CA GLY E 339 77.25 45.23 12.70
C GLY E 339 78.70 44.78 12.69
N VAL E 340 79.08 43.89 11.78
CA VAL E 340 80.47 43.40 11.61
C VAL E 340 80.95 43.80 10.20
N GLY E 341 81.87 44.74 10.12
CA GLY E 341 82.40 45.25 8.84
C GLY E 341 83.08 46.60 8.99
N PRO E 342 83.41 47.28 7.88
CA PRO E 342 84.07 48.58 7.93
C PRO E 342 83.17 49.61 8.65
N ALA E 343 83.68 50.23 9.72
CA ALA E 343 82.97 51.22 10.58
C ALA E 343 82.29 52.30 9.73
N ALA E 344 82.99 52.87 8.74
CA ALA E 344 82.45 53.99 7.93
C ALA E 344 81.19 53.56 7.16
N THR E 345 81.21 52.36 6.56
CA THR E 345 80.04 51.81 5.81
C THR E 345 78.85 51.63 6.76
N LEU E 346 79.07 51.06 7.95
CA LEU E 346 77.97 50.72 8.89
C LEU E 346 77.35 52.00 9.46
N LYS E 347 78.17 53.04 9.70
CA LYS E 347 77.71 54.38 10.19
C LYS E 347 76.82 55.01 9.12
N ALA E 348 77.26 54.99 7.85
CA ALA E 348 76.58 55.60 6.69
C ALA E 348 75.19 54.99 6.46
N HIS E 349 74.89 53.80 7.01
CA HIS E 349 73.59 53.10 6.84
C HIS E 349 72.91 52.86 8.20
N ASN E 350 73.33 53.60 9.23
CA ASN E 350 72.73 53.57 10.60
C ASN E 350 72.71 52.14 11.15
N ILE E 351 73.81 51.41 11.02
CA ILE E 351 73.97 50.04 11.59
C ILE E 351 74.87 50.13 12.82
N PRO E 352 74.38 49.77 14.02
CA PRO E 352 75.21 49.85 15.24
C PRO E 352 76.41 48.91 15.13
N LEU E 353 77.59 49.44 15.47
CA LEU E 353 78.89 48.74 15.31
C LEU E 353 79.02 47.66 16.39
N VAL E 354 79.34 46.43 15.97
CA VAL E 354 79.64 45.29 16.89
C VAL E 354 81.15 45.00 16.81
N ALA E 355 81.74 45.01 15.61
CA ALA E 355 83.19 44.87 15.42
C ALA E 355 83.61 45.56 14.12
N ASP E 356 84.57 46.49 14.23
CA ASP E 356 85.22 47.20 13.10
C ASP E 356 86.15 46.21 12.42
N ARG E 357 85.71 45.69 11.28
CA ARG E 357 86.44 44.64 10.50
C ARG E 357 86.52 45.10 9.06
N PRO E 358 87.58 45.87 8.69
CA PRO E 358 87.65 46.50 7.38
C PRO E 358 87.81 45.52 6.20
N GLY E 359 88.07 44.24 6.46
CA GLY E 359 88.24 43.21 5.40
C GLY E 359 86.92 42.72 4.84
N VAL E 360 85.80 42.95 5.55
CA VAL E 360 84.47 42.40 5.16
C VAL E 360 84.06 43.03 3.85
N GLY E 361 83.93 42.20 2.80
CA GLY E 361 83.49 42.63 1.47
C GLY E 361 84.66 43.08 0.61
N GLN E 362 85.89 43.08 1.14
CA GLN E 362 87.12 43.49 0.40
C GLN E 362 87.80 42.26 -0.19
N ASN E 363 88.75 42.46 -1.10
CA ASN E 363 89.69 41.44 -1.61
C ASN E 363 88.90 40.38 -2.39
N MET E 364 87.81 40.75 -3.07
CA MET E 364 87.10 39.75 -3.91
C MET E 364 88.04 39.29 -5.02
N GLN E 365 88.14 37.98 -5.20
CA GLN E 365 88.90 37.35 -6.32
C GLN E 365 87.90 36.55 -7.16
N ASP E 366 88.21 36.41 -8.45
CA ASP E 366 87.32 35.77 -9.43
C ASP E 366 88.16 35.30 -10.60
N HIS E 367 87.62 34.36 -11.38
CA HIS E 367 88.18 33.92 -12.67
C HIS E 367 87.25 34.40 -13.78
N ILE E 368 87.80 34.60 -14.97
CA ILE E 368 87.05 34.97 -16.19
C ILE E 368 87.18 33.83 -17.21
N ILE E 369 86.36 33.90 -18.25
CA ILE E 369 86.34 32.92 -19.35
C ILE E 369 85.89 33.66 -20.61
N TYR E 370 86.48 33.29 -21.74
CA TYR E 370 86.08 33.70 -23.11
C TYR E 370 86.57 32.60 -24.05
N ALA E 371 86.08 32.57 -25.27
CA ALA E 371 86.36 31.50 -26.24
C ALA E 371 86.10 31.96 -27.66
N PRO E 372 87.03 31.70 -28.60
CA PRO E 372 86.71 31.68 -30.02
C PRO E 372 85.90 30.42 -30.34
N SER E 373 85.26 30.41 -31.51
CA SER E 373 84.43 29.26 -31.99
C SER E 373 84.75 28.99 -33.46
N TYR E 374 84.62 27.74 -33.85
CA TYR E 374 84.66 27.26 -35.25
C TYR E 374 83.39 26.46 -35.51
N ARG E 375 82.94 26.47 -36.76
CA ARG E 375 82.07 25.41 -37.29
C ARG E 375 82.92 24.15 -37.37
N VAL E 376 82.37 23.01 -36.97
CA VAL E 376 83.13 21.72 -36.98
C VAL E 376 82.28 20.65 -37.65
N ASN E 377 82.96 19.64 -38.18
CA ASN E 377 82.39 18.52 -38.95
C ASN E 377 81.96 17.37 -38.03
N VAL E 378 81.81 17.62 -36.72
CA VAL E 378 81.37 16.59 -35.73
C VAL E 378 80.12 17.11 -35.00
N ILE E 379 79.37 16.21 -34.38
CA ILE E 379 78.19 16.54 -33.51
C ILE E 379 78.71 17.38 -32.34
N THR E 380 78.04 18.51 -32.08
CA THR E 380 78.15 19.29 -30.82
C THR E 380 76.73 19.57 -30.33
N GLN E 381 76.59 20.37 -29.27
CA GLN E 381 75.29 20.71 -28.65
C GLN E 381 74.39 21.40 -29.68
N SER E 382 74.96 22.03 -30.70
CA SER E 382 74.20 22.64 -31.83
C SER E 382 73.12 21.68 -32.36
N ALA E 383 73.42 20.39 -32.44
CA ALA E 383 72.52 19.34 -32.97
C ALA E 383 71.21 19.26 -32.17
N LEU E 384 71.18 19.75 -30.93
CA LEU E 384 69.95 19.77 -30.10
C LEU E 384 68.92 20.76 -30.67
N LEU E 385 69.32 21.68 -31.55
CA LEU E 385 68.38 22.61 -32.24
C LEU E 385 67.60 21.87 -33.34
N ASN E 386 68.09 20.72 -33.78
CA ASN E 386 67.44 19.83 -34.78
C ASN E 386 66.44 18.91 -34.05
N GLU E 387 65.16 19.01 -34.39
CA GLU E 387 64.02 18.33 -33.70
C GLU E 387 64.23 16.81 -33.72
N GLU E 388 64.55 16.21 -34.87
CA GLU E 388 64.71 14.73 -34.99
C GLU E 388 65.88 14.27 -34.12
N PHE E 389 66.97 15.04 -34.06
CA PHE E 389 68.16 14.70 -33.24
C PHE E 389 67.82 14.85 -31.74
N GLU E 390 67.16 15.94 -31.35
CA GLU E 390 66.78 16.20 -29.92
C GLU E 390 65.90 15.05 -29.42
N ALA E 391 64.93 14.61 -30.22
CA ALA E 391 63.96 13.56 -29.82
C ALA E 391 64.72 12.27 -29.50
N GLN E 392 65.74 11.93 -30.30
CA GLN E 392 66.56 10.71 -30.09
C GLN E 392 67.41 10.91 -28.81
N ALA E 393 68.00 12.08 -28.65
CA ALA E 393 68.88 12.40 -27.48
C ALA E 393 68.04 12.33 -26.21
N ASN E 394 66.82 12.87 -26.25
CA ASN E 394 65.82 12.84 -25.14
C ASN E 394 65.54 11.39 -24.73
N ARG E 395 65.27 10.50 -25.69
CA ARG E 395 65.02 9.06 -25.41
C ARG E 395 66.30 8.42 -24.85
N ASP E 396 67.46 8.72 -25.42
CA ASP E 396 68.77 8.13 -24.98
C ASP E 396 69.00 8.52 -23.53
N TYR E 397 68.75 9.78 -23.16
CA TYR E 397 69.01 10.31 -21.80
C TYR E 397 68.10 9.61 -20.78
N ASN E 398 66.80 9.60 -21.04
CA ASN E 398 65.78 9.12 -20.05
C ASN E 398 65.79 7.59 -19.98
N GLU E 399 66.04 6.87 -21.07
CA GLU E 399 65.98 5.38 -21.12
C GLU E 399 67.34 4.77 -20.73
N ARG E 400 68.47 5.38 -21.11
CA ARG E 400 69.81 4.71 -21.01
C ARG E 400 70.87 5.59 -20.34
N ALA E 401 70.53 6.81 -19.90
CA ALA E 401 71.47 7.77 -19.31
C ALA E 401 72.65 7.97 -20.28
N ALA E 402 72.33 8.14 -21.57
CA ALA E 402 73.30 8.21 -22.67
C ALA E 402 72.98 9.41 -23.59
N GLY E 403 73.91 9.70 -24.49
CA GLY E 403 73.75 10.76 -25.51
C GLY E 403 74.15 12.11 -24.96
N ILE E 404 74.02 13.14 -25.80
CA ILE E 404 74.68 14.46 -25.62
C ILE E 404 74.06 15.21 -24.43
N TYR E 405 72.86 14.86 -23.97
CA TYR E 405 72.25 15.50 -22.77
C TYR E 405 73.08 15.13 -21.51
N ALA E 406 73.78 13.99 -21.55
CA ALA E 406 74.55 13.45 -20.40
C ALA E 406 75.95 14.08 -20.35
N ASN E 407 76.15 15.24 -20.99
CA ASN E 407 77.48 15.89 -21.09
C ASN E 407 77.36 17.32 -20.59
N PRO E 408 78.25 17.80 -19.70
CA PRO E 408 78.15 19.15 -19.14
C PRO E 408 78.65 20.27 -20.06
N THR E 409 78.96 19.96 -21.33
CA THR E 409 79.47 20.86 -22.40
C THR E 409 81.01 20.77 -22.50
N SER E 410 81.70 20.76 -21.37
CA SER E 410 83.19 20.60 -21.25
C SER E 410 83.54 19.11 -21.24
N ASP E 411 84.81 18.75 -21.40
CA ASP E 411 85.28 17.33 -21.32
C ASP E 411 86.75 17.27 -20.91
N ILE E 412 87.60 18.01 -21.61
CA ILE E 412 89.07 18.06 -21.36
C ILE E 412 89.42 19.46 -20.87
N LEU E 413 90.11 19.51 -19.73
CA LEU E 413 90.81 20.72 -19.24
C LEU E 413 92.30 20.56 -19.53
N ALA E 414 93.00 21.68 -19.72
CA ALA E 414 94.46 21.71 -19.93
C ALA E 414 94.99 22.96 -19.23
N TRP E 415 96.21 22.88 -18.71
CA TRP E 415 96.80 23.89 -17.82
C TRP E 415 98.26 24.11 -18.23
N GLU E 416 98.72 25.36 -18.27
CA GLU E 416 100.14 25.66 -18.55
C GLU E 416 100.55 27.01 -17.95
N LYS E 417 101.87 27.17 -17.82
CA LYS E 417 102.58 28.46 -17.90
C LYS E 417 102.65 28.82 -19.39
N ILE E 418 102.48 30.11 -19.75
CA ILE E 418 102.78 30.56 -21.14
C ILE E 418 104.23 30.15 -21.42
N PRO E 419 104.49 29.37 -22.49
CA PRO E 419 105.84 28.84 -22.75
C PRO E 419 106.83 29.87 -23.32
N GLU E 420 108.14 29.61 -23.19
CA GLU E 420 109.21 30.32 -23.95
C GLU E 420 109.26 29.73 -25.37
N PRO E 421 109.59 30.52 -26.42
CA PRO E 421 109.97 31.92 -26.31
C PRO E 421 108.84 32.97 -26.37
N LYS E 422 107.57 32.54 -26.40
CA LYS E 422 106.39 33.43 -26.51
C LYS E 422 106.35 34.35 -25.28
N ARG E 423 106.88 33.87 -24.15
CA ARG E 423 106.87 34.54 -22.83
C ARG E 423 107.52 35.92 -22.91
N SER E 424 108.70 36.02 -23.53
CA SER E 424 109.53 37.27 -23.58
C SER E 424 108.91 38.29 -24.54
N ALA E 425 108.32 37.81 -25.65
CA ALA E 425 107.63 38.63 -26.68
C ALA E 425 106.33 39.23 -26.14
N TRP E 426 105.57 38.49 -25.32
CA TRP E 426 104.16 38.80 -24.97
C TRP E 426 104.05 39.54 -23.63
N PHE E 427 105.05 39.42 -22.75
CA PHE E 427 104.96 39.97 -21.37
C PHE E 427 106.03 41.04 -21.14
N SER E 428 105.63 42.15 -20.53
CA SER E 428 106.52 43.18 -19.96
C SER E 428 107.37 42.57 -18.83
N ASN E 429 108.43 43.27 -18.43
CA ASN E 429 109.35 42.85 -17.34
C ASN E 429 108.54 42.76 -16.05
N HIS E 430 107.70 43.77 -15.77
CA HIS E 430 106.84 43.84 -14.57
C HIS E 430 105.96 42.58 -14.46
N THR E 431 105.29 42.21 -15.56
CA THR E 431 104.41 41.03 -15.64
C THR E 431 105.22 39.75 -15.32
N ARG E 432 106.40 39.62 -15.91
CA ARG E 432 107.25 38.42 -15.73
C ARG E 432 107.72 38.36 -14.27
N GLN E 433 108.00 39.51 -13.63
CA GLN E 433 108.44 39.54 -12.21
C GLN E 433 107.28 39.05 -11.33
N VAL E 434 106.05 39.51 -11.61
CA VAL E 434 104.87 39.13 -10.77
C VAL E 434 104.58 37.63 -10.96
N LEU E 435 104.61 37.12 -12.19
CA LEU E 435 104.30 35.69 -12.45
C LEU E 435 105.37 34.77 -11.82
N ALA E 436 106.62 35.22 -11.71
CA ALA E 436 107.73 34.41 -11.15
C ALA E 436 107.54 34.22 -9.64
N GLU E 437 106.70 35.05 -9.00
CA GLU E 437 106.36 34.94 -7.56
C GLU E 437 105.33 33.81 -7.31
N TYR E 438 104.68 33.28 -8.33
CA TYR E 438 103.75 32.13 -8.20
C TYR E 438 104.57 30.85 -8.20
N PRO E 439 104.14 29.80 -7.45
CA PRO E 439 104.83 28.51 -7.48
C PRO E 439 104.89 27.89 -8.89
N ASP E 440 105.86 27.01 -9.11
CA ASP E 440 106.10 26.26 -10.37
C ASP E 440 104.85 25.47 -10.76
N ASP E 441 104.12 24.90 -9.78
CA ASP E 441 102.99 23.97 -10.06
C ASP E 441 101.70 24.74 -10.38
N TRP E 442 101.70 26.08 -10.20
CA TRP E 442 100.49 26.93 -10.29
C TRP E 442 100.36 27.43 -11.73
N PRO E 443 99.36 26.95 -12.51
CA PRO E 443 99.26 27.34 -13.91
C PRO E 443 98.82 28.80 -14.08
N GLU E 444 99.11 29.36 -15.25
CA GLU E 444 98.72 30.75 -15.64
C GLU E 444 97.41 30.70 -16.45
N VAL E 445 97.25 29.68 -17.29
CA VAL E 445 96.09 29.60 -18.23
C VAL E 445 95.49 28.19 -18.16
N GLU E 446 94.16 28.14 -18.09
CA GLU E 446 93.34 26.92 -18.24
C GLU E 446 92.69 26.95 -19.63
N PHE E 447 92.75 25.84 -20.39
CA PHE E 447 91.92 25.63 -21.61
C PHE E 447 90.81 24.63 -21.27
N LEU E 448 89.61 24.85 -21.82
CA LEU E 448 88.43 23.99 -21.63
C LEU E 448 87.83 23.72 -23.02
N THR E 449 87.68 22.46 -23.40
CA THR E 449 86.91 22.08 -24.62
C THR E 449 85.44 22.41 -24.33
N MET E 450 84.73 22.98 -25.30
CA MET E 450 83.29 23.31 -25.16
C MET E 450 82.59 22.93 -26.45
N GLY E 451 81.63 22.00 -26.39
CA GLY E 451 80.82 21.56 -27.54
C GLY E 451 79.65 22.50 -27.80
N GLY E 452 79.90 23.82 -27.78
CA GLY E 452 78.88 24.88 -27.97
C GLY E 452 79.51 26.21 -28.30
N TYR E 453 78.69 27.23 -28.56
CA TYR E 453 79.12 28.58 -29.00
C TYR E 453 79.04 29.52 -27.81
N PHE E 454 80.09 30.32 -27.57
CA PHE E 454 80.13 31.33 -26.48
C PHE E 454 79.68 32.71 -27.00
N GLY E 455 80.25 33.16 -28.13
CA GLY E 455 80.05 34.53 -28.62
C GLY E 455 80.35 35.53 -27.51
N TYR E 456 79.47 36.52 -27.33
CA TYR E 456 79.63 37.61 -26.34
C TYR E 456 79.04 37.18 -24.99
N GLN E 457 78.50 35.95 -24.88
CA GLN E 457 78.01 35.38 -23.59
C GLN E 457 76.93 36.30 -22.99
N ARG E 458 76.13 36.93 -23.84
CA ARG E 458 75.00 37.80 -23.44
C ARG E 458 73.86 36.89 -22.96
N ASN E 459 73.66 35.79 -23.67
CA ASN E 459 72.57 34.80 -23.48
C ASN E 459 72.84 33.63 -24.42
N TYR E 460 73.36 32.52 -23.89
CA TYR E 460 73.85 31.38 -24.69
C TYR E 460 72.70 30.72 -25.47
N ILE E 461 71.47 30.81 -24.98
CA ILE E 461 70.31 30.10 -25.56
C ILE E 461 69.76 30.91 -26.75
N ARG E 462 69.54 32.22 -26.58
CA ARG E 462 69.02 33.13 -27.64
C ARG E 462 70.00 33.24 -28.82
N ASP E 463 71.31 33.38 -28.57
CA ASP E 463 72.36 33.67 -29.58
C ASP E 463 73.04 32.39 -30.08
N ASN E 464 72.51 31.22 -29.72
CA ASN E 464 73.02 29.90 -30.17
C ASN E 464 72.81 29.80 -31.69
N PRO E 465 73.87 29.82 -32.53
CA PRO E 465 73.69 29.92 -33.99
C PRO E 465 72.87 28.74 -34.51
N SER E 466 71.86 29.03 -35.33
CA SER E 466 70.77 28.08 -35.73
C SER E 466 70.75 27.93 -37.25
N ASP E 467 71.91 27.99 -37.92
CA ASP E 467 72.00 27.97 -39.40
C ASP E 467 72.31 26.55 -39.91
N GLY E 468 72.44 25.55 -39.04
CA GLY E 468 72.56 24.13 -39.46
C GLY E 468 73.96 23.55 -39.34
N TYR E 469 74.94 24.34 -38.93
CA TYR E 469 76.31 23.86 -38.61
C TYR E 469 76.41 23.46 -37.14
N ASN E 470 77.36 22.59 -36.81
CA ASN E 470 77.80 22.31 -35.41
C ASN E 470 78.89 23.32 -35.04
N TYR E 471 78.78 23.93 -33.87
CA TYR E 471 79.75 24.92 -33.33
C TYR E 471 80.45 24.33 -32.10
N ALA E 472 81.76 24.56 -32.01
CA ALA E 472 82.59 24.23 -30.84
C ALA E 472 83.48 25.44 -30.53
N SER E 473 83.93 25.53 -29.28
CA SER E 473 84.76 26.63 -28.76
C SER E 473 85.90 26.03 -27.94
N LEU E 474 87.03 26.73 -27.88
CA LEU E 474 88.07 26.43 -26.89
C LEU E 474 88.15 27.60 -25.95
N ALA E 475 87.62 27.44 -24.74
CA ALA E 475 87.55 28.51 -23.73
C ALA E 475 88.91 28.60 -23.06
N VAL E 476 89.21 29.78 -22.53
CA VAL E 476 90.40 29.97 -21.67
C VAL E 476 89.94 30.69 -20.42
N SER E 477 90.57 30.36 -19.30
CA SER E 477 90.40 31.04 -17.99
C SER E 477 91.80 31.39 -17.49
N LEU E 478 91.94 32.48 -16.74
CA LEU E 478 93.27 32.93 -16.22
C LEU E 478 93.36 32.58 -14.73
N CYS E 479 94.41 31.85 -14.34
CA CYS E 479 94.55 31.23 -13.00
C CYS E 479 95.39 32.10 -12.05
N THR E 480 95.90 33.25 -12.51
CA THR E 480 96.69 34.18 -11.65
C THR E 480 96.07 35.57 -11.67
N PRO E 481 94.78 35.72 -11.29
CA PRO E 481 94.15 37.05 -11.27
C PRO E 481 94.81 37.97 -10.25
N ARG E 482 95.22 39.16 -10.70
CA ARG E 482 95.79 40.24 -9.84
C ARG E 482 94.72 41.27 -9.51
N SER E 483 93.71 41.41 -10.38
CA SER E 483 92.59 42.35 -10.15
C SER E 483 91.85 41.97 -8.87
N ARG E 484 91.42 42.96 -8.09
CA ARG E 484 90.66 42.73 -6.84
C ARG E 484 89.38 43.56 -6.88
N GLY E 485 88.28 42.98 -6.37
CA GLY E 485 86.95 43.61 -6.35
C GLY E 485 86.41 43.74 -4.95
N ASN E 486 85.12 44.08 -4.82
CA ASN E 486 84.53 44.25 -3.48
C ASN E 486 83.01 44.14 -3.56
N VAL E 487 82.41 44.05 -2.38
CA VAL E 487 80.95 43.99 -2.12
C VAL E 487 80.69 44.99 -1.02
N THR E 488 79.63 45.79 -1.16
CA THR E 488 79.18 46.71 -0.09
C THR E 488 77.66 46.73 -0.12
N ILE E 489 77.05 47.63 0.65
CA ILE E 489 75.58 47.69 0.87
C ILE E 489 75.09 49.11 0.56
N THR E 490 73.82 49.23 0.19
CA THR E 490 73.08 50.51 0.04
C THR E 490 72.04 50.66 1.15
N SER E 491 71.92 49.67 2.04
CA SER E 491 70.76 49.54 2.96
C SER E 491 71.10 48.57 4.10
N PRO E 492 70.50 48.73 5.29
CA PRO E 492 70.58 47.69 6.34
C PRO E 492 69.65 46.50 6.10
N ASP E 493 68.90 46.47 4.99
CA ASP E 493 67.95 45.39 4.64
C ASP E 493 68.66 44.37 3.73
N ALA E 494 68.80 43.12 4.18
CA ALA E 494 69.40 42.00 3.43
C ALA E 494 68.52 41.62 2.23
N GLY E 495 67.26 42.07 2.22
CA GLY E 495 66.32 41.89 1.10
C GLY E 495 66.69 42.76 -0.10
N VAL E 496 67.45 43.84 0.13
CA VAL E 496 68.02 44.70 -0.93
C VAL E 496 69.32 44.05 -1.41
N PRO E 497 69.56 43.89 -2.72
CA PRO E 497 70.78 43.23 -3.19
C PRO E 497 72.03 43.99 -2.77
N PRO E 498 73.15 43.30 -2.53
CA PRO E 498 74.42 43.97 -2.25
C PRO E 498 74.95 44.61 -3.54
N VAL E 499 75.87 45.55 -3.40
CA VAL E 499 76.57 46.24 -4.53
C VAL E 499 77.81 45.41 -4.87
N ILE E 500 77.87 44.88 -6.09
CA ILE E 500 78.83 43.80 -6.46
C ILE E 500 79.77 44.34 -7.52
N ASN E 501 81.06 44.46 -7.20
CA ASN E 501 82.07 45.05 -8.11
C ASN E 501 83.25 44.10 -8.25
N PRO E 502 83.16 43.08 -9.14
CA PRO E 502 84.25 42.13 -9.31
C PRO E 502 85.55 42.78 -9.78
N ASN E 503 85.42 43.76 -10.68
CA ASN E 503 86.56 44.64 -11.10
C ASN E 503 87.56 43.82 -11.90
N TRP E 504 87.11 42.82 -12.64
CA TRP E 504 88.01 41.95 -13.45
C TRP E 504 88.81 42.82 -14.42
N LEU E 505 89.97 42.32 -14.85
CA LEU E 505 90.76 42.82 -16.01
C LEU E 505 91.11 44.30 -15.84
N THR E 506 91.49 44.72 -14.63
CA THR E 506 91.88 46.12 -14.32
C THR E 506 93.37 46.22 -13.97
N ASP E 507 94.02 45.12 -13.63
CA ASP E 507 95.47 45.06 -13.39
C ASP E 507 96.17 44.76 -14.73
N PRO E 508 97.25 45.49 -15.07
CA PRO E 508 97.96 45.27 -16.33
C PRO E 508 98.50 43.84 -16.54
N VAL E 509 98.76 43.10 -15.46
CA VAL E 509 99.19 41.67 -15.57
C VAL E 509 98.03 40.85 -16.17
N ASP E 510 96.79 41.06 -15.72
CA ASP E 510 95.63 40.29 -16.21
C ASP E 510 95.43 40.60 -17.70
N VAL E 511 95.58 41.88 -18.07
CA VAL E 511 95.41 42.38 -19.47
C VAL E 511 96.39 41.64 -20.38
N GLU E 512 97.67 41.60 -20.02
CA GLU E 512 98.72 40.94 -20.83
C GLU E 512 98.45 39.43 -20.92
N LEU E 513 98.10 38.80 -19.79
CA LEU E 513 97.74 37.34 -19.74
C LEU E 513 96.54 37.06 -20.66
N ALA E 514 95.52 37.93 -20.64
CA ALA E 514 94.28 37.76 -21.42
C ALA E 514 94.62 37.66 -22.91
N VAL E 515 95.52 38.53 -23.39
CA VAL E 515 95.93 38.58 -24.81
C VAL E 515 96.74 37.33 -25.16
N ALA E 516 97.67 36.93 -24.28
CA ALA E 516 98.51 35.72 -24.46
C ALA E 516 97.61 34.48 -24.57
N ALA E 517 96.64 34.34 -23.67
CA ALA E 517 95.72 33.17 -23.62
C ALA E 517 94.95 33.08 -24.95
N PHE E 518 94.49 34.22 -25.45
CA PHE E 518 93.73 34.26 -26.73
C PHE E 518 94.63 33.75 -27.87
N LYS E 519 95.88 34.21 -27.94
CA LYS E 519 96.84 33.77 -28.99
C LYS E 519 97.08 32.25 -28.88
N ARG E 520 97.11 31.69 -27.68
CA ARG E 520 97.27 30.22 -27.48
C ARG E 520 96.04 29.48 -28.05
N THR E 521 94.83 30.06 -28.03
CA THR E 521 93.65 29.42 -28.65
C THR E 521 93.86 29.39 -30.17
N ARG E 522 94.51 30.41 -30.72
CA ARG E 522 94.83 30.49 -32.17
C ARG E 522 95.84 29.40 -32.51
N ASP E 523 96.82 29.15 -31.62
CA ASP E 523 97.83 28.08 -31.82
C ASP E 523 97.11 26.71 -31.84
N PHE E 524 96.17 26.50 -30.92
CA PHE E 524 95.36 25.26 -30.85
C PHE E 524 94.67 25.03 -32.19
N PHE E 525 94.03 26.07 -32.73
CA PHE E 525 93.17 25.98 -33.95
C PHE E 525 94.03 25.98 -35.23
N ASN E 526 95.35 26.25 -35.15
CA ASN E 526 96.28 26.12 -36.31
C ASN E 526 97.05 24.79 -36.22
N THR E 527 96.71 23.87 -35.31
CA THR E 527 97.38 22.54 -35.26
C THR E 527 96.90 21.71 -36.46
N THR E 528 97.75 20.81 -36.95
CA THR E 528 97.39 19.89 -38.06
C THR E 528 96.47 18.80 -37.51
N ALA E 529 96.55 18.52 -36.19
CA ALA E 529 95.71 17.51 -35.51
C ALA E 529 94.22 17.88 -35.58
N ILE E 530 93.87 19.16 -35.42
CA ILE E 530 92.45 19.62 -35.33
C ILE E 530 91.91 19.95 -36.74
N LYS E 531 92.79 20.25 -37.70
CA LYS E 531 92.41 20.79 -39.05
C LYS E 531 91.29 19.97 -39.66
N PRO E 532 91.36 18.61 -39.68
CA PRO E 532 90.38 17.82 -40.42
C PRO E 532 88.90 17.97 -40.02
N ILE E 533 88.59 18.52 -38.83
CA ILE E 533 87.17 18.69 -38.38
C ILE E 533 86.75 20.14 -38.51
N LEU E 534 87.67 21.08 -38.83
CA LEU E 534 87.33 22.52 -38.99
C LEU E 534 86.63 22.76 -40.33
N ILE E 535 85.57 23.56 -40.34
CA ILE E 535 84.82 23.97 -41.57
C ILE E 535 85.03 25.47 -41.78
N GLY E 536 85.90 25.80 -42.75
CA GLY E 536 86.23 27.20 -43.10
C GLY E 536 87.07 27.84 -42.00
N PRO E 537 87.25 29.18 -42.05
CA PRO E 537 88.11 29.84 -41.08
C PRO E 537 87.37 30.10 -39.76
N GLU E 538 88.09 30.66 -38.79
CA GLU E 538 87.55 31.00 -37.45
C GLU E 538 86.20 31.71 -37.62
N TYR E 539 85.16 31.18 -36.98
CA TYR E 539 83.78 31.72 -37.04
C TYR E 539 83.66 32.95 -36.14
N PHE E 540 84.21 32.89 -34.93
CA PHE E 540 84.09 33.99 -33.94
C PHE E 540 85.36 34.07 -33.11
N PRO E 541 85.98 35.26 -32.95
CA PRO E 541 85.52 36.48 -33.60
C PRO E 541 85.80 36.52 -35.12
N GLY E 542 86.80 35.76 -35.58
CA GLY E 542 87.29 35.78 -36.97
C GLY E 542 88.67 36.40 -37.06
N SER E 543 89.45 36.07 -38.10
CA SER E 543 90.89 36.43 -38.23
C SER E 543 91.08 37.96 -38.31
N GLN E 544 90.04 38.74 -38.62
CA GLN E 544 90.13 40.22 -38.73
C GLN E 544 90.55 40.80 -37.37
N VAL E 545 90.37 40.06 -36.27
CA VAL E 545 90.91 40.38 -34.92
C VAL E 545 92.35 39.88 -34.86
N ALA E 546 93.33 40.77 -35.03
CA ALA E 546 94.73 40.41 -35.41
C ALA E 546 95.74 41.03 -34.45
N THR E 547 95.71 42.35 -34.28
CA THR E 547 96.69 43.10 -33.45
C THR E 547 96.41 42.86 -31.97
N ASP E 548 97.39 43.13 -31.11
CA ASP E 548 97.25 43.07 -29.63
C ASP E 548 96.04 43.92 -29.19
N ALA E 549 95.89 45.14 -29.71
CA ALA E 549 94.83 46.10 -29.29
C ALA E 549 93.44 45.58 -29.72
N GLU E 550 93.36 44.95 -30.89
CA GLU E 550 92.10 44.37 -31.44
C GLU E 550 91.71 43.19 -30.56
N ILE E 551 92.68 42.35 -30.19
CA ILE E 551 92.47 41.16 -29.34
C ILE E 551 91.96 41.64 -27.97
N LEU E 552 92.63 42.61 -27.36
CA LEU E 552 92.23 43.15 -26.03
C LEU E 552 90.79 43.67 -26.11
N ASP E 553 90.50 44.50 -27.12
CA ASP E 553 89.15 45.09 -27.33
C ASP E 553 88.10 43.97 -27.42
N HIS E 554 88.36 42.94 -28.22
CA HIS E 554 87.45 41.77 -28.39
C HIS E 554 87.25 41.04 -27.04
N VAL E 555 88.32 40.82 -26.28
CA VAL E 555 88.25 40.13 -24.97
C VAL E 555 87.39 40.95 -24.02
N ARG E 556 87.60 42.27 -23.97
CA ARG E 556 86.85 43.17 -23.05
C ARG E 556 85.36 43.10 -23.38
N LYS E 557 85.00 42.82 -24.64
CA LYS E 557 83.58 42.75 -25.07
C LYS E 557 82.99 41.35 -24.83
N SER E 558 83.80 40.29 -24.96
CA SER E 558 83.32 38.89 -25.07
C SER E 558 83.56 38.08 -23.79
N PHE E 559 84.25 38.61 -22.78
CA PHE E 559 84.55 37.85 -21.54
C PHE E 559 83.38 38.00 -20.56
N ASP E 560 83.22 37.00 -19.69
CA ASP E 560 82.44 37.13 -18.44
C ASP E 560 83.22 36.43 -17.32
N THR E 561 82.76 36.57 -16.10
CA THR E 561 83.11 35.71 -14.95
C THR E 561 82.84 34.25 -15.33
N ILE E 562 83.60 33.34 -14.73
CA ILE E 562 83.34 31.88 -14.77
C ILE E 562 82.82 31.47 -13.39
N PHE E 563 82.47 32.45 -12.55
CA PHE E 563 81.55 32.33 -11.39
C PHE E 563 82.27 31.83 -10.13
N HIS E 564 83.54 32.21 -9.95
CA HIS E 564 84.40 31.74 -8.83
C HIS E 564 84.58 32.84 -7.79
N ALA E 565 83.61 33.75 -7.63
CA ALA E 565 83.66 34.86 -6.66
C ALA E 565 84.02 34.29 -5.29
N SER E 566 84.94 34.93 -4.57
CA SER E 566 85.54 34.39 -3.32
C SER E 566 86.33 35.45 -2.56
N CYS E 567 86.64 35.15 -1.30
CA CYS E 567 87.68 35.83 -0.47
C CYS E 567 87.16 37.15 0.10
N THR E 568 85.84 37.33 0.20
CA THR E 568 85.20 38.55 0.73
C THR E 568 85.05 38.45 2.25
N CYS E 569 85.31 37.26 2.83
CA CYS E 569 85.43 37.04 4.30
C CYS E 569 86.73 36.25 4.54
N ALA E 570 87.84 36.76 4.02
CA ALA E 570 89.09 36.01 3.81
C ALA E 570 89.60 35.39 5.12
N MET E 571 90.04 34.16 5.05
CA MET E 571 90.78 33.50 6.16
C MET E 571 92.18 34.11 6.21
N GLY E 572 92.63 34.46 7.42
CA GLY E 572 94.02 34.86 7.71
C GLY E 572 94.35 34.71 9.19
N LEU E 573 95.39 35.39 9.66
CA LEU E 573 95.82 35.40 11.09
C LEU E 573 94.88 36.32 11.87
N ALA E 574 94.54 35.94 13.11
CA ALA E 574 93.67 36.71 14.03
C ALA E 574 94.17 38.15 14.22
N ASN E 575 95.47 38.40 14.09
CA ASN E 575 96.12 39.73 14.34
C ASN E 575 96.16 40.57 13.06
N ASP E 576 95.86 39.99 11.90
CA ASP E 576 95.70 40.70 10.60
C ASP E 576 94.37 41.46 10.62
N THR E 577 94.40 42.79 10.48
CA THR E 577 93.19 43.66 10.58
C THR E 577 92.32 43.52 9.33
N GLN E 578 92.88 43.01 8.21
CA GLN E 578 92.17 42.82 6.92
C GLN E 578 91.52 41.44 6.87
N ALA E 579 91.93 40.50 7.73
CA ALA E 579 91.37 39.13 7.73
C ALA E 579 89.96 39.20 8.34
N VAL E 580 89.07 38.28 7.96
CA VAL E 580 87.69 38.24 8.52
C VAL E 580 87.54 37.00 9.39
N VAL E 581 88.11 35.87 8.97
CA VAL E 581 88.03 34.62 9.77
C VAL E 581 89.45 34.09 10.00
N ASP E 582 89.62 33.36 11.10
CA ASP E 582 90.86 32.63 11.45
C ASP E 582 90.80 31.26 10.79
N SER E 583 91.82 30.42 11.02
CA SER E 583 92.05 29.11 10.36
C SER E 583 90.98 28.10 10.79
N LYS E 584 90.20 28.41 11.83
CA LYS E 584 89.06 27.59 12.31
C LYS E 584 87.75 28.16 11.75
N ALA E 585 87.83 29.15 10.88
CA ALA E 585 86.71 29.81 10.19
C ALA E 585 85.89 30.64 11.17
N ARG E 586 86.45 30.97 12.34
CA ARG E 586 85.78 31.83 13.34
C ARG E 586 85.93 33.29 12.91
N VAL E 587 84.86 34.06 12.97
CA VAL E 587 84.86 35.50 12.64
C VAL E 587 85.65 36.21 13.73
N ILE E 588 86.68 36.95 13.34
CA ILE E 588 87.58 37.70 14.27
C ILE E 588 86.77 38.86 14.85
N GLY E 589 86.81 39.03 16.18
CA GLY E 589 86.21 40.18 16.89
C GLY E 589 84.88 39.84 17.54
N VAL E 590 84.36 38.63 17.32
CA VAL E 590 83.04 38.16 17.88
C VAL E 590 83.20 36.69 18.28
N GLU E 591 82.16 36.11 18.88
CA GLU E 591 82.17 34.71 19.40
C GLU E 591 81.00 33.92 18.78
N ALA E 592 81.23 32.63 18.57
CA ALA E 592 80.20 31.63 18.22
C ALA E 592 79.69 31.87 16.79
N LEU E 593 80.50 32.53 15.95
CA LEU E 593 80.14 32.80 14.54
C LEU E 593 81.28 32.37 13.62
N ARG E 594 80.98 31.46 12.69
CA ARG E 594 81.92 31.01 11.64
C ARG E 594 81.37 31.35 10.26
N VAL E 595 82.26 31.40 9.27
CA VAL E 595 81.94 31.56 7.83
C VAL E 595 82.59 30.38 7.11
N VAL E 596 81.78 29.59 6.42
CA VAL E 596 82.24 28.40 5.65
C VAL E 596 81.54 28.45 4.30
N ASP E 597 82.24 28.98 3.30
CA ASP E 597 81.79 29.14 1.89
C ASP E 597 82.95 29.77 1.11
N ALA E 598 82.74 30.11 -0.16
CA ALA E 598 83.80 30.69 -1.03
C ALA E 598 84.31 32.01 -0.41
N SER E 599 83.50 32.73 0.36
CA SER E 599 83.91 34.02 0.97
C SER E 599 85.08 33.80 1.95
N ALA E 600 85.15 32.62 2.58
CA ALA E 600 86.13 32.30 3.65
C ALA E 600 87.51 31.93 3.07
N LEU E 601 87.65 31.71 1.76
CA LEU E 601 88.95 31.31 1.20
C LEU E 601 89.96 32.45 1.44
N PRO E 602 91.25 32.14 1.73
CA PRO E 602 92.25 33.17 1.98
C PRO E 602 92.64 33.88 0.67
N PHE E 603 92.60 33.13 -0.43
CA PHE E 603 92.86 33.59 -1.82
C PHE E 603 92.23 32.53 -2.72
N LEU E 604 92.04 32.84 -3.99
CA LEU E 604 91.38 31.91 -4.95
C LEU E 604 92.45 30.97 -5.50
N PRO E 605 92.39 29.65 -5.22
CA PRO E 605 93.33 28.70 -5.80
C PRO E 605 93.04 28.54 -7.28
N PRO E 606 93.95 27.94 -8.06
CA PRO E 606 93.73 27.82 -9.50
C PRO E 606 92.54 26.89 -9.78
N GLY E 607 91.69 27.30 -10.72
CA GLY E 607 90.65 26.47 -11.33
C GLY E 607 89.34 26.46 -10.54
N HIS E 608 88.69 25.30 -10.52
CA HIS E 608 87.25 25.11 -10.14
C HIS E 608 87.16 24.84 -8.66
N PRO E 609 86.51 25.72 -7.87
CA PRO E 609 86.60 25.64 -6.41
C PRO E 609 85.60 24.76 -5.66
N GLN E 610 84.61 24.15 -6.30
CA GLN E 610 83.54 23.40 -5.56
C GLN E 610 84.16 22.26 -4.74
N SER E 611 85.14 21.53 -5.27
CA SER E 611 85.86 20.43 -4.54
C SER E 611 86.40 20.95 -3.21
N THR E 612 86.98 22.15 -3.22
CA THR E 612 87.63 22.78 -2.04
C THR E 612 86.56 23.20 -1.04
N LEU E 613 85.42 23.68 -1.51
CA LEU E 613 84.32 24.14 -0.62
C LEU E 613 83.66 22.93 0.06
N TYR E 614 83.44 21.82 -0.65
CA TYR E 614 82.97 20.55 -0.03
C TYR E 614 83.97 20.14 1.08
N ALA E 615 85.26 20.16 0.76
CA ALA E 615 86.33 19.72 1.66
C ALA E 615 86.39 20.66 2.87
N LEU E 616 86.37 21.98 2.64
CA LEU E 616 86.41 22.96 3.75
C LEU E 616 85.22 22.74 4.68
N ALA E 617 84.05 22.44 4.13
CA ALA E 617 82.84 22.20 4.94
C ALA E 617 83.04 20.92 5.76
N GLU E 618 83.59 19.87 5.14
CA GLU E 618 83.93 18.60 5.85
C GLU E 618 84.86 18.91 7.02
N LYS E 619 85.88 19.74 6.78
CA LYS E 619 86.93 20.07 7.77
C LYS E 619 86.33 20.86 8.93
N ILE E 620 85.60 21.95 8.67
CA ILE E 620 85.10 22.81 9.78
C ILE E 620 84.01 22.04 10.55
N ALA E 621 83.28 21.12 9.91
CA ALA E 621 82.32 20.24 10.61
C ALA E 621 83.06 19.45 11.70
N CYS E 622 84.16 18.78 11.34
CA CYS E 622 85.01 18.01 12.29
C CYS E 622 85.63 18.94 13.35
N GLU E 623 86.08 20.12 12.96
CA GLU E 623 86.65 21.11 13.90
C GLU E 623 85.59 21.43 14.97
N ILE E 624 84.34 21.62 14.57
CA ILE E 624 83.24 22.02 15.49
C ILE E 624 82.89 20.83 16.40
N SER E 625 82.75 19.64 15.81
CA SER E 625 82.13 18.46 16.48
C SER E 625 83.17 17.74 17.35
N GLY E 626 84.40 17.62 16.88
CA GLY E 626 85.47 16.81 17.48
C GLY E 626 85.17 15.32 17.44
N ASN E 627 84.26 14.84 16.57
CA ASN E 627 83.77 13.43 16.58
C ASN E 627 84.08 12.71 15.26
N CYS E 628 85.16 13.08 14.57
CA CYS E 628 85.62 12.38 13.33
C CYS E 628 86.84 11.53 13.69
N MET F 39 61.75 12.12 -14.59
CA MET F 39 62.43 13.36 -14.05
C MET F 39 61.34 14.29 -13.46
N LEU F 40 61.41 14.53 -12.16
CA LEU F 40 60.42 15.35 -11.42
C LEU F 40 60.26 16.71 -12.11
N GLY F 41 61.39 17.34 -12.47
CA GLY F 41 61.40 18.72 -12.96
C GLY F 41 60.67 18.86 -14.29
N SER F 42 60.54 17.78 -15.06
CA SER F 42 59.83 17.77 -16.36
C SER F 42 58.36 18.20 -16.15
N SER F 43 57.82 18.03 -14.95
CA SER F 43 56.41 18.35 -14.60
C SER F 43 56.21 19.84 -14.29
N PHE F 44 57.26 20.60 -14.02
CA PHE F 44 57.13 21.95 -13.40
C PHE F 44 57.50 23.02 -14.42
N GLY F 45 56.69 24.09 -14.44
CA GLY F 45 56.75 25.13 -15.47
C GLY F 45 57.77 26.19 -15.16
N ILE F 46 58.25 26.87 -16.20
CA ILE F 46 59.14 28.05 -16.15
C ILE F 46 58.26 29.29 -16.26
N PRO F 47 58.42 30.28 -15.35
CA PRO F 47 57.62 31.51 -15.39
C PRO F 47 57.93 32.46 -16.55
N LYS F 48 57.40 32.15 -17.73
CA LYS F 48 57.49 33.00 -18.95
C LYS F 48 56.23 32.83 -19.79
N ASN F 49 55.99 33.75 -20.73
CA ASN F 49 54.81 33.70 -21.66
C ASN F 49 54.85 32.37 -22.41
N GLN F 50 53.73 31.63 -22.37
CA GLN F 50 53.61 30.39 -23.18
C GLN F 50 52.15 30.00 -23.26
N THR F 51 51.85 29.03 -24.12
CA THR F 51 50.49 28.65 -24.51
C THR F 51 50.26 27.19 -24.11
N PHE F 52 49.11 26.92 -23.51
CA PHE F 52 48.59 25.56 -23.27
C PHE F 52 47.19 25.47 -23.88
N ASP F 53 46.69 24.26 -24.04
CA ASP F 53 45.29 24.02 -24.47
C ASP F 53 44.36 24.41 -23.31
N TYR F 54 44.66 24.00 -22.08
CA TYR F 54 43.81 24.28 -20.89
C TYR F 54 44.65 24.86 -19.74
N LEU F 55 44.08 25.82 -19.03
CA LEU F 55 44.63 26.36 -17.77
C LEU F 55 43.62 26.08 -16.67
N VAL F 56 44.11 25.55 -15.55
CA VAL F 56 43.33 25.43 -14.29
C VAL F 56 43.96 26.40 -13.29
N ILE F 57 43.17 27.33 -12.79
CA ILE F 57 43.58 28.33 -11.77
C ILE F 57 43.18 27.78 -10.41
N GLY F 58 44.18 27.47 -9.57
CA GLY F 58 43.98 26.90 -8.22
C GLY F 58 44.32 25.43 -8.23
N GLY F 59 45.46 25.05 -7.62
CA GLY F 59 45.89 23.65 -7.46
C GLY F 59 45.36 23.08 -6.16
N GLY F 60 44.05 23.21 -5.94
CA GLY F 60 43.35 22.79 -4.71
C GLY F 60 42.64 21.45 -4.90
N THR F 61 41.56 21.25 -4.15
CA THR F 61 40.81 19.97 -4.12
C THR F 61 40.30 19.67 -5.52
N ALA F 62 39.48 20.56 -6.06
CA ALA F 62 38.88 20.41 -7.42
C ALA F 62 39.96 20.60 -8.47
N GLY F 63 40.81 21.61 -8.27
CA GLY F 63 41.81 22.05 -9.25
C GLY F 63 42.71 20.92 -9.71
N LEU F 64 43.37 20.23 -8.79
CA LEU F 64 44.37 19.20 -9.14
C LEU F 64 43.64 17.99 -9.73
N THR F 65 42.38 17.78 -9.33
CA THR F 65 41.57 16.64 -9.80
C THR F 65 41.26 16.88 -11.29
N ILE F 66 40.71 18.04 -11.64
CA ILE F 66 40.27 18.31 -13.04
C ILE F 66 41.52 18.45 -13.92
N ALA F 67 42.59 19.05 -13.41
CA ALA F 67 43.85 19.23 -14.17
C ALA F 67 44.40 17.85 -14.54
N THR F 68 44.47 16.93 -13.58
CA THR F 68 45.04 15.57 -13.79
C THR F 68 44.16 14.80 -14.78
N ARG F 69 42.85 14.83 -14.59
CA ARG F 69 41.88 14.09 -15.44
C ARG F 69 41.89 14.65 -16.87
N LEU F 70 41.88 15.97 -17.03
CA LEU F 70 41.96 16.56 -18.40
C LEU F 70 43.24 16.04 -19.08
N ALA F 71 44.39 16.09 -18.38
CA ALA F 71 45.69 15.66 -18.94
C ALA F 71 45.63 14.18 -19.39
N GLU F 72 44.88 13.33 -18.68
CA GLU F 72 44.80 11.87 -18.96
C GLU F 72 43.79 11.56 -20.07
N GLN F 73 42.92 12.50 -20.44
CA GLN F 73 41.72 12.23 -21.27
C GLN F 73 41.92 12.76 -22.70
N GLY F 74 43.17 13.06 -23.09
CA GLY F 74 43.57 13.26 -24.50
C GLY F 74 43.05 14.56 -25.10
N VAL F 75 42.98 15.66 -24.33
CA VAL F 75 42.46 16.96 -24.80
C VAL F 75 43.62 17.90 -25.14
N GLY F 76 44.86 17.46 -24.96
CA GLY F 76 46.07 18.26 -25.20
C GLY F 76 46.77 18.69 -23.92
N SER F 77 47.48 19.82 -23.96
CA SER F 77 48.35 20.30 -22.87
C SER F 77 47.49 21.02 -21.82
N VAL F 78 47.76 20.72 -20.55
CA VAL F 78 47.08 21.31 -19.36
C VAL F 78 48.15 21.90 -18.43
N ALA F 79 47.94 23.13 -17.98
CA ALA F 79 48.74 23.78 -16.93
C ALA F 79 47.84 24.08 -15.75
N VAL F 80 48.34 23.81 -14.53
CA VAL F 80 47.65 24.18 -13.27
C VAL F 80 48.51 25.22 -12.54
N ILE F 81 47.88 26.27 -12.05
CA ILE F 81 48.53 27.45 -11.42
C ILE F 81 48.14 27.45 -9.94
N GLU F 82 49.12 27.36 -9.04
CA GLU F 82 48.86 27.32 -7.57
C GLU F 82 49.82 28.27 -6.86
N ALA F 83 49.27 29.11 -5.98
CA ALA F 83 49.98 30.17 -5.23
C ALA F 83 50.94 29.55 -4.21
N GLY F 84 50.59 28.39 -3.66
CA GLY F 84 51.37 27.72 -2.62
C GLY F 84 52.35 26.71 -3.20
N GLY F 85 53.07 26.03 -2.31
CA GLY F 85 53.98 24.92 -2.63
C GLY F 85 53.46 23.63 -2.04
N PHE F 86 54.35 22.66 -1.86
CA PHE F 86 54.07 21.37 -1.20
C PHE F 86 53.98 21.59 0.30
N TYR F 87 52.92 21.07 0.92
CA TYR F 87 52.66 21.19 2.37
C TYR F 87 53.65 20.30 3.12
N GLU F 88 54.21 19.29 2.46
CA GLU F 88 55.27 18.40 3.01
C GLU F 88 56.56 19.20 3.24
N LEU F 89 56.76 20.31 2.53
CA LEU F 89 57.99 21.15 2.68
C LEU F 89 57.67 22.39 3.53
N ASN F 90 56.41 22.80 3.63
CA ASN F 90 56.05 24.17 4.07
C ASN F 90 55.26 24.16 5.38
N ASN F 91 54.93 22.98 5.90
CA ASN F 91 54.22 22.87 7.20
C ASN F 91 54.71 21.63 7.96
N GLY F 92 55.99 21.29 7.84
CA GLY F 92 56.56 20.13 8.53
C GLY F 92 55.76 18.88 8.21
N ASN F 93 55.50 18.04 9.22
CA ASN F 93 54.66 16.81 9.11
C ASN F 93 53.25 17.09 9.64
N LEU F 94 52.90 18.35 9.91
CA LEU F 94 51.60 18.73 10.53
C LEU F 94 50.42 18.41 9.60
N SER F 95 50.56 18.58 8.29
CA SER F 95 49.50 18.30 7.28
C SER F 95 49.50 16.82 6.86
N GLN F 96 50.57 16.08 7.13
CA GLN F 96 50.67 14.64 6.74
C GLN F 96 50.05 13.73 7.82
N ILE F 97 50.08 14.15 9.08
CA ILE F 97 49.61 13.30 10.23
C ILE F 97 48.15 13.67 10.53
N PRO F 98 47.21 12.71 10.40
CA PRO F 98 45.79 13.02 10.60
C PRO F 98 45.47 13.69 11.93
N ALA F 99 46.10 13.23 13.03
CA ALA F 99 45.82 13.73 14.39
C ALA F 99 46.28 15.19 14.56
N GLN F 100 47.09 15.72 13.64
CA GLN F 100 47.63 17.10 13.72
C GLN F 100 46.75 18.08 12.94
N ASP F 101 45.52 17.70 12.61
CA ASP F 101 44.63 18.52 11.73
C ASP F 101 44.12 19.78 12.47
N ALA F 102 44.26 19.87 13.78
CA ALA F 102 43.79 21.00 14.62
C ALA F 102 44.78 22.18 14.56
N PHE F 103 45.99 22.01 14.02
CA PHE F 103 46.96 23.11 13.89
C PHE F 103 46.42 24.15 12.88
N TYR F 104 46.35 25.40 13.33
CA TYR F 104 46.20 26.59 12.46
C TYR F 104 44.79 26.69 11.90
N VAL F 105 43.78 26.33 12.70
CA VAL F 105 42.35 26.40 12.26
C VAL F 105 41.51 27.22 13.26
N GLY F 106 42.10 27.73 14.34
CA GLY F 106 41.38 28.52 15.35
C GLY F 106 40.95 29.88 14.81
N THR F 107 40.03 30.54 15.52
CA THR F 107 39.51 31.89 15.18
C THR F 107 40.56 32.98 15.45
N ASP F 108 41.57 32.75 16.30
CA ASP F 108 42.59 33.79 16.61
C ASP F 108 43.24 34.28 15.30
N LEU F 109 43.38 35.60 15.12
CA LEU F 109 43.88 36.22 13.87
C LEU F 109 45.31 35.77 13.57
N ASP F 110 46.06 35.33 14.58
CA ASP F 110 47.48 34.94 14.38
C ASP F 110 47.64 33.40 14.30
N ASP F 111 46.57 32.60 14.39
CA ASP F 111 46.68 31.11 14.37
C ASP F 111 46.77 30.60 12.93
N TRP F 112 47.86 30.95 12.25
CA TRP F 112 48.17 30.50 10.87
C TRP F 112 49.65 30.79 10.61
N GLN F 113 50.21 30.18 9.57
CA GLN F 113 51.55 30.51 9.06
C GLN F 113 51.48 30.40 7.54
N PRO F 114 52.22 31.26 6.80
CA PRO F 114 51.97 31.47 5.38
C PRO F 114 52.35 30.29 4.46
N GLY F 115 52.97 29.25 5.01
CA GLY F 115 53.34 28.04 4.26
C GLY F 115 52.15 27.14 3.98
N ILE F 116 51.04 27.20 4.75
CA ILE F 116 49.83 26.35 4.49
C ILE F 116 48.53 27.15 4.52
N ASP F 117 48.53 28.43 4.85
CA ASP F 117 47.28 29.18 5.09
C ASP F 117 47.37 30.58 4.48
N TRP F 118 46.25 31.09 4.00
CA TRP F 118 46.14 32.43 3.35
C TRP F 118 46.11 33.53 4.43
N GLY F 119 45.78 33.19 5.67
CA GLY F 119 45.66 34.17 6.78
C GLY F 119 44.47 35.10 6.59
N PHE F 120 43.42 34.62 5.95
CA PHE F 120 42.14 35.36 5.77
C PHE F 120 41.45 35.51 7.12
N HIS F 121 40.85 36.69 7.37
CA HIS F 121 39.93 36.94 8.50
C HIS F 121 38.58 37.40 7.93
N THR F 122 37.52 37.23 8.70
CA THR F 122 36.15 37.70 8.36
C THR F 122 36.04 39.21 8.63
N THR F 123 35.00 39.84 8.08
CA THR F 123 34.42 41.11 8.57
C THR F 123 33.92 40.87 9.98
N PRO F 124 33.61 41.93 10.77
CA PRO F 124 32.97 41.76 12.07
C PRO F 124 31.63 41.04 11.88
N GLN F 125 31.38 39.95 12.63
CA GLN F 125 30.30 38.97 12.35
C GLN F 125 29.08 39.26 13.21
N ALA F 126 27.99 39.66 12.57
CA ALA F 126 26.71 40.06 13.19
C ALA F 126 26.18 38.92 14.08
N GLY F 127 26.46 37.65 13.72
CA GLY F 127 25.93 36.50 14.48
C GLY F 127 26.87 36.04 15.58
N ALA F 128 28.04 36.64 15.69
CA ALA F 128 29.12 36.22 16.61
C ALA F 128 29.62 37.43 17.39
N TYR F 129 28.71 38.33 17.79
CA TYR F 129 29.02 39.49 18.65
C TYR F 129 30.16 40.31 18.03
N ASP F 130 30.13 40.44 16.71
CA ASP F 130 31.06 41.29 15.90
C ASP F 130 32.49 40.73 15.95
N ARG F 131 32.66 39.46 16.35
CA ARG F 131 33.98 38.80 16.34
C ARG F 131 34.54 38.83 14.92
N VAL F 132 35.79 39.27 14.79
CA VAL F 132 36.65 39.13 13.58
C VAL F 132 37.46 37.85 13.77
N SER F 133 37.27 36.84 12.93
CA SER F 133 37.84 35.48 13.11
C SER F 133 38.70 35.09 11.90
N HIS F 134 39.80 34.38 12.16
CA HIS F 134 40.58 33.67 11.12
C HIS F 134 39.68 32.60 10.46
N TYR F 135 39.61 32.59 9.13
CA TYR F 135 38.93 31.54 8.33
C TYR F 135 40.02 30.74 7.59
N ALA F 136 40.40 29.58 8.13
CA ALA F 136 41.45 28.72 7.55
C ALA F 136 41.10 28.38 6.09
N ARG F 137 42.07 28.58 5.20
CA ARG F 137 42.08 28.15 3.78
C ARG F 137 43.48 27.65 3.44
N GLY F 138 43.58 26.50 2.79
CA GLY F 138 44.85 25.95 2.33
C GLY F 138 45.48 26.83 1.28
N LYS F 139 46.74 27.18 1.47
CA LYS F 139 47.60 27.80 0.44
C LYS F 139 48.78 26.84 0.23
N CYS F 140 48.62 25.95 -0.74
CA CYS F 140 49.48 24.78 -1.00
C CYS F 140 48.85 23.96 -2.12
N LEU F 141 49.64 23.15 -2.79
CA LEU F 141 49.13 22.08 -3.68
C LEU F 141 48.24 21.18 -2.83
N GLY F 142 46.96 21.05 -3.22
CA GLY F 142 45.94 20.32 -2.46
C GLY F 142 44.93 21.26 -1.86
N GLY F 143 45.30 22.54 -1.76
CA GLY F 143 44.42 23.57 -1.16
C GLY F 143 43.91 23.11 0.19
N SER F 144 42.60 23.16 0.38
CA SER F 144 41.95 22.88 1.68
C SER F 144 41.86 21.35 1.92
N SER F 145 42.15 20.52 0.91
CA SER F 145 42.30 19.05 1.10
C SER F 145 43.59 18.76 1.86
N ALA F 146 44.51 19.73 1.97
CA ALA F 146 45.72 19.64 2.81
C ALA F 146 45.38 19.91 4.30
N ARG F 147 44.22 20.54 4.56
CA ARG F 147 43.86 21.19 5.85
C ARG F 147 42.63 20.55 6.49
N ASN F 148 41.84 19.77 5.77
CA ASN F 148 40.49 19.34 6.22
C ASN F 148 40.63 18.22 7.24
N TYR F 149 39.49 17.78 7.81
CA TYR F 149 39.47 16.71 8.85
C TYR F 149 39.26 15.35 8.16
N MET F 150 39.35 15.33 6.83
CA MET F 150 39.52 14.11 5.99
C MET F 150 38.20 13.35 5.87
N ALA F 151 37.08 13.86 6.40
CA ALA F 151 35.79 13.15 6.36
C ALA F 151 35.33 13.02 4.89
N TYR F 152 35.03 11.80 4.45
CA TYR F 152 34.45 11.48 3.11
C TYR F 152 33.02 11.01 3.36
N GLN F 153 32.04 11.85 2.99
CA GLN F 153 30.59 11.54 3.11
C GLN F 153 29.87 12.24 1.97
N ARG F 154 28.86 11.57 1.39
CA ARG F 154 28.11 12.11 0.23
C ARG F 154 26.77 12.64 0.72
N GLY F 155 26.13 13.51 -0.08
CA GLY F 155 24.79 14.03 0.21
C GLY F 155 23.70 12.98 0.06
N THR F 156 22.45 13.41 0.04
CA THR F 156 21.25 12.54 -0.01
C THR F 156 20.68 12.53 -1.43
N LYS F 157 19.92 11.47 -1.75
CA LYS F 157 19.22 11.33 -3.05
C LYS F 157 18.36 12.57 -3.29
N ALA F 158 17.68 13.07 -2.25
CA ALA F 158 16.72 14.18 -2.40
C ALA F 158 17.49 15.50 -2.60
N ALA F 159 18.67 15.65 -2.01
CA ALA F 159 19.55 16.83 -2.25
C ALA F 159 19.96 16.83 -3.74
N HIS F 160 20.34 15.67 -4.27
CA HIS F 160 20.72 15.50 -5.69
C HIS F 160 19.49 15.75 -6.59
N GLN F 161 18.30 15.37 -6.15
CA GLN F 161 17.03 15.66 -6.87
C GLN F 161 16.86 17.18 -6.94
N ARG F 162 17.01 17.90 -5.81
CA ARG F 162 16.88 19.39 -5.76
C ARG F 162 17.96 19.99 -6.65
N TRP F 163 19.17 19.43 -6.69
CA TRP F 163 20.28 19.96 -7.51
C TRP F 163 19.84 19.92 -8.97
N ALA F 164 19.39 18.76 -9.41
CA ALA F 164 18.92 18.51 -10.80
C ALA F 164 17.85 19.55 -11.17
N ASP F 165 16.88 19.79 -10.28
CA ASP F 165 15.73 20.70 -10.52
C ASP F 165 16.25 22.14 -10.64
N THR F 166 17.10 22.59 -9.73
CA THR F 166 17.56 24.00 -9.65
C THR F 166 18.38 24.36 -10.89
N VAL F 167 19.18 23.43 -11.42
CA VAL F 167 20.14 23.73 -12.53
C VAL F 167 19.59 23.21 -13.86
N GLY F 168 18.47 22.49 -13.85
CA GLY F 168 17.78 22.02 -15.07
C GLY F 168 18.57 20.96 -15.80
N ASP F 169 19.11 19.97 -15.09
CA ASP F 169 20.01 18.93 -15.65
C ASP F 169 19.92 17.68 -14.77
N SER F 170 19.31 16.63 -15.30
CA SER F 170 19.02 15.38 -14.55
C SER F 170 20.30 14.56 -14.33
N SER F 171 21.42 14.92 -14.97
CA SER F 171 22.72 14.22 -14.76
C SER F 171 23.22 14.45 -13.32
N TYR F 172 22.60 15.36 -12.55
CA TYR F 172 22.95 15.61 -11.12
C TYR F 172 22.12 14.73 -10.18
N THR F 173 21.11 13.99 -10.65
CA THR F 173 20.34 13.03 -9.80
C THR F 173 21.29 11.91 -9.34
N TRP F 174 20.99 11.32 -8.20
CA TRP F 174 21.88 10.35 -7.53
C TRP F 174 22.46 9.33 -8.51
N GLU F 175 21.59 8.64 -9.24
CA GLU F 175 21.93 7.41 -9.99
C GLU F 175 22.84 7.81 -11.16
N GLN F 176 22.65 9.01 -11.72
CA GLN F 176 23.46 9.52 -12.87
C GLN F 176 24.81 10.07 -12.38
N PHE F 177 24.86 10.63 -11.18
CA PHE F 177 26.06 11.32 -10.63
C PHE F 177 27.00 10.29 -9.97
N LEU F 178 26.45 9.21 -9.43
CA LEU F 178 27.18 8.22 -8.59
C LEU F 178 28.47 7.73 -9.26
N PRO F 179 28.52 7.39 -10.56
CA PRO F 179 29.76 6.89 -11.16
C PRO F 179 30.93 7.88 -11.02
N PHE F 180 30.65 9.19 -11.01
CA PHE F 180 31.67 10.25 -10.84
C PHE F 180 32.18 10.25 -9.39
N PHE F 181 31.35 9.89 -8.41
CA PHE F 181 31.75 9.68 -6.99
C PHE F 181 32.68 8.46 -6.91
N GLU F 182 32.40 7.38 -7.66
CA GLU F 182 33.11 6.08 -7.51
C GLU F 182 34.45 6.08 -8.25
N LYS F 183 34.52 6.78 -9.38
CA LYS F 183 35.68 6.84 -10.29
C LYS F 183 36.96 7.18 -9.51
N SER F 184 36.90 8.08 -8.52
CA SER F 184 38.10 8.63 -7.83
C SER F 184 38.76 7.61 -6.89
N LEU F 185 38.04 6.58 -6.43
CA LEU F 185 38.32 5.93 -5.11
C LEU F 185 39.23 4.71 -5.23
N HIS F 186 40.04 4.51 -4.19
CA HIS F 186 40.68 3.24 -3.81
C HIS F 186 40.29 2.98 -2.36
N PHE F 187 39.24 2.17 -2.17
CA PHE F 187 38.69 1.80 -0.85
C PHE F 187 39.51 0.64 -0.29
N THR F 188 39.86 0.73 0.99
CA THR F 188 40.41 -0.38 1.80
C THR F 188 39.48 -0.58 3.00
N PRO F 189 39.00 -1.83 3.23
CA PRO F 189 38.13 -2.12 4.37
C PRO F 189 38.82 -1.83 5.71
N ALA F 190 38.02 -1.67 6.77
CA ALA F 190 38.49 -1.49 8.15
C ALA F 190 39.42 -2.65 8.52
N ASN F 191 40.54 -2.33 9.18
CA ASN F 191 41.48 -3.31 9.76
C ASN F 191 41.07 -3.58 11.21
N ASP F 192 40.39 -4.70 11.44
CA ASP F 192 39.79 -5.04 12.75
C ASP F 192 40.91 -5.33 13.77
N ALA F 193 42.02 -5.91 13.33
CA ALA F 193 43.16 -6.29 14.21
C ALA F 193 43.76 -5.03 14.88
N LEU F 194 43.95 -3.94 14.14
CA LEU F 194 44.55 -2.69 14.70
C LEU F 194 43.48 -1.86 15.42
N ARG F 195 42.24 -1.85 14.91
CA ARG F 195 41.16 -1.00 15.49
C ARG F 195 40.66 -1.60 16.80
N GLY F 196 40.67 -2.94 16.92
CA GLY F 196 40.00 -3.70 18.01
C GLY F 196 38.58 -4.09 17.63
N ALA F 197 38.07 -5.20 18.16
CA ALA F 197 36.74 -5.79 17.87
C ALA F 197 35.61 -4.82 18.24
N ASN F 198 35.72 -4.11 19.37
CA ASN F 198 34.86 -2.98 19.83
C ASN F 198 34.51 -2.01 18.69
N ALA F 199 35.40 -1.82 17.72
CA ALA F 199 35.33 -0.72 16.73
C ALA F 199 34.94 -1.25 15.35
N SER F 200 34.30 -2.41 15.28
CA SER F 200 33.74 -3.00 14.02
C SER F 200 32.85 -1.96 13.34
N VAL F 201 32.87 -2.00 12.02
CA VAL F 201 32.28 -0.97 11.13
C VAL F 201 31.20 -1.64 10.28
N VAL F 202 30.23 -0.86 9.83
CA VAL F 202 29.16 -1.28 8.88
C VAL F 202 29.28 -0.36 7.65
N SER F 203 29.73 -0.92 6.54
CA SER F 203 30.05 -0.19 5.28
C SER F 203 29.23 -0.76 4.12
N ASP F 204 29.18 -0.03 3.00
CA ASP F 204 28.57 -0.45 1.71
C ASP F 204 29.64 -0.39 0.63
N PRO F 205 30.46 -1.45 0.44
CA PRO F 205 31.54 -1.44 -0.55
C PRO F 205 31.08 -1.27 -2.00
N SER F 206 29.81 -1.56 -2.31
CA SER F 206 29.29 -1.55 -3.71
C SER F 206 29.30 -0.14 -4.30
N VAL F 207 29.44 0.91 -3.49
CA VAL F 207 29.42 2.33 -3.98
C VAL F 207 30.79 2.99 -3.77
N LEU F 208 31.84 2.23 -3.48
CA LEU F 208 33.17 2.77 -3.11
C LEU F 208 34.22 2.44 -4.18
N GLY F 209 33.76 2.20 -5.41
CA GLY F 209 34.58 2.10 -6.62
C GLY F 209 35.16 0.70 -6.81
N ASN F 210 35.86 0.52 -7.91
CA ASN F 210 36.80 -0.62 -8.13
C ASN F 210 37.98 0.02 -7.40
N GLY F 211 39.18 -0.53 -7.38
CA GLY F 211 40.27 0.12 -6.61
C GLY F 211 41.21 0.91 -7.51
N ASP F 212 40.75 1.39 -8.67
CA ASP F 212 41.64 1.89 -9.76
C ASP F 212 41.90 3.40 -9.58
N GLY F 213 41.06 4.10 -8.81
CA GLY F 213 41.18 5.55 -8.59
C GLY F 213 42.32 5.88 -7.64
N PRO F 214 42.89 7.10 -7.73
CA PRO F 214 44.03 7.46 -6.89
C PRO F 214 43.69 7.96 -5.47
N LEU F 215 42.41 8.22 -5.18
CA LEU F 215 41.99 8.80 -3.86
C LEU F 215 41.70 7.67 -2.88
N SER F 216 42.65 7.42 -1.98
CA SER F 216 42.54 6.50 -0.83
C SER F 216 41.37 6.96 0.03
N VAL F 217 40.43 6.05 0.29
CA VAL F 217 39.39 6.21 1.34
C VAL F 217 39.39 4.95 2.18
N THR F 218 39.40 5.11 3.49
CA THR F 218 39.44 3.96 4.41
C THR F 218 38.96 4.42 5.78
N TYR F 219 38.96 3.48 6.70
CA TYR F 219 38.68 3.67 8.14
C TYR F 219 40.03 3.81 8.80
N PRO F 220 40.18 4.71 9.79
CA PRO F 220 41.44 4.84 10.51
C PRO F 220 41.86 3.50 11.16
N HIS F 221 43.16 3.28 11.31
CA HIS F 221 43.78 2.14 12.02
C HIS F 221 43.56 2.25 13.52
N TYR F 222 43.16 3.43 13.99
CA TYR F 222 42.89 3.70 15.42
C TYR F 222 41.52 4.36 15.55
N ALA F 223 40.66 3.76 16.37
CA ALA F 223 39.35 4.35 16.74
C ALA F 223 39.46 4.91 18.16
N GLN F 224 39.07 6.17 18.35
CA GLN F 224 38.99 6.79 19.69
C GLN F 224 38.14 5.86 20.56
N ALA F 225 38.64 5.53 21.76
CA ALA F 225 37.87 4.82 22.80
C ALA F 225 36.55 5.58 23.04
N PHE F 226 36.60 6.90 23.09
CA PHE F 226 35.39 7.74 23.32
C PHE F 226 34.32 7.39 22.27
N ALA F 227 34.69 7.29 20.99
CA ALA F 227 33.74 7.01 19.89
C ALA F 227 33.06 5.66 20.11
N THR F 228 33.83 4.65 20.53
CA THR F 228 33.35 3.29 20.86
C THR F 228 32.19 3.36 21.88
N TRP F 229 32.29 4.21 22.90
CA TRP F 229 31.23 4.43 23.93
C TRP F 229 30.08 5.25 23.32
N ALA F 230 30.41 6.26 22.51
CA ALA F 230 29.44 7.19 21.86
C ALA F 230 28.41 6.42 21.05
N LYS F 231 28.80 5.32 20.42
CA LYS F 231 27.87 4.47 19.61
C LYS F 231 26.65 4.08 20.45
N HIS F 232 26.87 3.63 21.69
CA HIS F 232 25.80 3.17 22.61
C HIS F 232 24.94 4.37 23.01
N ALA F 233 25.56 5.52 23.31
CA ALA F 233 24.86 6.75 23.74
C ALA F 233 23.98 7.26 22.59
N PHE F 234 24.49 7.22 21.36
CA PHE F 234 23.73 7.65 20.16
C PHE F 234 22.45 6.80 20.03
N ILE F 235 22.54 5.49 20.24
CA ILE F 235 21.37 4.58 20.11
C ILE F 235 20.32 4.99 21.16
N GLU F 236 20.74 5.20 22.41
CA GLU F 236 19.86 5.60 23.55
C GLU F 236 19.07 6.89 23.22
N ILE F 237 19.64 7.84 22.48
CA ILE F 237 18.91 9.08 22.07
C ILE F 237 18.33 8.91 20.64
N GLY F 238 18.24 7.68 20.11
CA GLY F 238 17.34 7.33 18.98
C GLY F 238 18.00 7.35 17.62
N LEU F 239 19.33 7.24 17.56
CA LEU F 239 20.12 7.27 16.29
C LEU F 239 20.57 5.84 15.94
N GLN F 240 19.88 5.25 14.97
CA GLN F 240 20.04 3.85 14.50
C GLN F 240 21.35 3.76 13.70
N ILE F 241 22.06 2.65 13.79
CA ILE F 241 23.24 2.36 12.92
C ILE F 241 22.77 2.22 11.47
N ARG F 242 23.52 2.81 10.54
CA ARG F 242 23.34 2.60 9.09
C ARG F 242 24.68 2.15 8.47
N SER F 243 24.64 1.71 7.20
CA SER F 243 25.78 1.20 6.43
C SER F 243 26.50 2.36 5.74
N GLY F 244 27.16 3.21 6.53
CA GLY F 244 27.99 4.30 6.00
C GLY F 244 27.15 5.44 5.45
N PHE F 245 27.82 6.43 4.89
CA PHE F 245 27.25 7.74 4.49
C PHE F 245 27.49 7.98 3.01
N GLN F 246 27.57 6.91 2.20
CA GLN F 246 28.01 7.00 0.79
C GLN F 246 26.93 6.50 -0.18
N SER F 247 25.77 6.10 0.33
CA SER F 247 24.72 5.39 -0.47
C SER F 247 23.48 6.29 -0.63
N GLY F 248 23.58 7.57 -0.31
CA GLY F 248 22.54 8.58 -0.62
C GLY F 248 21.59 8.81 0.53
N ALA F 249 21.92 8.32 1.73
CA ALA F 249 21.13 8.56 2.96
C ALA F 249 22.07 8.82 4.14
N LEU F 250 21.62 9.59 5.14
CA LEU F 250 22.44 10.00 6.31
C LEU F 250 21.77 9.66 7.65
N LEU F 251 20.45 9.84 7.76
CA LEU F 251 19.74 9.72 9.07
C LEU F 251 20.20 8.45 9.80
N GLY F 252 20.68 8.62 11.03
CA GLY F 252 21.28 7.57 11.87
C GLY F 252 22.77 7.84 12.10
N GLN F 253 23.53 6.81 12.49
CA GLN F 253 24.96 6.95 12.83
C GLN F 253 25.73 5.88 12.07
N SER F 254 27.03 6.12 11.91
CA SER F 254 27.99 5.17 11.33
C SER F 254 29.39 5.71 11.63
N TYR F 255 30.37 4.82 11.58
CA TYR F 255 31.79 5.19 11.50
C TYR F 255 32.02 5.90 10.17
N GLY F 256 32.71 7.04 10.25
CA GLY F 256 33.09 7.84 9.09
C GLY F 256 34.17 7.16 8.27
N LEU F 257 34.16 7.45 6.98
CA LEU F 257 35.21 7.11 6.00
C LEU F 257 36.09 8.36 5.86
N TYR F 258 37.39 8.20 5.62
CA TYR F 258 38.37 9.31 5.58
C TYR F 258 39.32 9.18 4.40
N THR F 259 39.74 10.33 3.87
CA THR F 259 40.77 10.45 2.81
C THR F 259 42.11 10.29 3.53
N ILE F 260 42.46 9.04 3.82
CA ILE F 260 43.73 8.64 4.48
C ILE F 260 44.27 7.42 3.73
N ASN F 261 45.56 7.38 3.46
CA ASN F 261 46.25 6.21 2.87
C ASN F 261 46.19 5.05 3.87
N ALA F 262 45.69 3.89 3.45
CA ALA F 262 45.44 2.70 4.31
C ALA F 262 46.75 2.07 4.79
N THR F 263 47.86 2.25 4.06
CA THR F 263 49.17 1.64 4.38
C THR F 263 49.95 2.53 5.37
N THR F 264 50.05 3.84 5.12
CA THR F 264 50.91 4.76 5.89
C THR F 264 50.12 5.51 6.96
N MET F 265 48.78 5.56 6.84
CA MET F 265 47.91 6.44 7.66
C MET F 265 48.35 7.90 7.55
N HIS F 266 48.91 8.29 6.40
CA HIS F 266 49.11 9.71 6.01
C HIS F 266 47.80 10.25 5.42
N ARG F 267 47.58 11.55 5.59
CA ARG F 267 46.52 12.30 4.91
C ARG F 267 46.57 12.00 3.42
N GLU F 268 45.41 11.73 2.81
CA GLU F 268 45.27 11.71 1.32
C GLU F 268 44.62 13.03 0.89
N SER F 269 45.42 13.92 0.29
CA SER F 269 44.97 15.20 -0.29
C SER F 269 44.78 15.00 -1.80
N SER F 270 44.33 16.02 -2.53
CA SER F 270 44.30 16.02 -4.00
C SER F 270 45.74 15.99 -4.52
N GLU F 271 46.72 16.37 -3.72
CA GLU F 271 48.15 16.39 -4.15
C GLU F 271 48.70 14.95 -4.07
N THR F 272 48.52 14.24 -2.97
CA THR F 272 49.08 12.88 -2.79
C THR F 272 48.34 11.87 -3.65
N SER F 273 47.15 12.21 -4.16
CA SER F 273 46.32 11.34 -5.02
C SER F 273 46.47 11.77 -6.47
N PHE F 274 45.73 12.79 -6.88
CA PHE F 274 45.63 13.19 -8.30
C PHE F 274 46.96 13.75 -8.80
N LEU F 275 47.56 14.72 -8.11
CA LEU F 275 48.81 15.35 -8.63
C LEU F 275 49.89 14.27 -8.77
N ARG F 276 50.03 13.35 -7.81
CA ARG F 276 51.08 12.29 -7.90
C ARG F 276 50.88 11.41 -9.14
N LYS F 277 49.65 11.05 -9.48
CA LYS F 277 49.35 10.32 -10.75
C LYS F 277 49.73 11.22 -11.94
N GLY F 278 49.39 12.50 -11.89
CA GLY F 278 49.59 13.46 -13.00
C GLY F 278 51.06 13.80 -13.27
N LEU F 279 51.96 13.66 -12.29
CA LEU F 279 53.41 13.86 -12.50
C LEU F 279 53.95 12.92 -13.58
N ALA F 280 53.38 11.74 -13.77
CA ALA F 280 53.80 10.80 -14.84
C ALA F 280 53.23 11.20 -16.21
N ASP F 281 52.29 12.14 -16.25
CA ASP F 281 51.58 12.52 -17.50
C ASP F 281 52.28 13.71 -18.13
N PRO F 282 52.92 13.53 -19.30
CA PRO F 282 53.59 14.65 -19.98
C PRO F 282 52.67 15.79 -20.45
N ASN F 283 51.35 15.60 -20.42
CA ASN F 283 50.37 16.66 -20.81
C ASN F 283 50.13 17.64 -19.66
N LEU F 284 50.57 17.31 -18.44
CA LEU F 284 50.37 18.18 -17.25
C LEU F 284 51.66 18.94 -16.92
N THR F 285 51.55 20.27 -16.82
CA THR F 285 52.60 21.16 -16.28
C THR F 285 52.05 21.86 -15.04
N VAL F 286 52.83 21.90 -13.96
CA VAL F 286 52.44 22.56 -12.68
C VAL F 286 53.23 23.87 -12.53
N PHE F 287 52.54 24.96 -12.25
CA PHE F 287 53.14 26.26 -11.87
C PHE F 287 52.82 26.49 -10.39
N GLN F 288 53.77 26.21 -9.50
CA GLN F 288 53.60 26.40 -8.03
C GLN F 288 54.32 27.69 -7.64
N SER F 289 53.98 28.24 -6.48
CA SER F 289 54.37 29.59 -6.02
C SER F 289 53.96 30.64 -7.07
N ALA F 290 52.79 30.44 -7.68
CA ALA F 290 52.31 31.22 -8.84
C ALA F 290 50.95 31.83 -8.51
N LEU F 291 50.87 33.17 -8.45
CA LEU F 291 49.60 33.89 -8.16
C LEU F 291 48.95 34.33 -9.48
N ALA F 292 47.76 33.83 -9.78
CA ALA F 292 46.91 34.33 -10.87
C ALA F 292 46.33 35.68 -10.46
N LYS F 293 46.50 36.70 -11.30
CA LYS F 293 46.13 38.11 -11.01
C LYS F 293 44.84 38.49 -11.74
N ARG F 294 44.63 37.96 -12.96
CA ARG F 294 43.59 38.46 -13.90
C ARG F 294 43.37 37.41 -14.98
N ILE F 295 42.11 37.10 -15.27
CA ILE F 295 41.69 36.38 -16.50
C ILE F 295 41.55 37.40 -17.64
N ARG F 296 42.18 37.12 -18.79
CA ARG F 296 42.16 38.00 -19.98
C ARG F 296 41.04 37.54 -20.91
N PHE F 297 40.28 38.51 -21.43
CA PHE F 297 39.15 38.32 -22.37
C PHE F 297 39.46 39.04 -23.70
N GLN F 298 39.28 38.35 -24.83
CA GLN F 298 39.18 38.95 -26.19
C GLN F 298 37.70 38.87 -26.57
N ASP F 299 37.05 40.03 -26.70
CA ASP F 299 35.58 40.18 -26.74
C ASP F 299 35.05 39.67 -25.40
N LYS F 300 34.33 38.54 -25.40
CA LYS F 300 33.80 37.91 -24.17
C LYS F 300 34.40 36.51 -23.99
N ARG F 301 35.51 36.20 -24.67
CA ARG F 301 36.16 34.86 -24.61
C ARG F 301 37.41 34.93 -23.72
N ALA F 302 37.50 34.05 -22.72
CA ALA F 302 38.70 33.88 -21.86
C ALA F 302 39.83 33.28 -22.68
N VAL F 303 40.95 33.99 -22.83
CA VAL F 303 42.08 33.56 -23.72
C VAL F 303 43.38 33.38 -22.94
N GLY F 304 43.47 33.88 -21.70
CA GLY F 304 44.71 33.68 -20.93
C GLY F 304 44.58 34.16 -19.50
N VAL F 305 45.67 33.99 -18.74
CA VAL F 305 45.77 34.37 -17.30
C VAL F 305 47.06 35.16 -17.09
N ASP F 306 46.98 36.30 -16.42
CA ASP F 306 48.17 37.07 -15.93
C ASP F 306 48.61 36.42 -14.60
N VAL F 307 49.89 36.04 -14.52
CA VAL F 307 50.46 35.29 -13.38
C VAL F 307 51.69 36.03 -12.86
N GLU F 308 51.93 35.95 -11.56
CA GLU F 308 53.18 36.40 -10.89
C GLU F 308 53.75 35.21 -10.12
N THR F 309 54.99 34.81 -10.45
CA THR F 309 55.82 33.83 -9.70
C THR F 309 57.00 34.59 -9.11
N MET F 310 57.01 34.82 -7.78
CA MET F 310 58.13 35.46 -7.04
C MET F 310 58.54 36.77 -7.72
N GLY F 311 57.55 37.62 -8.06
CA GLY F 311 57.78 38.97 -8.62
C GLY F 311 57.90 39.00 -10.15
N ARG F 312 58.01 37.84 -10.81
CA ARG F 312 58.13 37.75 -12.29
C ARG F 312 56.73 37.62 -12.90
N ALA F 313 56.28 38.66 -13.62
CA ALA F 313 54.97 38.71 -14.32
C ALA F 313 55.09 38.03 -15.67
N TYR F 314 54.11 37.20 -16.02
CA TYR F 314 54.01 36.51 -17.32
C TYR F 314 52.53 36.22 -17.58
N THR F 315 52.22 35.83 -18.81
CA THR F 315 50.85 35.52 -19.26
C THR F 315 50.87 34.09 -19.80
N LEU F 316 50.02 33.23 -19.26
CA LEU F 316 49.76 31.89 -19.84
C LEU F 316 48.53 32.03 -20.75
N SER F 317 48.63 31.57 -21.99
CA SER F 317 47.53 31.58 -22.98
C SER F 317 46.85 30.22 -23.01
N ALA F 318 45.53 30.22 -23.21
CA ALA F 318 44.69 29.02 -23.35
C ALA F 318 44.09 29.00 -24.78
N ARG F 319 44.38 27.96 -25.56
CA ARG F 319 43.81 27.77 -26.92
C ARG F 319 42.33 27.37 -26.80
N LYS F 320 41.97 26.58 -25.78
CA LYS F 320 40.60 25.99 -25.68
C LYS F 320 39.83 26.61 -24.50
N GLU F 321 40.13 26.25 -23.25
CA GLU F 321 39.26 26.58 -22.09
C GLU F 321 40.13 26.93 -20.86
N ILE F 322 39.62 27.79 -20.00
CA ILE F 322 40.19 28.11 -18.67
C ILE F 322 39.20 27.61 -17.62
N VAL F 323 39.70 26.84 -16.64
CA VAL F 323 38.90 26.36 -15.48
C VAL F 323 39.40 27.10 -14.25
N LEU F 324 38.51 27.82 -13.58
CA LEU F 324 38.77 28.56 -12.33
C LEU F 324 38.38 27.64 -11.17
N SER F 325 39.37 27.29 -10.33
CA SER F 325 39.22 26.36 -9.19
C SER F 325 39.87 26.98 -7.94
N ALA F 326 39.69 28.30 -7.76
CA ALA F 326 40.38 29.10 -6.72
C ALA F 326 39.60 29.07 -5.41
N GLY F 327 38.45 28.39 -5.39
CA GLY F 327 37.63 28.17 -4.18
C GLY F 327 36.64 29.29 -3.92
N ALA F 328 35.87 29.15 -2.83
CA ALA F 328 34.67 29.96 -2.50
C ALA F 328 35.02 31.43 -2.30
N PHE F 329 36.26 31.76 -1.90
CA PHE F 329 36.65 33.16 -1.62
C PHE F 329 37.33 33.78 -2.84
N GLN F 330 38.22 33.03 -3.49
CA GLN F 330 39.15 33.62 -4.50
C GLN F 330 38.65 33.40 -5.93
N SER F 331 37.77 32.44 -6.18
CA SER F 331 37.09 32.31 -7.52
C SER F 331 36.25 33.56 -7.79
N PRO F 332 35.31 33.95 -6.91
CA PRO F 332 34.57 35.19 -7.12
C PRO F 332 35.47 36.43 -7.22
N GLN F 333 36.54 36.47 -6.43
CA GLN F 333 37.47 37.63 -6.46
C GLN F 333 38.11 37.69 -7.85
N LEU F 334 38.61 36.58 -8.37
CA LEU F 334 39.30 36.60 -9.69
C LEU F 334 38.33 36.98 -10.82
N LEU F 335 37.08 36.54 -10.75
CA LEU F 335 36.01 36.94 -11.72
C LEU F 335 35.88 38.46 -11.67
N MET F 336 35.66 39.03 -10.49
CA MET F 336 35.41 40.48 -10.29
C MET F 336 36.59 41.29 -10.80
N VAL F 337 37.84 40.95 -10.46
CA VAL F 337 39.01 41.78 -10.87
C VAL F 337 39.26 41.61 -12.36
N SER F 338 38.65 40.60 -12.99
CA SER F 338 38.75 40.32 -14.45
C SER F 338 37.60 40.96 -15.24
N GLY F 339 36.60 41.53 -14.57
CA GLY F 339 35.50 42.28 -15.20
C GLY F 339 34.17 41.51 -15.25
N VAL F 340 34.04 40.42 -14.50
CA VAL F 340 32.81 39.59 -14.41
C VAL F 340 32.29 39.66 -12.97
N GLY F 341 31.17 40.35 -12.75
CA GLY F 341 30.60 40.53 -11.41
C GLY F 341 29.62 41.69 -11.37
N PRO F 342 29.19 42.10 -10.15
CA PRO F 342 28.23 43.21 -10.01
C PRO F 342 28.83 44.50 -10.57
N ALA F 343 28.15 45.13 -11.53
CA ALA F 343 28.56 46.37 -12.23
C ALA F 343 29.02 47.45 -11.24
N ALA F 344 28.26 47.71 -10.18
CA ALA F 344 28.54 48.81 -9.23
C ALA F 344 29.88 48.57 -8.52
N THR F 345 30.16 47.33 -8.10
CA THR F 345 31.44 46.96 -7.42
C THR F 345 32.61 47.20 -8.38
N LEU F 346 32.51 46.77 -9.64
CA LEU F 346 33.63 46.83 -10.60
C LEU F 346 33.92 48.29 -10.97
N LYS F 347 32.88 49.14 -11.06
CA LYS F 347 33.00 50.59 -11.35
C LYS F 347 33.75 51.27 -10.19
N ALA F 348 33.36 50.96 -8.95
CA ALA F 348 33.91 51.54 -7.69
C ALA F 348 35.41 51.25 -7.55
N HIS F 349 35.95 50.24 -8.25
CA HIS F 349 37.38 49.84 -8.17
C HIS F 349 38.06 49.94 -9.56
N ASN F 350 37.47 50.73 -10.47
CA ASN F 350 38.02 51.06 -11.82
C ASN F 350 38.36 49.77 -12.57
N ILE F 351 37.43 48.80 -12.58
CA ILE F 351 37.58 47.53 -13.35
C ILE F 351 36.67 47.59 -14.56
N PRO F 352 37.19 47.55 -15.81
CA PRO F 352 36.34 47.57 -16.99
C PRO F 352 35.37 46.37 -17.01
N LEU F 353 34.10 46.65 -17.28
CA LEU F 353 33.01 45.64 -17.25
C LEU F 353 33.11 44.73 -18.48
N VAL F 354 33.10 43.41 -18.25
CA VAL F 354 33.04 42.38 -19.33
C VAL F 354 31.63 41.74 -19.31
N ALA F 355 31.08 41.46 -18.13
CA ALA F 355 29.71 40.93 -17.96
C ALA F 355 29.17 41.31 -16.58
N ASP F 356 28.02 41.99 -16.56
CA ASP F 356 27.28 42.36 -15.32
C ASP F 356 26.62 41.07 -14.82
N ARG F 357 27.20 40.50 -13.76
CA ARG F 357 26.76 39.22 -13.16
C ARG F 357 26.60 39.45 -11.66
N PRO F 358 25.41 39.87 -11.21
CA PRO F 358 25.24 40.29 -9.81
C PRO F 358 25.37 39.15 -8.78
N GLY F 359 25.41 37.89 -9.23
CA GLY F 359 25.48 36.72 -8.33
C GLY F 359 26.92 36.45 -7.85
N VAL F 360 27.92 37.02 -8.53
CA VAL F 360 29.36 36.75 -8.23
C VAL F 360 29.65 37.27 -6.82
N GLY F 361 30.01 36.37 -5.90
CA GLY F 361 30.36 36.67 -4.51
C GLY F 361 29.15 36.70 -3.61
N GLN F 362 27.94 36.51 -4.15
CA GLN F 362 26.67 36.53 -3.36
C GLN F 362 26.29 35.09 -2.98
N ASN F 363 25.33 34.94 -2.07
CA ASN F 363 24.67 33.65 -1.72
C ASN F 363 25.70 32.72 -1.07
N MET F 364 26.68 33.23 -0.33
CA MET F 364 27.64 32.33 0.35
C MET F 364 26.87 31.49 1.37
N GLN F 365 27.08 30.18 1.35
CA GLN F 365 26.53 29.23 2.36
C GLN F 365 27.69 28.58 3.08
N ASP F 366 27.48 28.22 4.34
CA ASP F 366 28.52 27.64 5.22
C ASP F 366 27.84 26.80 6.30
N HIS F 367 28.61 25.93 6.94
CA HIS F 367 28.19 25.18 8.16
C HIS F 367 29.02 25.71 9.33
N ILE F 368 28.47 25.59 10.53
CA ILE F 368 29.17 25.94 11.79
C ILE F 368 29.33 24.67 12.62
N ILE F 369 30.16 24.75 13.64
CA ILE F 369 30.45 23.65 14.60
C ILE F 369 30.76 24.29 15.96
N TYR F 370 30.31 23.64 17.02
CA TYR F 370 30.63 23.93 18.44
C TYR F 370 30.43 22.62 19.20
N ALA F 371 30.97 22.54 20.42
CA ALA F 371 30.97 21.29 21.21
C ALA F 371 31.17 21.59 22.69
N PRO F 372 30.35 20.99 23.57
CA PRO F 372 30.70 20.85 24.98
C PRO F 372 31.79 19.78 25.14
N SER F 373 32.43 19.73 26.30
CA SER F 373 33.51 18.77 26.59
C SER F 373 33.33 18.25 28.02
N TYR F 374 33.77 17.00 28.22
CA TYR F 374 33.87 16.34 29.54
C TYR F 374 35.29 15.80 29.66
N ARG F 375 35.79 15.75 30.88
CA ARG F 375 36.90 14.85 31.27
C ARG F 375 36.35 13.43 31.17
N VAL F 376 37.13 12.50 30.61
CA VAL F 376 36.68 11.10 30.42
C VAL F 376 37.78 10.16 30.92
N ASN F 377 37.36 8.96 31.29
CA ASN F 377 38.19 7.88 31.89
C ASN F 377 38.83 7.02 30.78
N VAL F 378 38.88 7.49 29.54
CA VAL F 378 39.53 6.77 28.41
C VAL F 378 40.62 7.66 27.80
N ILE F 379 41.56 7.06 27.07
CA ILE F 379 42.60 7.76 26.27
C ILE F 379 41.89 8.62 25.23
N THR F 380 42.27 9.90 25.15
CA THR F 380 41.94 10.81 24.02
C THR F 380 43.24 11.47 23.56
N GLN F 381 43.15 12.43 22.64
CA GLN F 381 44.32 13.16 22.09
C GLN F 381 45.06 13.88 23.21
N SER F 382 44.38 14.22 24.31
CA SER F 382 45.00 14.82 25.53
C SER F 382 46.29 14.06 25.91
N ALA F 383 46.31 12.74 25.81
CA ALA F 383 47.44 11.86 26.20
C ALA F 383 48.71 12.21 25.42
N LEU F 384 48.61 12.86 24.25
CA LEU F 384 49.79 13.28 23.46
C LEU F 384 50.55 14.41 24.17
N LEU F 385 49.96 15.07 25.16
CA LEU F 385 50.67 16.09 25.99
C LEU F 385 51.63 15.41 26.98
N ASN F 386 51.43 14.12 27.24
CA ASN F 386 52.30 13.27 28.11
C ASN F 386 53.45 12.73 27.26
N GLU F 387 54.69 13.08 27.61
CA GLU F 387 55.92 12.80 26.83
C GLU F 387 56.10 11.29 26.64
N GLU F 388 55.96 10.49 27.68
CA GLU F 388 56.17 9.00 27.60
C GLU F 388 55.12 8.41 26.65
N PHE F 389 53.88 8.89 26.69
CA PHE F 389 52.77 8.42 25.82
C PHE F 389 53.05 8.83 24.36
N GLU F 390 53.41 10.10 24.14
CA GLU F 390 53.67 10.64 22.78
C GLU F 390 54.78 9.82 22.12
N ALA F 391 55.86 9.52 22.85
CA ALA F 391 57.05 8.81 22.31
C ALA F 391 56.61 7.45 21.78
N GLN F 392 55.74 6.75 22.52
CA GLN F 392 55.24 5.41 22.10
C GLN F 392 54.32 5.59 20.88
N ALA F 393 53.44 6.58 20.89
CA ALA F 393 52.48 6.84 19.78
C ALA F 393 53.26 7.18 18.51
N ASN F 394 54.31 7.97 18.65
CA ASN F 394 55.24 8.35 17.56
C ASN F 394 55.85 7.09 16.92
N ARG F 395 56.36 6.18 17.73
CA ARG F 395 56.95 4.90 17.25
C ARG F 395 55.84 4.06 16.58
N ASP F 396 54.65 3.96 17.20
CA ASP F 396 53.52 3.17 16.67
C ASP F 396 53.16 3.69 15.28
N TYR F 397 53.08 5.02 15.10
CA TYR F 397 52.67 5.65 13.83
C TYR F 397 53.69 5.33 12.72
N ASN F 398 54.96 5.60 12.97
CA ASN F 398 56.04 5.51 11.95
C ASN F 398 56.38 4.05 11.65
N GLU F 399 56.34 3.14 12.64
CA GLU F 399 56.76 1.72 12.47
C GLU F 399 55.58 0.86 12.01
N ARG F 400 54.33 1.13 12.45
CA ARG F 400 53.19 0.19 12.23
C ARG F 400 51.94 0.90 11.68
N ALA F 401 51.98 2.21 11.43
CA ALA F 401 50.81 2.99 10.98
C ALA F 401 49.65 2.77 11.95
N ALA F 402 49.95 2.82 13.26
CA ALA F 402 49.02 2.48 14.35
C ALA F 402 49.09 3.55 15.44
N GLY F 403 48.16 3.48 16.40
CA GLY F 403 48.10 4.41 17.54
C GLY F 403 47.37 5.70 17.17
N ILE F 404 47.27 6.59 18.15
CA ILE F 404 46.32 7.73 18.17
C ILE F 404 46.70 8.77 17.09
N TYR F 405 47.93 8.80 16.59
CA TYR F 405 48.32 9.72 15.50
C TYR F 405 47.59 9.34 14.20
N ALA F 406 47.17 8.08 14.06
CA ALA F 406 46.53 7.54 12.84
C ALA F 406 45.03 7.83 12.87
N ASN F 407 44.57 8.80 13.66
CA ASN F 407 43.13 9.09 13.84
C ASN F 407 42.91 10.57 13.57
N PRO F 408 41.89 10.94 12.75
CA PRO F 408 41.66 12.35 12.39
C PRO F 408 40.94 13.17 13.48
N THR F 409 40.76 12.61 14.67
CA THR F 409 40.09 13.20 15.87
C THR F 409 38.62 12.75 15.95
N SER F 410 37.91 12.75 14.82
CA SER F 410 36.50 12.29 14.66
C SER F 410 36.50 10.78 14.41
N ASP F 411 35.35 10.11 14.53
CA ASP F 411 35.22 8.65 14.23
C ASP F 411 33.78 8.31 13.80
N ILE F 412 32.81 8.74 14.60
CA ILE F 412 31.37 8.48 14.35
C ILE F 412 30.68 9.80 14.07
N LEU F 413 29.96 9.87 12.94
CA LEU F 413 28.99 10.93 12.63
C LEU F 413 27.58 10.38 12.89
N ALA F 414 26.66 11.26 13.23
CA ALA F 414 25.24 10.92 13.43
C ALA F 414 24.40 12.10 12.93
N TRP F 415 23.22 11.80 12.41
CA TRP F 415 22.37 12.76 11.68
C TRP F 415 20.92 12.56 12.12
N GLU F 416 20.17 13.64 12.34
CA GLU F 416 18.73 13.55 12.67
C GLU F 416 18.01 14.84 12.29
N LYS F 417 16.69 14.70 12.17
CA LYS F 417 15.71 15.77 12.44
C LYS F 417 15.61 15.90 13.97
N ILE F 418 15.47 17.11 14.50
CA ILE F 418 15.10 17.29 15.93
C ILE F 418 13.81 16.52 16.15
N PRO F 419 13.75 15.56 17.09
CA PRO F 419 12.57 14.71 17.27
C PRO F 419 11.40 15.39 17.98
N GLU F 420 10.18 14.86 17.82
CA GLU F 420 9.01 15.17 18.69
C GLU F 420 9.14 14.40 20.00
N PRO F 421 8.69 14.91 21.17
CA PRO F 421 7.99 16.18 21.29
C PRO F 421 8.84 17.45 21.48
N LYS F 422 10.17 17.34 21.44
CA LYS F 422 11.10 18.48 21.67
C LYS F 422 10.88 19.54 20.59
N ARG F 423 10.45 19.10 19.41
CA ARG F 423 10.22 19.94 18.20
C ARG F 423 9.26 21.09 18.48
N SER F 424 8.12 20.81 19.11
CA SER F 424 7.01 21.79 19.35
C SER F 424 7.40 22.78 20.44
N ALA F 425 8.14 22.31 21.47
CA ALA F 425 8.65 23.12 22.61
C ALA F 425 9.75 24.09 22.17
N TRP F 426 10.63 23.69 21.24
CA TRP F 426 11.91 24.38 20.96
C TRP F 426 11.80 25.28 19.73
N PHE F 427 10.83 25.06 18.84
CA PHE F 427 10.75 25.78 17.54
C PHE F 427 9.45 26.57 17.46
N SER F 428 9.56 27.82 16.99
CA SER F 428 8.42 28.67 16.57
C SER F 428 7.71 28.02 15.38
N ASN F 429 6.51 28.50 15.08
CA ASN F 429 5.68 28.01 13.95
C ASN F 429 6.45 28.31 12.66
N HIS F 430 7.01 29.52 12.54
CA HIS F 430 7.78 29.96 11.34
C HIS F 430 8.94 28.99 11.07
N THR F 431 9.71 28.65 12.10
CA THR F 431 10.87 27.71 12.01
C THR F 431 10.38 26.34 11.52
N ARG F 432 9.28 25.84 12.07
CA ARG F 432 8.72 24.50 11.71
C ARG F 432 8.25 24.54 10.25
N GLN F 433 7.69 25.66 9.79
CA GLN F 433 7.22 25.80 8.39
C GLN F 433 8.43 25.76 7.45
N VAL F 434 9.52 26.44 7.81
CA VAL F 434 10.75 26.51 6.94
C VAL F 434 11.39 25.12 6.90
N LEU F 435 11.51 24.42 8.03
CA LEU F 435 12.16 23.09 8.07
C LEU F 435 11.32 22.05 7.31
N ALA F 436 10.00 22.19 7.24
CA ALA F 436 9.08 21.25 6.56
C ALA F 436 9.27 21.34 5.03
N GLU F 437 9.90 22.41 4.53
CA GLU F 437 10.23 22.58 3.09
C GLU F 437 11.47 21.76 2.68
N TYR F 438 12.24 21.26 3.64
CA TYR F 438 13.42 20.39 3.36
C TYR F 438 12.92 18.96 3.17
N PRO F 439 13.56 18.15 2.29
CA PRO F 439 13.20 16.74 2.13
C PRO F 439 13.30 15.95 3.44
N ASP F 440 12.55 14.84 3.54
CA ASP F 440 12.54 13.90 4.69
C ASP F 440 13.97 13.37 4.96
N ASP F 441 14.78 13.12 3.92
CA ASP F 441 16.10 12.46 4.05
C ASP F 441 17.18 13.48 4.47
N TRP F 442 16.87 14.78 4.45
CA TRP F 442 17.85 15.87 4.69
C TRP F 442 17.91 16.19 6.18
N PRO F 443 19.00 15.84 6.90
CA PRO F 443 19.06 16.05 8.34
C PRO F 443 19.13 17.53 8.73
N GLU F 444 18.75 17.83 9.97
CA GLU F 444 18.81 19.20 10.56
C GLU F 444 20.12 19.36 11.37
N VAL F 445 20.55 18.30 12.06
CA VAL F 445 21.72 18.36 12.97
C VAL F 445 22.64 17.17 12.72
N GLU F 446 23.94 17.44 12.61
CA GLU F 446 25.03 16.44 12.57
C GLU F 446 25.73 16.42 13.92
N PHE F 447 25.95 15.24 14.51
CA PHE F 447 26.83 15.03 15.69
C PHE F 447 28.14 14.39 15.23
N LEU F 448 29.26 14.81 15.82
CA LEU F 448 30.62 14.29 15.50
C LEU F 448 31.34 13.98 16.81
N THR F 449 31.80 12.75 16.99
CA THR F 449 32.64 12.38 18.14
C THR F 449 33.99 13.07 17.94
N MET F 450 34.58 13.63 18.99
CA MET F 450 35.89 14.32 18.92
C MET F 450 36.69 13.93 20.16
N GLY F 451 37.83 13.28 19.97
CA GLY F 451 38.74 12.86 21.06
C GLY F 451 39.65 13.99 21.50
N GLY F 452 39.11 15.20 21.68
CA GLY F 452 39.86 16.43 22.03
C GLY F 452 38.94 17.50 22.57
N TYR F 453 39.52 18.64 22.97
CA TYR F 453 38.78 19.78 23.57
C TYR F 453 38.59 20.88 22.52
N PHE F 454 37.37 21.42 22.40
CA PHE F 454 37.04 22.54 21.49
C PHE F 454 37.16 23.89 22.20
N GLY F 455 36.53 24.03 23.36
CA GLY F 455 36.42 25.33 24.05
C GLY F 455 35.88 26.38 23.10
N TYR F 456 36.51 27.57 23.07
CA TYR F 456 36.07 28.72 22.24
C TYR F 456 36.68 28.64 20.85
N GLN F 457 37.48 27.60 20.56
CA GLN F 457 38.06 27.34 19.21
C GLN F 457 38.87 28.56 18.75
N ARG F 458 39.52 29.24 19.68
CA ARG F 458 40.41 30.39 19.42
C ARG F 458 41.72 29.86 18.82
N ASN F 459 42.19 28.74 19.37
CA ASN F 459 43.47 28.09 19.08
C ASN F 459 43.51 26.75 19.84
N TYR F 460 43.27 25.65 19.16
CA TYR F 460 43.06 24.32 19.78
C TYR F 460 44.35 23.84 20.47
N ILE F 461 45.51 24.28 19.99
CA ILE F 461 46.83 23.79 20.48
C ILE F 461 47.20 24.54 21.78
N ARG F 462 47.10 25.87 21.79
CA ARG F 462 47.41 26.74 22.97
C ARG F 462 46.45 26.43 24.15
N ASP F 463 45.14 26.29 23.90
CA ASP F 463 44.08 26.16 24.93
C ASP F 463 43.74 24.68 25.24
N ASN F 464 44.53 23.73 24.73
CA ASN F 464 44.36 22.28 24.99
C ASN F 464 44.64 22.03 26.47
N PRO F 465 43.63 21.70 27.32
CA PRO F 465 43.83 21.63 28.77
C PRO F 465 44.90 20.60 29.12
N SER F 466 45.85 20.99 29.99
CA SER F 466 47.13 20.26 30.23
C SER F 466 47.25 19.87 31.70
N ASP F 467 46.14 19.58 32.37
CA ASP F 467 46.09 19.34 33.84
C ASP F 467 46.12 17.83 34.15
N GLY F 468 46.23 16.94 33.16
CA GLY F 468 46.44 15.50 33.40
C GLY F 468 45.20 14.64 33.11
N TYR F 469 44.06 15.25 32.81
CA TYR F 469 42.83 14.52 32.41
C TYR F 469 42.81 14.33 30.88
N ASN F 470 42.09 13.30 30.42
CA ASN F 470 41.70 13.14 29.00
C ASN F 470 40.38 13.90 28.79
N TYR F 471 40.30 14.68 27.71
CA TYR F 471 39.12 15.47 27.32
C TYR F 471 38.54 14.91 26.02
N ALA F 472 37.21 14.83 25.95
CA ALA F 472 36.46 14.52 24.73
C ALA F 472 35.30 15.51 24.58
N SER F 473 34.84 15.68 23.35
CA SER F 473 33.75 16.62 22.99
C SER F 473 32.76 15.89 22.08
N LEU F 474 31.51 16.30 22.11
CA LEU F 474 30.54 15.91 21.08
C LEU F 474 30.15 17.17 20.33
N ALA F 475 30.66 17.32 19.11
CA ALA F 475 30.43 18.51 18.28
C ALA F 475 29.06 18.38 17.62
N VAL F 476 28.47 19.53 17.29
CA VAL F 476 27.25 19.58 16.45
C VAL F 476 27.49 20.55 15.33
N SER F 477 26.94 20.25 14.17
CA SER F 477 26.89 21.12 12.98
C SER F 477 25.43 21.21 12.53
N LEU F 478 25.02 22.33 11.93
CA LEU F 478 23.62 22.52 11.47
C LEU F 478 23.57 22.36 9.95
N CYS F 479 22.70 21.48 9.46
CA CYS F 479 22.68 21.04 8.04
C CYS F 479 21.64 21.81 7.21
N THR F 480 20.89 22.73 7.81
CA THR F 480 19.89 23.55 7.10
C THR F 480 20.15 25.03 7.31
N PRO F 481 21.36 25.54 6.98
CA PRO F 481 21.65 26.96 7.17
C PRO F 481 20.77 27.84 6.28
N ARG F 482 20.10 28.83 6.89
CA ARG F 482 19.27 29.85 6.20
C ARG F 482 20.07 31.14 6.06
N SER F 483 21.04 31.38 6.93
CA SER F 483 21.89 32.60 6.87
C SER F 483 22.66 32.59 5.55
N ARG F 484 22.83 33.75 4.93
CA ARG F 484 23.58 33.90 3.67
C ARG F 484 24.64 35.00 3.87
N GLY F 485 25.81 34.78 3.27
CA GLY F 485 26.95 35.71 3.36
C GLY F 485 27.40 36.16 1.98
N ASN F 486 28.58 36.76 1.92
CA ASN F 486 29.09 37.28 0.63
C ASN F 486 30.60 37.51 0.70
N VAL F 487 31.17 37.72 -0.48
CA VAL F 487 32.59 38.04 -0.74
C VAL F 487 32.57 39.25 -1.66
N THR F 488 33.42 40.25 -1.41
CA THR F 488 33.60 41.40 -2.33
C THR F 488 35.09 41.77 -2.29
N ILE F 489 35.44 42.89 -2.92
CA ILE F 489 36.84 43.34 -3.11
C ILE F 489 37.00 44.77 -2.59
N THR F 490 38.22 45.15 -2.21
CA THR F 490 38.64 46.53 -1.86
C THR F 490 39.60 47.08 -2.94
N SER F 491 39.91 46.29 -3.97
CA SER F 491 41.04 46.56 -4.88
C SER F 491 40.93 45.69 -6.15
N PRO F 492 41.43 46.15 -7.31
CA PRO F 492 41.57 45.29 -8.48
C PRO F 492 42.76 44.33 -8.41
N ASP F 493 43.53 44.33 -7.31
CA ASP F 493 44.73 43.45 -7.12
C ASP F 493 44.29 42.17 -6.38
N ALA F 494 44.44 41.01 -7.02
CA ALA F 494 44.12 39.68 -6.45
C ALA F 494 45.10 39.33 -5.31
N GLY F 495 46.23 40.04 -5.22
CA GLY F 495 47.19 39.93 -4.13
C GLY F 495 46.66 40.52 -2.82
N VAL F 496 45.68 41.41 -2.90
CA VAL F 496 44.95 41.96 -1.73
C VAL F 496 43.85 40.96 -1.37
N PRO F 497 43.70 40.57 -0.08
CA PRO F 497 42.68 39.59 0.28
C PRO F 497 41.27 40.08 -0.02
N PRO F 498 40.34 39.18 -0.38
CA PRO F 498 38.95 39.57 -0.57
C PRO F 498 38.32 39.86 0.80
N VAL F 499 37.18 40.56 0.79
CA VAL F 499 36.39 40.90 1.99
C VAL F 499 35.38 39.77 2.19
N ILE F 500 35.47 39.06 3.31
CA ILE F 500 34.81 37.74 3.55
C ILE F 500 33.81 37.90 4.68
N ASN F 501 32.52 37.79 4.37
CA ASN F 501 31.43 37.99 5.35
C ASN F 501 30.49 36.78 5.34
N PRO F 502 30.83 35.67 6.06
CA PRO F 502 30.00 34.47 6.07
C PRO F 502 28.60 34.74 6.63
N ASN F 503 28.52 35.58 7.65
CA ASN F 503 27.24 36.09 8.20
C ASN F 503 26.46 34.94 8.86
N TRP F 504 27.17 33.96 9.43
CA TRP F 504 26.52 32.82 10.12
C TRP F 504 25.60 33.33 11.22
N LEU F 505 24.58 32.52 11.55
CA LEU F 505 23.73 32.65 12.77
C LEU F 505 23.04 34.02 12.81
N THR F 506 22.52 34.49 11.67
CA THR F 506 21.79 35.79 11.57
C THR F 506 20.32 35.56 11.23
N ASP F 507 19.95 34.39 10.72
CA ASP F 507 18.53 34.03 10.44
C ASP F 507 17.95 33.40 11.70
N PRO F 508 16.72 33.80 12.12
CA PRO F 508 16.11 33.25 13.33
C PRO F 508 15.94 31.71 13.32
N VAL F 509 15.85 31.09 12.15
CA VAL F 509 15.78 29.60 12.05
C VAL F 509 17.10 29.00 12.53
N ASP F 510 18.24 29.55 12.12
CA ASP F 510 19.57 29.03 12.51
C ASP F 510 19.73 29.18 14.02
N VAL F 511 19.30 30.32 14.57
CA VAL F 511 19.38 30.64 16.03
C VAL F 511 18.63 29.57 16.83
N GLU F 512 17.39 29.27 16.45
CA GLU F 512 16.55 28.26 17.15
C GLU F 512 17.18 26.86 17.02
N LEU F 513 17.64 26.50 15.82
CA LEU F 513 18.35 25.22 15.56
C LEU F 513 19.61 25.11 16.45
N ALA F 514 20.39 26.19 16.56
CA ALA F 514 21.65 26.23 17.32
C ALA F 514 21.39 25.86 18.79
N VAL F 515 20.30 26.38 19.37
CA VAL F 515 19.93 26.13 20.79
C VAL F 515 19.46 24.67 20.93
N ALA F 516 18.63 24.19 19.99
CA ALA F 516 18.13 22.80 19.98
C ALA F 516 19.30 21.81 19.92
N ALA F 517 20.25 22.05 19.01
CA ALA F 517 21.42 21.16 18.79
C ALA F 517 22.22 21.07 20.09
N PHE F 518 22.42 22.20 20.78
CA PHE F 518 23.19 22.24 22.03
C PHE F 518 22.49 21.38 23.09
N LYS F 519 21.17 21.49 23.21
CA LYS F 519 20.38 20.69 24.18
C LYS F 519 20.49 19.19 23.85
N ARG F 520 20.56 18.83 22.58
CA ARG F 520 20.75 17.41 22.17
C ARG F 520 22.14 16.90 22.63
N THR F 521 23.16 17.75 22.68
CA THR F 521 24.49 17.31 23.21
C THR F 521 24.36 17.03 24.71
N ARG F 522 23.51 17.79 25.40
CA ARG F 522 23.24 17.60 26.85
C ARG F 522 22.50 16.25 27.02
N ASP F 523 21.57 15.92 26.11
CA ASP F 523 20.84 14.61 26.16
C ASP F 523 21.85 13.47 25.97
N PHE F 524 22.79 13.62 25.05
CA PHE F 524 23.85 12.61 24.78
C PHE F 524 24.61 12.35 26.09
N PHE F 525 25.00 13.42 26.78
CA PHE F 525 25.87 13.34 27.98
C PHE F 525 25.08 12.96 29.23
N ASN F 526 23.73 12.96 29.19
CA ASN F 526 22.88 12.45 30.28
C ASN F 526 22.42 11.00 29.99
N THR F 527 22.94 10.31 28.95
CA THR F 527 22.59 8.89 28.71
C THR F 527 23.27 8.03 29.78
N THR F 528 22.67 6.90 30.14
CA THR F 528 23.25 5.94 31.10
C THR F 528 24.39 5.18 30.39
N ALA F 529 24.34 5.08 29.06
CA ALA F 529 25.36 4.40 28.22
C ALA F 529 26.74 5.08 28.37
N ILE F 530 26.79 6.42 28.38
CA ILE F 530 28.07 7.20 28.39
C ILE F 530 28.56 7.42 29.83
N LYS F 531 27.66 7.39 30.82
CA LYS F 531 27.95 7.78 32.23
C LYS F 531 29.24 7.16 32.73
N PRO F 532 29.48 5.83 32.55
CA PRO F 532 30.63 5.18 33.17
C PRO F 532 32.02 5.72 32.81
N ILE F 533 32.18 6.48 31.73
CA ILE F 533 33.51 7.05 31.32
C ILE F 533 33.59 8.54 31.69
N LEU F 534 32.50 9.16 32.15
CA LEU F 534 32.48 10.60 32.52
C LEU F 534 33.14 10.81 33.89
N ILE F 535 33.98 11.84 34.03
CA ILE F 535 34.65 12.22 35.31
C ILE F 535 34.10 13.59 35.72
N GLY F 536 33.21 13.59 36.72
CA GLY F 536 32.55 14.78 37.26
C GLY F 536 31.55 15.35 36.26
N PRO F 537 31.02 16.57 36.51
CA PRO F 537 30.02 17.17 35.64
C PRO F 537 30.64 17.80 34.39
N GLU F 538 29.79 18.33 33.51
CA GLU F 538 30.20 18.99 32.24
C GLU F 538 31.37 19.96 32.53
N TYR F 539 32.48 19.78 31.81
CA TYR F 539 33.70 20.60 31.97
C TYR F 539 33.52 21.93 31.24
N PHE F 540 32.97 21.92 30.03
CA PHE F 540 32.81 23.13 29.19
C PHE F 540 31.52 23.03 28.40
N PRO F 541 30.64 24.06 28.40
CA PRO F 541 30.83 25.26 29.22
C PRO F 541 30.61 25.03 30.72
N GLY F 542 29.82 24.02 31.08
CA GLY F 542 29.37 23.75 32.46
C GLY F 542 27.89 24.08 32.63
N SER F 543 27.24 23.49 33.64
CA SER F 543 25.78 23.52 33.85
C SER F 543 25.27 24.95 34.13
N GLN F 544 26.14 25.89 34.50
CA GLN F 544 25.75 27.30 34.78
C GLN F 544 25.16 27.95 33.50
N VAL F 545 25.45 27.38 32.32
CA VAL F 545 24.77 27.71 31.03
C VAL F 545 23.45 26.92 30.95
N ALA F 546 22.32 27.56 31.26
CA ALA F 546 21.05 26.88 31.65
C ALA F 546 19.87 27.35 30.82
N THR F 547 19.59 28.66 30.79
CA THR F 547 18.42 29.24 30.08
C THR F 547 18.68 29.22 28.57
N ASP F 548 17.61 29.35 27.77
CA ASP F 548 17.72 29.45 26.27
C ASP F 548 18.70 30.58 25.89
N ALA F 549 18.59 31.75 26.53
CA ALA F 549 19.38 32.95 26.16
C ALA F 549 20.85 32.74 26.54
N GLU F 550 21.13 32.06 27.65
CA GLU F 550 22.51 31.72 28.11
C GLU F 550 23.13 30.72 27.12
N ILE F 551 22.35 29.73 26.67
CA ILE F 551 22.79 28.73 25.67
C ILE F 551 23.13 29.46 24.36
N LEU F 552 22.22 30.30 23.86
CA LEU F 552 22.46 31.08 22.61
C LEU F 552 23.74 31.90 22.75
N ASP F 553 23.86 32.65 23.84
CA ASP F 553 25.04 33.51 24.14
C ASP F 553 26.32 32.67 24.09
N HIS F 554 26.34 31.51 24.74
CA HIS F 554 27.51 30.58 24.77
C HIS F 554 27.84 30.11 23.35
N VAL F 555 26.82 29.73 22.56
CA VAL F 555 27.02 29.28 21.16
C VAL F 555 27.66 30.40 20.34
N ARG F 556 27.13 31.63 20.48
CA ARG F 556 27.62 32.80 19.70
C ARG F 556 29.09 33.05 20.03
N LYS F 557 29.55 32.70 21.23
CA LYS F 557 30.96 32.92 21.67
C LYS F 557 31.85 31.74 21.24
N SER F 558 31.33 30.50 21.23
CA SER F 558 32.13 29.26 21.13
C SER F 558 32.05 28.62 19.73
N PHE F 559 31.23 29.13 18.81
CA PHE F 559 31.10 28.50 17.47
C PHE F 559 32.16 29.07 16.53
N ASP F 560 32.53 28.27 15.54
CA ASP F 560 33.23 28.73 14.33
C ASP F 560 32.60 28.04 13.13
N THR F 561 32.97 28.48 11.94
CA THR F 561 32.78 27.74 10.69
C THR F 561 33.40 26.34 10.83
N ILE F 562 32.86 25.39 10.08
CA ILE F 562 33.45 24.04 9.91
C ILE F 562 34.01 23.96 8.49
N PHE F 563 34.10 25.12 7.81
CA PHE F 563 34.99 25.39 6.67
C PHE F 563 34.37 24.94 5.33
N HIS F 564 33.05 25.04 5.20
CA HIS F 564 32.28 24.54 4.02
C HIS F 564 31.81 25.72 3.15
N ALA F 565 32.53 26.85 3.15
CA ALA F 565 32.18 28.05 2.36
C ALA F 565 31.93 27.60 0.91
N SER F 566 30.87 28.11 0.29
CA SER F 566 30.39 27.61 -1.03
C SER F 566 29.34 28.53 -1.63
N CYS F 567 29.07 28.35 -2.92
CA CYS F 567 27.89 28.89 -3.64
C CYS F 567 28.08 30.36 -4.02
N THR F 568 29.32 30.84 -4.08
CA THR F 568 29.65 32.26 -4.42
C THR F 568 29.78 32.41 -5.94
N CYS F 569 29.77 31.30 -6.68
CA CYS F 569 29.67 31.27 -8.17
C CYS F 569 28.59 30.23 -8.52
N ALA F 570 27.40 30.39 -7.95
CA ALA F 570 26.36 29.36 -7.83
C ALA F 570 25.96 28.83 -9.21
N MET F 571 25.81 27.52 -9.31
CA MET F 571 25.22 26.86 -10.50
C MET F 571 23.72 27.13 -10.46
N GLY F 572 23.15 27.55 -11.59
CA GLY F 572 21.69 27.65 -11.80
C GLY F 572 21.37 27.62 -13.28
N LEU F 573 20.18 28.11 -13.63
CA LEU F 573 19.70 28.23 -15.04
C LEU F 573 20.39 29.43 -15.69
N ALA F 574 20.73 29.32 -16.98
CA ALA F 574 21.35 30.41 -17.78
C ALA F 574 20.50 31.70 -17.73
N ASN F 575 19.18 31.59 -17.55
CA ASN F 575 18.22 32.74 -17.58
C ASN F 575 18.03 33.34 -16.18
N ASP F 576 18.53 32.68 -15.12
CA ASP F 576 18.58 33.23 -13.73
C ASP F 576 19.69 34.30 -13.68
N THR F 577 19.36 35.55 -13.34
CA THR F 577 20.32 36.69 -13.34
C THR F 577 21.27 36.60 -12.13
N GLN F 578 20.90 35.82 -11.10
CA GLN F 578 21.72 35.64 -9.87
C GLN F 578 22.68 34.44 -10.03
N ALA F 579 22.45 33.57 -11.01
CA ALA F 579 23.31 32.39 -11.24
C ALA F 579 24.62 32.85 -11.86
N VAL F 580 25.70 32.11 -11.64
CA VAL F 580 27.05 32.47 -12.17
C VAL F 580 27.46 31.44 -13.20
N VAL F 581 27.20 30.15 -12.94
CA VAL F 581 27.54 29.09 -13.91
C VAL F 581 26.27 28.28 -14.22
N ASP F 582 26.25 27.70 -15.42
CA ASP F 582 25.19 26.77 -15.87
C ASP F 582 25.58 25.37 -15.42
N SER F 583 24.78 24.36 -15.78
CA SER F 583 24.88 22.96 -15.31
C SER F 583 26.15 22.28 -15.87
N LYS F 584 26.80 22.91 -16.85
CA LYS F 584 28.09 22.46 -17.45
C LYS F 584 29.25 23.24 -16.81
N ALA F 585 28.97 24.03 -15.79
CA ALA F 585 29.95 24.83 -15.01
C ALA F 585 30.51 25.96 -15.87
N ARG F 586 29.85 26.33 -16.96
CA ARG F 586 30.29 27.46 -17.81
C ARG F 586 29.82 28.76 -17.18
N VAL F 587 30.71 29.75 -17.11
CA VAL F 587 30.35 31.10 -16.59
C VAL F 587 29.37 31.74 -17.59
N ILE F 588 28.19 32.14 -17.10
CA ILE F 588 27.13 32.77 -17.93
C ILE F 588 27.62 34.17 -18.32
N GLY F 589 27.51 34.50 -19.62
CA GLY F 589 27.79 35.84 -20.17
C GLY F 589 29.15 35.94 -20.83
N VAL F 590 29.95 34.87 -20.78
CA VAL F 590 31.33 34.81 -21.37
C VAL F 590 31.53 33.41 -21.96
N GLU F 591 32.66 33.18 -22.64
CA GLU F 591 32.97 31.92 -23.36
C GLU F 591 34.32 31.38 -22.88
N ALA F 592 34.44 30.05 -22.88
CA ALA F 592 35.68 29.28 -22.67
C ALA F 592 36.15 29.44 -21.21
N LEU F 593 35.23 29.74 -20.29
CA LEU F 593 35.55 29.89 -18.85
C LEU F 593 34.56 29.05 -18.02
N ARG F 594 35.09 28.12 -17.24
CA ARG F 594 34.30 27.33 -16.26
C ARG F 594 34.80 27.61 -14.84
N VAL F 595 33.93 27.35 -13.87
CA VAL F 595 34.25 27.35 -12.43
C VAL F 595 33.93 25.95 -11.90
N VAL F 596 34.92 25.28 -11.35
CA VAL F 596 34.79 23.92 -10.76
C VAL F 596 35.51 23.96 -9.40
N ASP F 597 34.73 24.15 -8.34
CA ASP F 597 35.15 24.20 -6.92
C ASP F 597 33.88 24.42 -6.07
N ALA F 598 34.04 24.62 -4.76
CA ALA F 598 32.91 24.79 -3.82
C ALA F 598 32.07 26.01 -4.23
N SER F 599 32.66 27.01 -4.90
CA SER F 599 31.95 28.24 -5.30
C SER F 599 30.84 27.89 -6.32
N ALA F 600 31.03 26.84 -7.12
CA ALA F 600 30.11 26.44 -8.21
C ALA F 600 28.87 25.69 -7.69
N LEU F 601 28.82 25.27 -6.43
CA LEU F 601 27.66 24.49 -5.94
C LEU F 601 26.40 25.37 -6.02
N PRO F 602 25.22 24.82 -6.34
CA PRO F 602 23.98 25.60 -6.44
C PRO F 602 23.47 26.00 -5.05
N PHE F 603 23.72 25.14 -4.07
CA PHE F 603 23.41 25.31 -2.63
C PHE F 603 24.30 24.31 -1.89
N LEU F 604 24.46 24.47 -0.59
CA LEU F 604 25.34 23.59 0.21
C LEU F 604 24.54 22.36 0.62
N PRO F 605 24.92 21.15 0.14
CA PRO F 605 24.22 19.93 0.56
C PRO F 605 24.61 19.62 2.01
N PRO F 606 23.89 18.72 2.69
CA PRO F 606 24.18 18.45 4.09
C PRO F 606 25.57 17.79 4.23
N GLY F 607 26.32 18.26 5.22
CA GLY F 607 27.56 17.61 5.68
C GLY F 607 28.79 18.03 4.91
N HIS F 608 29.70 17.08 4.72
CA HIS F 608 31.13 17.31 4.33
C HIS F 608 31.25 17.28 2.81
N PRO F 609 31.65 18.40 2.17
CA PRO F 609 31.56 18.51 0.71
C PRO F 609 32.72 17.99 -0.15
N GLN F 610 33.85 17.56 0.42
CA GLN F 610 35.03 17.18 -0.41
C GLN F 610 34.64 16.05 -1.39
N SER F 611 33.86 15.05 -0.97
CA SER F 611 33.42 13.93 -1.86
C SER F 611 32.75 14.50 -3.12
N THR F 612 31.89 15.51 -2.94
CA THR F 612 31.08 16.14 -4.01
C THR F 612 32.00 16.95 -4.93
N LEU F 613 33.03 17.60 -4.39
CA LEU F 613 33.96 18.43 -5.19
C LEU F 613 34.85 17.53 -6.03
N TYR F 614 35.36 16.41 -5.50
CA TYR F 614 36.09 15.40 -6.29
C TYR F 614 35.19 14.92 -7.45
N ALA F 615 33.95 14.59 -7.13
CA ALA F 615 32.97 14.05 -8.11
C ALA F 615 32.67 15.11 -9.17
N LEU F 616 32.38 16.34 -8.76
CA LEU F 616 32.08 17.45 -9.70
C LEU F 616 33.26 17.65 -10.64
N ALA F 617 34.48 17.56 -10.14
CA ALA F 617 35.69 17.72 -10.97
C ALA F 617 35.76 16.58 -11.97
N GLU F 618 35.51 15.35 -11.53
CA GLU F 618 35.48 14.16 -12.42
C GLU F 618 34.45 14.40 -13.53
N LYS F 619 33.26 14.91 -13.17
CA LYS F 619 32.12 15.11 -14.10
C LYS F 619 32.50 16.17 -15.15
N ILE F 620 32.96 17.35 -14.72
CA ILE F 620 33.22 18.46 -15.69
C ILE F 620 34.43 18.09 -16.55
N ALA F 621 35.37 17.29 -16.05
CA ALA F 621 36.51 16.77 -16.84
C ALA F 621 35.96 15.98 -18.05
N CYS F 622 35.05 15.02 -17.81
CA CYS F 622 34.40 14.21 -18.86
C CYS F 622 33.55 15.10 -19.78
N GLU F 623 32.82 16.07 -19.23
CA GLU F 623 32.00 17.03 -20.02
C GLU F 623 32.93 17.72 -21.03
N ILE F 624 34.12 18.14 -20.60
CA ILE F 624 35.07 18.92 -21.45
C ILE F 624 35.69 18.00 -22.49
N SER F 625 36.11 16.79 -22.09
CA SER F 625 36.97 15.91 -22.92
C SER F 625 36.13 15.08 -23.89
N GLY F 626 34.97 14.61 -23.45
CA GLY F 626 34.12 13.65 -24.17
C GLY F 626 34.77 12.28 -24.34
N ASN F 627 35.80 11.93 -23.55
CA ASN F 627 36.62 10.71 -23.76
C ASN F 627 36.56 9.77 -22.56
N CYS F 628 35.45 9.73 -21.84
CA CYS F 628 35.22 8.78 -20.71
C CYS F 628 34.27 7.67 -21.19
#